data_4KIU
#
_entry.id   4KIU
#
_cell.length_a   96.410
_cell.length_b   139.150
_cell.length_c   143.290
_cell.angle_alpha   90.000
_cell.angle_beta   96.600
_cell.angle_gamma   90.000
#
_symmetry.space_group_name_H-M   'P 1 21 1'
#
loop_
_entity.id
_entity.type
_entity.pdbx_description
1 polymer '3-dehydroquinate dehydratase'
2 non-polymer '5-[(3-nitrobenzyl)oxy]benzene-1,3-dicarboxylic acid'
3 water water
#
_entity_poly.entity_id   1
_entity_poly.type   'polypeptide(L)'
_entity_poly.pdbx_seq_one_letter_code
;LYFQSHMSELIVNVINGPNLGRLGRREPAVYGGTTHDELVALIEREAAELGLKAVVRQSDSEAQLLDWIHQAADAAEPVI
LNAGGLTHTSVALRDACAELSAPLIEVHISNVHAREEFRRHSYLSPIATGVIVGLGIQGYLLALRYLAEHVGT
;
_entity_poly.pdbx_strand_id   A,B,C,D,E,F,G,H,I,J,K,L,M,N,O,P,Q,R,S,T,U,V,W,X
#
loop_
_chem_comp.id
_chem_comp.type
_chem_comp.name
_chem_comp.formula
KIU non-polymer '5-[(3-nitrobenzyl)oxy]benzene-1,3-dicarboxylic acid' 'C15 H11 N O7'
#
# COMPACT_ATOMS: atom_id res chain seq x y z
N LEU A 10 -75.80 5.89 -17.47
CA LEU A 10 -74.34 5.84 -17.09
C LEU A 10 -73.87 7.04 -16.21
N ILE A 11 -73.85 6.81 -14.89
CA ILE A 11 -73.66 7.91 -13.94
C ILE A 11 -72.28 7.98 -13.31
N VAL A 12 -71.61 9.08 -13.61
CA VAL A 12 -70.41 9.43 -12.92
C VAL A 12 -70.70 10.48 -11.82
N ASN A 13 -70.30 10.20 -10.57
CA ASN A 13 -70.26 11.26 -9.54
C ASN A 13 -68.95 12.05 -9.43
N VAL A 14 -69.09 13.36 -9.56
CA VAL A 14 -67.98 14.27 -9.40
C VAL A 14 -68.20 14.98 -8.10
N ILE A 15 -67.27 14.81 -7.19
CA ILE A 15 -67.41 15.31 -5.85
C ILE A 15 -66.21 16.17 -5.50
N ASN A 16 -66.47 17.45 -5.21
CA ASN A 16 -65.45 18.41 -4.80
C ASN A 16 -65.48 18.65 -3.32
N GLY A 17 -64.32 18.83 -2.72
CA GLY A 17 -64.21 18.93 -1.28
C GLY A 17 -63.99 20.36 -0.88
N PRO A 18 -63.54 20.60 0.36
CA PRO A 18 -63.50 21.93 0.93
C PRO A 18 -62.70 22.91 0.11
N ASN A 19 -63.20 24.15 0.04
CA ASN A 19 -62.56 25.26 -0.65
C ASN A 19 -62.77 25.28 -2.14
N LEU A 20 -63.31 24.19 -2.68
CA LEU A 20 -63.56 24.16 -4.11
C LEU A 20 -64.73 25.04 -4.55
N GLY A 21 -65.65 25.38 -3.64
CA GLY A 21 -66.80 26.22 -3.97
C GLY A 21 -66.38 27.63 -4.33
N ARG A 22 -65.12 27.91 -4.09
CA ARG A 22 -64.54 29.22 -4.33
C ARG A 22 -63.58 29.28 -5.54
N LEU A 23 -63.71 28.35 -6.49
CA LEU A 23 -62.96 28.42 -7.73
C LEU A 23 -62.99 29.81 -8.37
N GLY A 24 -61.86 30.15 -8.99
CA GLY A 24 -61.60 31.47 -9.59
C GLY A 24 -62.51 32.64 -9.27
N ARG A 25 -62.74 32.91 -7.99
CA ARG A 25 -63.62 34.05 -7.67
C ARG A 25 -62.95 35.44 -7.41
N ARG A 26 -62.08 35.63 -6.42
CA ARG A 26 -61.76 34.75 -5.28
C ARG A 26 -60.85 33.54 -5.63
N GLU A 27 -59.60 33.60 -5.17
CA GLU A 27 -58.50 32.64 -5.46
C GLU A 27 -58.18 32.40 -6.96
N PRO A 28 -57.74 33.45 -7.70
CA PRO A 28 -57.22 33.21 -9.05
C PRO A 28 -55.88 33.90 -9.41
N ALA A 29 -54.71 33.57 -8.84
CA ALA A 29 -54.31 32.28 -8.24
C ALA A 29 -54.05 31.17 -9.29
N VAL A 30 -53.69 29.98 -8.78
CA VAL A 30 -53.21 28.85 -9.61
C VAL A 30 -54.33 27.88 -10.03
N TYR A 31 -55.58 28.36 -10.01
CA TYR A 31 -56.75 27.50 -10.20
C TYR A 31 -57.58 27.86 -11.43
N GLY A 32 -57.22 28.98 -12.07
CA GLY A 32 -57.88 29.48 -13.29
C GLY A 32 -58.78 30.69 -13.06
N GLY A 33 -59.68 30.95 -14.01
CA GLY A 33 -60.71 31.98 -13.87
C GLY A 33 -62.11 31.37 -13.83
N THR A 34 -62.18 30.04 -13.97
CA THR A 34 -63.44 29.33 -13.96
C THR A 34 -64.03 29.22 -12.55
N THR A 35 -65.29 29.60 -12.41
CA THR A 35 -66.03 29.44 -11.15
C THR A 35 -66.56 28.03 -10.99
N HIS A 36 -66.90 27.64 -9.77
CA HIS A 36 -67.44 26.28 -9.59
C HIS A 36 -68.66 26.05 -10.46
N ASP A 37 -69.51 27.07 -10.61
CA ASP A 37 -70.67 26.99 -11.51
C ASP A 37 -70.39 26.77 -13.00
N GLU A 38 -69.40 27.49 -13.54
CA GLU A 38 -68.92 27.24 -14.89
C GLU A 38 -68.40 25.84 -15.06
N LEU A 39 -67.83 25.30 -13.99
CA LEU A 39 -67.22 23.98 -14.03
C LEU A 39 -68.26 22.88 -14.10
N VAL A 40 -69.37 23.10 -13.41
CA VAL A 40 -70.45 22.13 -13.35
C VAL A 40 -71.00 21.97 -14.78
N ALA A 41 -71.21 23.12 -15.44
CA ALA A 41 -71.64 23.17 -16.84
C ALA A 41 -70.63 22.50 -17.79
N LEU A 42 -69.37 22.97 -17.82
CA LEU A 42 -68.30 22.23 -18.51
C LEU A 42 -68.41 20.71 -18.37
N ILE A 43 -68.46 20.22 -17.14
CA ILE A 43 -68.42 18.77 -16.89
C ILE A 43 -69.70 18.08 -17.38
N GLU A 44 -70.82 18.79 -17.27
CA GLU A 44 -72.07 18.29 -17.77
C GLU A 44 -72.06 18.20 -19.28
N ARG A 45 -71.71 19.30 -19.94
CA ARG A 45 -71.65 19.37 -21.40
C ARG A 45 -70.75 18.24 -21.90
N GLU A 46 -69.55 18.13 -21.32
CA GLU A 46 -68.65 17.08 -21.75
C GLU A 46 -69.21 15.67 -21.50
N ALA A 47 -69.71 15.41 -20.30
CA ALA A 47 -70.15 14.06 -19.95
C ALA A 47 -71.22 13.60 -20.91
N ALA A 48 -72.14 14.52 -21.22
CA ALA A 48 -73.24 14.27 -22.16
C ALA A 48 -72.66 13.99 -23.55
N GLU A 49 -71.72 14.84 -23.97
CA GLU A 49 -70.87 14.62 -25.15
C GLU A 49 -70.23 13.23 -25.25
N LEU A 50 -70.43 12.35 -24.29
CA LEU A 50 -69.63 11.15 -24.17
C LEU A 50 -70.48 9.99 -23.77
N GLY A 51 -71.76 10.29 -23.54
CA GLY A 51 -72.73 9.25 -23.17
C GLY A 51 -72.80 8.93 -21.69
N LEU A 52 -72.49 9.92 -20.85
CA LEU A 52 -72.53 9.72 -19.40
C LEU A 52 -73.35 10.83 -18.84
N LYS A 53 -73.89 10.59 -17.66
CA LYS A 53 -74.51 11.62 -16.91
C LYS A 53 -73.56 11.92 -15.72
N ALA A 54 -73.05 13.14 -15.67
CA ALA A 54 -72.27 13.54 -14.50
C ALA A 54 -73.19 14.19 -13.49
N VAL A 55 -73.08 13.80 -12.25
CA VAL A 55 -73.67 14.57 -11.16
C VAL A 55 -72.51 15.19 -10.35
N VAL A 56 -72.54 16.51 -10.18
CA VAL A 56 -71.40 17.23 -9.66
C VAL A 56 -71.84 17.85 -8.37
N ARG A 57 -71.20 17.52 -7.25
CA ARG A 57 -71.60 18.10 -5.97
C ARG A 57 -70.39 18.64 -5.22
N GLN A 58 -70.58 19.75 -4.52
CA GLN A 58 -69.50 20.40 -3.81
C GLN A 58 -69.88 20.55 -2.35
N SER A 59 -68.94 20.33 -1.46
CA SER A 59 -69.19 20.53 -0.03
C SER A 59 -67.93 20.83 0.79
N ASP A 60 -68.04 21.66 1.83
CA ASP A 60 -66.88 21.97 2.68
C ASP A 60 -66.84 21.00 3.81
N SER A 61 -67.69 19.97 3.75
CA SER A 61 -67.96 19.11 4.93
C SER A 61 -67.58 17.64 4.72
N GLU A 62 -66.69 17.13 5.55
CA GLU A 62 -66.25 15.71 5.48
C GLU A 62 -67.47 14.75 5.60
N ALA A 63 -68.40 15.09 6.48
CA ALA A 63 -69.52 14.18 6.76
C ALA A 63 -70.39 14.13 5.51
N GLN A 64 -70.52 15.27 4.83
CA GLN A 64 -71.28 15.30 3.62
C GLN A 64 -70.62 14.49 2.52
N LEU A 65 -69.30 14.56 2.43
CA LEU A 65 -68.55 13.84 1.39
C LEU A 65 -68.73 12.39 1.62
N LEU A 66 -68.50 11.94 2.84
CA LEU A 66 -68.75 10.53 3.18
C LEU A 66 -70.13 10.09 2.74
N ASP A 67 -71.17 10.86 3.07
CA ASP A 67 -72.55 10.55 2.67
C ASP A 67 -72.63 10.30 1.16
N TRP A 68 -72.13 11.24 0.36
CA TRP A 68 -72.05 11.08 -1.10
C TRP A 68 -71.35 9.83 -1.57
N ILE A 69 -70.27 9.45 -0.89
CA ILE A 69 -69.47 8.27 -1.27
C ILE A 69 -70.15 6.96 -0.87
N HIS A 70 -70.71 6.87 0.34
CA HIS A 70 -71.50 5.68 0.68
C HIS A 70 -72.58 5.45 -0.37
N GLN A 71 -73.16 6.53 -0.91
CA GLN A 71 -74.24 6.41 -1.84
C GLN A 71 -73.71 5.96 -3.18
N ALA A 72 -72.47 6.27 -3.50
CA ALA A 72 -71.97 5.81 -4.79
C ALA A 72 -71.49 4.38 -4.64
N ALA A 73 -71.13 4.01 -3.42
CA ALA A 73 -70.72 2.62 -3.19
C ALA A 73 -71.94 1.72 -3.38
N ASP A 74 -73.05 2.08 -2.75
CA ASP A 74 -74.30 1.34 -2.82
C ASP A 74 -74.87 1.32 -4.22
N ALA A 75 -74.78 2.44 -4.92
CA ALA A 75 -75.24 2.52 -6.31
C ALA A 75 -74.23 1.86 -7.26
N ALA A 76 -73.01 1.65 -6.79
CA ALA A 76 -71.88 1.24 -7.63
C ALA A 76 -71.62 2.14 -8.82
N GLU A 77 -71.57 3.46 -8.60
CA GLU A 77 -71.25 4.41 -9.68
C GLU A 77 -69.83 4.96 -9.50
N PRO A 78 -69.11 5.22 -10.62
CA PRO A 78 -67.80 5.85 -10.54
C PRO A 78 -67.81 7.20 -9.82
N VAL A 79 -66.66 7.52 -9.28
CA VAL A 79 -66.44 8.75 -8.58
C VAL A 79 -65.16 9.31 -9.15
N ILE A 80 -65.24 10.60 -9.49
CA ILE A 80 -64.11 11.42 -9.68
C ILE A 80 -64.15 12.34 -8.47
N LEU A 81 -63.16 12.26 -7.60
CA LEU A 81 -63.16 13.00 -6.34
C LEU A 81 -62.03 13.99 -6.30
N ASN A 82 -62.31 15.26 -6.02
CA ASN A 82 -61.24 16.18 -5.67
C ASN A 82 -61.46 16.52 -4.24
N ALA A 83 -60.74 15.87 -3.34
CA ALA A 83 -60.99 16.04 -1.89
C ALA A 83 -60.40 17.31 -1.32
N GLY A 84 -59.57 17.99 -2.09
CA GLY A 84 -58.92 19.19 -1.60
C GLY A 84 -57.99 18.90 -0.44
N GLY A 85 -58.03 19.75 0.59
CA GLY A 85 -57.20 19.52 1.78
C GLY A 85 -57.40 18.16 2.45
N LEU A 86 -58.62 17.63 2.39
CA LEU A 86 -58.91 16.36 3.00
C LEU A 86 -58.10 15.21 2.40
N THR A 87 -57.61 15.41 1.18
CA THR A 87 -56.78 14.44 0.53
C THR A 87 -55.65 14.04 1.41
N HIS A 88 -55.08 15.02 2.12
CA HIS A 88 -53.85 14.83 2.88
C HIS A 88 -54.00 14.49 4.33
N THR A 89 -55.19 14.62 4.88
CA THR A 89 -55.32 14.49 6.32
C THR A 89 -56.38 13.46 6.67
N SER A 90 -57.23 13.08 5.72
CA SER A 90 -58.45 12.38 6.08
C SER A 90 -58.47 10.85 5.84
N VAL A 91 -58.44 10.09 6.95
CA VAL A 91 -58.47 8.61 6.88
C VAL A 91 -59.90 8.10 6.64
N ALA A 92 -60.84 8.72 7.32
CA ALA A 92 -62.26 8.43 7.16
C ALA A 92 -62.67 8.51 5.68
N LEU A 93 -62.23 9.56 5.01
CA LEU A 93 -62.55 9.67 3.61
C LEU A 93 -61.94 8.49 2.89
N ARG A 94 -60.65 8.22 3.13
CA ARG A 94 -60.04 7.04 2.49
C ARG A 94 -60.89 5.79 2.71
N ASP A 95 -61.18 5.47 3.98
CA ASP A 95 -61.99 4.31 4.29
C ASP A 95 -63.37 4.32 3.58
N ALA A 96 -64.08 5.43 3.58
CA ALA A 96 -65.24 5.60 2.72
C ALA A 96 -64.95 5.12 1.29
N CYS A 97 -63.88 5.63 0.67
CA CYS A 97 -63.64 5.37 -0.77
C CYS A 97 -63.16 3.95 -1.07
N ALA A 98 -62.71 3.24 -0.05
CA ALA A 98 -62.16 1.93 -0.29
C ALA A 98 -63.25 0.95 -0.64
N GLU A 99 -64.51 1.28 -0.35
CA GLU A 99 -65.61 0.34 -0.58
C GLU A 99 -66.25 0.56 -1.96
N LEU A 100 -65.88 1.65 -2.61
CA LEU A 100 -66.31 1.88 -3.99
C LEU A 100 -65.82 0.74 -4.83
N SER A 101 -66.73 0.12 -5.56
CA SER A 101 -66.32 -0.97 -6.42
C SER A 101 -66.23 -0.52 -7.87
N ALA A 102 -66.81 0.62 -8.22
CA ALA A 102 -66.60 1.19 -9.54
C ALA A 102 -65.31 1.99 -9.42
N PRO A 103 -64.70 2.41 -10.54
CA PRO A 103 -63.45 3.22 -10.49
C PRO A 103 -63.48 4.51 -9.66
N LEU A 104 -62.39 4.79 -8.95
CA LEU A 104 -62.22 6.06 -8.26
C LEU A 104 -61.05 6.84 -8.92
N ILE A 105 -61.27 8.08 -9.37
CA ILE A 105 -60.17 8.92 -9.89
C ILE A 105 -60.01 10.13 -9.01
N GLU A 106 -58.82 10.33 -8.47
CA GLU A 106 -58.57 11.49 -7.61
C GLU A 106 -58.03 12.55 -8.50
N VAL A 107 -58.52 13.78 -8.37
CA VAL A 107 -58.13 14.88 -9.26
C VAL A 107 -57.70 16.07 -8.43
N HIS A 108 -56.66 16.75 -8.87
CA HIS A 108 -56.30 18.00 -8.28
C HIS A 108 -56.03 18.87 -9.44
N ILE A 109 -56.59 20.06 -9.37
CA ILE A 109 -56.42 21.09 -10.36
C ILE A 109 -54.97 21.56 -10.45
N SER A 110 -54.36 21.96 -9.33
CA SER A 110 -52.95 22.39 -9.25
C SER A 110 -52.04 21.16 -9.19
N ASN A 111 -50.75 21.35 -9.36
CA ASN A 111 -49.79 20.28 -9.23
C ASN A 111 -49.37 20.32 -7.78
N VAL A 112 -49.95 19.44 -6.98
CA VAL A 112 -49.66 19.36 -5.54
C VAL A 112 -48.19 19.05 -5.19
N HIS A 113 -47.43 18.58 -6.17
CA HIS A 113 -46.07 18.23 -5.96
C HIS A 113 -45.13 19.35 -6.13
N ALA A 114 -45.63 20.44 -6.69
CA ALA A 114 -44.81 21.63 -6.89
C ALA A 114 -45.02 22.62 -5.77
N ARG A 115 -45.59 22.18 -4.66
CA ARG A 115 -45.92 23.12 -3.58
C ARG A 115 -45.31 22.66 -2.25
N GLU A 116 -45.94 22.96 -1.12
CA GLU A 116 -45.41 22.50 0.15
C GLU A 116 -45.23 21.00 0.20
N GLU A 117 -44.26 20.57 1.00
CA GLU A 117 -44.04 19.17 1.31
C GLU A 117 -45.28 18.33 1.63
N PHE A 118 -46.15 18.81 2.51
CA PHE A 118 -47.21 17.96 3.07
C PHE A 118 -48.34 17.66 2.06
N ARG A 119 -48.29 18.32 0.92
CA ARG A 119 -49.26 18.07 -0.12
C ARG A 119 -48.82 16.91 -0.96
N ARG A 120 -47.60 16.45 -0.77
CA ARG A 120 -47.05 15.40 -1.61
C ARG A 120 -47.40 14.02 -1.08
N HIS A 121 -48.33 14.01 -0.15
CA HIS A 121 -48.82 12.79 0.38
C HIS A 121 -50.30 12.78 0.38
N SER A 122 -50.83 11.67 -0.09
CA SER A 122 -52.24 11.49 -0.23
C SER A 122 -52.75 10.21 0.45
N TYR A 123 -53.79 10.33 1.26
CA TYR A 123 -54.43 9.16 1.83
C TYR A 123 -55.26 8.45 0.80
N LEU A 124 -55.67 9.18 -0.22
CA LEU A 124 -56.55 8.62 -1.27
C LEU A 124 -55.81 7.89 -2.37
N SER A 125 -54.63 8.37 -2.77
CA SER A 125 -53.99 7.82 -3.95
C SER A 125 -53.88 6.31 -3.90
N PRO A 126 -53.49 5.74 -2.75
CA PRO A 126 -53.32 4.27 -2.76
C PRO A 126 -54.59 3.48 -3.02
N ILE A 127 -55.76 4.08 -2.78
CA ILE A 127 -56.97 3.34 -3.00
C ILE A 127 -57.73 3.87 -4.21
N ALA A 128 -57.23 4.94 -4.81
CA ALA A 128 -57.78 5.33 -6.12
C ALA A 128 -57.38 4.33 -7.20
N THR A 129 -58.19 4.26 -8.24
CA THR A 129 -57.80 3.59 -9.49
C THR A 129 -56.59 4.33 -10.08
N GLY A 130 -56.67 5.68 -10.08
CA GLY A 130 -55.65 6.59 -10.62
C GLY A 130 -55.77 8.02 -10.13
N VAL A 131 -54.88 8.91 -10.61
CA VAL A 131 -54.69 10.28 -10.10
C VAL A 131 -54.27 11.21 -11.24
N ILE A 132 -54.94 12.36 -11.33
CA ILE A 132 -54.61 13.37 -12.29
C ILE A 132 -54.43 14.64 -11.49
N VAL A 133 -53.35 15.34 -11.79
CA VAL A 133 -52.88 16.38 -10.95
C VAL A 133 -52.20 17.40 -11.86
N GLY A 134 -52.54 18.66 -11.64
CA GLY A 134 -51.84 19.80 -12.19
C GLY A 134 -52.19 20.13 -13.61
N LEU A 135 -53.26 19.54 -14.13
CA LEU A 135 -53.70 19.76 -15.52
C LEU A 135 -54.98 20.58 -15.54
N GLY A 136 -55.19 21.39 -14.49
CA GLY A 136 -56.37 22.26 -14.35
C GLY A 136 -57.76 21.62 -14.44
N ILE A 137 -58.75 22.48 -14.71
CA ILE A 137 -60.14 22.10 -15.01
C ILE A 137 -60.26 20.83 -15.83
N GLN A 138 -59.38 20.72 -16.82
CA GLN A 138 -59.42 19.66 -17.77
C GLN A 138 -59.14 18.35 -17.09
N GLY A 139 -58.48 18.43 -15.93
CA GLY A 139 -58.39 17.28 -15.00
C GLY A 139 -59.66 16.43 -14.98
N TYR A 140 -60.80 17.09 -14.74
CA TYR A 140 -62.09 16.40 -14.66
C TYR A 140 -62.52 15.78 -15.95
N LEU A 141 -62.31 16.51 -17.03
CA LEU A 141 -62.76 16.10 -18.34
C LEU A 141 -61.98 14.89 -18.75
N LEU A 142 -60.67 14.92 -18.48
CA LEU A 142 -59.85 13.77 -18.82
C LEU A 142 -60.30 12.57 -18.05
N ALA A 143 -60.58 12.78 -16.76
CA ALA A 143 -61.09 11.70 -15.93
C ALA A 143 -62.34 11.10 -16.53
N LEU A 144 -63.28 11.94 -17.02
CA LEU A 144 -64.52 11.42 -17.62
C LEU A 144 -64.25 10.50 -18.83
N ARG A 145 -63.28 10.92 -19.62
CA ARG A 145 -62.96 10.30 -20.87
C ARG A 145 -62.31 8.95 -20.56
N TYR A 146 -61.62 8.87 -19.42
CA TYR A 146 -61.13 7.57 -18.91
C TYR A 146 -62.30 6.67 -18.59
N LEU A 147 -63.24 7.22 -17.81
CA LEU A 147 -64.43 6.43 -17.37
C LEU A 147 -65.29 5.99 -18.55
N ALA A 148 -65.49 6.89 -19.52
CA ALA A 148 -66.24 6.57 -20.72
C ALA A 148 -65.65 5.39 -21.50
N GLU A 149 -64.41 4.98 -21.18
CA GLU A 149 -63.79 3.79 -21.80
C GLU A 149 -63.73 2.55 -20.90
N HIS A 150 -64.26 2.65 -19.68
CA HIS A 150 -64.06 1.60 -18.65
C HIS A 150 -65.27 1.45 -17.78
N LEU B 10 -10.37 -30.11 12.40
CA LEU B 10 -10.85 -28.73 12.04
C LEU B 10 -12.31 -28.68 12.42
N ILE B 11 -12.59 -28.11 13.59
CA ILE B 11 -13.93 -28.08 14.15
C ILE B 11 -14.70 -26.81 13.76
N VAL B 12 -15.96 -26.97 13.39
CA VAL B 12 -16.78 -25.84 12.98
C VAL B 12 -18.04 -25.78 13.86
N ASN B 13 -18.27 -24.66 14.51
CA ASN B 13 -19.47 -24.48 15.31
C ASN B 13 -20.67 -23.96 14.53
N VAL B 14 -21.68 -24.80 14.40
CA VAL B 14 -22.92 -24.40 13.82
C VAL B 14 -23.91 -24.15 14.94
N ILE B 15 -24.17 -22.87 15.17
CA ILE B 15 -25.04 -22.45 16.23
C ILE B 15 -26.35 -21.87 15.71
N ASN B 16 -27.45 -22.38 16.25
CA ASN B 16 -28.80 -21.97 15.82
C ASN B 16 -29.56 -21.34 16.97
N GLY B 17 -30.25 -20.24 16.70
CA GLY B 17 -30.82 -19.40 17.75
C GLY B 17 -32.30 -19.76 17.95
N PRO B 18 -33.05 -18.86 18.57
CA PRO B 18 -34.45 -19.06 18.97
C PRO B 18 -35.42 -19.35 17.86
N ASN B 19 -36.26 -20.36 18.09
CA ASN B 19 -37.34 -20.76 17.20
C ASN B 19 -36.84 -21.72 16.13
N LEU B 20 -35.53 -21.80 15.96
CA LEU B 20 -34.92 -22.68 14.97
C LEU B 20 -35.11 -24.17 15.30
N GLY B 21 -35.34 -24.50 16.58
CA GLY B 21 -35.80 -25.84 16.92
C GLY B 21 -37.14 -26.22 16.29
N ARG B 22 -37.86 -25.27 15.70
CA ARG B 22 -39.21 -25.56 15.18
C ARG B 22 -39.25 -25.73 13.67
N LEU B 23 -38.08 -25.62 13.04
CA LEU B 23 -37.87 -26.00 11.65
C LEU B 23 -38.66 -27.24 11.22
N GLY B 24 -39.34 -27.10 10.08
CA GLY B 24 -40.05 -28.22 9.47
C GLY B 24 -41.37 -28.48 10.15
N ARG B 25 -41.42 -28.27 11.47
CA ARG B 25 -42.66 -28.35 12.25
C ARG B 25 -43.50 -27.08 12.02
N ARG B 26 -43.23 -26.40 10.90
CA ARG B 26 -44.19 -25.51 10.23
C ARG B 26 -43.66 -24.25 9.54
N GLU B 27 -44.56 -23.63 8.75
CA GLU B 27 -44.31 -22.48 7.88
C GLU B 27 -43.46 -22.83 6.63
N PRO B 28 -43.76 -23.98 5.97
CA PRO B 28 -42.84 -24.58 4.97
C PRO B 28 -42.61 -23.67 3.77
N ALA B 29 -43.61 -22.88 3.42
CA ALA B 29 -43.49 -21.87 2.38
C ALA B 29 -42.18 -21.03 2.47
N VAL B 30 -41.74 -20.73 3.70
CA VAL B 30 -40.62 -19.81 3.90
C VAL B 30 -39.30 -20.42 4.47
N TYR B 31 -39.40 -21.51 5.24
CA TYR B 31 -38.24 -22.09 5.93
C TYR B 31 -37.83 -23.49 5.42
N GLY B 32 -38.60 -24.07 4.50
CA GLY B 32 -38.42 -25.47 4.12
C GLY B 32 -39.23 -26.42 5.00
N GLY B 33 -39.17 -27.72 4.65
CA GLY B 33 -39.90 -28.78 5.37
C GLY B 33 -38.92 -29.71 6.06
N THR B 34 -37.65 -29.37 6.00
CA THR B 34 -36.65 -30.08 6.76
C THR B 34 -36.72 -29.69 8.23
N THR B 35 -36.63 -30.66 9.11
CA THR B 35 -36.68 -30.36 10.55
C THR B 35 -35.30 -30.13 11.11
N HIS B 36 -35.24 -29.69 12.37
CA HIS B 36 -33.94 -29.42 12.99
C HIS B 36 -33.02 -30.60 13.11
N ASP B 37 -33.48 -31.71 13.67
CA ASP B 37 -32.66 -32.96 13.67
C ASP B 37 -32.10 -33.31 12.29
N GLU B 38 -32.92 -33.18 11.24
CA GLU B 38 -32.50 -33.54 9.89
C GLU B 38 -31.42 -32.57 9.46
N LEU B 39 -31.54 -31.33 9.91
CA LEU B 39 -30.59 -30.31 9.50
C LEU B 39 -29.23 -30.66 10.05
N VAL B 40 -29.23 -31.04 11.32
CA VAL B 40 -28.05 -31.47 12.03
C VAL B 40 -27.35 -32.62 11.31
N ALA B 41 -28.09 -33.70 11.06
CA ALA B 41 -27.50 -34.83 10.41
C ALA B 41 -26.91 -34.40 9.05
N LEU B 42 -27.72 -33.71 8.24
CA LEU B 42 -27.33 -33.14 6.96
C LEU B 42 -26.02 -32.35 7.05
N ILE B 43 -25.97 -31.35 7.93
CA ILE B 43 -24.77 -30.56 8.13
C ILE B 43 -23.55 -31.38 8.55
N GLU B 44 -23.74 -32.30 9.49
CA GLU B 44 -22.62 -33.08 10.00
C GLU B 44 -22.04 -33.92 8.88
N ARG B 45 -22.92 -34.44 8.05
CA ARG B 45 -22.46 -35.37 7.05
C ARG B 45 -21.73 -34.61 5.90
N GLU B 46 -22.26 -33.43 5.55
CA GLU B 46 -21.70 -32.56 4.52
C GLU B 46 -20.35 -31.91 4.88
N ALA B 47 -20.20 -31.52 6.16
CA ALA B 47 -18.94 -31.01 6.71
C ALA B 47 -17.82 -32.05 6.67
N ALA B 48 -18.20 -33.30 6.90
CA ALA B 48 -17.29 -34.44 6.93
C ALA B 48 -16.73 -34.72 5.54
N GLU B 49 -17.58 -34.66 4.51
CA GLU B 49 -17.12 -34.77 3.11
C GLU B 49 -16.09 -33.69 2.83
N LEU B 50 -16.26 -32.53 3.42
CA LEU B 50 -15.32 -31.46 3.24
C LEU B 50 -14.17 -31.58 4.22
N GLY B 51 -14.05 -32.69 4.95
CA GLY B 51 -12.97 -32.83 5.94
C GLY B 51 -13.03 -31.87 7.12
N LEU B 52 -14.25 -31.57 7.59
CA LEU B 52 -14.50 -30.74 8.77
C LEU B 52 -15.28 -31.54 9.79
N LYS B 53 -15.16 -31.17 11.05
CA LYS B 53 -15.97 -31.71 12.11
C LYS B 53 -16.98 -30.62 12.53
N ALA B 54 -18.24 -30.81 12.21
CA ALA B 54 -19.28 -29.84 12.55
C ALA B 54 -19.95 -30.13 13.90
N VAL B 55 -19.88 -29.12 14.77
CA VAL B 55 -20.68 -29.13 15.99
C VAL B 55 -21.92 -28.23 15.84
N VAL B 56 -23.07 -28.87 15.60
CA VAL B 56 -24.37 -28.20 15.47
C VAL B 56 -25.10 -28.16 16.81
N ARG B 57 -25.57 -26.99 17.18
CA ARG B 57 -26.27 -26.82 18.42
C ARG B 57 -27.28 -25.75 18.23
N GLN B 58 -28.39 -25.90 18.95
CA GLN B 58 -29.48 -24.97 18.92
C GLN B 58 -30.00 -24.73 20.33
N SER B 59 -30.37 -23.48 20.59
CA SER B 59 -30.97 -23.08 21.85
C SER B 59 -31.84 -21.82 21.71
N ASP B 60 -32.94 -21.79 22.44
CA ASP B 60 -33.76 -20.58 22.61
C ASP B 60 -33.24 -19.65 23.70
N SER B 61 -32.19 -20.05 24.40
CA SER B 61 -31.62 -19.26 25.45
C SER B 61 -30.42 -18.45 24.92
N GLU B 62 -30.52 -17.13 25.00
CA GLU B 62 -29.45 -16.22 24.67
C GLU B 62 -28.20 -16.55 25.52
N ALA B 63 -28.39 -16.80 26.82
CA ALA B 63 -27.26 -17.09 27.71
C ALA B 63 -26.50 -18.33 27.21
N GLN B 64 -27.26 -19.37 26.88
CA GLN B 64 -26.69 -20.52 26.27
C GLN B 64 -25.95 -20.17 24.97
N LEU B 65 -26.58 -19.40 24.07
CA LEU B 65 -25.93 -19.09 22.80
C LEU B 65 -24.54 -18.44 22.99
N LEU B 66 -24.44 -17.59 24.02
CA LEU B 66 -23.24 -16.85 24.32
C LEU B 66 -22.14 -17.73 24.84
N ASP B 67 -22.46 -18.58 25.81
CA ASP B 67 -21.57 -19.62 26.31
C ASP B 67 -20.88 -20.27 25.14
N TRP B 68 -21.70 -20.63 24.14
CA TRP B 68 -21.19 -21.33 22.96
C TRP B 68 -20.28 -20.46 22.14
N ILE B 69 -20.65 -19.20 22.01
CA ILE B 69 -19.75 -18.26 21.34
C ILE B 69 -18.48 -18.06 22.13
N HIS B 70 -18.60 -17.88 23.44
CA HIS B 70 -17.42 -17.68 24.25
C HIS B 70 -16.45 -18.82 24.09
N GLN B 71 -16.94 -20.04 23.85
CA GLN B 71 -16.05 -21.21 23.81
C GLN B 71 -15.33 -21.27 22.48
N ALA B 72 -16.05 -20.90 21.43
CA ALA B 72 -15.52 -20.83 20.10
C ALA B 72 -14.42 -19.79 20.02
N ALA B 73 -14.63 -18.65 20.65
CA ALA B 73 -13.62 -17.61 20.71
C ALA B 73 -12.36 -18.11 21.39
N ASP B 74 -12.54 -18.70 22.57
CA ASP B 74 -11.43 -19.31 23.30
C ASP B 74 -10.74 -20.48 22.55
N ALA B 75 -11.41 -21.17 21.65
CA ALA B 75 -10.70 -22.20 20.88
C ALA B 75 -10.24 -21.73 19.47
N ALA B 76 -10.51 -20.45 19.14
CA ALA B 76 -10.33 -19.93 17.77
C ALA B 76 -10.97 -20.84 16.72
N GLU B 77 -12.22 -21.26 16.94
CA GLU B 77 -12.97 -22.06 15.98
C GLU B 77 -13.94 -21.18 15.18
N PRO B 78 -14.05 -21.44 13.87
CA PRO B 78 -14.97 -20.82 12.93
C PRO B 78 -16.37 -21.02 13.43
N VAL B 79 -17.27 -20.08 13.16
CA VAL B 79 -18.67 -20.19 13.57
C VAL B 79 -19.66 -19.84 12.48
N ILE B 80 -20.64 -20.69 12.26
CA ILE B 80 -21.80 -20.36 11.43
C ILE B 80 -23.00 -20.10 12.38
N LEU B 81 -23.60 -18.94 12.23
CA LEU B 81 -24.60 -18.47 13.18
C LEU B 81 -25.82 -18.05 12.48
N ASN B 82 -26.95 -18.60 12.92
CA ASN B 82 -28.25 -18.07 12.58
C ASN B 82 -28.88 -17.75 13.92
N ALA B 83 -28.85 -16.47 14.29
CA ALA B 83 -29.30 -16.10 15.62
C ALA B 83 -30.81 -16.00 15.66
N GLY B 84 -31.44 -16.38 14.56
CA GLY B 84 -32.88 -16.25 14.43
C GLY B 84 -33.28 -14.85 14.82
N GLY B 85 -34.22 -14.76 15.76
CA GLY B 85 -34.83 -13.47 16.12
C GLY B 85 -33.82 -12.57 16.77
N LEU B 86 -33.04 -13.11 17.71
CA LEU B 86 -31.94 -12.38 18.32
C LEU B 86 -31.06 -11.65 17.30
N THR B 87 -31.18 -11.96 16.01
CA THR B 87 -30.40 -11.25 14.99
C THR B 87 -30.64 -9.72 14.99
N HIS B 88 -31.90 -9.35 15.13
CA HIS B 88 -32.32 -7.95 15.04
C HIS B 88 -32.33 -7.21 16.34
N THR B 89 -31.97 -7.86 17.47
CA THR B 89 -32.22 -7.23 18.76
C THR B 89 -31.11 -7.30 19.82
N SER B 90 -30.18 -8.26 19.65
CA SER B 90 -29.24 -8.54 20.69
C SER B 90 -27.86 -7.95 20.44
N VAL B 91 -27.51 -6.94 21.23
CA VAL B 91 -26.19 -6.31 21.21
C VAL B 91 -25.28 -7.24 21.98
N ALA B 92 -25.77 -7.80 23.07
CA ALA B 92 -25.02 -8.86 23.78
C ALA B 92 -24.40 -9.91 22.83
N LEU B 93 -25.21 -10.57 22.03
CA LEU B 93 -24.74 -11.53 21.09
C LEU B 93 -23.74 -10.96 20.10
N ARG B 94 -24.03 -9.77 19.55
CA ARG B 94 -23.09 -9.10 18.69
C ARG B 94 -21.71 -9.01 19.37
N ASP B 95 -21.71 -8.59 20.65
CA ASP B 95 -20.49 -8.43 21.37
C ASP B 95 -19.80 -9.78 21.63
N ALA B 96 -20.55 -10.83 21.99
CA ALA B 96 -19.94 -12.18 22.04
C ALA B 96 -19.23 -12.52 20.75
N CYS B 97 -19.90 -12.31 19.61
CA CYS B 97 -19.36 -12.61 18.29
C CYS B 97 -18.16 -11.77 17.87
N ALA B 98 -18.16 -10.52 18.26
CA ALA B 98 -17.08 -9.56 17.92
C ALA B 98 -15.68 -10.04 18.31
N GLU B 99 -15.58 -11.05 19.20
CA GLU B 99 -14.29 -11.55 19.64
C GLU B 99 -13.85 -12.85 18.99
N LEU B 100 -14.70 -13.40 18.14
CA LEU B 100 -14.29 -14.51 17.36
C LEU B 100 -13.05 -14.09 16.56
N SER B 101 -11.99 -14.88 16.59
CA SER B 101 -10.85 -14.51 15.78
C SER B 101 -10.82 -15.34 14.50
N ALA B 102 -11.51 -16.49 14.49
CA ALA B 102 -11.74 -17.23 13.25
C ALA B 102 -12.97 -16.64 12.60
N PRO B 103 -13.33 -17.10 11.38
CA PRO B 103 -14.47 -16.53 10.67
C PRO B 103 -15.85 -16.76 11.27
N LEU B 104 -16.72 -15.82 10.98
CA LEU B 104 -18.11 -15.91 11.39
C LEU B 104 -18.99 -15.61 10.17
N ILE B 105 -19.69 -16.67 9.73
CA ILE B 105 -20.74 -16.56 8.71
C ILE B 105 -22.14 -16.51 9.37
N GLU B 106 -22.86 -15.43 9.08
CA GLU B 106 -24.23 -15.25 9.51
C GLU B 106 -25.08 -15.91 8.46
N VAL B 107 -26.06 -16.70 8.88
CA VAL B 107 -26.86 -17.42 7.92
C VAL B 107 -28.34 -17.25 8.22
N HIS B 108 -29.15 -16.98 7.20
CA HIS B 108 -30.61 -17.03 7.34
C HIS B 108 -31.18 -17.87 6.24
N ILE B 109 -32.16 -18.69 6.59
CA ILE B 109 -32.81 -19.60 5.65
C ILE B 109 -33.69 -18.76 4.73
N SER B 110 -34.47 -17.86 5.30
CA SER B 110 -35.42 -17.06 4.50
C SER B 110 -34.76 -15.79 3.98
N ASN B 111 -35.33 -15.19 2.95
CA ASN B 111 -34.83 -13.88 2.56
C ASN B 111 -35.43 -12.78 3.46
N VAL B 112 -34.60 -12.25 4.37
CA VAL B 112 -35.06 -11.25 5.37
C VAL B 112 -35.48 -9.90 4.78
N HIS B 113 -34.81 -9.53 3.68
CA HIS B 113 -35.17 -8.37 2.86
C HIS B 113 -36.45 -8.46 2.08
N ALA B 114 -37.01 -9.64 1.93
CA ALA B 114 -38.34 -9.71 1.30
C ALA B 114 -39.49 -9.70 2.32
N ARG B 115 -39.22 -9.33 3.57
CA ARG B 115 -40.22 -9.52 4.66
C ARG B 115 -40.35 -8.19 5.44
N GLU B 116 -40.84 -8.26 6.66
CA GLU B 116 -40.98 -7.05 7.45
C GLU B 116 -39.70 -6.26 7.44
N GLU B 117 -39.88 -4.96 7.28
CA GLU B 117 -38.92 -3.93 7.58
C GLU B 117 -37.86 -4.32 8.63
N PHE B 118 -38.30 -4.63 9.87
CA PHE B 118 -37.35 -4.81 10.97
C PHE B 118 -36.40 -5.99 10.76
N ARG B 119 -36.76 -6.93 9.88
CA ARG B 119 -35.84 -8.05 9.60
C ARG B 119 -34.61 -7.66 8.77
N ARG B 120 -34.63 -6.46 8.18
CA ARG B 120 -33.59 -6.02 7.27
C ARG B 120 -32.41 -5.35 8.00
N HIS B 121 -32.53 -5.24 9.33
CA HIS B 121 -31.43 -4.72 10.11
C HIS B 121 -30.81 -5.84 10.93
N SER B 122 -29.48 -5.89 10.95
CA SER B 122 -28.83 -6.94 11.66
C SER B 122 -27.69 -6.38 12.52
N TYR B 123 -27.71 -6.70 13.81
CA TYR B 123 -26.61 -6.36 14.69
C TYR B 123 -25.33 -7.14 14.44
N LEU B 124 -25.48 -8.30 13.84
CA LEU B 124 -24.42 -9.25 13.70
C LEU B 124 -23.68 -8.99 12.40
N SER B 125 -24.44 -8.70 11.35
CA SER B 125 -23.88 -8.50 10.02
C SER B 125 -22.58 -7.68 10.03
N PRO B 126 -22.60 -6.50 10.63
CA PRO B 126 -21.36 -5.66 10.59
C PRO B 126 -20.10 -6.31 11.12
N ILE B 127 -20.23 -7.23 12.07
CA ILE B 127 -19.03 -7.84 12.68
C ILE B 127 -18.75 -9.19 12.08
N ALA B 128 -19.64 -9.69 11.26
CA ALA B 128 -19.40 -10.93 10.55
C ALA B 128 -18.41 -10.80 9.37
N THR B 129 -17.84 -11.92 8.96
CA THR B 129 -17.05 -12.01 7.72
C THR B 129 -18.03 -11.82 6.56
N GLY B 130 -19.02 -12.71 6.49
CA GLY B 130 -20.01 -12.64 5.43
C GLY B 130 -21.37 -13.10 5.93
N VAL B 131 -22.40 -12.81 5.13
CA VAL B 131 -23.73 -13.18 5.37
C VAL B 131 -24.32 -13.95 4.19
N ILE B 132 -25.06 -15.03 4.48
CA ILE B 132 -25.83 -15.71 3.47
C ILE B 132 -27.33 -15.68 3.83
N VAL B 133 -28.15 -15.21 2.90
CA VAL B 133 -29.55 -14.96 3.20
C VAL B 133 -30.44 -15.54 2.10
N GLY B 134 -31.39 -16.34 2.50
CA GLY B 134 -32.44 -16.76 1.59
C GLY B 134 -32.12 -17.92 0.68
N LEU B 135 -31.03 -18.62 0.94
CA LEU B 135 -30.66 -19.75 0.09
C LEU B 135 -31.18 -21.04 0.69
N GLY B 136 -32.11 -20.89 1.64
CA GLY B 136 -32.70 -22.03 2.35
C GLY B 136 -31.67 -22.64 3.27
N ILE B 137 -31.85 -23.94 3.47
CA ILE B 137 -31.01 -24.75 4.34
C ILE B 137 -29.61 -25.00 3.70
N GLN B 138 -29.57 -24.97 2.38
CA GLN B 138 -28.35 -24.89 1.60
C GLN B 138 -27.37 -23.82 2.12
N GLY B 139 -27.89 -22.70 2.63
CA GLY B 139 -27.03 -21.64 3.17
C GLY B 139 -25.96 -22.18 4.11
N TYR B 140 -26.33 -23.18 4.93
CA TYR B 140 -25.41 -23.73 5.93
C TYR B 140 -24.32 -24.47 5.23
N LEU B 141 -24.73 -25.27 4.26
CA LEU B 141 -23.79 -26.07 3.48
C LEU B 141 -22.83 -25.13 2.82
N LEU B 142 -23.34 -24.11 2.15
CA LEU B 142 -22.49 -23.22 1.39
C LEU B 142 -21.50 -22.56 2.36
N ALA B 143 -21.99 -22.11 3.53
CA ALA B 143 -21.07 -21.63 4.60
C ALA B 143 -19.94 -22.65 4.96
N LEU B 144 -20.23 -23.94 4.96
CA LEU B 144 -19.16 -24.92 5.21
C LEU B 144 -18.12 -24.89 4.09
N ARG B 145 -18.56 -24.79 2.83
CA ARG B 145 -17.61 -24.69 1.72
C ARG B 145 -16.71 -23.47 1.83
N TYR B 146 -17.25 -22.32 2.20
CA TYR B 146 -16.40 -21.17 2.38
C TYR B 146 -15.30 -21.49 3.37
N LEU B 147 -15.68 -22.00 4.55
CA LEU B 147 -14.73 -22.38 5.60
C LEU B 147 -13.78 -23.52 5.21
N ALA B 148 -14.25 -24.46 4.39
CA ALA B 148 -13.37 -25.47 3.78
C ALA B 148 -12.14 -24.84 3.13
N GLU B 149 -12.26 -23.68 2.48
CA GLU B 149 -11.08 -23.01 1.88
C GLU B 149 -10.33 -22.02 2.73
N HIS B 150 -10.68 -21.84 3.99
CA HIS B 150 -10.05 -20.80 4.81
C HIS B 150 -9.56 -21.34 6.12
N LEU C 10 -24.18 -2.58 56.02
CA LEU C 10 -24.87 -2.18 54.75
C LEU C 10 -24.27 -2.83 53.53
N ILE C 11 -25.12 -3.60 52.85
CA ILE C 11 -24.75 -4.40 51.70
C ILE C 11 -24.97 -3.64 50.41
N VAL C 12 -24.04 -3.77 49.47
CA VAL C 12 -24.22 -3.15 48.16
C VAL C 12 -24.16 -4.24 47.14
N ASN C 13 -25.10 -4.25 46.20
CA ASN C 13 -25.06 -5.23 45.10
C ASN C 13 -24.40 -4.69 43.82
N VAL C 14 -23.38 -5.40 43.41
CA VAL C 14 -22.70 -5.14 42.15
C VAL C 14 -23.07 -6.23 41.15
N ILE C 15 -23.64 -5.88 39.99
CA ILE C 15 -24.27 -6.85 39.10
C ILE C 15 -23.75 -6.59 37.73
N ASN C 16 -23.08 -7.59 37.17
CA ASN C 16 -22.57 -7.51 35.80
C ASN C 16 -23.34 -8.45 34.91
N GLY C 17 -23.65 -7.96 33.72
CA GLY C 17 -24.45 -8.68 32.77
C GLY C 17 -23.58 -9.36 31.74
N PRO C 18 -24.18 -9.65 30.57
CA PRO C 18 -23.64 -10.44 29.50
C PRO C 18 -22.31 -9.94 29.04
N ASN C 19 -21.40 -10.88 28.87
CA ASN C 19 -20.06 -10.66 28.39
C ASN C 19 -19.08 -10.17 29.44
N LEU C 20 -19.58 -9.76 30.60
CA LEU C 20 -18.60 -9.27 31.56
C LEU C 20 -17.78 -10.40 32.22
N GLY C 21 -18.23 -11.64 32.05
CA GLY C 21 -17.48 -12.79 32.55
C GLY C 21 -16.16 -12.86 31.78
N ARG C 22 -16.12 -12.23 30.60
CA ARG C 22 -15.03 -12.41 29.65
C ARG C 22 -13.93 -11.41 30.00
N LEU C 23 -14.18 -10.60 31.02
CA LEU C 23 -13.28 -9.51 31.30
C LEU C 23 -11.79 -9.90 31.30
N GLY C 24 -11.01 -9.06 30.63
CA GLY C 24 -9.58 -9.23 30.56
C GLY C 24 -9.11 -10.45 29.79
N ARG C 25 -10.05 -11.21 29.20
CA ARG C 25 -9.66 -12.32 28.35
C ARG C 25 -9.54 -11.90 26.88
N ARG C 26 -10.10 -10.74 26.53
CA ARG C 26 -9.87 -10.11 25.21
C ARG C 26 -9.97 -8.55 25.23
N GLU C 27 -9.65 -7.94 24.09
CA GLU C 27 -9.66 -6.47 23.87
C GLU C 27 -9.09 -5.62 25.03
N PRO C 28 -7.80 -5.84 25.40
CA PRO C 28 -7.15 -5.15 26.52
C PRO C 28 -7.19 -3.63 26.32
N ALA C 29 -6.94 -3.17 25.11
CA ALA C 29 -7.36 -1.84 24.74
C ALA C 29 -8.89 -1.87 24.51
N VAL C 30 -9.61 -1.06 25.30
CA VAL C 30 -11.09 -0.89 25.31
C VAL C 30 -11.66 -1.18 26.70
N TYR C 31 -11.36 -2.37 27.23
CA TYR C 31 -11.89 -2.83 28.52
C TYR C 31 -10.82 -3.08 29.58
N GLY C 32 -9.54 -3.15 29.17
CA GLY C 32 -8.41 -3.40 30.10
C GLY C 32 -8.06 -4.87 30.31
N GLY C 33 -6.95 -5.12 31.01
CA GLY C 33 -6.44 -6.48 31.18
C GLY C 33 -6.74 -7.16 32.52
N THR C 34 -7.60 -6.57 33.34
CA THR C 34 -8.01 -7.16 34.60
C THR C 34 -9.16 -8.17 34.36
N THR C 35 -9.15 -9.31 35.04
CA THR C 35 -10.15 -10.35 34.84
C THR C 35 -11.31 -10.12 35.78
N HIS C 36 -12.45 -10.76 35.49
CA HIS C 36 -13.60 -10.64 36.37
C HIS C 36 -13.31 -10.99 37.80
N ASP C 37 -12.66 -12.15 37.98
CA ASP C 37 -12.26 -12.61 39.30
C ASP C 37 -11.45 -11.57 40.05
N GLU C 38 -10.46 -10.96 39.40
CA GLU C 38 -9.66 -9.96 40.06
C GLU C 38 -10.50 -8.75 40.35
N LEU C 39 -11.52 -8.47 39.51
CA LEU C 39 -12.38 -7.30 39.73
C LEU C 39 -13.25 -7.48 40.99
N VAL C 40 -13.82 -8.68 41.12
CA VAL C 40 -14.53 -9.06 42.32
C VAL C 40 -13.68 -8.75 43.52
N ALA C 41 -12.40 -9.14 43.47
CA ALA C 41 -11.49 -8.96 44.62
C ALA C 41 -11.21 -7.50 44.94
N LEU C 42 -10.90 -6.68 43.92
CA LEU C 42 -10.73 -5.22 44.11
C LEU C 42 -11.97 -4.59 44.71
N ILE C 43 -13.15 -5.02 44.29
CA ILE C 43 -14.38 -4.40 44.73
C ILE C 43 -14.66 -4.79 46.18
N GLU C 44 -14.39 -6.03 46.54
CA GLU C 44 -14.59 -6.44 47.90
C GLU C 44 -13.65 -5.75 48.83
N ARG C 45 -12.40 -5.63 48.41
CA ARG C 45 -11.37 -4.92 49.16
C ARG C 45 -11.74 -3.44 49.33
N GLU C 46 -11.95 -2.74 48.22
CA GLU C 46 -12.36 -1.34 48.27
C GLU C 46 -13.59 -1.15 49.14
N ALA C 47 -14.59 -1.99 48.96
CA ALA C 47 -15.81 -1.99 49.82
C ALA C 47 -15.50 -2.02 51.31
N ALA C 48 -14.77 -3.06 51.71
CA ALA C 48 -14.43 -3.26 53.10
C ALA C 48 -13.79 -2.00 53.68
N GLU C 49 -12.76 -1.47 53.02
CA GLU C 49 -12.10 -0.21 53.43
C GLU C 49 -12.98 1.03 53.46
N LEU C 50 -14.25 0.88 53.10
CA LEU C 50 -15.18 1.99 53.08
C LEU C 50 -16.34 1.70 53.99
N GLY C 51 -16.22 0.68 54.84
CA GLY C 51 -17.33 0.32 55.72
C GLY C 51 -18.55 -0.30 55.02
N LEU C 52 -18.39 -0.78 53.80
CA LEU C 52 -19.50 -1.46 53.09
C LEU C 52 -19.22 -2.94 52.86
N LYS C 53 -20.25 -3.68 52.52
CA LYS C 53 -20.14 -5.10 52.21
C LYS C 53 -20.71 -5.30 50.80
N ALA C 54 -19.85 -5.65 49.85
CA ALA C 54 -20.25 -5.74 48.46
C ALA C 54 -20.42 -7.18 48.00
N VAL C 55 -21.60 -7.53 47.48
CA VAL C 55 -21.83 -8.82 46.85
C VAL C 55 -21.72 -8.65 45.33
N VAL C 56 -20.70 -9.23 44.72
CA VAL C 56 -20.48 -9.03 43.30
C VAL C 56 -20.85 -10.23 42.48
N ARG C 57 -21.89 -10.14 41.68
CA ARG C 57 -22.30 -11.25 40.81
C ARG C 57 -22.30 -10.92 39.30
N GLN C 58 -22.05 -11.96 38.51
CA GLN C 58 -22.09 -11.84 37.09
C GLN C 58 -23.01 -12.91 36.47
N SER C 59 -23.78 -12.53 35.45
CA SER C 59 -24.56 -13.49 34.67
C SER C 59 -24.74 -13.10 33.18
N ASP C 60 -24.71 -14.08 32.28
CA ASP C 60 -25.04 -13.84 30.87
C ASP C 60 -26.53 -14.00 30.65
N SER C 61 -27.29 -14.14 31.73
CA SER C 61 -28.69 -14.50 31.64
C SER C 61 -29.57 -13.37 32.09
N GLU C 62 -30.51 -12.96 31.25
CA GLU C 62 -31.38 -11.88 31.63
C GLU C 62 -32.32 -12.28 32.78
N ALA C 63 -32.94 -13.47 32.75
CA ALA C 63 -33.73 -13.90 33.94
C ALA C 63 -32.99 -13.74 35.28
N GLN C 64 -31.81 -14.35 35.39
CA GLN C 64 -30.99 -14.26 36.59
C GLN C 64 -30.69 -12.82 37.03
N LEU C 65 -30.34 -11.96 36.08
CA LEU C 65 -30.19 -10.56 36.42
C LEU C 65 -31.46 -9.94 37.08
N LEU C 66 -32.63 -10.30 36.58
CA LEU C 66 -33.89 -9.76 37.04
C LEU C 66 -34.14 -10.23 38.45
N ASP C 67 -33.88 -11.51 38.67
CA ASP C 67 -33.95 -12.13 39.97
C ASP C 67 -33.16 -11.30 40.96
N TRP C 68 -31.88 -11.08 40.66
CA TRP C 68 -31.03 -10.33 41.54
C TRP C 68 -31.59 -8.94 41.75
N ILE C 69 -31.97 -8.23 40.71
CA ILE C 69 -32.58 -6.90 40.90
C ILE C 69 -33.77 -7.01 41.86
N HIS C 70 -34.62 -8.00 41.65
CA HIS C 70 -35.80 -8.19 42.51
C HIS C 70 -35.41 -8.30 43.95
N GLN C 71 -34.38 -9.10 44.20
CA GLN C 71 -33.93 -9.36 45.55
C GLN C 71 -33.39 -8.10 46.22
N ALA C 72 -32.59 -7.30 45.51
CA ALA C 72 -32.17 -6.01 46.05
C ALA C 72 -33.39 -5.12 46.35
N ALA C 73 -34.38 -5.09 45.47
CA ALA C 73 -35.60 -4.32 45.71
C ALA C 73 -36.26 -4.69 47.06
N ASP C 74 -36.40 -6.00 47.34
CA ASP C 74 -36.87 -6.48 48.66
C ASP C 74 -35.95 -6.12 49.84
N ALA C 75 -34.66 -6.40 49.72
CA ALA C 75 -33.77 -6.09 50.82
C ALA C 75 -33.56 -4.59 50.93
N ALA C 76 -34.05 -3.82 49.95
CA ALA C 76 -33.78 -2.36 49.82
C ALA C 76 -32.27 -2.00 49.68
N GLU C 77 -31.48 -2.86 49.04
CA GLU C 77 -30.05 -2.60 48.90
C GLU C 77 -29.70 -1.72 47.67
N PRO C 78 -28.64 -0.88 47.79
CA PRO C 78 -28.10 -0.20 46.57
C PRO C 78 -27.70 -1.20 45.48
N VAL C 79 -27.65 -0.72 44.26
CA VAL C 79 -27.20 -1.56 43.15
C VAL C 79 -26.28 -0.76 42.28
N ILE C 80 -25.13 -1.34 41.99
CA ILE C 80 -24.29 -0.82 40.96
C ILE C 80 -24.46 -1.85 39.87
N LEU C 81 -24.92 -1.38 38.72
CA LEU C 81 -25.32 -2.27 37.63
C LEU C 81 -24.54 -1.91 36.35
N ASN C 82 -23.79 -2.88 35.85
CA ASN C 82 -23.28 -2.81 34.50
C ASN C 82 -23.90 -3.97 33.71
N ALA C 83 -24.89 -3.70 32.89
CA ALA C 83 -25.59 -4.79 32.19
C ALA C 83 -25.00 -5.12 30.80
N GLY C 84 -23.83 -4.55 30.47
CA GLY C 84 -23.31 -4.68 29.12
C GLY C 84 -24.35 -4.41 28.03
N GLY C 85 -24.49 -5.37 27.13
CA GLY C 85 -25.40 -5.27 26.00
C GLY C 85 -26.86 -4.98 26.30
N LEU C 86 -27.39 -5.57 27.37
CA LEU C 86 -28.79 -5.32 27.80
C LEU C 86 -29.12 -3.85 28.10
N THR C 87 -28.09 -3.07 28.44
CA THR C 87 -28.28 -1.64 28.65
C THR C 87 -29.07 -1.02 27.52
N HIS C 88 -28.70 -1.34 26.29
CA HIS C 88 -29.29 -0.69 25.11
C HIS C 88 -30.50 -1.40 24.60
N THR C 89 -30.80 -2.58 25.12
CA THR C 89 -31.91 -3.33 24.54
C THR C 89 -33.02 -3.77 25.47
N SER C 90 -32.80 -3.82 26.78
CA SER C 90 -33.81 -4.48 27.62
C SER C 90 -34.69 -3.58 28.48
N VAL C 91 -35.96 -3.53 28.07
CA VAL C 91 -36.98 -2.79 28.76
C VAL C 91 -37.35 -3.53 30.07
N ALA C 92 -37.29 -4.87 30.05
CA ALA C 92 -37.55 -5.68 31.25
C ALA C 92 -36.60 -5.34 32.37
N LEU C 93 -35.29 -5.37 32.09
CA LEU C 93 -34.32 -4.89 33.08
C LEU C 93 -34.67 -3.48 33.63
N ARG C 94 -34.91 -2.55 32.73
CA ARG C 94 -35.33 -1.20 33.14
C ARG C 94 -36.50 -1.24 34.12
N ASP C 95 -37.55 -2.02 33.80
CA ASP C 95 -38.69 -2.18 34.72
C ASP C 95 -38.40 -2.79 36.10
N ALA C 96 -37.48 -3.73 36.14
CA ALA C 96 -37.12 -4.37 37.39
C ALA C 96 -36.33 -3.39 38.24
N CYS C 97 -35.51 -2.58 37.58
CA CYS C 97 -34.70 -1.59 38.30
C CYS C 97 -35.52 -0.42 38.73
N ALA C 98 -36.58 -0.11 37.99
CA ALA C 98 -37.50 0.98 38.39
C ALA C 98 -38.12 0.76 39.81
N GLU C 99 -38.07 -0.48 40.28
CA GLU C 99 -38.67 -0.83 41.54
C GLU C 99 -37.71 -0.61 42.72
N LEU C 100 -36.46 -0.22 42.42
CA LEU C 100 -35.46 -0.06 43.47
C LEU C 100 -35.60 1.25 44.22
N SER C 101 -35.65 1.17 45.55
CA SER C 101 -35.71 2.34 46.42
C SER C 101 -34.33 2.83 46.96
N ALA C 102 -33.38 1.92 47.14
CA ALA C 102 -32.00 2.39 47.33
C ALA C 102 -31.45 2.89 45.97
N PRO C 103 -30.31 3.62 45.97
CA PRO C 103 -29.75 4.10 44.69
C PRO C 103 -29.39 3.03 43.66
N LEU C 104 -29.43 3.45 42.40
CA LEU C 104 -28.95 2.66 41.29
C LEU C 104 -27.88 3.46 40.48
N ILE C 105 -26.65 2.94 40.47
CA ILE C 105 -25.57 3.60 39.77
C ILE C 105 -25.25 2.72 38.58
N GLU C 106 -25.51 3.23 37.38
CA GLU C 106 -25.22 2.58 36.09
C GLU C 106 -23.68 2.74 35.92
N VAL C 107 -22.95 1.72 35.50
CA VAL C 107 -21.49 1.83 35.29
C VAL C 107 -21.09 1.20 33.97
N HIS C 108 -20.18 1.81 33.24
CA HIS C 108 -19.66 1.15 32.02
C HIS C 108 -18.20 1.36 32.08
N ILE C 109 -17.45 0.30 31.81
CA ILE C 109 -16.00 0.39 31.79
C ILE C 109 -15.50 1.31 30.68
N SER C 110 -15.90 1.01 29.44
CA SER C 110 -15.50 1.79 28.24
C SER C 110 -16.32 3.09 28.11
N ASN C 111 -15.88 3.97 27.21
CA ASN C 111 -16.63 5.20 26.92
C ASN C 111 -17.58 4.93 25.77
N VAL C 112 -18.83 4.60 26.12
CA VAL C 112 -19.83 4.22 25.15
C VAL C 112 -20.13 5.32 24.16
N HIS C 113 -19.76 6.55 24.49
CA HIS C 113 -20.06 7.64 23.62
C HIS C 113 -19.06 7.80 22.55
N ALA C 114 -17.98 7.05 22.68
CA ALA C 114 -16.89 7.16 21.74
C ALA C 114 -16.98 5.98 20.80
N ARG C 115 -18.12 5.28 20.83
CA ARG C 115 -18.25 4.03 20.07
C ARG C 115 -19.40 4.04 19.05
N GLU C 116 -20.02 2.91 18.72
CA GLU C 116 -21.17 2.96 17.78
C GLU C 116 -22.35 3.76 18.33
N GLU C 117 -22.98 4.50 17.42
CA GLU C 117 -24.16 5.28 17.72
C GLU C 117 -25.11 4.54 18.67
N PHE C 118 -25.41 3.28 18.36
CA PHE C 118 -26.36 2.49 19.12
C PHE C 118 -25.97 2.25 20.57
N ARG C 119 -24.72 2.48 20.93
CA ARG C 119 -24.26 2.32 22.33
C ARG C 119 -24.52 3.56 23.18
N ARG C 120 -24.92 4.62 22.52
CA ARG C 120 -25.06 5.90 23.15
C ARG C 120 -26.45 6.01 23.79
N HIS C 121 -27.22 4.97 23.71
CA HIS C 121 -28.53 5.02 24.27
C HIS C 121 -28.68 3.84 25.20
N SER C 122 -29.31 4.11 26.34
CA SER C 122 -29.48 3.18 27.40
C SER C 122 -30.86 3.42 27.99
N TYR C 123 -31.58 2.32 28.22
CA TYR C 123 -32.89 2.35 28.87
C TYR C 123 -32.77 2.48 30.32
N LEU C 124 -31.54 2.35 30.82
CA LEU C 124 -31.35 2.28 32.27
C LEU C 124 -31.12 3.63 32.83
N SER C 125 -30.40 4.48 32.12
CA SER C 125 -29.98 5.74 32.74
C SER C 125 -31.16 6.62 33.11
N PRO C 126 -32.27 6.56 32.33
CA PRO C 126 -33.30 7.47 32.84
C PRO C 126 -33.75 7.08 34.21
N ILE C 127 -33.65 5.80 34.58
CA ILE C 127 -34.16 5.37 35.90
C ILE C 127 -33.09 5.19 36.96
N ALA C 128 -31.87 5.58 36.65
CA ALA C 128 -30.75 5.36 37.55
C ALA C 128 -30.52 6.63 38.32
N THR C 129 -29.84 6.56 39.45
CA THR C 129 -29.45 7.75 40.15
C THR C 129 -28.41 8.48 39.32
N GLY C 130 -27.41 7.73 38.90
CA GLY C 130 -26.38 8.22 38.06
C GLY C 130 -25.73 7.10 37.27
N VAL C 131 -24.70 7.51 36.53
CA VAL C 131 -24.09 6.72 35.48
C VAL C 131 -22.63 7.12 35.41
N ILE C 132 -21.76 6.14 35.42
CA ILE C 132 -20.34 6.38 35.33
C ILE C 132 -19.87 5.57 34.13
N VAL C 133 -19.25 6.26 33.20
CA VAL C 133 -19.03 5.72 31.85
C VAL C 133 -17.59 6.05 31.59
N GLY C 134 -16.80 5.08 31.15
CA GLY C 134 -15.48 5.38 30.56
C GLY C 134 -14.32 5.54 31.54
N LEU C 135 -14.54 5.20 32.80
CA LEU C 135 -13.48 5.37 33.76
C LEU C 135 -12.88 4.00 34.11
N GLY C 136 -13.18 3.01 33.28
CA GLY C 136 -12.60 1.73 33.45
C GLY C 136 -13.11 1.12 34.72
N ILE C 137 -12.32 0.19 35.24
CA ILE C 137 -12.68 -0.61 36.40
C ILE C 137 -12.94 0.27 37.61
N GLN C 138 -12.33 1.47 37.62
CA GLN C 138 -12.43 2.35 38.78
C GLN C 138 -13.84 2.97 38.93
N GLY C 139 -14.62 2.96 37.85
CA GLY C 139 -16.00 3.38 37.88
C GLY C 139 -16.78 2.62 38.95
N TYR C 140 -16.44 1.37 39.19
CA TYR C 140 -17.10 0.59 40.25
C TYR C 140 -16.71 1.11 41.64
N LEU C 141 -15.40 1.28 41.86
CA LEU C 141 -14.92 1.75 43.13
C LEU C 141 -15.37 3.19 43.39
N LEU C 142 -15.58 3.96 42.32
CA LEU C 142 -16.04 5.34 42.48
C LEU C 142 -17.52 5.34 42.82
N ALA C 143 -18.21 4.34 42.29
CA ALA C 143 -19.61 4.16 42.52
C ALA C 143 -19.84 3.71 43.96
N LEU C 144 -18.88 2.99 44.54
CA LEU C 144 -18.97 2.60 45.93
C LEU C 144 -18.77 3.80 46.79
N ARG C 145 -17.77 4.59 46.44
CA ARG C 145 -17.52 5.83 47.18
C ARG C 145 -18.74 6.73 47.20
N TYR C 146 -19.49 6.76 46.09
CA TYR C 146 -20.71 7.51 46.06
C TYR C 146 -21.69 7.01 47.12
N LEU C 147 -21.78 5.70 47.25
CA LEU C 147 -22.74 5.06 48.16
C LEU C 147 -22.38 5.15 49.65
N ALA C 148 -21.12 4.89 49.98
CA ALA C 148 -20.55 5.10 51.30
C ALA C 148 -20.73 6.53 51.77
N GLU C 149 -20.72 7.47 50.83
CA GLU C 149 -20.96 8.88 51.13
C GLU C 149 -22.42 9.32 51.22
N HIS C 150 -23.40 8.42 51.04
CA HIS C 150 -24.82 8.82 50.98
C HIS C 150 -25.78 8.08 51.87
N LEU D 10 2.02 18.77 -15.38
CA LEU D 10 1.51 18.55 -16.77
C LEU D 10 -0.06 18.44 -16.84
N ILE D 11 -0.64 17.26 -16.74
CA ILE D 11 -2.02 17.04 -17.21
C ILE D 11 -3.10 16.93 -16.15
N VAL D 12 -4.14 17.76 -16.26
CA VAL D 12 -5.32 17.73 -15.37
C VAL D 12 -6.54 17.34 -16.17
N ASN D 13 -7.31 16.39 -15.66
CA ASN D 13 -8.55 16.11 -16.31
C ASN D 13 -9.64 16.95 -15.68
N VAL D 14 -10.49 17.58 -16.51
CA VAL D 14 -11.68 18.25 -16.02
C VAL D 14 -12.91 17.61 -16.63
N ILE D 15 -13.70 17.02 -15.76
CA ILE D 15 -14.78 16.23 -16.17
C ILE D 15 -16.10 16.80 -15.63
N ASN D 16 -17.00 17.03 -16.58
CA ASN D 16 -18.33 17.50 -16.25
C ASN D 16 -19.42 16.45 -16.50
N GLY D 17 -20.32 16.28 -15.53
CA GLY D 17 -21.37 15.29 -15.65
C GLY D 17 -22.59 15.76 -16.41
N PRO D 18 -23.73 15.05 -16.24
CA PRO D 18 -24.98 15.30 -16.92
C PRO D 18 -25.44 16.76 -16.88
N ASN D 19 -25.93 17.25 -18.01
CA ASN D 19 -26.53 18.57 -18.18
C ASN D 19 -25.56 19.74 -18.33
N LEU D 20 -24.28 19.56 -17.99
CA LEU D 20 -23.32 20.66 -18.01
C LEU D 20 -23.02 21.06 -19.42
N GLY D 21 -23.35 20.18 -20.36
CA GLY D 21 -23.26 20.52 -21.78
C GLY D 21 -24.23 21.61 -22.12
N ARG D 22 -25.26 21.76 -21.32
CA ARG D 22 -26.23 22.82 -21.50
C ARG D 22 -26.00 24.11 -20.73
N LEU D 23 -24.82 24.23 -20.16
CA LEU D 23 -24.39 25.41 -19.49
C LEU D 23 -24.70 26.68 -20.28
N GLY D 24 -25.27 27.66 -19.61
CA GLY D 24 -25.55 28.94 -20.25
C GLY D 24 -26.58 28.88 -21.37
N ARG D 25 -27.33 27.79 -21.45
CA ARG D 25 -28.44 27.81 -22.38
C ARG D 25 -29.71 27.94 -21.57
N ARG D 26 -29.54 28.11 -20.26
CA ARG D 26 -30.66 28.15 -19.33
C ARG D 26 -30.32 28.87 -18.02
N GLU D 27 -31.35 29.48 -17.42
CA GLU D 27 -31.29 30.11 -16.12
C GLU D 27 -29.93 30.70 -15.86
N PRO D 28 -29.55 31.77 -16.58
CA PRO D 28 -28.25 32.28 -16.27
C PRO D 28 -28.42 32.82 -14.88
N ALA D 29 -27.38 33.35 -14.26
CA ALA D 29 -27.55 33.90 -12.92
C ALA D 29 -28.05 32.84 -11.89
N VAL D 30 -28.34 31.63 -12.35
CA VAL D 30 -28.12 30.45 -11.50
C VAL D 30 -26.78 29.84 -11.96
N TYR D 31 -26.29 30.17 -13.16
CA TYR D 31 -25.23 29.36 -13.76
C TYR D 31 -24.01 29.89 -14.56
N GLY D 32 -23.85 31.15 -14.96
CA GLY D 32 -24.86 32.02 -15.58
C GLY D 32 -24.77 31.92 -17.11
N GLY D 33 -24.10 32.89 -17.74
CA GLY D 33 -24.17 33.10 -19.21
C GLY D 33 -23.16 32.44 -20.17
N THR D 34 -22.07 31.91 -19.65
CA THR D 34 -21.08 31.19 -20.46
C THR D 34 -21.53 29.76 -20.92
N THR D 35 -21.27 29.42 -22.20
CA THR D 35 -21.60 28.11 -22.75
C THR D 35 -20.53 27.12 -22.35
N HIS D 36 -20.80 25.82 -22.49
CA HIS D 36 -19.81 24.83 -22.13
C HIS D 36 -18.53 24.95 -22.89
N ASP D 37 -18.65 25.15 -24.21
CA ASP D 37 -17.48 25.40 -25.10
C ASP D 37 -16.66 26.57 -24.68
N GLU D 38 -17.33 27.65 -24.27
CA GLU D 38 -16.58 28.81 -23.79
C GLU D 38 -15.85 28.37 -22.52
N LEU D 39 -16.57 27.73 -21.59
CA LEU D 39 -15.91 27.10 -20.42
C LEU D 39 -14.65 26.22 -20.79
N VAL D 40 -14.77 25.35 -21.79
CA VAL D 40 -13.61 24.58 -22.31
C VAL D 40 -12.40 25.48 -22.64
N ALA D 41 -12.61 26.53 -23.46
CA ALA D 41 -11.58 27.57 -23.75
C ALA D 41 -11.01 28.26 -22.51
N LEU D 42 -11.87 28.67 -21.60
CA LEU D 42 -11.45 29.33 -20.37
C LEU D 42 -10.47 28.51 -19.56
N ILE D 43 -10.76 27.21 -19.45
CA ILE D 43 -10.04 26.37 -18.58
C ILE D 43 -8.69 26.08 -19.20
N GLU D 44 -8.70 25.82 -20.51
CA GLU D 44 -7.50 25.42 -21.28
C GLU D 44 -6.48 26.54 -21.33
N ARG D 45 -6.95 27.76 -21.58
CA ARG D 45 -6.05 28.89 -21.65
C ARG D 45 -5.49 29.09 -20.26
N GLU D 46 -6.38 29.04 -19.29
CA GLU D 46 -6.02 29.28 -17.93
C GLU D 46 -4.97 28.29 -17.39
N ALA D 47 -5.13 27.01 -17.71
CA ALA D 47 -4.24 25.94 -17.26
C ALA D 47 -2.86 26.07 -17.90
N ALA D 48 -2.84 26.58 -19.13
CA ALA D 48 -1.62 26.83 -19.88
C ALA D 48 -0.80 27.98 -19.31
N GLU D 49 -1.44 29.11 -18.99
CA GLU D 49 -0.82 30.22 -18.21
C GLU D 49 -0.21 29.71 -16.89
N LEU D 50 -0.70 28.57 -16.39
CA LEU D 50 -0.17 28.03 -15.13
C LEU D 50 0.92 27.00 -15.41
N GLY D 51 1.00 26.55 -16.66
CA GLY D 51 2.05 25.64 -17.06
C GLY D 51 1.52 24.25 -16.94
N LEU D 52 0.20 24.08 -17.10
CA LEU D 52 -0.43 22.76 -17.02
C LEU D 52 -1.20 22.52 -18.29
N LYS D 53 -1.65 21.29 -18.48
CA LYS D 53 -2.37 20.89 -19.67
C LYS D 53 -3.71 20.25 -19.29
N ALA D 54 -4.77 21.01 -19.45
CA ALA D 54 -6.09 20.57 -19.08
C ALA D 54 -6.76 19.89 -20.26
N VAL D 55 -7.27 18.68 -20.02
CA VAL D 55 -8.23 17.97 -20.91
C VAL D 55 -9.67 18.08 -20.31
N VAL D 56 -10.56 18.73 -21.04
CA VAL D 56 -11.89 19.02 -20.56
C VAL D 56 -12.87 18.15 -21.33
N ARG D 57 -13.81 17.54 -20.61
CA ARG D 57 -14.80 16.63 -21.20
C ARG D 57 -16.13 16.68 -20.50
N GLN D 58 -17.20 16.61 -21.29
CA GLN D 58 -18.53 16.53 -20.76
C GLN D 58 -19.21 15.27 -21.28
N SER D 59 -20.07 14.67 -20.45
CA SER D 59 -20.92 13.57 -20.83
C SER D 59 -22.12 13.47 -19.91
N ASP D 60 -23.26 13.06 -20.48
CA ASP D 60 -24.46 12.81 -19.75
C ASP D 60 -24.53 11.33 -19.31
N SER D 61 -23.52 10.57 -19.72
CA SER D 61 -23.52 9.14 -19.53
C SER D 61 -22.61 8.72 -18.42
N GLU D 62 -23.22 8.28 -17.32
CA GLU D 62 -22.51 7.71 -16.20
C GLU D 62 -21.37 6.79 -16.59
N ALA D 63 -21.60 5.91 -17.54
CA ALA D 63 -20.61 4.92 -17.91
C ALA D 63 -19.35 5.52 -18.58
N GLN D 64 -19.55 6.55 -19.40
CA GLN D 64 -18.50 7.32 -19.98
C GLN D 64 -17.72 8.13 -18.92
N LEU D 65 -18.38 8.68 -17.90
CA LEU D 65 -17.63 9.36 -16.87
C LEU D 65 -16.79 8.38 -16.06
N LEU D 66 -17.33 7.18 -15.82
CA LEU D 66 -16.61 6.14 -15.09
C LEU D 66 -15.38 5.77 -15.88
N ASP D 67 -15.57 5.63 -17.17
CA ASP D 67 -14.49 5.26 -18.03
C ASP D 67 -13.39 6.32 -17.94
N TRP D 68 -13.77 7.60 -17.98
CA TRP D 68 -12.78 8.66 -17.88
C TRP D 68 -12.11 8.72 -16.54
N ILE D 69 -12.86 8.46 -15.48
CA ILE D 69 -12.30 8.46 -14.17
C ILE D 69 -11.27 7.33 -14.06
N HIS D 70 -11.58 6.13 -14.57
CA HIS D 70 -10.66 4.99 -14.48
C HIS D 70 -9.32 5.27 -15.12
N GLN D 71 -9.34 5.93 -16.28
CA GLN D 71 -8.09 6.21 -16.95
C GLN D 71 -7.31 7.27 -16.22
N ALA D 72 -8.00 8.19 -15.57
CA ALA D 72 -7.30 9.19 -14.78
C ALA D 72 -6.60 8.44 -13.65
N ALA D 73 -7.30 7.42 -13.14
CA ALA D 73 -6.81 6.66 -11.97
C ALA D 73 -5.58 5.89 -12.43
N ASP D 74 -5.68 5.30 -13.61
CA ASP D 74 -4.62 4.56 -14.21
C ASP D 74 -3.41 5.40 -14.63
N ALA D 75 -3.59 6.68 -14.90
CA ALA D 75 -2.52 7.56 -15.32
C ALA D 75 -2.01 8.41 -14.16
N ALA D 76 -2.52 8.13 -12.97
CA ALA D 76 -2.24 8.94 -11.79
C ALA D 76 -2.33 10.47 -12.07
N GLU D 77 -3.37 10.86 -12.79
CA GLU D 77 -3.63 12.25 -13.09
C GLU D 77 -4.76 12.81 -12.18
N PRO D 78 -4.65 14.08 -11.70
CA PRO D 78 -5.75 14.71 -10.90
C PRO D 78 -7.05 14.90 -11.69
N VAL D 79 -8.16 14.91 -10.97
CA VAL D 79 -9.40 15.15 -11.60
C VAL D 79 -10.04 16.33 -10.90
N ILE D 80 -10.51 17.28 -11.69
CA ILE D 80 -11.43 18.25 -11.21
C ILE D 80 -12.81 17.78 -11.72
N LEU D 81 -13.79 17.61 -10.81
CA LEU D 81 -15.03 16.94 -11.18
C LEU D 81 -16.28 17.73 -10.82
N ASN D 82 -17.11 17.96 -11.80
CA ASN D 82 -18.42 18.49 -11.55
C ASN D 82 -19.40 17.47 -12.06
N ALA D 83 -19.89 16.62 -11.17
CA ALA D 83 -20.63 15.47 -11.66
C ALA D 83 -22.08 15.81 -11.95
N GLY D 84 -22.45 17.07 -11.73
CA GLY D 84 -23.82 17.47 -12.00
C GLY D 84 -24.88 16.71 -11.19
N GLY D 85 -25.92 16.27 -11.87
CA GLY D 85 -26.93 15.43 -11.20
C GLY D 85 -26.40 14.23 -10.39
N LEU D 86 -25.36 13.58 -10.91
CA LEU D 86 -24.78 12.38 -10.31
C LEU D 86 -24.12 12.60 -8.93
N THR D 87 -23.75 13.85 -8.66
CA THR D 87 -23.17 14.20 -7.38
C THR D 87 -24.06 13.70 -6.26
N HIS D 88 -25.35 13.68 -6.50
CA HIS D 88 -26.26 13.45 -5.39
C HIS D 88 -26.78 12.05 -5.34
N THR D 89 -26.49 11.24 -6.36
CA THR D 89 -27.24 10.04 -6.52
C THR D 89 -26.39 8.84 -6.81
N SER D 90 -25.21 9.05 -7.36
CA SER D 90 -24.39 7.94 -7.83
C SER D 90 -23.34 7.36 -6.88
N VAL D 91 -23.56 6.12 -6.45
CA VAL D 91 -22.54 5.37 -5.72
C VAL D 91 -21.50 4.72 -6.66
N ALA D 92 -21.90 4.34 -7.88
CA ALA D 92 -20.93 3.87 -8.88
C ALA D 92 -19.80 4.91 -9.04
N LEU D 93 -20.16 6.20 -9.19
CA LEU D 93 -19.18 7.25 -9.41
C LEU D 93 -18.28 7.46 -8.23
N ARG D 94 -18.89 7.53 -7.04
CA ARG D 94 -18.15 7.60 -5.83
C ARG D 94 -17.10 6.52 -5.77
N ASP D 95 -17.45 5.31 -6.16
CA ASP D 95 -16.50 4.22 -6.03
C ASP D 95 -15.37 4.25 -7.06
N ALA D 96 -15.67 4.60 -8.31
CA ALA D 96 -14.62 4.91 -9.26
C ALA D 96 -13.73 5.99 -8.68
N CYS D 97 -14.29 7.01 -8.07
CA CYS D 97 -13.47 8.13 -7.59
C CYS D 97 -12.59 7.81 -6.39
N ALA D 98 -13.05 6.88 -5.55
CA ALA D 98 -12.31 6.52 -4.37
C ALA D 98 -10.90 6.13 -4.75
N GLU D 99 -10.76 5.63 -5.98
CA GLU D 99 -9.54 5.01 -6.48
C GLU D 99 -8.55 6.01 -7.10
N LEU D 100 -8.91 7.29 -7.12
CA LEU D 100 -7.93 8.26 -7.54
C LEU D 100 -7.04 8.47 -6.34
N SER D 101 -5.72 8.46 -6.56
CA SER D 101 -4.76 8.85 -5.52
C SER D 101 -4.17 10.22 -5.75
N ALA D 102 -4.01 10.63 -7.01
CA ALA D 102 -3.82 12.05 -7.30
C ALA D 102 -4.99 12.96 -6.75
N PRO D 103 -4.82 14.30 -6.74
CA PRO D 103 -5.94 15.05 -6.13
C PRO D 103 -7.28 15.00 -6.87
N LEU D 104 -8.37 14.99 -6.11
CA LEU D 104 -9.70 15.11 -6.68
C LEU D 104 -10.35 16.38 -6.10
N ILE D 105 -10.64 17.36 -6.94
CA ILE D 105 -11.40 18.53 -6.46
C ILE D 105 -12.79 18.44 -7.05
N GLU D 106 -13.80 18.55 -6.20
CA GLU D 106 -15.19 18.57 -6.64
C GLU D 106 -15.52 20.05 -6.90
N VAL D 107 -16.15 20.31 -8.04
CA VAL D 107 -16.73 21.62 -8.31
C VAL D 107 -18.26 21.67 -8.53
N HIS D 108 -18.84 22.75 -8.04
CA HIS D 108 -20.21 23.15 -8.40
C HIS D 108 -20.30 24.59 -8.74
N ILE D 109 -20.86 24.83 -9.89
CA ILE D 109 -20.98 26.18 -10.38
C ILE D 109 -21.83 26.99 -9.41
N SER D 110 -23.03 26.48 -9.08
CA SER D 110 -23.99 27.17 -8.19
C SER D 110 -23.74 26.88 -6.73
N ASN D 111 -24.42 27.63 -5.86
CA ASN D 111 -24.31 27.31 -4.48
C ASN D 111 -25.43 26.38 -4.18
N VAL D 112 -25.09 25.11 -4.06
CA VAL D 112 -26.06 24.05 -3.78
C VAL D 112 -26.75 24.15 -2.42
N HIS D 113 -26.13 24.84 -1.45
CA HIS D 113 -26.72 25.02 -0.13
C HIS D 113 -27.83 26.03 -0.09
N ALA D 114 -28.00 26.75 -1.20
CA ALA D 114 -28.95 27.82 -1.33
C ALA D 114 -30.22 27.33 -2.05
N ARG D 115 -30.27 26.04 -2.35
CA ARG D 115 -31.29 25.48 -3.22
C ARG D 115 -31.94 24.32 -2.49
N GLU D 116 -32.61 23.44 -3.24
CA GLU D 116 -33.36 22.32 -2.65
C GLU D 116 -32.50 21.41 -1.76
N GLU D 117 -33.07 21.00 -0.64
CA GLU D 117 -32.38 20.17 0.32
C GLU D 117 -31.60 19.00 -0.26
N PHE D 118 -32.17 18.28 -1.24
CA PHE D 118 -31.52 17.07 -1.79
C PHE D 118 -30.18 17.37 -2.44
N ARG D 119 -29.99 18.60 -2.85
CA ARG D 119 -28.76 19.00 -3.48
C ARG D 119 -27.65 19.20 -2.48
N ARG D 120 -27.96 19.14 -1.19
CA ARG D 120 -26.91 19.50 -0.28
C ARG D 120 -26.14 18.31 0.20
N HIS D 121 -26.49 17.15 -0.29
CA HIS D 121 -25.71 15.98 0.04
C HIS D 121 -24.99 15.48 -1.16
N SER D 122 -23.72 15.19 -0.99
CA SER D 122 -22.95 14.70 -2.08
C SER D 122 -22.30 13.40 -1.71
N TYR D 123 -22.43 12.38 -2.56
CA TYR D 123 -21.71 11.12 -2.34
C TYR D 123 -20.23 11.29 -2.59
N LEU D 124 -19.85 12.38 -3.27
CA LEU D 124 -18.42 12.58 -3.64
C LEU D 124 -17.61 13.42 -2.66
N SER D 125 -18.22 14.40 -2.01
CA SER D 125 -17.45 15.23 -1.10
C SER D 125 -16.50 14.42 -0.18
N PRO D 126 -17.03 13.46 0.60
CA PRO D 126 -16.15 12.63 1.46
C PRO D 126 -14.91 12.02 0.83
N ILE D 127 -14.93 11.63 -0.42
CA ILE D 127 -13.71 11.01 -0.91
C ILE D 127 -12.86 11.97 -1.76
N ALA D 128 -13.24 13.24 -1.76
CA ALA D 128 -12.60 14.29 -2.51
C ALA D 128 -11.53 14.99 -1.65
N THR D 129 -10.57 15.68 -2.28
CA THR D 129 -9.57 16.38 -1.51
C THR D 129 -10.25 17.63 -0.93
N GLY D 130 -11.11 18.22 -1.72
CA GLY D 130 -11.72 19.49 -1.39
C GLY D 130 -12.79 19.79 -2.40
N VAL D 131 -13.57 20.80 -2.06
CA VAL D 131 -14.81 21.06 -2.72
C VAL D 131 -14.94 22.57 -2.89
N ILE D 132 -15.42 22.99 -4.05
CA ILE D 132 -15.59 24.41 -4.31
C ILE D 132 -16.99 24.54 -4.91
N VAL D 133 -17.72 25.50 -4.33
CA VAL D 133 -19.15 25.60 -4.52
C VAL D 133 -19.61 27.07 -4.60
N GLY D 134 -20.31 27.44 -5.66
CA GLY D 134 -20.95 28.74 -5.74
C GLY D 134 -20.07 29.85 -6.25
N LEU D 135 -18.90 29.52 -6.75
CA LEU D 135 -17.96 30.51 -7.27
C LEU D 135 -18.07 30.62 -8.78
N GLY D 136 -19.18 30.10 -9.32
CA GLY D 136 -19.44 30.02 -10.76
C GLY D 136 -18.36 29.26 -11.51
N ILE D 137 -18.24 29.56 -12.80
CA ILE D 137 -17.23 29.08 -13.75
C ILE D 137 -15.84 29.21 -13.16
N GLN D 138 -15.65 30.23 -12.36
CA GLN D 138 -14.33 30.41 -11.81
C GLN D 138 -13.92 29.29 -10.81
N GLY D 139 -14.90 28.51 -10.34
CA GLY D 139 -14.63 27.40 -9.42
C GLY D 139 -13.60 26.47 -10.02
N TYR D 140 -13.77 26.13 -11.30
CA TYR D 140 -12.81 25.32 -12.03
C TYR D 140 -11.44 25.96 -12.04
N LEU D 141 -11.38 27.29 -12.17
CA LEU D 141 -10.09 27.99 -12.36
C LEU D 141 -9.29 28.02 -11.08
N LEU D 142 -9.98 28.16 -9.96
CA LEU D 142 -9.33 28.19 -8.67
C LEU D 142 -8.93 26.78 -8.31
N ALA D 143 -9.67 25.76 -8.76
CA ALA D 143 -9.19 24.35 -8.57
C ALA D 143 -7.83 24.09 -9.26
N LEU D 144 -7.73 24.52 -10.54
CA LEU D 144 -6.47 24.52 -11.31
C LEU D 144 -5.38 25.21 -10.57
N ARG D 145 -5.64 26.39 -10.04
CA ARG D 145 -4.63 27.08 -9.33
C ARG D 145 -4.20 26.31 -8.08
N TYR D 146 -5.13 25.58 -7.44
CA TYR D 146 -4.73 24.72 -6.30
C TYR D 146 -3.69 23.66 -6.71
N LEU D 147 -3.98 22.91 -7.78
CA LEU D 147 -3.02 21.97 -8.33
C LEU D 147 -1.70 22.66 -8.68
N ALA D 148 -1.78 23.85 -9.24
CA ALA D 148 -0.60 24.50 -9.77
C ALA D 148 0.35 24.88 -8.64
N GLU D 149 -0.20 25.52 -7.61
CA GLU D 149 0.51 25.78 -6.38
C GLU D 149 1.04 24.55 -5.65
N HIS D 150 0.54 23.35 -5.95
CA HIS D 150 1.09 22.16 -5.29
C HIS D 150 1.87 21.24 -6.20
N VAL D 151 2.39 21.79 -7.28
CA VAL D 151 3.30 21.04 -8.16
C VAL D 151 4.65 20.91 -7.43
N GLY D 152 5.07 19.68 -7.14
CA GLY D 152 6.29 19.38 -6.36
C GLY D 152 7.66 19.51 -7.04
N LEU E 10 -61.81 -26.49 26.28
CA LEU E 10 -60.55 -25.70 26.02
C LEU E 10 -59.64 -25.51 27.27
N ILE E 11 -58.41 -26.01 27.17
CA ILE E 11 -57.30 -25.46 27.92
C ILE E 11 -56.88 -24.13 27.28
N VAL E 12 -56.86 -23.08 28.09
CA VAL E 12 -56.28 -21.83 27.71
C VAL E 12 -55.01 -21.59 28.53
N ASN E 13 -53.91 -21.29 27.85
CA ASN E 13 -52.66 -20.88 28.51
C ASN E 13 -52.55 -19.37 28.71
N VAL E 14 -52.56 -18.95 29.98
CA VAL E 14 -52.36 -17.54 30.30
C VAL E 14 -50.89 -17.41 30.67
N ILE E 15 -50.11 -16.70 29.86
CA ILE E 15 -48.68 -16.64 30.06
C ILE E 15 -48.28 -15.22 30.52
N ASN E 16 -47.58 -15.11 31.63
CA ASN E 16 -47.04 -13.81 32.05
C ASN E 16 -45.52 -13.75 31.96
N GLY E 17 -45.01 -12.66 31.41
CA GLY E 17 -43.59 -12.45 31.22
C GLY E 17 -42.93 -11.66 32.33
N PRO E 18 -41.76 -11.10 32.07
CA PRO E 18 -40.89 -10.59 33.12
C PRO E 18 -41.50 -9.53 34.05
N ASN E 19 -41.15 -9.63 35.33
CA ASN E 19 -41.61 -8.72 36.39
C ASN E 19 -43.04 -8.94 36.86
N LEU E 20 -43.78 -9.83 36.21
CA LEU E 20 -45.15 -10.02 36.58
C LEU E 20 -45.32 -10.83 37.87
N GLY E 21 -44.34 -11.68 38.17
CA GLY E 21 -44.19 -12.28 39.47
C GLY E 21 -44.22 -11.29 40.60
N ARG E 22 -43.84 -10.03 40.34
CA ARG E 22 -43.85 -8.95 41.33
C ARG E 22 -45.19 -8.19 41.47
N LEU E 23 -46.24 -8.66 40.78
CA LEU E 23 -47.58 -8.03 40.85
C LEU E 23 -47.97 -7.90 42.28
N GLY E 24 -48.68 -6.82 42.57
CA GLY E 24 -49.10 -6.55 43.92
C GLY E 24 -47.93 -5.98 44.67
N ARG E 25 -46.91 -6.80 44.92
CA ARG E 25 -45.87 -6.38 45.84
C ARG E 25 -45.62 -4.88 45.69
N ARG E 26 -45.19 -4.45 44.52
CA ARG E 26 -44.87 -3.03 44.31
C ARG E 26 -45.01 -2.64 42.83
N GLU E 27 -45.90 -1.69 42.47
CA GLU E 27 -46.66 -0.78 43.35
C GLU E 27 -47.78 -0.06 42.55
N PRO E 28 -49.00 0.09 43.17
CA PRO E 28 -50.29 -0.15 42.54
C PRO E 28 -51.11 0.96 41.87
N ALA E 29 -50.60 2.18 41.72
CA ALA E 29 -51.36 3.22 40.96
C ALA E 29 -51.48 2.79 39.48
N VAL E 30 -50.35 2.31 38.96
CA VAL E 30 -50.27 1.51 37.74
C VAL E 30 -50.10 0.10 38.32
N TYR E 31 -50.90 -0.86 37.84
CA TYR E 31 -50.79 -2.31 38.18
C TYR E 31 -51.70 -2.90 39.30
N GLY E 32 -52.15 -2.07 40.25
CA GLY E 32 -53.08 -2.53 41.34
C GLY E 32 -52.49 -3.25 42.55
N GLY E 33 -53.36 -3.68 43.49
CA GLY E 33 -52.98 -4.33 44.77
C GLY E 33 -52.89 -5.86 44.78
N THR E 34 -53.31 -6.51 43.69
CA THR E 34 -53.38 -7.97 43.54
C THR E 34 -52.03 -8.69 43.28
N THR E 35 -51.70 -9.68 44.09
CA THR E 35 -50.44 -10.45 43.90
C THR E 35 -50.55 -11.47 42.77
N HIS E 36 -49.41 -12.06 42.33
CA HIS E 36 -49.47 -12.97 41.18
C HIS E 36 -50.28 -14.19 41.45
N ASP E 37 -50.21 -14.66 42.69
CA ASP E 37 -51.01 -15.81 43.11
C ASP E 37 -52.51 -15.51 43.22
N GLU E 38 -52.87 -14.38 43.79
CA GLU E 38 -54.28 -13.96 43.81
C GLU E 38 -54.85 -14.00 42.40
N LEU E 39 -54.05 -13.54 41.44
CA LEU E 39 -54.42 -13.51 40.02
C LEU E 39 -54.57 -14.90 39.40
N VAL E 40 -53.61 -15.80 39.64
CA VAL E 40 -53.81 -17.20 39.27
C VAL E 40 -55.18 -17.68 39.77
N ALA E 41 -55.44 -17.55 41.07
CA ALA E 41 -56.73 -18.00 41.64
C ALA E 41 -57.90 -17.41 40.87
N LEU E 42 -57.92 -16.07 40.76
CA LEU E 42 -58.90 -15.34 39.93
C LEU E 42 -59.05 -15.79 38.47
N ILE E 43 -57.94 -15.90 37.74
CA ILE E 43 -58.08 -16.40 36.37
C ILE E 43 -58.67 -17.84 36.38
N GLU E 44 -58.23 -18.67 37.34
CA GLU E 44 -58.75 -20.04 37.42
C GLU E 44 -60.26 -20.16 37.64
N ARG E 45 -60.78 -19.40 38.60
CA ARG E 45 -62.21 -19.45 38.91
C ARG E 45 -63.03 -19.02 37.72
N GLU E 46 -62.69 -17.87 37.13
CA GLU E 46 -63.46 -17.34 36.02
C GLU E 46 -63.40 -18.27 34.81
N ALA E 47 -62.23 -18.84 34.56
CA ALA E 47 -62.08 -19.83 33.48
C ALA E 47 -63.00 -21.01 33.73
N ALA E 48 -63.04 -21.47 34.98
CA ALA E 48 -63.87 -22.59 35.32
C ALA E 48 -65.32 -22.18 35.07
N GLU E 49 -65.73 -21.07 35.68
CA GLU E 49 -67.10 -20.62 35.56
C GLU E 49 -67.54 -20.30 34.14
N LEU E 50 -66.61 -20.41 33.19
CA LEU E 50 -66.91 -20.28 31.78
C LEU E 50 -66.82 -21.62 31.07
N GLY E 51 -66.43 -22.65 31.81
CA GLY E 51 -66.23 -23.98 31.26
C GLY E 51 -64.86 -24.25 30.63
N LEU E 52 -63.82 -23.50 31.02
CA LEU E 52 -62.47 -23.73 30.45
C LEU E 52 -61.49 -24.07 31.54
N LYS E 53 -60.38 -24.72 31.18
CA LYS E 53 -59.27 -24.94 32.11
C LYS E 53 -58.16 -23.94 31.82
N ALA E 54 -57.87 -23.07 32.78
CA ALA E 54 -56.80 -22.09 32.61
C ALA E 54 -55.48 -22.56 33.18
N VAL E 55 -54.52 -22.87 32.31
CA VAL E 55 -53.16 -23.01 32.79
C VAL E 55 -52.48 -21.64 32.84
N VAL E 56 -52.15 -21.18 34.04
CA VAL E 56 -51.50 -19.87 34.24
C VAL E 56 -50.08 -19.97 34.80
N ARG E 57 -49.05 -19.54 34.01
CA ARG E 57 -47.62 -19.57 34.40
C ARG E 57 -46.87 -18.29 34.19
N GLN E 58 -45.91 -17.99 35.05
CA GLN E 58 -45.08 -16.78 34.89
C GLN E 58 -43.62 -17.14 34.78
N SER E 59 -42.90 -16.42 33.91
CA SER E 59 -41.43 -16.51 33.87
C SER E 59 -40.74 -15.20 33.43
N ASP E 60 -39.64 -14.86 34.12
CA ASP E 60 -38.72 -13.79 33.75
C ASP E 60 -37.80 -14.21 32.58
N SER E 61 -37.98 -15.44 32.09
CA SER E 61 -37.06 -16.03 31.13
C SER E 61 -37.67 -16.18 29.76
N GLU E 62 -37.13 -15.44 28.77
CA GLU E 62 -37.57 -15.56 27.40
C GLU E 62 -37.64 -17.04 26.96
N ALA E 63 -36.55 -17.78 27.20
CA ALA E 63 -36.46 -19.16 26.69
C ALA E 63 -37.57 -19.98 27.25
N GLN E 64 -37.84 -19.75 28.55
CA GLN E 64 -38.95 -20.41 29.20
C GLN E 64 -40.28 -20.00 28.57
N LEU E 65 -40.45 -18.69 28.29
CA LEU E 65 -41.64 -18.22 27.60
C LEU E 65 -41.81 -18.87 26.25
N LEU E 66 -40.76 -19.00 25.45
CA LEU E 66 -40.95 -19.61 24.14
C LEU E 66 -41.24 -21.09 24.21
N ASP E 67 -40.71 -21.75 25.24
CA ASP E 67 -40.92 -23.16 25.46
C ASP E 67 -42.40 -23.39 25.67
N TRP E 68 -43.02 -22.50 26.43
CA TRP E 68 -44.46 -22.59 26.66
C TRP E 68 -45.32 -22.29 25.43
N ILE E 69 -44.88 -21.32 24.60
CA ILE E 69 -45.63 -20.92 23.36
C ILE E 69 -45.59 -22.07 22.39
N HIS E 70 -44.42 -22.70 22.30
CA HIS E 70 -44.22 -23.79 21.36
C HIS E 70 -45.13 -24.91 21.68
N GLN E 71 -45.20 -25.24 22.97
CA GLN E 71 -46.07 -26.29 23.48
C GLN E 71 -47.50 -25.99 23.20
N ALA E 72 -47.88 -24.73 23.38
CA ALA E 72 -49.22 -24.29 23.08
C ALA E 72 -49.47 -24.44 21.58
N ALA E 73 -48.47 -24.10 20.78
CA ALA E 73 -48.58 -24.26 19.35
C ALA E 73 -48.75 -25.76 18.98
N ASP E 74 -48.00 -26.67 19.63
CA ASP E 74 -48.19 -28.11 19.39
C ASP E 74 -49.62 -28.53 19.68
N ALA E 75 -50.09 -28.31 20.90
CA ALA E 75 -51.42 -28.72 21.33
C ALA E 75 -52.58 -27.93 20.66
N ALA E 76 -52.24 -26.95 19.80
CA ALA E 76 -53.20 -26.03 19.21
C ALA E 76 -54.13 -25.40 20.25
N GLU E 77 -53.55 -24.88 21.33
CA GLU E 77 -54.31 -24.22 22.42
C GLU E 77 -54.15 -22.71 22.31
N PRO E 78 -55.15 -21.94 22.80
CA PRO E 78 -55.04 -20.49 22.72
C PRO E 78 -54.13 -19.88 23.81
N VAL E 79 -53.62 -18.68 23.57
CA VAL E 79 -52.70 -18.11 24.48
C VAL E 79 -53.13 -16.70 24.76
N ILE E 80 -53.16 -16.38 26.04
CA ILE E 80 -53.28 -15.02 26.47
C ILE E 80 -51.91 -14.68 27.06
N LEU E 81 -51.33 -13.60 26.54
CA LEU E 81 -49.95 -13.27 26.79
C LEU E 81 -49.76 -11.90 27.31
N ASN E 82 -49.15 -11.78 28.47
CA ASN E 82 -48.67 -10.47 28.94
C ASN E 82 -47.15 -10.59 29.06
N ALA E 83 -46.44 -10.17 28.03
CA ALA E 83 -45.03 -10.44 27.91
C ALA E 83 -44.23 -9.43 28.70
N GLY E 84 -44.90 -8.58 29.47
CA GLY E 84 -44.24 -7.42 30.06
C GLY E 84 -43.37 -6.62 29.08
N GLY E 85 -42.17 -6.24 29.53
CA GLY E 85 -41.19 -5.52 28.70
C GLY E 85 -40.81 -6.19 27.37
N LEU E 86 -40.81 -7.51 27.33
CA LEU E 86 -40.53 -8.21 26.09
C LEU E 86 -41.52 -7.88 24.94
N THR E 87 -42.74 -7.41 25.25
CA THR E 87 -43.66 -6.89 24.23
C THR E 87 -42.96 -5.87 23.29
N HIS E 88 -42.05 -5.10 23.89
CA HIS E 88 -41.52 -3.97 23.20
C HIS E 88 -40.26 -4.24 22.45
N THR E 89 -39.69 -5.43 22.64
CA THR E 89 -38.30 -5.68 22.26
C THR E 89 -38.04 -7.02 21.55
N SER E 90 -38.94 -7.99 21.72
CA SER E 90 -38.63 -9.36 21.30
C SER E 90 -39.23 -9.94 19.97
N VAL E 91 -38.38 -10.05 18.94
CA VAL E 91 -38.80 -10.63 17.69
C VAL E 91 -38.96 -12.13 17.87
N ALA E 92 -38.11 -12.71 18.72
CA ALA E 92 -38.15 -14.14 19.02
C ALA E 92 -39.49 -14.51 19.60
N LEU E 93 -39.93 -13.75 20.58
CA LEU E 93 -41.27 -13.92 21.11
C LEU E 93 -42.34 -13.81 20.02
N ARG E 94 -42.19 -12.80 19.16
CA ARG E 94 -43.10 -12.62 18.05
C ARG E 94 -43.09 -13.85 17.11
N ASP E 95 -41.92 -14.26 16.66
CA ASP E 95 -41.85 -15.45 15.83
C ASP E 95 -42.43 -16.71 16.49
N ALA E 96 -42.35 -16.82 17.81
CA ALA E 96 -42.85 -18.00 18.50
C ALA E 96 -44.36 -17.97 18.43
N CYS E 97 -44.94 -16.80 18.65
CA CYS E 97 -46.40 -16.67 18.64
C CYS E 97 -46.97 -16.78 17.27
N ALA E 98 -46.15 -16.47 16.28
CA ALA E 98 -46.62 -16.41 14.92
C ALA E 98 -47.12 -17.77 14.41
N GLU E 99 -46.77 -18.88 15.05
CA GLU E 99 -47.28 -20.20 14.63
C GLU E 99 -48.44 -20.71 15.50
N LEU E 100 -49.01 -19.88 16.37
CA LEU E 100 -50.22 -20.32 17.03
C LEU E 100 -51.35 -20.30 16.00
N SER E 101 -52.10 -21.40 15.97
CA SER E 101 -53.38 -21.53 15.24
C SER E 101 -54.59 -21.09 16.06
N ALA E 102 -54.62 -21.41 17.34
CA ALA E 102 -55.70 -20.85 18.15
C ALA E 102 -55.42 -19.34 18.39
N PRO E 103 -56.42 -18.60 18.86
CA PRO E 103 -56.20 -17.20 19.14
C PRO E 103 -55.06 -16.88 20.12
N LEU E 104 -54.55 -15.65 20.00
CA LEU E 104 -53.56 -15.06 20.85
C LEU E 104 -54.13 -13.71 21.26
N ILE E 105 -54.32 -13.50 22.56
CA ILE E 105 -54.74 -12.20 22.99
C ILE E 105 -53.58 -11.65 23.75
N GLU E 106 -53.15 -10.45 23.36
CA GLU E 106 -52.16 -9.68 24.08
C GLU E 106 -52.86 -8.82 25.13
N VAL E 107 -52.37 -8.83 26.36
CA VAL E 107 -52.96 -8.11 27.46
C VAL E 107 -51.92 -7.27 28.18
N HIS E 108 -52.25 -6.00 28.42
CA HIS E 108 -51.45 -5.20 29.34
C HIS E 108 -52.36 -4.63 30.37
N ILE E 109 -51.90 -4.75 31.60
CA ILE E 109 -52.62 -4.30 32.76
C ILE E 109 -52.66 -2.76 32.77
N SER E 110 -51.48 -2.13 32.62
CA SER E 110 -51.37 -0.70 32.46
C SER E 110 -51.76 -0.29 31.05
N ASN E 111 -52.08 0.98 30.88
CA ASN E 111 -52.37 1.53 29.55
C ASN E 111 -51.04 1.98 29.02
N VAL E 112 -50.48 1.20 28.12
CA VAL E 112 -49.12 1.44 27.59
C VAL E 112 -49.02 2.73 26.74
N HIS E 113 -50.17 3.21 26.24
CA HIS E 113 -50.15 4.44 25.47
C HIS E 113 -50.02 5.67 26.26
N ALA E 114 -50.18 5.53 27.57
CA ALA E 114 -50.18 6.70 28.45
C ALA E 114 -48.87 6.83 29.18
N ARG E 115 -47.81 6.21 28.67
CA ARG E 115 -46.50 6.28 29.32
C ARG E 115 -45.37 6.58 28.28
N GLU E 116 -44.13 6.12 28.55
CA GLU E 116 -42.99 6.43 27.69
C GLU E 116 -43.33 6.12 26.25
N GLU E 117 -42.84 6.93 25.34
CA GLU E 117 -43.07 6.72 23.92
C GLU E 117 -42.71 5.28 23.48
N PHE E 118 -41.61 4.73 23.99
CA PHE E 118 -41.15 3.38 23.58
C PHE E 118 -42.19 2.27 23.81
N ARG E 119 -43.03 2.42 24.85
CA ARG E 119 -44.05 1.42 25.16
C ARG E 119 -45.14 1.34 24.11
N ARG E 120 -45.28 2.38 23.31
CA ARG E 120 -46.35 2.37 22.34
C ARG E 120 -46.04 1.48 21.16
N HIS E 121 -44.95 0.73 21.22
CA HIS E 121 -44.69 -0.22 20.15
C HIS E 121 -44.60 -1.64 20.60
N SER E 122 -45.21 -2.53 19.83
CA SER E 122 -45.32 -3.89 20.22
C SER E 122 -44.97 -4.74 19.05
N TYR E 123 -44.08 -5.69 19.24
CA TYR E 123 -43.78 -6.57 18.16
C TYR E 123 -44.90 -7.54 18.07
N LEU E 124 -45.69 -7.62 19.13
CA LEU E 124 -46.75 -8.65 19.18
C LEU E 124 -48.07 -8.26 18.54
N SER E 125 -48.52 -7.03 18.77
CA SER E 125 -49.84 -6.67 18.35
C SER E 125 -50.16 -7.06 16.91
N PRO E 126 -49.17 -6.96 15.98
CA PRO E 126 -49.48 -7.30 14.60
C PRO E 126 -49.85 -8.77 14.35
N ILE E 127 -49.47 -9.67 15.25
CA ILE E 127 -49.75 -11.07 14.98
C ILE E 127 -50.76 -11.66 15.95
N ALA E 128 -51.14 -10.91 16.99
CA ALA E 128 -52.27 -11.26 17.85
C ALA E 128 -53.56 -11.19 17.05
N THR E 129 -54.62 -11.83 17.52
CA THR E 129 -55.95 -11.53 16.99
C THR E 129 -56.41 -10.17 17.56
N GLY E 130 -56.24 -9.97 18.85
CA GLY E 130 -56.66 -8.69 19.41
C GLY E 130 -55.79 -8.39 20.60
N VAL E 131 -56.00 -7.20 21.19
CA VAL E 131 -55.18 -6.70 22.29
C VAL E 131 -56.04 -5.94 23.31
N ILE E 132 -55.75 -6.15 24.59
CA ILE E 132 -56.46 -5.51 25.65
C ILE E 132 -55.48 -4.80 26.60
N VAL E 133 -55.59 -3.49 26.65
CA VAL E 133 -54.66 -2.67 27.36
C VAL E 133 -55.36 -1.71 28.32
N GLY E 134 -54.89 -1.71 29.56
CA GLY E 134 -55.25 -0.71 30.55
C GLY E 134 -56.57 -0.93 31.25
N LEU E 135 -57.09 -2.16 31.25
CA LEU E 135 -58.32 -2.47 31.97
C LEU E 135 -58.00 -3.19 33.32
N GLY E 136 -56.72 -3.36 33.60
CA GLY E 136 -56.28 -4.03 34.81
C GLY E 136 -56.34 -5.53 34.73
N ILE E 137 -56.40 -6.11 35.92
CA ILE E 137 -56.51 -7.53 36.14
C ILE E 137 -57.68 -8.09 35.31
N GLN E 138 -58.74 -7.30 35.21
CA GLN E 138 -59.93 -7.70 34.45
C GLN E 138 -59.62 -7.96 33.00
N GLY E 139 -58.57 -7.31 32.49
CA GLY E 139 -58.01 -7.62 31.19
C GLY E 139 -57.89 -9.09 30.87
N TYR E 140 -57.34 -9.90 31.77
CA TYR E 140 -57.31 -11.36 31.59
C TYR E 140 -58.67 -12.03 31.49
N LEU E 141 -59.65 -11.53 32.24
CA LEU E 141 -60.97 -12.17 32.29
C LEU E 141 -61.73 -11.92 31.02
N LEU E 142 -61.64 -10.68 30.53
CA LEU E 142 -62.28 -10.31 29.28
C LEU E 142 -61.71 -11.15 28.12
N ALA E 143 -60.39 -11.40 28.13
CA ALA E 143 -59.80 -12.24 27.11
C ALA E 143 -60.35 -13.66 27.25
N LEU E 144 -60.44 -14.15 28.50
CA LEU E 144 -61.09 -15.43 28.77
C LEU E 144 -62.51 -15.52 28.25
N ARG E 145 -63.25 -14.44 28.43
CA ARG E 145 -64.59 -14.36 27.89
C ARG E 145 -64.64 -14.33 26.36
N TYR E 146 -63.68 -13.67 25.73
CA TYR E 146 -63.60 -13.71 24.28
C TYR E 146 -63.48 -15.16 23.80
N LEU E 147 -62.55 -15.88 24.42
CA LEU E 147 -62.24 -17.26 24.04
C LEU E 147 -63.47 -18.13 24.19
N ALA E 148 -64.12 -18.02 25.36
CA ALA E 148 -65.41 -18.70 25.57
C ALA E 148 -66.40 -18.49 24.40
N GLU E 149 -66.67 -17.24 24.02
CA GLU E 149 -67.54 -17.00 22.85
C GLU E 149 -66.91 -17.31 21.52
N HIS E 150 -65.62 -16.95 21.41
CA HIS E 150 -64.79 -16.97 20.19
C HIS E 150 -64.76 -15.60 19.51
N LEU F 10 -28.06 -25.90 -19.82
CA LEU F 10 -28.33 -25.33 -18.45
C LEU F 10 -27.39 -24.15 -18.15
N ILE F 11 -27.90 -22.98 -18.45
CA ILE F 11 -27.06 -21.81 -18.55
C ILE F 11 -27.31 -20.86 -17.40
N VAL F 12 -26.20 -20.33 -16.86
CA VAL F 12 -26.22 -19.42 -15.70
C VAL F 12 -25.63 -18.09 -16.16
N ASN F 13 -26.40 -17.04 -16.07
CA ASN F 13 -25.87 -15.72 -16.38
C ASN F 13 -25.16 -15.06 -15.18
N VAL F 14 -23.88 -14.69 -15.35
CA VAL F 14 -23.19 -14.00 -14.24
C VAL F 14 -22.94 -12.56 -14.68
N ILE F 15 -23.62 -11.62 -14.05
CA ILE F 15 -23.61 -10.22 -14.46
C ILE F 15 -23.00 -9.34 -13.41
N ASN F 16 -21.89 -8.70 -13.76
CA ASN F 16 -21.25 -7.72 -12.88
C ASN F 16 -21.45 -6.31 -13.35
N GLY F 17 -21.72 -5.39 -12.41
CA GLY F 17 -21.99 -3.99 -12.75
C GLY F 17 -20.78 -3.08 -12.60
N PRO F 18 -21.01 -1.77 -12.47
CA PRO F 18 -19.99 -0.74 -12.49
C PRO F 18 -18.79 -0.99 -11.58
N ASN F 19 -17.59 -0.70 -12.10
CA ASN F 19 -16.32 -0.75 -11.34
C ASN F 19 -15.76 -2.12 -11.19
N LEU F 20 -16.56 -3.11 -11.56
CA LEU F 20 -16.16 -4.47 -11.28
C LEU F 20 -15.14 -4.98 -12.31
N GLY F 21 -15.02 -4.29 -13.45
CA GLY F 21 -13.91 -4.46 -14.38
C GLY F 21 -12.54 -4.14 -13.80
N ARG F 22 -12.52 -3.38 -12.70
CA ARG F 22 -11.31 -2.97 -12.01
C ARG F 22 -10.89 -3.94 -10.92
N LEU F 23 -11.52 -5.10 -10.84
CA LEU F 23 -11.21 -6.06 -9.80
C LEU F 23 -9.74 -6.38 -9.76
N GLY F 24 -9.20 -6.52 -8.54
CA GLY F 24 -7.82 -6.97 -8.32
C GLY F 24 -6.74 -6.02 -8.81
N ARG F 25 -7.12 -5.08 -9.68
CA ARG F 25 -6.22 -4.04 -10.15
C ARG F 25 -6.34 -2.86 -9.20
N ARG F 26 -6.74 -3.17 -7.96
CA ARG F 26 -7.17 -2.17 -7.00
C ARG F 26 -7.64 -2.84 -5.69
N GLU F 27 -7.20 -2.26 -4.55
CA GLU F 27 -7.44 -2.79 -3.21
C GLU F 27 -7.33 -4.32 -3.15
N PRO F 28 -6.09 -4.89 -3.17
CA PRO F 28 -6.04 -6.35 -2.98
C PRO F 28 -6.67 -6.84 -1.67
N ALA F 29 -7.16 -5.91 -0.83
CA ALA F 29 -7.66 -6.20 0.52
C ALA F 29 -9.18 -6.14 0.74
N VAL F 30 -9.88 -5.28 -0.03
CA VAL F 30 -11.36 -5.19 0.05
C VAL F 30 -12.05 -6.17 -0.92
N TYR F 31 -11.35 -6.58 -1.97
CA TYR F 31 -11.97 -7.33 -3.06
C TYR F 31 -11.14 -8.54 -3.53
N GLY F 32 -10.00 -8.77 -2.88
CA GLY F 32 -9.09 -9.84 -3.24
C GLY F 32 -8.14 -9.38 -4.32
N GLY F 33 -7.15 -10.24 -4.61
CA GLY F 33 -6.16 -9.98 -5.66
C GLY F 33 -6.56 -10.39 -7.08
N THR F 34 -7.63 -11.18 -7.23
CA THR F 34 -8.02 -11.74 -8.53
C THR F 34 -8.66 -10.75 -9.51
N THR F 35 -8.16 -10.67 -10.74
CA THR F 35 -8.70 -9.76 -11.76
C THR F 35 -10.03 -10.25 -12.33
N HIS F 36 -10.67 -9.44 -13.19
CA HIS F 36 -11.92 -9.86 -13.77
C HIS F 36 -11.74 -11.03 -14.69
N ASP F 37 -10.64 -11.02 -15.43
CA ASP F 37 -10.31 -12.11 -16.32
C ASP F 37 -10.07 -13.42 -15.60
N GLU F 38 -9.37 -13.37 -14.48
CA GLU F 38 -9.11 -14.59 -13.74
C GLU F 38 -10.43 -15.07 -13.15
N LEU F 39 -11.29 -14.14 -12.71
CA LEU F 39 -12.65 -14.49 -12.25
C LEU F 39 -13.53 -15.22 -13.29
N VAL F 40 -13.56 -14.70 -14.51
CA VAL F 40 -14.32 -15.28 -15.63
C VAL F 40 -13.86 -16.71 -15.87
N ALA F 41 -12.56 -16.95 -15.68
CA ALA F 41 -11.94 -18.27 -15.87
C ALA F 41 -12.35 -19.19 -14.73
N LEU F 42 -12.20 -18.70 -13.51
CA LEU F 42 -12.64 -19.42 -12.33
C LEU F 42 -14.09 -19.84 -12.36
N ILE F 43 -14.98 -18.91 -12.72
CA ILE F 43 -16.39 -19.18 -12.73
C ILE F 43 -16.75 -20.18 -13.81
N GLU F 44 -16.22 -19.99 -15.02
CA GLU F 44 -16.56 -20.87 -16.13
C GLU F 44 -16.05 -22.26 -15.84
N ARG F 45 -14.90 -22.35 -15.17
CA ARG F 45 -14.32 -23.63 -14.77
C ARG F 45 -15.22 -24.34 -13.75
N GLU F 46 -15.36 -23.73 -12.59
CA GLU F 46 -16.26 -24.24 -11.55
C GLU F 46 -17.66 -24.62 -12.08
N ALA F 47 -18.20 -23.82 -13.00
CA ALA F 47 -19.51 -24.14 -13.56
C ALA F 47 -19.51 -25.43 -14.40
N ALA F 48 -18.41 -25.71 -15.10
CA ALA F 48 -18.33 -26.93 -15.92
C ALA F 48 -18.41 -28.19 -15.04
N GLU F 49 -17.59 -28.23 -14.00
CA GLU F 49 -17.51 -29.41 -13.17
C GLU F 49 -18.78 -29.56 -12.32
N LEU F 50 -19.69 -28.61 -12.42
CA LEU F 50 -20.99 -28.75 -11.77
C LEU F 50 -22.07 -29.09 -12.77
N GLY F 51 -21.69 -29.10 -14.05
CA GLY F 51 -22.61 -29.34 -15.17
C GLY F 51 -23.42 -28.15 -15.66
N LEU F 52 -22.84 -26.94 -15.59
CA LEU F 52 -23.51 -25.72 -16.04
C LEU F 52 -22.68 -24.95 -17.03
N LYS F 53 -23.32 -24.04 -17.75
CA LYS F 53 -22.58 -23.09 -18.59
C LYS F 53 -22.69 -21.68 -17.97
N ALA F 54 -21.59 -21.14 -17.47
CA ALA F 54 -21.61 -19.77 -16.99
C ALA F 54 -21.29 -18.76 -18.13
N VAL F 55 -22.16 -17.78 -18.31
CA VAL F 55 -21.80 -16.66 -19.17
C VAL F 55 -21.53 -15.41 -18.32
N VAL F 56 -20.26 -15.10 -18.13
CA VAL F 56 -19.89 -13.97 -17.28
C VAL F 56 -19.65 -12.69 -18.08
N ARG F 57 -20.34 -11.62 -17.67
CA ARG F 57 -20.37 -10.33 -18.41
C ARG F 57 -20.20 -9.17 -17.44
N GLN F 58 -19.47 -8.13 -17.87
CA GLN F 58 -19.27 -6.93 -17.07
C GLN F 58 -19.63 -5.68 -17.85
N SER F 59 -20.28 -4.72 -17.18
CA SER F 59 -20.49 -3.45 -17.83
C SER F 59 -20.59 -2.37 -16.82
N ASP F 60 -20.16 -1.18 -17.21
CA ASP F 60 -20.20 0.01 -16.35
C ASP F 60 -21.50 0.77 -16.65
N SER F 61 -22.35 0.19 -17.48
CA SER F 61 -23.49 0.94 -18.01
C SER F 61 -24.79 0.29 -17.59
N GLU F 62 -25.68 1.06 -16.98
CA GLU F 62 -26.96 0.54 -16.54
C GLU F 62 -27.78 -0.08 -17.72
N ALA F 63 -27.81 0.61 -18.86
CA ALA F 63 -28.60 0.14 -20.00
C ALA F 63 -28.09 -1.22 -20.46
N GLN F 64 -26.78 -1.39 -20.41
CA GLN F 64 -26.21 -2.65 -20.83
C GLN F 64 -26.61 -3.78 -19.83
N LEU F 65 -26.51 -3.50 -18.55
CA LEU F 65 -27.03 -4.39 -17.54
C LEU F 65 -28.54 -4.73 -17.71
N LEU F 66 -29.37 -3.74 -18.02
CA LEU F 66 -30.82 -4.00 -18.19
C LEU F 66 -31.08 -4.94 -19.36
N ASP F 67 -30.33 -4.70 -20.42
CA ASP F 67 -30.30 -5.53 -21.59
C ASP F 67 -30.03 -6.99 -21.34
N TRP F 68 -28.89 -7.28 -20.71
CA TRP F 68 -28.55 -8.62 -20.26
C TRP F 68 -29.65 -9.25 -19.42
N ILE F 69 -30.20 -8.49 -18.46
CA ILE F 69 -31.28 -8.98 -17.63
C ILE F 69 -32.51 -9.36 -18.48
N HIS F 70 -32.88 -8.47 -19.42
CA HIS F 70 -33.99 -8.75 -20.31
C HIS F 70 -33.79 -10.09 -20.93
N GLN F 71 -32.59 -10.31 -21.42
CA GLN F 71 -32.32 -11.53 -22.15
C GLN F 71 -32.49 -12.79 -21.28
N ALA F 72 -31.95 -12.77 -20.07
CA ALA F 72 -32.18 -13.85 -19.13
C ALA F 72 -33.68 -14.00 -18.84
N ALA F 73 -34.46 -12.92 -18.93
CA ALA F 73 -35.85 -13.03 -18.55
C ALA F 73 -36.57 -13.81 -19.65
N ASP F 74 -36.29 -13.42 -20.90
CA ASP F 74 -36.67 -14.17 -22.10
C ASP F 74 -36.08 -15.60 -22.17
N ALA F 75 -34.78 -15.77 -21.98
CA ALA F 75 -34.23 -17.09 -21.99
C ALA F 75 -34.69 -17.91 -20.79
N ALA F 76 -35.42 -17.30 -19.85
CA ALA F 76 -35.77 -17.98 -18.59
C ALA F 76 -34.55 -18.66 -17.93
N GLU F 77 -33.41 -17.95 -17.84
CA GLU F 77 -32.18 -18.45 -17.24
C GLU F 77 -31.92 -17.87 -15.84
N PRO F 78 -31.21 -18.61 -14.97
CA PRO F 78 -30.79 -18.01 -13.71
C PRO F 78 -29.78 -16.89 -13.86
N VAL F 79 -29.70 -16.06 -12.83
CA VAL F 79 -28.79 -14.94 -12.81
C VAL F 79 -28.10 -14.83 -11.46
N ILE F 80 -26.79 -14.62 -11.51
CA ILE F 80 -26.00 -14.24 -10.37
C ILE F 80 -25.62 -12.81 -10.70
N LEU F 81 -26.16 -11.89 -9.93
CA LEU F 81 -25.96 -10.47 -10.14
C LEU F 81 -25.10 -9.84 -9.07
N ASN F 82 -23.97 -9.25 -9.48
CA ASN F 82 -23.28 -8.24 -8.66
C ASN F 82 -23.33 -6.87 -9.34
N ALA F 83 -24.35 -6.10 -8.95
CA ALA F 83 -24.62 -4.77 -9.43
C ALA F 83 -23.62 -3.70 -9.06
N GLY F 84 -22.74 -3.95 -8.11
CA GLY F 84 -21.84 -2.84 -7.73
C GLY F 84 -22.62 -1.73 -7.04
N GLY F 85 -22.19 -0.48 -7.23
CA GLY F 85 -22.82 0.72 -6.64
C GLY F 85 -24.29 0.92 -6.93
N LEU F 86 -24.75 0.34 -8.03
CA LEU F 86 -26.15 0.39 -8.45
C LEU F 86 -27.11 -0.37 -7.55
N THR F 87 -26.61 -1.43 -6.91
CA THR F 87 -27.36 -2.19 -5.91
C THR F 87 -28.06 -1.26 -4.94
N HIS F 88 -27.39 -0.15 -4.60
CA HIS F 88 -27.88 0.79 -3.57
C HIS F 88 -28.69 1.91 -4.09
N THR F 89 -28.86 2.03 -5.40
CA THR F 89 -29.39 3.28 -5.97
C THR F 89 -30.34 3.08 -7.14
N SER F 90 -30.49 1.86 -7.64
CA SER F 90 -31.13 1.67 -8.94
C SER F 90 -32.48 0.88 -9.00
N VAL F 91 -33.57 1.63 -9.17
CA VAL F 91 -34.91 1.05 -9.26
C VAL F 91 -35.02 0.38 -10.62
N ALA F 92 -34.44 1.02 -11.64
CA ALA F 92 -34.50 0.54 -13.00
C ALA F 92 -33.99 -0.90 -13.06
N LEU F 93 -32.85 -1.14 -12.44
CA LEU F 93 -32.32 -2.50 -12.31
C LEU F 93 -33.22 -3.41 -11.43
N ARG F 94 -33.71 -2.90 -10.30
CA ARG F 94 -34.63 -3.70 -9.50
C ARG F 94 -35.79 -4.15 -10.36
N ASP F 95 -36.41 -3.19 -11.06
CA ASP F 95 -37.54 -3.50 -11.92
C ASP F 95 -37.25 -4.49 -13.03
N ALA F 96 -36.06 -4.41 -13.65
CA ALA F 96 -35.63 -5.43 -14.59
C ALA F 96 -35.57 -6.83 -13.95
N CYS F 97 -35.01 -6.92 -12.75
CA CYS F 97 -34.85 -8.26 -12.15
C CYS F 97 -36.13 -8.91 -11.69
N ALA F 98 -37.15 -8.10 -11.44
CA ALA F 98 -38.42 -8.54 -10.85
C ALA F 98 -39.17 -9.43 -11.85
N GLU F 99 -38.66 -9.44 -13.07
CA GLU F 99 -39.25 -10.12 -14.20
C GLU F 99 -38.79 -11.55 -14.16
N LEU F 100 -37.55 -11.82 -13.76
CA LEU F 100 -36.95 -13.14 -13.93
C LEU F 100 -37.82 -14.23 -13.36
N SER F 101 -37.83 -15.39 -14.00
CA SER F 101 -38.57 -16.53 -13.45
C SER F 101 -37.69 -17.58 -12.78
N ALA F 102 -36.44 -17.69 -13.25
CA ALA F 102 -35.41 -18.47 -12.61
C ALA F 102 -34.85 -17.79 -11.35
N PRO F 103 -34.08 -18.54 -10.55
CA PRO F 103 -33.44 -17.86 -9.42
C PRO F 103 -32.62 -16.65 -9.80
N LEU F 104 -32.68 -15.67 -8.91
CA LEU F 104 -31.81 -14.53 -8.96
C LEU F 104 -31.00 -14.51 -7.67
N ILE F 105 -29.69 -14.58 -7.79
CA ILE F 105 -28.81 -14.48 -6.61
C ILE F 105 -27.92 -13.25 -6.68
N GLU F 106 -27.90 -12.50 -5.59
CA GLU F 106 -27.17 -11.25 -5.51
C GLU F 106 -25.84 -11.48 -4.83
N VAL F 107 -24.75 -10.93 -5.38
CA VAL F 107 -23.44 -11.23 -4.79
C VAL F 107 -22.66 -9.95 -4.50
N HIS F 108 -22.12 -9.84 -3.31
CA HIS F 108 -21.13 -8.81 -3.05
C HIS F 108 -19.92 -9.46 -2.52
N ILE F 109 -18.80 -9.09 -3.13
CA ILE F 109 -17.51 -9.60 -2.71
C ILE F 109 -17.21 -9.21 -1.27
N SER F 110 -17.31 -7.91 -0.94
CA SER F 110 -17.00 -7.35 0.38
C SER F 110 -18.25 -7.39 1.31
N ASN F 111 -18.05 -7.34 2.62
CA ASN F 111 -19.18 -7.35 3.54
C ASN F 111 -19.77 -5.93 3.60
N VAL F 112 -20.78 -5.68 2.79
CA VAL F 112 -21.33 -4.32 2.71
C VAL F 112 -21.89 -3.81 4.03
N HIS F 113 -22.16 -4.71 4.98
CA HIS F 113 -22.65 -4.29 6.28
C HIS F 113 -21.56 -3.71 7.15
N ALA F 114 -20.32 -4.02 6.80
CA ALA F 114 -19.20 -3.56 7.59
C ALA F 114 -18.70 -2.18 7.16
N ARG F 115 -19.36 -1.56 6.18
CA ARG F 115 -18.91 -0.30 5.56
C ARG F 115 -19.89 0.87 5.79
N GLU F 116 -19.96 1.85 4.88
CA GLU F 116 -20.90 2.98 5.05
C GLU F 116 -22.37 2.54 5.13
N GLU F 117 -23.14 3.23 5.95
CA GLU F 117 -24.57 2.95 6.09
C GLU F 117 -25.29 2.85 4.76
N PHE F 118 -24.96 3.72 3.81
CA PHE F 118 -25.66 3.73 2.55
C PHE F 118 -25.46 2.41 1.83
N ARG F 119 -24.41 1.67 2.20
CA ARG F 119 -24.07 0.41 1.51
C ARG F 119 -24.92 -0.73 2.02
N ARG F 120 -25.65 -0.47 3.10
CA ARG F 120 -26.40 -1.49 3.80
C ARG F 120 -27.80 -1.60 3.26
N HIS F 121 -28.18 -0.66 2.40
CA HIS F 121 -29.45 -0.77 1.72
C HIS F 121 -29.35 -1.16 0.28
N SER F 122 -30.19 -2.12 -0.13
CA SER F 122 -30.24 -2.68 -1.49
C SER F 122 -31.68 -2.69 -2.02
N TYR F 123 -31.83 -2.17 -3.23
CA TYR F 123 -33.10 -2.29 -3.94
C TYR F 123 -33.26 -3.66 -4.53
N LEU F 124 -32.17 -4.41 -4.61
CA LEU F 124 -32.17 -5.71 -5.25
C LEU F 124 -32.64 -6.82 -4.32
N SER F 125 -32.04 -6.88 -3.16
CA SER F 125 -32.38 -7.91 -2.21
C SER F 125 -33.85 -8.33 -2.06
N PRO F 126 -34.78 -7.38 -1.90
CA PRO F 126 -36.12 -7.91 -1.71
C PRO F 126 -36.68 -8.74 -2.85
N ILE F 127 -36.19 -8.61 -4.08
CA ILE F 127 -36.72 -9.43 -5.20
C ILE F 127 -35.77 -10.58 -5.60
N ALA F 128 -34.65 -10.73 -4.91
CA ALA F 128 -33.75 -11.85 -5.17
C ALA F 128 -34.21 -13.15 -4.49
N THR F 129 -33.69 -14.29 -4.97
CA THR F 129 -33.90 -15.56 -4.30
C THR F 129 -33.17 -15.47 -2.97
N GLY F 130 -31.92 -15.03 -3.02
CA GLY F 130 -31.19 -14.68 -1.82
C GLY F 130 -29.98 -13.82 -2.16
N VAL F 131 -29.12 -13.64 -1.18
CA VAL F 131 -28.00 -12.72 -1.21
C VAL F 131 -26.82 -13.36 -0.48
N ILE F 132 -25.62 -13.17 -1.05
CA ILE F 132 -24.38 -13.67 -0.49
C ILE F 132 -23.44 -12.50 -0.47
N VAL F 133 -22.93 -12.18 0.72
CA VAL F 133 -22.12 -10.97 0.92
C VAL F 133 -20.84 -11.29 1.69
N GLY F 134 -19.76 -10.59 1.38
CA GLY F 134 -18.52 -10.70 2.19
C GLY F 134 -17.79 -12.03 2.16
N LEU F 135 -18.13 -12.89 1.22
CA LEU F 135 -17.43 -14.17 1.05
C LEU F 135 -16.36 -14.13 -0.04
N GLY F 136 -16.03 -12.94 -0.50
CA GLY F 136 -15.07 -12.76 -1.57
C GLY F 136 -15.56 -13.33 -2.89
N ILE F 137 -14.59 -13.62 -3.73
CA ILE F 137 -14.76 -14.11 -5.09
C ILE F 137 -15.51 -15.44 -5.02
N GLN F 138 -15.42 -16.09 -3.87
CA GLN F 138 -16.02 -17.41 -3.74
C GLN F 138 -17.55 -17.36 -3.64
N GLY F 139 -18.08 -16.20 -3.29
CA GLY F 139 -19.51 -15.98 -3.31
C GLY F 139 -20.10 -16.45 -4.63
N TYR F 140 -19.39 -16.22 -5.72
CA TYR F 140 -19.94 -16.55 -7.02
C TYR F 140 -20.04 -18.06 -7.17
N LEU F 141 -19.02 -18.77 -6.70
CA LEU F 141 -18.96 -20.23 -6.85
C LEU F 141 -20.04 -20.86 -6.01
N LEU F 142 -20.17 -20.39 -4.79
CA LEU F 142 -21.28 -20.83 -3.89
C LEU F 142 -22.64 -20.57 -4.50
N ALA F 143 -22.83 -19.41 -5.13
CA ALA F 143 -24.10 -19.19 -5.84
C ALA F 143 -24.25 -20.20 -6.97
N LEU F 144 -23.17 -20.54 -7.66
CA LEU F 144 -23.26 -21.64 -8.63
C LEU F 144 -23.74 -22.94 -7.99
N ARG F 145 -23.34 -23.20 -6.75
CA ARG F 145 -23.78 -24.45 -6.10
C ARG F 145 -25.27 -24.40 -5.78
N TYR F 146 -25.75 -23.28 -5.28
CA TYR F 146 -27.18 -23.18 -5.13
C TYR F 146 -27.91 -23.48 -6.47
N LEU F 147 -27.50 -22.81 -7.57
CA LEU F 147 -28.20 -23.04 -8.86
C LEU F 147 -28.05 -24.49 -9.33
N ALA F 148 -26.89 -25.11 -9.14
CA ALA F 148 -26.76 -26.54 -9.54
C ALA F 148 -27.80 -27.36 -8.80
N GLU F 149 -27.92 -27.14 -7.49
CA GLU F 149 -28.90 -27.90 -6.72
C GLU F 149 -30.36 -27.43 -6.91
N HIS F 150 -30.57 -26.15 -7.30
CA HIS F 150 -31.89 -25.46 -7.36
C HIS F 150 -32.52 -25.00 -6.03
N LEU G 10 -48.49 21.05 -34.07
CA LEU G 10 -47.37 21.00 -33.09
C LEU G 10 -46.83 19.55 -32.98
N ILE G 11 -45.52 19.43 -32.75
CA ILE G 11 -44.89 18.15 -32.55
C ILE G 11 -44.81 17.83 -31.04
N VAL G 12 -45.31 16.67 -30.62
CA VAL G 12 -45.23 16.25 -29.21
C VAL G 12 -44.22 15.12 -29.04
N ASN G 13 -43.37 15.25 -28.01
CA ASN G 13 -42.42 14.18 -27.69
C ASN G 13 -42.92 13.32 -26.54
N VAL G 14 -43.15 12.07 -26.86
CA VAL G 14 -43.47 11.10 -25.87
C VAL G 14 -42.19 10.31 -25.68
N ILE G 15 -41.69 10.26 -24.44
CA ILE G 15 -40.43 9.63 -24.16
C ILE G 15 -40.63 8.58 -23.08
N ASN G 16 -40.22 7.37 -23.40
CA ASN G 16 -40.32 6.29 -22.50
C ASN G 16 -38.94 5.86 -21.98
N GLY G 17 -38.86 5.64 -20.66
CA GLY G 17 -37.64 5.28 -19.99
C GLY G 17 -37.42 3.80 -19.74
N PRO G 18 -36.48 3.47 -18.83
CA PRO G 18 -36.05 2.11 -18.58
C PRO G 18 -37.18 1.14 -18.41
N ASN G 19 -37.03 -0.02 -19.05
CA ASN G 19 -37.95 -1.14 -18.90
C ASN G 19 -39.24 -1.00 -19.68
N LEU G 20 -39.44 0.14 -20.35
CA LEU G 20 -40.67 0.30 -21.10
C LEU G 20 -40.75 -0.48 -22.41
N GLY G 21 -39.61 -0.80 -23.00
CA GLY G 21 -39.60 -1.76 -24.11
C GLY G 21 -40.08 -3.16 -23.69
N ARG G 22 -40.13 -3.46 -22.40
CA ARG G 22 -40.68 -4.73 -21.90
C ARG G 22 -42.23 -4.69 -21.73
N LEU G 23 -42.85 -3.57 -22.09
CA LEU G 23 -44.28 -3.44 -21.95
C LEU G 23 -44.96 -4.59 -22.66
N GLY G 24 -45.96 -5.17 -21.99
CA GLY G 24 -46.81 -6.18 -22.57
C GLY G 24 -46.20 -7.55 -22.61
N ARG G 25 -44.98 -7.69 -22.12
CA ARG G 25 -44.31 -8.97 -22.13
C ARG G 25 -44.00 -9.39 -20.73
N ARG G 26 -44.31 -8.52 -19.78
CA ARG G 26 -44.44 -8.98 -18.40
C ARG G 26 -45.40 -8.15 -17.56
N GLU G 27 -45.87 -8.76 -16.48
CA GLU G 27 -46.69 -8.11 -15.47
C GLU G 27 -47.87 -7.37 -16.11
N PRO G 28 -48.67 -8.09 -16.93
CA PRO G 28 -49.94 -7.65 -17.53
C PRO G 28 -51.00 -7.20 -16.51
N ALA G 29 -50.83 -7.67 -15.28
CA ALA G 29 -51.67 -7.32 -14.13
C ALA G 29 -51.40 -5.88 -13.69
N VAL G 30 -50.14 -5.46 -13.80
CA VAL G 30 -49.71 -4.18 -13.31
C VAL G 30 -49.57 -3.21 -14.48
N TYR G 31 -49.05 -3.73 -15.59
CA TYR G 31 -48.65 -2.85 -16.70
C TYR G 31 -49.49 -2.98 -17.94
N GLY G 32 -50.41 -3.95 -17.99
CA GLY G 32 -51.41 -3.94 -19.03
C GLY G 32 -51.54 -5.06 -20.05
N GLY G 33 -50.54 -5.27 -20.91
CA GLY G 33 -50.72 -6.31 -21.92
C GLY G 33 -50.43 -5.87 -23.33
N THR G 34 -50.66 -4.60 -23.65
CA THR G 34 -50.33 -4.10 -24.98
C THR G 34 -48.85 -3.71 -25.06
N THR G 35 -48.22 -4.06 -26.16
CA THR G 35 -46.77 -3.90 -26.32
C THR G 35 -46.38 -2.45 -26.62
N HIS G 36 -45.07 -2.21 -26.52
CA HIS G 36 -44.55 -0.88 -26.73
C HIS G 36 -44.83 -0.39 -28.13
N ASP G 37 -44.67 -1.29 -29.09
CA ASP G 37 -45.16 -1.10 -30.47
C ASP G 37 -46.64 -0.74 -30.64
N GLU G 38 -47.51 -1.53 -30.03
CA GLU G 38 -48.90 -1.19 -30.03
C GLU G 38 -49.06 0.25 -29.52
N LEU G 39 -48.34 0.56 -28.45
CA LEU G 39 -48.43 1.89 -27.84
C LEU G 39 -48.05 3.00 -28.78
N VAL G 40 -46.90 2.84 -29.44
CA VAL G 40 -46.41 3.83 -30.39
C VAL G 40 -47.48 4.17 -31.42
N ALA G 41 -47.98 3.16 -32.12
CA ALA G 41 -49.09 3.32 -33.09
C ALA G 41 -50.36 3.88 -32.43
N LEU G 42 -50.67 3.46 -31.20
CA LEU G 42 -51.88 4.02 -30.59
C LEU G 42 -51.77 5.54 -30.47
N ILE G 43 -50.67 5.99 -29.88
CA ILE G 43 -50.42 7.38 -29.56
C ILE G 43 -50.32 8.18 -30.82
N GLU G 44 -49.59 7.65 -31.80
CA GLU G 44 -49.47 8.24 -33.14
C GLU G 44 -50.83 8.54 -33.76
N ARG G 45 -51.72 7.54 -33.75
CA ARG G 45 -53.03 7.66 -34.37
C ARG G 45 -53.84 8.66 -33.58
N GLU G 46 -53.85 8.51 -32.26
CA GLU G 46 -54.61 9.42 -31.42
C GLU G 46 -54.12 10.85 -31.54
N ALA G 47 -52.81 11.07 -31.71
CA ALA G 47 -52.32 12.42 -31.89
C ALA G 47 -52.79 13.00 -33.20
N ALA G 48 -52.83 12.17 -34.25
CA ALA G 48 -53.24 12.62 -35.57
C ALA G 48 -54.68 13.11 -35.48
N GLU G 49 -55.55 12.29 -34.91
CA GLU G 49 -56.98 12.65 -34.72
C GLU G 49 -57.18 13.97 -33.97
N LEU G 50 -56.16 14.40 -33.22
CA LEU G 50 -56.22 15.64 -32.44
C LEU G 50 -55.44 16.76 -33.09
N GLY G 51 -54.77 16.48 -34.19
CA GLY G 51 -54.12 17.55 -34.97
C GLY G 51 -52.66 17.70 -34.64
N LEU G 52 -52.09 16.75 -33.88
CA LEU G 52 -50.70 16.81 -33.48
C LEU G 52 -49.92 15.73 -34.18
N LYS G 53 -48.60 15.90 -34.17
CA LYS G 53 -47.70 14.86 -34.59
C LYS G 53 -46.97 14.36 -33.34
N ALA G 54 -46.95 13.07 -33.12
CA ALA G 54 -46.28 12.52 -31.97
C ALA G 54 -45.08 11.75 -32.43
N VAL G 55 -43.96 11.97 -31.74
CA VAL G 55 -42.74 11.21 -31.95
C VAL G 55 -42.57 10.53 -30.62
N VAL G 56 -42.61 9.19 -30.62
CA VAL G 56 -42.49 8.38 -29.40
C VAL G 56 -41.31 7.43 -29.48
N ARG G 57 -40.44 7.55 -28.47
CA ARG G 57 -39.24 6.72 -28.29
C ARG G 57 -39.09 6.17 -26.86
N GLN G 58 -38.43 5.03 -26.76
CA GLN G 58 -38.12 4.43 -25.52
C GLN G 58 -36.62 4.20 -25.51
N SER G 59 -36.04 4.24 -24.31
CA SER G 59 -34.67 3.86 -24.10
C SER G 59 -34.47 3.48 -22.64
N ASP G 60 -33.53 2.58 -22.44
CA ASP G 60 -33.19 2.15 -21.12
C ASP G 60 -32.03 2.99 -20.62
N SER G 61 -31.60 3.92 -21.44
CA SER G 61 -30.36 4.67 -21.21
C SER G 61 -30.63 6.06 -20.76
N GLU G 62 -30.19 6.39 -19.55
CA GLU G 62 -30.43 7.71 -19.03
C GLU G 62 -29.79 8.79 -19.93
N ALA G 63 -28.60 8.57 -20.46
CA ALA G 63 -27.95 9.52 -21.36
C ALA G 63 -28.80 9.91 -22.57
N GLN G 64 -29.47 8.92 -23.16
CA GLN G 64 -30.28 9.09 -24.35
C GLN G 64 -31.57 9.84 -24.03
N LEU G 65 -32.21 9.49 -22.93
CA LEU G 65 -33.40 10.22 -22.51
C LEU G 65 -33.02 11.67 -22.34
N LEU G 66 -31.88 11.94 -21.68
CA LEU G 66 -31.45 13.33 -21.52
C LEU G 66 -31.25 14.06 -22.87
N ASP G 67 -30.55 13.39 -23.80
CA ASP G 67 -30.38 13.87 -25.19
C ASP G 67 -31.74 14.25 -25.80
N TRP G 68 -32.69 13.31 -25.83
CA TRP G 68 -34.00 13.69 -26.32
C TRP G 68 -34.64 14.86 -25.56
N ILE G 69 -34.33 15.05 -24.26
CA ILE G 69 -35.06 16.05 -23.48
C ILE G 69 -34.50 17.38 -23.88
N HIS G 70 -33.19 17.49 -23.94
CA HIS G 70 -32.55 18.68 -24.44
C HIS G 70 -33.04 19.10 -25.78
N GLN G 71 -33.08 18.17 -26.72
CA GLN G 71 -33.66 18.45 -28.01
C GLN G 71 -35.02 19.06 -27.89
N ALA G 72 -35.88 18.50 -27.04
CA ALA G 72 -37.21 19.05 -26.83
C ALA G 72 -37.14 20.45 -26.31
N ALA G 73 -36.23 20.67 -25.37
CA ALA G 73 -35.97 21.99 -24.91
C ALA G 73 -35.55 22.96 -26.01
N ASP G 74 -34.64 22.56 -26.88
CA ASP G 74 -34.23 23.47 -27.98
C ASP G 74 -35.35 23.82 -28.95
N ALA G 75 -36.31 22.92 -29.13
CA ALA G 75 -37.34 23.08 -30.13
C ALA G 75 -38.58 23.70 -29.49
N ALA G 76 -38.57 23.77 -28.15
CA ALA G 76 -39.71 24.23 -27.33
C ALA G 76 -40.99 23.40 -27.56
N GLU G 77 -40.81 22.10 -27.62
CA GLU G 77 -41.92 21.19 -27.81
C GLU G 77 -42.29 20.63 -26.46
N PRO G 78 -43.61 20.44 -26.23
CA PRO G 78 -44.03 19.69 -25.05
C PRO G 78 -43.43 18.28 -25.04
N VAL G 79 -43.38 17.74 -23.84
CA VAL G 79 -42.98 16.37 -23.56
C VAL G 79 -44.03 15.69 -22.70
N ILE G 80 -44.34 14.45 -23.08
CA ILE G 80 -45.02 13.52 -22.24
C ILE G 80 -43.95 12.51 -21.83
N LEU G 81 -43.55 12.56 -20.57
CA LEU G 81 -42.53 11.65 -20.09
C LEU G 81 -43.03 10.60 -19.08
N ASN G 82 -42.65 9.36 -19.34
CA ASN G 82 -42.73 8.28 -18.42
C ASN G 82 -41.32 7.73 -18.20
N ALA G 83 -40.65 8.25 -17.16
CA ALA G 83 -39.22 7.92 -16.88
C ALA G 83 -39.00 6.49 -16.31
N GLY G 84 -40.09 5.75 -16.14
CA GLY G 84 -39.96 4.42 -15.60
C GLY G 84 -39.27 4.51 -14.27
N GLY G 85 -38.28 3.64 -14.05
CA GLY G 85 -37.57 3.53 -12.78
C GLY G 85 -36.93 4.83 -12.35
N LEU G 86 -36.48 5.61 -13.34
CA LEU G 86 -35.67 6.78 -13.10
C LEU G 86 -36.43 7.97 -12.49
N THR G 87 -37.74 7.89 -12.59
CA THR G 87 -38.68 8.77 -11.91
C THR G 87 -38.28 9.01 -10.47
N HIS G 88 -37.95 7.93 -9.76
CA HIS G 88 -37.66 7.95 -8.33
C HIS G 88 -36.24 8.28 -7.96
N THR G 89 -35.33 8.34 -8.91
CA THR G 89 -33.92 8.24 -8.53
C THR G 89 -33.05 9.26 -9.20
N SER G 90 -33.49 9.81 -10.33
CA SER G 90 -32.60 10.61 -11.12
C SER G 90 -32.76 12.13 -10.97
N VAL G 91 -31.79 12.79 -10.30
CA VAL G 91 -31.68 14.25 -10.34
C VAL G 91 -31.27 14.80 -11.72
N ALA G 92 -30.32 14.13 -12.36
CA ALA G 92 -29.94 14.51 -13.71
C ALA G 92 -31.20 14.68 -14.63
N LEU G 93 -32.17 13.77 -14.54
CA LEU G 93 -33.36 13.86 -15.38
C LEU G 93 -34.27 15.02 -14.97
N ARG G 94 -34.44 15.22 -13.68
CA ARG G 94 -35.19 16.35 -13.20
C ARG G 94 -34.61 17.63 -13.75
N ASP G 95 -33.29 17.76 -13.65
CA ASP G 95 -32.60 18.96 -14.13
C ASP G 95 -32.80 19.26 -15.60
N ALA G 96 -32.75 18.24 -16.44
CA ALA G 96 -32.95 18.39 -17.87
C ALA G 96 -34.36 18.81 -18.23
N CYS G 97 -35.34 18.26 -17.51
CA CYS G 97 -36.75 18.47 -17.76
C CYS G 97 -37.16 19.84 -17.34
N ALA G 98 -36.43 20.37 -16.35
CA ALA G 98 -36.70 21.63 -15.69
C ALA G 98 -36.50 22.79 -16.64
N GLU G 99 -35.70 22.55 -17.65
CA GLU G 99 -35.42 23.52 -18.71
C GLU G 99 -36.48 23.63 -19.84
N LEU G 100 -37.45 22.71 -19.89
CA LEU G 100 -38.44 22.71 -20.97
C LEU G 100 -39.41 23.82 -20.75
N SER G 101 -39.60 24.70 -21.73
CA SER G 101 -40.52 25.85 -21.56
C SER G 101 -41.97 25.51 -21.96
N ALA G 102 -42.13 24.46 -22.75
CA ALA G 102 -43.43 23.96 -23.09
C ALA G 102 -43.87 22.93 -22.04
N PRO G 103 -45.18 22.67 -21.96
CA PRO G 103 -45.64 21.77 -20.89
C PRO G 103 -44.95 20.39 -20.91
N LEU G 104 -44.89 19.78 -19.72
CA LEU G 104 -44.34 18.44 -19.55
C LEU G 104 -45.26 17.69 -18.61
N ILE G 105 -45.70 16.52 -19.06
CA ILE G 105 -46.59 15.67 -18.29
C ILE G 105 -45.89 14.36 -17.98
N GLU G 106 -45.85 14.03 -16.70
CA GLU G 106 -45.30 12.78 -16.24
C GLU G 106 -46.46 11.82 -16.39
N VAL G 107 -46.23 10.65 -16.92
CA VAL G 107 -47.25 9.64 -16.96
C VAL G 107 -46.73 8.35 -16.32
N HIS G 108 -47.49 7.73 -15.43
CA HIS G 108 -47.18 6.34 -15.08
C HIS G 108 -48.36 5.50 -15.42
N ILE G 109 -48.10 4.41 -16.13
CA ILE G 109 -49.08 3.35 -16.38
C ILE G 109 -49.80 2.82 -15.12
N SER G 110 -49.04 2.50 -14.07
CA SER G 110 -49.60 1.80 -12.89
C SER G 110 -49.83 2.82 -11.80
N ASN G 111 -50.73 2.54 -10.86
CA ASN G 111 -50.96 3.42 -9.70
C ASN G 111 -49.79 3.32 -8.68
N VAL G 112 -48.77 4.14 -8.91
CA VAL G 112 -47.55 4.10 -8.06
C VAL G 112 -47.81 4.22 -6.55
N HIS G 113 -48.97 4.78 -6.15
CA HIS G 113 -49.24 5.05 -4.72
C HIS G 113 -49.80 3.87 -4.03
N ALA G 114 -49.96 2.81 -4.81
CA ALA G 114 -50.54 1.59 -4.35
C ALA G 114 -49.47 0.51 -4.28
N ARG G 115 -48.21 0.90 -4.49
CA ARG G 115 -47.15 -0.11 -4.54
C ARG G 115 -46.14 0.16 -3.41
N GLU G 116 -44.90 -0.26 -3.59
CA GLU G 116 -43.87 -0.06 -2.58
C GLU G 116 -43.72 1.43 -2.33
N GLU G 117 -43.47 1.82 -1.09
CA GLU G 117 -43.38 3.19 -0.66
C GLU G 117 -42.37 4.04 -1.46
N PHE G 118 -41.25 3.45 -1.88
CA PHE G 118 -40.25 4.24 -2.57
C PHE G 118 -40.76 4.69 -3.93
N ARG G 119 -41.90 4.14 -4.36
CA ARG G 119 -42.48 4.49 -5.65
C ARG G 119 -43.32 5.76 -5.56
N ARG G 120 -43.59 6.19 -4.34
CA ARG G 120 -44.42 7.35 -4.18
C ARG G 120 -43.61 8.63 -4.22
N HIS G 121 -42.31 8.51 -4.30
CA HIS G 121 -41.52 9.70 -4.45
C HIS G 121 -41.02 9.78 -5.87
N SER G 122 -41.05 10.99 -6.42
CA SER G 122 -40.68 11.26 -7.78
C SER G 122 -39.90 12.56 -7.78
N TYR G 123 -38.68 12.54 -8.34
CA TYR G 123 -37.95 13.79 -8.53
C TYR G 123 -38.56 14.68 -9.58
N LEU G 124 -39.38 14.12 -10.45
CA LEU G 124 -39.90 14.88 -11.61
C LEU G 124 -41.17 15.67 -11.35
N SER G 125 -42.05 15.07 -10.54
CA SER G 125 -43.34 15.69 -10.30
C SER G 125 -43.34 17.19 -9.93
N PRO G 126 -42.45 17.64 -9.02
CA PRO G 126 -42.44 19.09 -8.68
C PRO G 126 -42.09 20.00 -9.86
N ILE G 127 -41.42 19.49 -10.89
CA ILE G 127 -41.18 20.37 -12.06
C ILE G 127 -42.11 20.06 -13.27
N ALA G 128 -43.02 19.10 -13.17
CA ALA G 128 -43.84 18.87 -14.34
C ALA G 128 -44.94 19.92 -14.36
N THR G 129 -45.70 19.95 -15.46
CA THR G 129 -46.96 20.72 -15.46
C THR G 129 -48.01 19.96 -14.67
N GLY G 130 -48.14 18.67 -14.95
CA GLY G 130 -48.91 17.77 -14.08
C GLY G 130 -48.52 16.33 -14.29
N VAL G 131 -49.25 15.44 -13.65
CA VAL G 131 -48.89 14.04 -13.61
C VAL G 131 -50.17 13.20 -13.88
N ILE G 132 -50.02 12.07 -14.58
CA ILE G 132 -51.12 11.12 -14.70
C ILE G 132 -50.59 9.80 -14.26
N VAL G 133 -51.31 9.16 -13.34
CA VAL G 133 -50.84 7.97 -12.71
C VAL G 133 -52.02 6.98 -12.63
N GLY G 134 -51.78 5.71 -12.95
CA GLY G 134 -52.78 4.68 -12.68
C GLY G 134 -53.81 4.43 -13.79
N LEU G 135 -53.87 5.32 -14.77
CA LEU G 135 -54.88 5.17 -15.83
C LEU G 135 -54.50 4.20 -16.98
N GLY G 136 -53.59 3.26 -16.71
CA GLY G 136 -53.05 2.46 -17.77
C GLY G 136 -52.43 3.27 -18.91
N ILE G 137 -52.45 2.64 -20.07
CA ILE G 137 -52.00 3.16 -21.34
C ILE G 137 -52.73 4.42 -21.77
N GLN G 138 -53.97 4.59 -21.32
CA GLN G 138 -54.76 5.69 -21.77
C GLN G 138 -54.29 7.00 -21.19
N GLY G 139 -53.41 6.95 -20.19
CA GLY G 139 -52.74 8.12 -19.65
C GLY G 139 -52.00 8.89 -20.73
N TYR G 140 -51.30 8.19 -21.59
CA TYR G 140 -50.57 8.85 -22.66
C TYR G 140 -51.54 9.63 -23.55
N LEU G 141 -52.64 8.98 -23.89
CA LEU G 141 -53.63 9.57 -24.76
C LEU G 141 -54.37 10.73 -24.09
N LEU G 142 -54.63 10.64 -22.79
CA LEU G 142 -55.24 11.78 -22.11
C LEU G 142 -54.29 12.98 -22.05
N ALA G 143 -52.98 12.72 -22.11
CA ALA G 143 -52.03 13.78 -22.01
C ALA G 143 -51.87 14.44 -23.36
N LEU G 144 -51.94 13.66 -24.43
CA LEU G 144 -52.11 14.19 -25.77
C LEU G 144 -53.28 15.16 -25.76
N ARG G 145 -54.39 14.71 -25.21
CA ARG G 145 -55.62 15.48 -25.24
C ARG G 145 -55.46 16.78 -24.46
N TYR G 146 -54.77 16.75 -23.32
CA TYR G 146 -54.38 18.01 -22.70
C TYR G 146 -53.56 18.98 -23.60
N LEU G 147 -52.45 18.50 -24.17
CA LEU G 147 -51.56 19.34 -24.96
C LEU G 147 -52.28 19.98 -26.15
N ALA G 148 -53.10 19.19 -26.85
CA ALA G 148 -53.97 19.74 -27.88
C ALA G 148 -54.69 21.08 -27.44
N GLU G 149 -55.04 21.24 -26.14
CA GLU G 149 -55.57 22.53 -25.62
C GLU G 149 -54.57 23.49 -25.06
N HIS G 150 -53.49 22.98 -24.48
CA HIS G 150 -52.56 23.74 -23.63
C HIS G 150 -53.14 24.06 -22.25
N LEU H 10 1.39 18.57 39.67
CA LEU H 10 0.09 18.03 39.10
C LEU H 10 -1.19 18.85 39.41
N ILE H 11 -1.64 19.54 38.38
CA ILE H 11 -2.71 20.45 38.56
C ILE H 11 -3.88 19.89 37.78
N VAL H 12 -5.05 19.89 38.43
CA VAL H 12 -6.27 19.56 37.73
C VAL H 12 -7.07 20.81 37.50
N ASN H 13 -7.59 20.95 36.30
CA ASN H 13 -8.45 22.03 35.96
C ASN H 13 -9.95 21.74 36.07
N VAL H 14 -10.61 22.28 37.09
CA VAL H 14 -12.09 22.19 37.17
C VAL H 14 -12.75 23.40 36.53
N ILE H 15 -13.44 23.12 35.43
CA ILE H 15 -14.10 24.17 34.66
C ILE H 15 -15.60 23.90 34.60
N ASN H 16 -16.38 24.91 34.93
CA ASN H 16 -17.83 24.93 34.90
C ASN H 16 -18.38 26.00 34.01
N GLY H 17 -19.34 25.61 33.19
CA GLY H 17 -19.96 26.51 32.21
C GLY H 17 -21.15 27.36 32.63
N PRO H 18 -21.94 27.80 31.62
CA PRO H 18 -22.99 28.74 31.91
C PRO H 18 -23.95 28.25 32.98
N ASN H 19 -24.35 29.17 33.86
CA ASN H 19 -25.37 28.94 34.87
C ASN H 19 -24.82 28.25 36.14
N LEU H 20 -23.65 27.63 36.06
CA LEU H 20 -23.14 26.91 37.22
C LEU H 20 -22.74 27.83 38.36
N GLY H 21 -22.47 29.09 38.03
CA GLY H 21 -22.25 30.12 39.06
C GLY H 21 -23.46 30.27 39.99
N ARG H 22 -24.61 29.74 39.56
CA ARG H 22 -25.86 29.96 40.25
C ARG H 22 -26.29 28.78 41.08
N LEU H 23 -25.44 27.78 41.12
CA LEU H 23 -25.64 26.64 41.95
C LEU H 23 -26.19 27.04 43.28
N GLY H 24 -27.11 26.24 43.79
CA GLY H 24 -27.51 26.32 45.19
C GLY H 24 -28.42 27.47 45.49
N ARG H 25 -28.37 28.50 44.66
CA ARG H 25 -29.24 29.67 44.80
C ARG H 25 -30.67 29.36 44.33
N ARG H 26 -31.13 29.96 43.23
CA ARG H 26 -32.38 29.50 42.66
C ARG H 26 -32.06 28.13 42.12
N GLU H 27 -33.04 27.24 42.22
CA GLU H 27 -32.90 25.80 41.93
C GLU H 27 -32.19 25.05 43.06
N PRO H 28 -32.94 24.19 43.78
CA PRO H 28 -32.39 23.07 44.51
C PRO H 28 -32.92 21.87 43.75
N ALA H 29 -33.22 20.79 44.49
CA ALA H 29 -34.08 19.69 44.03
C ALA H 29 -33.52 18.90 42.85
N VAL H 30 -33.21 19.58 41.74
CA VAL H 30 -32.51 18.98 40.58
C VAL H 30 -30.96 19.09 40.67
N TYR H 31 -30.44 20.22 41.17
CA TYR H 31 -28.99 20.47 41.27
C TYR H 31 -28.35 20.35 42.69
N GLY H 32 -29.11 19.94 43.72
CA GLY H 32 -28.64 19.93 45.12
C GLY H 32 -28.68 21.28 45.87
N GLY H 33 -28.30 21.29 47.15
CA GLY H 33 -28.35 22.53 47.96
C GLY H 33 -27.03 23.30 48.03
N THR H 34 -25.93 22.63 47.65
CA THR H 34 -24.59 23.20 47.74
C THR H 34 -24.37 24.31 46.73
N THR H 35 -23.74 25.41 47.17
CA THR H 35 -23.45 26.53 46.28
C THR H 35 -22.10 26.38 45.59
N HIS H 36 -21.86 27.20 44.58
CA HIS H 36 -20.60 27.17 43.89
C HIS H 36 -19.47 27.58 44.83
N ASP H 37 -19.74 28.46 45.79
CA ASP H 37 -18.69 28.74 46.78
C ASP H 37 -18.39 27.50 47.60
N GLU H 38 -19.45 26.77 47.99
CA GLU H 38 -19.26 25.63 48.88
C GLU H 38 -18.57 24.49 48.16
N LEU H 39 -18.98 24.23 46.93
CA LEU H 39 -18.31 23.28 46.06
C LEU H 39 -16.82 23.63 45.91
N VAL H 40 -16.51 24.91 45.73
CA VAL H 40 -15.09 25.28 45.59
C VAL H 40 -14.30 24.82 46.80
N ALA H 41 -14.80 25.15 48.00
CA ALA H 41 -14.21 24.67 49.27
C ALA H 41 -14.11 23.15 49.34
N LEU H 42 -15.12 22.43 48.86
CA LEU H 42 -15.07 20.96 48.85
C LEU H 42 -13.98 20.36 47.96
N ILE H 43 -13.82 20.91 46.77
CA ILE H 43 -12.75 20.51 45.84
C ILE H 43 -11.40 20.84 46.43
N GLU H 44 -11.28 21.94 47.17
CA GLU H 44 -9.99 22.26 47.77
C GLU H 44 -9.63 21.22 48.83
N ARG H 45 -10.58 20.87 49.70
CA ARG H 45 -10.34 19.81 50.66
C ARG H 45 -10.03 18.42 50.04
N GLU H 46 -10.75 18.01 48.98
CA GLU H 46 -10.57 16.69 48.38
C GLU H 46 -9.24 16.64 47.68
N ALA H 47 -8.94 17.69 46.92
CA ALA H 47 -7.62 17.89 46.33
C ALA H 47 -6.48 17.57 47.33
N ALA H 48 -6.59 18.10 48.55
CA ALA H 48 -5.52 18.00 49.56
C ALA H 48 -5.33 16.55 50.04
N GLU H 49 -6.42 15.97 50.55
CA GLU H 49 -6.53 14.52 50.78
C GLU H 49 -5.88 13.71 49.65
N LEU H 50 -6.26 13.98 48.42
CA LEU H 50 -5.74 13.23 47.28
C LEU H 50 -4.32 13.55 46.90
N GLY H 51 -3.80 14.66 47.41
CA GLY H 51 -2.37 14.99 47.20
C GLY H 51 -2.09 15.62 45.84
N LEU H 52 -3.02 16.44 45.35
CA LEU H 52 -2.82 17.16 44.12
C LEU H 52 -3.42 18.54 44.29
N LYS H 53 -3.23 19.40 43.31
CA LYS H 53 -3.86 20.71 43.31
C LYS H 53 -4.97 20.85 42.23
N ALA H 54 -6.00 21.66 42.54
CA ALA H 54 -7.10 21.87 41.60
C ALA H 54 -7.43 23.35 41.48
N VAL H 55 -7.68 23.78 40.25
CA VAL H 55 -7.99 25.17 40.00
C VAL H 55 -9.42 25.15 39.48
N VAL H 56 -10.35 25.66 40.26
CA VAL H 56 -11.76 25.70 39.89
C VAL H 56 -12.17 27.04 39.34
N ARG H 57 -12.73 27.04 38.14
CA ARG H 57 -13.09 28.28 37.40
C ARG H 57 -14.43 28.11 36.78
N GLN H 58 -15.20 29.17 36.79
CA GLN H 58 -16.55 29.12 36.28
C GLN H 58 -16.74 30.30 35.37
N SER H 59 -17.44 30.12 34.23
CA SER H 59 -17.79 31.27 33.39
C SER H 59 -19.04 30.99 32.57
N ASP H 60 -19.87 32.02 32.38
CA ASP H 60 -20.99 31.94 31.45
C ASP H 60 -20.51 32.08 29.96
N SER H 61 -19.27 32.48 29.75
CA SER H 61 -18.86 32.77 28.37
C SER H 61 -18.10 31.64 27.76
N GLU H 62 -18.57 31.16 26.62
CA GLU H 62 -17.94 30.16 25.78
C GLU H 62 -16.48 30.50 25.43
N ALA H 63 -16.18 31.76 25.08
CA ALA H 63 -14.81 32.20 24.75
C ALA H 63 -13.86 32.11 25.93
N GLN H 64 -14.36 32.42 27.12
CA GLN H 64 -13.57 32.18 28.33
C GLN H 64 -13.26 30.68 28.55
N LEU H 65 -14.30 29.84 28.40
CA LEU H 65 -14.12 28.40 28.58
C LEU H 65 -13.05 27.88 27.66
N LEU H 66 -13.08 28.32 26.39
CA LEU H 66 -12.12 27.85 25.41
C LEU H 66 -10.72 28.28 25.79
N ASP H 67 -10.54 29.54 26.14
CA ASP H 67 -9.25 30.04 26.60
C ASP H 67 -8.68 29.22 27.77
N TRP H 68 -9.52 28.80 28.71
CA TRP H 68 -9.10 27.93 29.79
C TRP H 68 -8.68 26.60 29.31
N ILE H 69 -9.43 26.06 28.34
CA ILE H 69 -9.18 24.75 27.76
C ILE H 69 -7.85 24.76 27.00
N HIS H 70 -7.62 25.75 26.12
CA HIS H 70 -6.31 25.90 25.49
C HIS H 70 -5.18 25.95 26.50
N GLN H 71 -5.29 26.79 27.50
CA GLN H 71 -4.23 26.83 28.49
C GLN H 71 -3.95 25.44 29.05
N ALA H 72 -5.01 24.68 29.36
CA ALA H 72 -4.84 23.29 29.87
C ALA H 72 -4.18 22.43 28.84
N ALA H 73 -4.56 22.64 27.59
CA ALA H 73 -4.00 21.89 26.50
C ALA H 73 -2.50 22.16 26.43
N ASP H 74 -2.13 23.42 26.60
CA ASP H 74 -0.74 23.79 26.49
C ASP H 74 0.11 23.47 27.68
N ALA H 75 -0.55 23.16 28.79
CA ALA H 75 0.16 22.84 30.00
C ALA H 75 0.06 21.35 30.24
N ALA H 76 -0.52 20.63 29.26
CA ALA H 76 -0.80 19.17 29.38
C ALA H 76 -1.46 18.78 30.74
N GLU H 77 -2.45 19.54 31.18
CA GLU H 77 -3.09 19.30 32.47
C GLU H 77 -4.44 18.62 32.29
N PRO H 78 -4.79 17.68 33.18
CA PRO H 78 -6.11 17.08 33.03
C PRO H 78 -7.27 18.08 33.33
N VAL H 79 -8.43 17.86 32.68
CA VAL H 79 -9.59 18.74 32.86
C VAL H 79 -10.81 17.99 33.34
N ILE H 80 -11.49 18.60 34.30
CA ILE H 80 -12.82 18.17 34.67
C ILE H 80 -13.77 19.24 34.21
N LEU H 81 -14.74 18.84 33.38
CA LEU H 81 -15.55 19.82 32.70
C LEU H 81 -17.04 19.57 32.81
N ASN H 82 -17.72 20.54 33.46
CA ASN H 82 -19.18 20.70 33.42
C ASN H 82 -19.58 21.95 32.59
N ALA H 83 -19.86 21.73 31.30
CA ALA H 83 -20.09 22.81 30.36
C ALA H 83 -21.54 23.30 30.39
N GLY H 84 -22.34 22.73 31.28
CA GLY H 84 -23.71 23.15 31.42
C GLY H 84 -24.40 22.99 30.08
N GLY H 85 -25.23 23.96 29.73
CA GLY H 85 -26.02 23.85 28.52
C GLY H 85 -25.18 23.74 27.28
N LEU H 86 -23.91 24.18 27.34
CA LEU H 86 -23.00 24.13 26.17
C LEU H 86 -22.67 22.74 25.70
N THR H 87 -22.72 21.80 26.62
CA THR H 87 -22.54 20.36 26.37
C THR H 87 -23.34 19.92 25.16
N HIS H 88 -24.52 20.50 24.99
CA HIS H 88 -25.50 19.98 24.08
C HIS H 88 -25.46 20.63 22.77
N THR H 89 -24.76 21.76 22.69
CA THR H 89 -24.86 22.62 21.53
C THR H 89 -23.51 23.04 20.99
N SER H 90 -22.48 23.08 21.81
CA SER H 90 -21.24 23.68 21.32
C SER H 90 -20.24 22.71 20.68
N VAL H 91 -20.11 22.78 19.37
CA VAL H 91 -19.07 22.06 18.65
C VAL H 91 -17.74 22.72 18.91
N ALA H 92 -17.76 24.04 19.08
CA ALA H 92 -16.52 24.80 19.37
C ALA H 92 -15.78 24.37 20.65
N LEU H 93 -16.52 24.15 21.73
CA LEU H 93 -15.99 23.67 22.96
C LEU H 93 -15.44 22.27 22.75
N ARG H 94 -16.18 21.46 22.01
CA ARG H 94 -15.70 20.15 21.74
C ARG H 94 -14.37 20.15 21.02
N ASP H 95 -14.20 21.00 20.00
CA ASP H 95 -12.96 21.01 19.23
C ASP H 95 -11.87 21.48 20.14
N ALA H 96 -12.20 22.29 21.13
CA ALA H 96 -11.14 22.78 21.99
C ALA H 96 -10.67 21.67 22.89
N CYS H 97 -11.64 20.94 23.43
CA CYS H 97 -11.38 19.76 24.22
C CYS H 97 -10.59 18.65 23.51
N ALA H 98 -10.76 18.51 22.20
CA ALA H 98 -10.15 17.40 21.46
C ALA H 98 -8.59 17.42 21.45
N GLU H 99 -8.04 18.62 21.44
CA GLU H 99 -6.63 18.87 21.69
C GLU H 99 -6.08 18.28 23.01
N LEU H 100 -6.84 18.32 24.08
CA LEU H 100 -6.33 17.87 25.37
C LEU H 100 -5.53 16.58 25.30
N SER H 101 -4.24 16.69 25.58
CA SER H 101 -3.43 15.51 25.64
C SER H 101 -3.67 14.74 26.96
N ALA H 102 -3.95 15.40 28.08
CA ALA H 102 -4.29 14.64 29.30
C ALA H 102 -5.78 14.27 29.40
N PRO H 103 -6.17 13.46 30.39
CA PRO H 103 -7.57 12.98 30.44
C PRO H 103 -8.58 14.09 30.62
N LEU H 104 -9.77 13.90 30.05
CA LEU H 104 -10.88 14.84 30.14
C LEU H 104 -12.09 14.15 30.74
N ILE H 105 -12.56 14.64 31.87
CA ILE H 105 -13.72 14.01 32.50
C ILE H 105 -14.87 14.99 32.46
N GLU H 106 -15.91 14.61 31.73
CA GLU H 106 -17.16 15.36 31.70
C GLU H 106 -18.05 15.02 32.91
N VAL H 107 -18.52 16.07 33.58
CA VAL H 107 -19.37 15.89 34.77
C VAL H 107 -20.70 16.64 34.64
N HIS H 108 -21.80 15.98 35.07
CA HIS H 108 -23.11 16.62 35.21
C HIS H 108 -23.62 16.30 36.54
N ILE H 109 -24.15 17.31 37.22
CA ILE H 109 -24.66 17.17 38.58
C ILE H 109 -25.94 16.36 38.59
N SER H 110 -26.89 16.77 37.77
CA SER H 110 -28.15 16.06 37.63
C SER H 110 -27.94 14.92 36.64
N ASN H 111 -28.86 13.96 36.63
CA ASN H 111 -28.97 12.91 35.63
C ASN H 111 -29.63 13.42 34.35
N VAL H 112 -28.85 13.77 33.34
CA VAL H 112 -29.43 14.35 32.12
C VAL H 112 -30.31 13.38 31.36
N HIS H 113 -30.17 12.09 31.72
CA HIS H 113 -30.91 11.04 31.06
C HIS H 113 -32.31 10.93 31.55
N ALA H 114 -32.62 11.62 32.64
CA ALA H 114 -33.98 11.65 33.23
C ALA H 114 -34.70 12.96 32.97
N ARG H 115 -34.22 13.75 32.00
CA ARG H 115 -34.82 15.07 31.78
C ARG H 115 -35.18 15.20 30.34
N GLU H 116 -35.37 16.41 29.84
CA GLU H 116 -35.81 16.58 28.45
C GLU H 116 -34.90 15.79 27.53
N GLU H 117 -35.50 15.23 26.50
CA GLU H 117 -34.79 14.31 25.66
C GLU H 117 -33.54 14.91 24.93
N PHE H 118 -33.51 16.24 24.76
CA PHE H 118 -32.39 16.92 24.09
C PHE H 118 -31.15 16.94 24.96
N ARG H 119 -31.33 16.65 26.23
CA ARG H 119 -30.19 16.62 27.16
C ARG H 119 -29.44 15.29 27.10
N ARG H 120 -29.87 14.38 26.26
CA ARG H 120 -29.25 13.05 26.25
C ARG H 120 -28.23 12.90 25.17
N HIS H 121 -27.97 14.01 24.48
CA HIS H 121 -26.86 14.10 23.58
C HIS H 121 -25.91 15.11 24.06
N SER H 122 -24.66 14.71 24.10
CA SER H 122 -23.60 15.62 24.44
C SER H 122 -22.65 15.64 23.30
N TYR H 123 -22.23 16.82 22.88
CA TYR H 123 -21.08 16.93 21.98
C TYR H 123 -19.70 16.68 22.66
N LEU H 124 -19.61 16.57 23.99
CA LEU H 124 -18.27 16.37 24.63
C LEU H 124 -17.96 14.92 24.90
N SER H 125 -19.01 14.17 25.28
CA SER H 125 -18.85 12.82 25.69
C SER H 125 -17.98 12.00 24.72
N PRO H 126 -18.12 12.21 23.38
CA PRO H 126 -17.36 11.29 22.54
C PRO H 126 -15.86 11.50 22.62
N ILE H 127 -15.42 12.69 22.97
CA ILE H 127 -13.97 12.94 23.00
C ILE H 127 -13.41 13.00 24.39
N ALA H 128 -14.24 12.73 25.39
CA ALA H 128 -13.77 12.68 26.76
C ALA H 128 -13.24 11.29 27.15
N THR H 129 -12.54 11.22 28.28
CA THR H 129 -12.05 9.96 28.78
C THR H 129 -13.23 9.18 29.29
N GLY H 130 -14.06 9.87 30.08
CA GLY H 130 -15.28 9.31 30.57
C GLY H 130 -16.18 10.38 31.15
N VAL H 131 -17.35 9.96 31.60
CA VAL H 131 -18.42 10.86 31.98
C VAL H 131 -19.06 10.37 33.29
N ILE H 132 -19.26 11.33 34.20
CA ILE H 132 -19.99 11.10 35.42
C ILE H 132 -21.24 11.97 35.45
N VAL H 133 -22.40 11.35 35.59
CA VAL H 133 -23.68 12.02 35.54
C VAL H 133 -24.57 11.58 36.69
N GLY H 134 -25.28 12.54 37.27
CA GLY H 134 -26.30 12.26 38.27
C GLY H 134 -25.82 12.07 39.70
N LEU H 135 -24.51 12.12 39.92
CA LEU H 135 -23.96 11.88 41.27
C LEU H 135 -23.85 13.14 42.13
N GLY H 136 -24.61 14.16 41.70
CA GLY H 136 -24.68 15.44 42.32
C GLY H 136 -23.30 16.01 42.37
N ILE H 137 -23.01 16.73 43.43
CA ILE H 137 -21.77 17.45 43.56
C ILE H 137 -20.54 16.53 43.76
N GLN H 138 -20.75 15.31 44.28
CA GLN H 138 -19.64 14.35 44.44
C GLN H 138 -19.13 13.95 43.10
N GLY H 139 -19.97 14.16 42.11
CA GLY H 139 -19.51 14.02 40.75
C GLY H 139 -18.10 14.55 40.58
N TYR H 140 -17.86 15.78 41.07
CA TYR H 140 -16.56 16.42 40.89
C TYR H 140 -15.49 15.72 41.69
N LEU H 141 -15.85 15.21 42.88
CA LEU H 141 -14.85 14.69 43.79
C LEU H 141 -14.31 13.35 43.39
N LEU H 142 -15.23 12.53 42.87
CA LEU H 142 -14.97 11.23 42.31
C LEU H 142 -14.04 11.34 41.12
N ALA H 143 -14.38 12.23 40.19
CA ALA H 143 -13.52 12.53 39.07
C ALA H 143 -12.10 12.93 39.51
N LEU H 144 -11.98 13.80 40.51
CA LEU H 144 -10.63 14.09 41.03
C LEU H 144 -9.89 12.82 41.48
N ARG H 145 -10.61 11.93 42.15
CA ARG H 145 -10.03 10.72 42.65
C ARG H 145 -9.59 9.84 41.48
N TYR H 146 -10.39 9.78 40.43
CA TYR H 146 -10.03 9.01 39.27
C TYR H 146 -8.70 9.51 38.72
N LEU H 147 -8.54 10.82 38.64
CA LEU H 147 -7.32 11.44 38.17
C LEU H 147 -6.17 11.24 39.12
N ALA H 148 -6.42 11.17 40.41
CA ALA H 148 -5.35 10.85 41.38
C ALA H 148 -4.78 9.45 41.16
N GLU H 149 -5.54 8.58 40.49
CA GLU H 149 -5.13 7.21 40.24
C GLU H 149 -4.61 6.97 38.83
N HIS H 150 -4.55 8.00 38.00
CA HIS H 150 -4.16 7.87 36.59
C HIS H 150 -3.40 9.07 36.14
N LEU I 10 -10.18 47.45 -3.05
CA LEU I 10 -11.14 47.12 -1.95
C LEU I 10 -10.43 46.43 -0.74
N ILE I 11 -11.04 46.56 0.43
CA ILE I 11 -10.54 45.92 1.61
C ILE I 11 -11.30 44.59 1.71
N VAL I 12 -10.58 43.47 1.84
CA VAL I 12 -11.25 42.19 2.12
C VAL I 12 -11.10 41.85 3.60
N ASN I 13 -12.15 41.34 4.22
CA ASN I 13 -12.10 40.96 5.66
C ASN I 13 -12.01 39.49 5.80
N VAL I 14 -10.91 39.03 6.35
CA VAL I 14 -10.79 37.62 6.70
C VAL I 14 -11.07 37.42 8.21
N ILE I 15 -12.08 36.60 8.49
CA ILE I 15 -12.60 36.45 9.84
C ILE I 15 -12.59 34.95 10.17
N ASN I 16 -11.70 34.59 11.09
CA ASN I 16 -11.59 33.23 11.62
C ASN I 16 -12.20 33.17 13.03
N GLY I 17 -13.07 32.23 13.28
CA GLY I 17 -13.58 32.09 14.59
C GLY I 17 -12.86 31.05 15.43
N PRO I 18 -13.60 30.45 16.37
CA PRO I 18 -13.16 29.56 17.47
C PRO I 18 -12.08 28.53 17.10
N ASN I 19 -11.05 28.46 17.94
CA ASN I 19 -10.04 27.43 17.89
C ASN I 19 -9.10 27.64 16.74
N LEU I 20 -9.33 28.68 15.93
CA LEU I 20 -8.42 28.96 14.81
C LEU I 20 -7.12 29.66 15.18
N GLY I 21 -7.00 30.17 16.40
CA GLY I 21 -5.71 30.73 16.82
C GLY I 21 -4.74 29.60 17.12
N ARG I 22 -5.27 28.40 17.35
CA ARG I 22 -4.49 27.20 17.63
C ARG I 22 -3.90 26.59 16.39
N LEU I 23 -4.19 27.17 15.25
CA LEU I 23 -3.74 26.63 14.00
C LEU I 23 -2.25 26.24 14.05
N GLY I 24 -1.94 25.07 13.48
CA GLY I 24 -0.56 24.65 13.29
C GLY I 24 0.03 24.13 14.56
N ARG I 25 -0.47 24.62 15.69
CA ARG I 25 0.03 24.17 16.99
C ARG I 25 -0.82 23.04 17.51
N ARG I 26 -1.10 22.10 16.62
CA ARG I 26 -1.60 20.74 16.90
C ARG I 26 -2.71 20.26 15.93
N GLU I 27 -2.75 18.93 15.73
CA GLU I 27 -3.67 18.18 14.85
C GLU I 27 -3.36 18.45 13.36
N PRO I 28 -2.10 18.18 12.96
CA PRO I 28 -1.56 18.71 11.71
C PRO I 28 -1.93 17.85 10.51
N ALA I 29 -2.15 16.57 10.79
CA ALA I 29 -2.83 15.67 9.87
C ALA I 29 -4.02 16.39 9.15
N VAL I 30 -4.81 17.14 9.92
CA VAL I 30 -6.07 17.73 9.45
C VAL I 30 -6.05 19.24 9.15
N TYR I 31 -5.15 20.01 9.76
CA TYR I 31 -5.23 21.50 9.66
C TYR I 31 -4.21 22.47 8.94
N GLY I 32 -3.04 22.10 8.41
CA GLY I 32 -2.09 21.18 8.98
C GLY I 32 -1.14 22.10 9.77
N GLY I 33 -0.06 22.58 9.11
CA GLY I 33 1.18 23.05 9.80
C GLY I 33 1.44 24.54 10.01
N THR I 34 0.81 25.37 9.20
CA THR I 34 0.91 26.81 9.36
C THR I 34 0.18 27.33 10.59
N THR I 35 0.88 28.17 11.36
CA THR I 35 0.30 28.89 12.50
C THR I 35 -0.53 30.06 11.98
N HIS I 36 -1.32 30.67 12.86
CA HIS I 36 -2.19 31.76 12.44
C HIS I 36 -1.47 33.01 12.06
N ASP I 37 -0.38 33.32 12.75
CA ASP I 37 0.53 34.43 12.36
C ASP I 37 1.07 34.21 10.95
N GLU I 38 1.69 33.07 10.70
CA GLU I 38 2.11 32.75 9.33
C GLU I 38 0.94 32.94 8.35
N LEU I 39 -0.21 32.35 8.66
CA LEU I 39 -1.37 32.48 7.78
C LEU I 39 -1.73 33.94 7.52
N VAL I 40 -1.60 34.79 8.53
CA VAL I 40 -1.86 36.24 8.38
C VAL I 40 -0.93 36.84 7.30
N ALA I 41 0.37 36.59 7.44
CA ALA I 41 1.36 37.07 6.50
C ALA I 41 1.02 36.61 5.07
N LEU I 42 0.94 35.30 4.86
CA LEU I 42 0.56 34.72 3.57
C LEU I 42 -0.61 35.42 2.95
N ILE I 43 -1.69 35.52 3.69
CA ILE I 43 -2.89 36.15 3.18
C ILE I 43 -2.62 37.61 2.78
N GLU I 44 -1.89 38.36 3.61
CA GLU I 44 -1.52 39.73 3.23
C GLU I 44 -0.62 39.80 2.01
N ARG I 45 0.41 38.95 1.95
CA ARG I 45 1.30 38.99 0.80
C ARG I 45 0.50 38.70 -0.48
N GLU I 46 -0.33 37.66 -0.42
CA GLU I 46 -1.19 37.28 -1.53
C GLU I 46 -2.24 38.37 -1.86
N ALA I 47 -2.76 39.06 -0.85
CA ALA I 47 -3.74 40.10 -1.13
C ALA I 47 -3.11 41.32 -1.81
N ALA I 48 -1.95 41.76 -1.32
CA ALA I 48 -1.23 42.85 -1.94
C ALA I 48 -0.76 42.52 -3.38
N GLU I 49 -0.16 41.35 -3.58
CA GLU I 49 0.17 40.84 -4.93
C GLU I 49 -1.01 40.78 -5.89
N LEU I 50 -2.22 40.88 -5.36
CA LEU I 50 -3.43 40.79 -6.15
C LEU I 50 -3.99 42.18 -6.28
N GLY I 51 -3.45 43.14 -5.53
CA GLY I 51 -4.03 44.49 -5.55
C GLY I 51 -5.15 44.77 -4.56
N LEU I 52 -5.26 43.96 -3.51
CA LEU I 52 -6.28 44.13 -2.45
C LEU I 52 -5.59 44.41 -1.10
N LYS I 53 -6.34 44.95 -0.14
CA LYS I 53 -5.83 45.05 1.22
C LYS I 53 -6.67 44.09 2.06
N ALA I 54 -6.04 43.12 2.69
CA ALA I 54 -6.75 42.19 3.54
C ALA I 54 -6.54 42.51 5.00
N VAL I 55 -7.63 42.59 5.75
CA VAL I 55 -7.60 42.68 7.22
C VAL I 55 -7.95 41.29 7.82
N VAL I 56 -6.97 40.63 8.42
CA VAL I 56 -7.17 39.34 9.04
C VAL I 56 -7.37 39.45 10.57
N ARG I 57 -8.48 38.86 11.02
CA ARG I 57 -8.90 38.95 12.42
C ARG I 57 -9.38 37.59 12.91
N GLN I 58 -9.01 37.20 14.14
CA GLN I 58 -9.46 35.92 14.73
C GLN I 58 -9.99 36.17 16.10
N SER I 59 -10.94 35.34 16.53
CA SER I 59 -11.49 35.46 17.88
C SER I 59 -12.30 34.23 18.25
N ASP I 60 -12.27 33.82 19.53
CA ASP I 60 -13.16 32.72 20.06
C ASP I 60 -14.55 33.22 20.45
N SER I 61 -14.79 34.51 20.29
CA SER I 61 -16.01 35.11 20.83
C SER I 61 -16.99 35.34 19.70
N GLU I 62 -18.07 34.57 19.71
CA GLU I 62 -19.13 34.75 18.74
C GLU I 62 -19.51 36.24 18.57
N ALA I 63 -19.57 36.96 19.69
CA ALA I 63 -20.12 38.30 19.72
C ALA I 63 -19.12 39.20 19.09
N GLN I 64 -17.87 38.79 19.22
CA GLN I 64 -16.79 39.52 18.55
C GLN I 64 -16.85 39.29 17.02
N LEU I 65 -17.08 38.05 16.61
CA LEU I 65 -17.31 37.76 15.21
C LEU I 65 -18.52 38.53 14.64
N LEU I 66 -19.59 38.65 15.44
CA LEU I 66 -20.80 39.39 15.02
C LEU I 66 -20.46 40.83 14.77
N ASP I 67 -19.70 41.42 15.69
CA ASP I 67 -19.26 42.78 15.57
C ASP I 67 -18.42 43.05 14.30
N TRP I 68 -17.54 42.12 13.95
CA TRP I 68 -16.72 42.35 12.77
C TRP I 68 -17.53 42.27 11.50
N ILE I 69 -18.52 41.37 11.46
CA ILE I 69 -19.42 41.32 10.31
C ILE I 69 -20.28 42.55 10.13
N HIS I 70 -20.81 43.08 11.24
CA HIS I 70 -21.65 44.30 11.20
C HIS I 70 -20.84 45.37 10.56
N GLN I 71 -19.57 45.44 10.93
CA GLN I 71 -18.71 46.49 10.42
C GLN I 71 -18.49 46.34 8.93
N ALA I 72 -18.14 45.15 8.50
CA ALA I 72 -18.04 44.89 7.08
C ALA I 72 -19.36 45.13 6.32
N ALA I 73 -20.49 45.05 7.03
CA ALA I 73 -21.78 45.26 6.39
C ALA I 73 -22.03 46.74 6.12
N ASP I 74 -21.73 47.58 7.10
CA ASP I 74 -21.83 49.02 6.97
C ASP I 74 -20.76 49.57 6.04
N ALA I 75 -19.65 48.84 5.94
CA ALA I 75 -18.56 49.23 5.08
C ALA I 75 -18.83 48.70 3.68
N ALA I 76 -19.81 47.82 3.53
CA ALA I 76 -20.02 47.11 2.28
C ALA I 76 -18.72 46.46 1.75
N GLU I 77 -18.00 45.78 2.63
CA GLU I 77 -16.79 45.11 2.24
C GLU I 77 -16.93 43.59 2.12
N PRO I 78 -16.23 42.99 1.15
CA PRO I 78 -16.24 41.53 1.05
C PRO I 78 -15.75 40.89 2.35
N VAL I 79 -16.18 39.65 2.60
CA VAL I 79 -15.79 38.90 3.79
C VAL I 79 -15.42 37.47 3.49
N ILE I 80 -14.26 37.06 3.95
CA ILE I 80 -13.90 35.67 3.90
C ILE I 80 -14.07 35.09 5.32
N LEU I 81 -14.91 34.08 5.44
CA LEU I 81 -15.23 33.60 6.79
C LEU I 81 -14.99 32.09 6.99
N ASN I 82 -14.21 31.78 8.02
CA ASN I 82 -14.09 30.41 8.57
C ASN I 82 -14.58 30.57 9.99
N ALA I 83 -15.78 30.10 10.22
CA ALA I 83 -16.44 30.28 11.51
C ALA I 83 -16.03 29.20 12.48
N GLY I 84 -15.30 28.19 12.00
CA GLY I 84 -14.93 27.07 12.90
C GLY I 84 -16.17 26.28 13.29
N GLY I 85 -16.26 25.84 14.54
CA GLY I 85 -17.38 25.02 14.94
C GLY I 85 -18.69 25.81 14.92
N LEU I 86 -18.60 27.14 15.03
CA LEU I 86 -19.79 27.99 14.89
C LEU I 86 -20.54 27.75 13.59
N THR I 87 -19.93 27.03 12.67
CA THR I 87 -20.53 26.86 11.36
C THR I 87 -21.73 25.97 11.46
N HIS I 88 -21.65 24.96 12.30
CA HIS I 88 -22.70 23.96 12.36
C HIS I 88 -23.66 24.28 13.44
N THR I 89 -23.42 25.40 14.16
CA THR I 89 -24.21 25.65 15.37
C THR I 89 -24.85 27.02 15.44
N SER I 90 -24.38 28.00 14.69
CA SER I 90 -24.85 29.37 15.02
C SER I 90 -25.80 30.02 14.03
N VAL I 91 -27.05 30.19 14.47
CA VAL I 91 -28.03 30.92 13.67
C VAL I 91 -27.67 32.39 13.72
N ALA I 92 -27.20 32.83 14.88
CA ALA I 92 -26.81 34.21 15.10
C ALA I 92 -25.75 34.70 14.11
N LEU I 93 -24.72 33.90 13.89
CA LEU I 93 -23.65 34.28 12.98
C LEU I 93 -24.19 34.41 11.56
N ARG I 94 -24.93 33.37 11.13
CA ARG I 94 -25.67 33.37 9.87
C ARG I 94 -26.50 34.63 9.69
N ASP I 95 -27.44 34.89 10.58
CA ASP I 95 -28.22 36.10 10.38
C ASP I 95 -27.37 37.33 10.18
N ALA I 96 -26.22 37.42 10.84
CA ALA I 96 -25.38 38.60 10.68
C ALA I 96 -24.79 38.66 9.27
N CYS I 97 -24.31 37.55 8.73
CA CYS I 97 -23.74 37.57 7.39
C CYS I 97 -24.79 37.75 6.31
N ALA I 98 -26.03 37.36 6.60
CA ALA I 98 -27.12 37.44 5.63
C ALA I 98 -27.30 38.88 5.16
N GLU I 99 -26.81 39.81 5.99
CA GLU I 99 -26.94 41.22 5.76
C GLU I 99 -25.85 41.79 4.87
N LEU I 100 -24.81 41.01 4.55
CA LEU I 100 -23.66 41.55 3.82
C LEU I 100 -24.05 41.83 2.40
N SER I 101 -23.68 42.99 1.88
CA SER I 101 -24.04 43.33 0.51
C SER I 101 -22.95 42.87 -0.46
N ALA I 102 -21.71 42.83 -0.01
CA ALA I 102 -20.59 42.39 -0.84
C ALA I 102 -20.39 40.85 -0.77
N PRO I 103 -19.59 40.23 -1.67
CA PRO I 103 -19.63 38.75 -1.72
C PRO I 103 -19.18 38.12 -0.41
N LEU I 104 -19.72 36.95 -0.07
CA LEU I 104 -19.29 36.23 1.16
C LEU I 104 -18.72 34.87 0.80
N ILE I 105 -17.44 34.65 1.08
CA ILE I 105 -16.91 33.30 0.90
C ILE I 105 -16.76 32.57 2.23
N GLU I 106 -17.38 31.40 2.33
CA GLU I 106 -17.12 30.53 3.49
C GLU I 106 -15.86 29.69 3.16
N VAL I 107 -14.89 29.61 4.08
CA VAL I 107 -13.74 28.70 3.91
C VAL I 107 -13.63 27.68 5.03
N HIS I 108 -13.33 26.44 4.69
CA HIS I 108 -12.85 25.52 5.67
C HIS I 108 -11.58 24.87 5.23
N ILE I 109 -10.61 24.89 6.14
CA ILE I 109 -9.32 24.33 5.92
C ILE I 109 -9.40 22.84 5.62
N SER I 110 -10.19 22.10 6.42
CA SER I 110 -10.30 20.63 6.36
C SER I 110 -11.46 20.20 5.50
N ASN I 111 -11.50 18.95 5.06
CA ASN I 111 -12.67 18.51 4.27
C ASN I 111 -13.77 18.10 5.26
N VAL I 112 -14.75 18.95 5.45
CA VAL I 112 -15.74 18.64 6.48
C VAL I 112 -16.63 17.48 6.12
N HIS I 113 -16.72 17.17 4.84
CA HIS I 113 -17.57 16.10 4.40
C HIS I 113 -16.89 14.80 4.61
N ALA I 114 -15.62 14.89 5.00
CA ALA I 114 -14.87 13.67 5.31
C ALA I 114 -14.81 13.34 6.80
N ARG I 115 -15.53 14.05 7.66
CA ARG I 115 -15.34 13.81 9.10
C ARG I 115 -16.60 13.41 9.81
N GLU I 116 -16.83 13.92 11.02
CA GLU I 116 -18.08 13.58 11.69
C GLU I 116 -19.27 14.09 10.88
N GLU I 117 -20.36 13.35 10.94
CA GLU I 117 -21.60 13.72 10.32
C GLU I 117 -22.11 15.16 10.54
N PHE I 118 -22.07 15.65 11.77
CA PHE I 118 -22.61 16.98 12.06
C PHE I 118 -21.84 18.12 11.40
N ARG I 119 -20.57 17.88 11.07
CA ARG I 119 -19.78 18.88 10.39
C ARG I 119 -20.19 19.03 8.93
N ARG I 120 -20.96 18.05 8.44
CA ARG I 120 -21.49 18.09 7.08
C ARG I 120 -22.53 19.17 6.83
N HIS I 121 -23.15 19.73 7.88
CA HIS I 121 -24.15 20.81 7.73
C HIS I 121 -23.70 22.13 8.27
N SER I 122 -24.01 23.18 7.55
CA SER I 122 -23.60 24.51 7.89
C SER I 122 -24.80 25.47 7.75
N TYR I 123 -24.88 26.43 8.64
CA TYR I 123 -25.93 27.44 8.58
C TYR I 123 -25.49 28.61 7.74
N LEU I 124 -24.21 28.69 7.42
CA LEU I 124 -23.67 29.79 6.60
C LEU I 124 -23.70 29.53 5.12
N SER I 125 -23.27 28.34 4.71
CA SER I 125 -23.37 27.94 3.31
C SER I 125 -24.57 28.48 2.52
N PRO I 126 -25.82 28.35 3.04
CA PRO I 126 -26.97 28.81 2.23
C PRO I 126 -26.93 30.29 1.97
N ILE I 127 -26.34 31.04 2.89
CA ILE I 127 -26.34 32.47 2.74
C ILE I 127 -25.03 33.05 2.14
N ALA I 128 -24.06 32.20 1.89
CA ALA I 128 -22.73 32.60 1.45
C ALA I 128 -22.73 32.62 -0.06
N THR I 129 -21.90 33.45 -0.69
CA THR I 129 -21.77 33.41 -2.16
C THR I 129 -21.34 32.01 -2.57
N GLY I 130 -20.33 31.50 -1.87
CA GLY I 130 -19.71 30.22 -2.16
C GLY I 130 -18.91 29.76 -0.96
N VAL I 131 -18.43 28.52 -1.06
CA VAL I 131 -17.78 27.80 0.01
C VAL I 131 -16.55 27.14 -0.58
N ILE I 132 -15.40 27.27 0.12
CA ILE I 132 -14.23 26.47 -0.19
C ILE I 132 -13.91 25.53 1.00
N VAL I 133 -13.85 24.23 0.72
CA VAL I 133 -13.73 23.22 1.72
C VAL I 133 -12.56 22.33 1.38
N GLY I 134 -11.64 22.16 2.34
CA GLY I 134 -10.68 21.04 2.30
C GLY I 134 -9.46 21.22 1.42
N LEU I 135 -9.24 22.43 0.92
CA LEU I 135 -8.04 22.70 0.14
C LEU I 135 -6.93 23.25 1.04
N GLY I 136 -7.08 22.98 2.34
CA GLY I 136 -6.19 23.51 3.31
C GLY I 136 -6.16 25.00 3.15
N ILE I 137 -5.07 25.56 3.62
CA ILE I 137 -4.84 26.97 3.81
C ILE I 137 -4.88 27.80 2.53
N GLN I 138 -4.72 27.13 1.39
CA GLN I 138 -4.84 27.82 0.16
C GLN I 138 -6.28 28.14 -0.16
N GLY I 139 -7.18 27.57 0.63
CA GLY I 139 -8.54 28.02 0.59
C GLY I 139 -8.70 29.52 0.65
N TYR I 140 -8.05 30.15 1.63
CA TYR I 140 -8.17 31.59 1.83
C TYR I 140 -7.66 32.34 0.59
N LEU I 141 -6.54 31.87 0.00
CA LEU I 141 -5.93 32.52 -1.14
C LEU I 141 -6.78 32.43 -2.36
N LEU I 142 -7.37 31.26 -2.60
CA LEU I 142 -8.30 31.13 -3.70
C LEU I 142 -9.50 32.07 -3.51
N ALA I 143 -9.95 32.24 -2.26
CA ALA I 143 -11.12 33.11 -2.03
C ALA I 143 -10.72 34.56 -2.31
N LEU I 144 -9.50 34.95 -1.95
CA LEU I 144 -8.99 36.25 -2.36
C LEU I 144 -8.90 36.35 -3.87
N ARG I 145 -8.20 35.41 -4.50
CA ARG I 145 -8.22 35.36 -5.95
C ARG I 145 -9.59 35.63 -6.53
N TYR I 146 -10.65 35.01 -6.00
CA TYR I 146 -11.97 35.14 -6.60
C TYR I 146 -12.56 36.52 -6.40
N LEU I 147 -12.31 37.13 -5.24
CA LEU I 147 -12.74 38.49 -4.94
C LEU I 147 -12.07 39.56 -5.81
N ALA I 148 -10.76 39.42 -6.10
CA ALA I 148 -10.06 40.30 -7.07
C ALA I 148 -10.76 40.30 -8.41
N GLU I 149 -11.21 39.12 -8.86
CA GLU I 149 -12.01 38.94 -10.08
C GLU I 149 -13.46 39.46 -10.02
N HIS I 150 -13.97 39.73 -8.81
CA HIS I 150 -15.42 40.01 -8.50
C HIS I 150 -16.36 38.82 -8.58
N LEU J 10 -42.57 49.52 39.31
CA LEU J 10 -42.40 48.09 38.96
C LEU J 10 -41.64 47.85 37.64
N ILE J 11 -40.44 47.30 37.76
CA ILE J 11 -39.49 47.22 36.64
C ILE J 11 -39.81 46.08 35.68
N VAL J 12 -39.61 46.33 34.39
CA VAL J 12 -39.70 45.24 33.41
C VAL J 12 -38.48 45.19 32.54
N ASN J 13 -37.88 44.02 32.42
CA ASN J 13 -36.69 43.85 31.62
C ASN J 13 -37.02 43.44 30.20
N VAL J 14 -36.65 44.27 29.22
CA VAL J 14 -36.72 43.89 27.79
C VAL J 14 -35.29 43.56 27.32
N ILE J 15 -35.07 42.40 26.75
CA ILE J 15 -33.73 41.93 26.52
C ILE J 15 -33.68 41.49 25.07
N ASN J 16 -32.77 42.10 24.31
CA ASN J 16 -32.65 41.78 22.91
C ASN J 16 -31.30 41.14 22.65
N GLY J 17 -31.31 40.01 21.95
CA GLY J 17 -30.08 39.26 21.67
C GLY J 17 -29.49 39.62 20.33
N PRO J 18 -28.54 38.82 19.84
CA PRO J 18 -27.76 38.98 18.64
C PRO J 18 -28.45 39.70 17.43
N ASN J 19 -27.68 40.56 16.74
CA ASN J 19 -28.13 41.27 15.53
C ASN J 19 -29.30 42.23 15.75
N LEU J 20 -29.86 42.24 16.96
CA LEU J 20 -31.01 43.11 17.15
C LEU J 20 -30.63 44.60 17.26
N GLY J 21 -29.37 44.89 17.65
CA GLY J 21 -28.80 46.23 17.46
C GLY J 21 -28.73 46.69 16.00
N ARG J 22 -29.01 45.83 15.03
CA ARG J 22 -29.07 46.18 13.62
C ARG J 22 -30.43 46.57 13.12
N LEU J 23 -31.47 46.46 13.96
CA LEU J 23 -32.81 46.88 13.58
C LEU J 23 -32.81 48.22 12.87
N GLY J 24 -33.39 48.21 11.67
CA GLY J 24 -33.53 49.41 10.86
C GLY J 24 -32.49 49.63 9.77
N ARG J 25 -31.53 48.72 9.63
CA ARG J 25 -30.46 48.90 8.62
C ARG J 25 -30.40 47.85 7.52
N ARG J 26 -31.51 47.59 6.82
CA ARG J 26 -31.75 46.32 6.07
C ARG J 26 -31.98 45.28 7.18
N GLU J 27 -33.06 44.48 7.17
CA GLU J 27 -34.00 44.24 6.06
C GLU J 27 -35.28 45.05 6.17
N PRO J 28 -35.45 46.06 5.28
CA PRO J 28 -36.67 46.88 5.15
C PRO J 28 -37.91 46.47 5.98
N ALA J 29 -38.79 45.49 5.69
CA ALA J 29 -38.83 44.38 4.71
C ALA J 29 -39.40 43.31 5.65
N VAL J 30 -38.51 42.53 6.29
CA VAL J 30 -38.84 41.51 7.31
C VAL J 30 -38.99 42.10 8.72
N TYR J 31 -38.32 43.22 8.98
CA TYR J 31 -38.15 43.70 10.35
C TYR J 31 -38.69 45.11 10.66
N GLY J 32 -39.18 45.81 9.66
CA GLY J 32 -39.58 47.22 9.85
C GLY J 32 -38.40 48.19 9.68
N GLY J 33 -38.66 49.48 9.84
CA GLY J 33 -37.65 50.55 9.60
C GLY J 33 -37.27 51.37 10.82
N THR J 34 -37.69 50.88 11.97
CA THR J 34 -37.38 51.47 13.27
C THR J 34 -36.02 50.96 13.70
N THR J 35 -35.16 51.85 14.18
CA THR J 35 -33.80 51.47 14.55
C THR J 35 -33.85 50.93 15.96
N HIS J 36 -32.75 50.38 16.47
CA HIS J 36 -32.82 49.90 17.82
C HIS J 36 -32.95 51.00 18.85
N ASP J 37 -32.31 52.15 18.61
CA ASP J 37 -32.54 53.29 19.52
C ASP J 37 -33.99 53.76 19.53
N GLU J 38 -34.63 53.83 18.38
CA GLU J 38 -36.00 54.33 18.35
C GLU J 38 -36.92 53.42 19.13
N LEU J 39 -36.71 52.12 18.97
CA LEU J 39 -37.44 51.10 19.69
C LEU J 39 -37.24 51.22 21.19
N VAL J 40 -35.99 51.36 21.61
CA VAL J 40 -35.71 51.45 23.02
C VAL J 40 -36.66 52.45 23.60
N ALA J 41 -36.64 53.66 23.04
CA ALA J 41 -37.43 54.78 23.59
C ALA J 41 -38.94 54.61 23.39
N LEU J 42 -39.33 53.85 22.37
CA LEU J 42 -40.73 53.59 22.09
C LEU J 42 -41.28 52.70 23.20
N ILE J 43 -40.56 51.62 23.51
CA ILE J 43 -40.83 50.85 24.70
C ILE J 43 -40.88 51.70 25.97
N GLU J 44 -39.88 52.52 26.24
CA GLU J 44 -39.86 53.31 27.50
C GLU J 44 -41.08 54.23 27.68
N ARG J 45 -41.36 55.07 26.69
CA ARG J 45 -42.58 55.87 26.70
C ARG J 45 -43.83 55.05 26.99
N GLU J 46 -43.90 53.88 26.39
CA GLU J 46 -45.11 53.11 26.39
C GLU J 46 -45.25 52.34 27.69
N ALA J 47 -44.17 51.80 28.23
CA ALA J 47 -44.16 51.19 29.56
C ALA J 47 -44.60 52.24 30.60
N ALA J 48 -44.10 53.48 30.41
CA ALA J 48 -44.44 54.59 31.28
C ALA J 48 -45.94 54.88 31.25
N GLU J 49 -46.54 54.99 30.07
CA GLU J 49 -47.93 55.34 30.06
C GLU J 49 -48.78 54.19 30.64
N LEU J 50 -48.15 53.05 30.93
CA LEU J 50 -48.82 51.94 31.64
C LEU J 50 -48.44 51.80 33.14
N GLY J 51 -47.63 52.70 33.64
CA GLY J 51 -47.16 52.57 34.99
C GLY J 51 -46.07 51.54 35.14
N LEU J 52 -45.38 51.24 34.05
CA LEU J 52 -44.26 50.33 34.16
C LEU J 52 -42.98 51.10 33.95
N LYS J 53 -41.90 50.51 34.41
CA LYS J 53 -40.60 51.09 34.19
C LYS J 53 -39.84 50.05 33.41
N ALA J 54 -39.50 50.35 32.17
CA ALA J 54 -38.85 49.33 31.37
C ALA J 54 -37.36 49.56 31.31
N VAL J 55 -36.56 48.51 31.54
CA VAL J 55 -35.12 48.52 31.25
C VAL J 55 -34.90 47.78 29.92
N VAL J 56 -34.49 48.51 28.87
CA VAL J 56 -34.29 47.92 27.54
C VAL J 56 -32.81 47.68 27.30
N ARG J 57 -32.43 46.49 26.87
CA ARG J 57 -30.98 46.20 26.78
C ARG J 57 -30.75 45.29 25.64
N GLN J 58 -29.72 45.55 24.87
CA GLN J 58 -29.42 44.64 23.75
C GLN J 58 -28.01 44.13 23.89
N SER J 59 -27.80 42.88 23.53
CA SER J 59 -26.43 42.42 23.38
C SER J 59 -26.25 41.28 22.39
N ASP J 60 -25.08 41.26 21.77
CA ASP J 60 -24.67 40.17 20.92
C ASP J 60 -24.00 39.02 21.66
N SER J 61 -23.76 39.20 22.96
CA SER J 61 -23.04 38.22 23.76
C SER J 61 -24.03 37.44 24.60
N GLU J 62 -24.20 36.17 24.26
CA GLU J 62 -24.95 35.20 25.04
C GLU J 62 -24.58 35.37 26.54
N ALA J 63 -23.30 35.44 26.83
CA ALA J 63 -22.88 35.59 28.23
C ALA J 63 -23.52 36.83 28.90
N GLN J 64 -23.49 37.95 28.19
CA GLN J 64 -24.13 39.14 28.70
C GLN J 64 -25.63 38.92 28.93
N LEU J 65 -26.32 38.20 28.04
CA LEU J 65 -27.72 37.98 28.19
C LEU J 65 -28.00 37.11 29.39
N LEU J 66 -27.12 36.13 29.61
CA LEU J 66 -27.26 35.27 30.76
C LEU J 66 -27.19 36.05 32.05
N ASP J 67 -26.27 36.99 32.14
CA ASP J 67 -26.17 37.80 33.37
C ASP J 67 -27.43 38.64 33.54
N TRP J 68 -28.03 39.11 32.46
CA TRP J 68 -29.22 39.91 32.62
C TRP J 68 -30.39 39.14 33.16
N ILE J 69 -30.51 37.89 32.73
CA ILE J 69 -31.58 37.00 33.09
C ILE J 69 -31.43 36.62 34.53
N HIS J 70 -30.21 36.29 34.92
CA HIS J 70 -29.93 36.04 36.34
C HIS J 70 -30.44 37.13 37.24
N GLN J 71 -30.16 38.38 36.88
CA GLN J 71 -30.57 39.51 37.71
C GLN J 71 -32.05 39.62 37.81
N ALA J 72 -32.72 39.39 36.69
CA ALA J 72 -34.15 39.49 36.68
C ALA J 72 -34.69 38.41 37.59
N ALA J 73 -34.04 37.25 37.53
CA ALA J 73 -34.41 36.13 38.34
C ALA J 73 -34.20 36.44 39.81
N ASP J 74 -33.15 37.17 40.17
CA ASP J 74 -32.87 37.44 41.59
C ASP J 74 -33.85 38.51 42.08
N ALA J 75 -34.35 39.33 41.15
CA ALA J 75 -35.18 40.46 41.53
C ALA J 75 -36.64 40.12 41.41
N ALA J 76 -36.96 38.87 41.06
CA ALA J 76 -38.34 38.49 40.66
C ALA J 76 -39.05 39.47 39.69
N GLU J 77 -38.36 39.98 38.66
CA GLU J 77 -38.96 40.87 37.66
C GLU J 77 -39.30 40.18 36.33
N PRO J 78 -40.40 40.59 35.69
CA PRO J 78 -40.68 40.04 34.37
C PRO J 78 -39.65 40.43 33.29
N VAL J 79 -39.55 39.54 32.30
CA VAL J 79 -38.69 39.67 31.14
C VAL J 79 -39.44 39.54 29.81
N ILE J 80 -39.01 40.37 28.88
CA ILE J 80 -39.45 40.27 27.50
C ILE J 80 -38.18 39.99 26.76
N LEU J 81 -38.15 38.80 26.18
CA LEU J 81 -36.94 38.35 25.60
C LEU J 81 -37.15 38.16 24.11
N ASN J 82 -36.43 38.93 23.29
CA ASN J 82 -36.19 38.54 21.91
C ASN J 82 -34.71 38.10 21.74
N ALA J 83 -34.50 36.79 21.84
CA ALA J 83 -33.17 36.19 21.87
C ALA J 83 -32.44 36.21 20.54
N GLY J 84 -33.13 36.68 19.51
CA GLY J 84 -32.68 36.56 18.13
C GLY J 84 -32.34 35.15 17.72
N GLY J 85 -31.17 34.99 17.10
CA GLY J 85 -30.62 33.67 16.74
C GLY J 85 -30.58 32.63 17.85
N LEU J 86 -30.24 33.04 19.07
CA LEU J 86 -30.10 32.09 20.21
C LEU J 86 -31.35 31.31 20.54
N THR J 87 -32.51 31.79 20.08
CA THR J 87 -33.75 31.10 20.36
C THR J 87 -33.72 29.67 19.85
N HIS J 88 -33.15 29.46 18.67
CA HIS J 88 -33.10 28.15 18.06
C HIS J 88 -31.92 27.34 18.55
N THR J 89 -31.07 27.91 19.41
CA THR J 89 -29.78 27.24 19.62
C THR J 89 -29.21 27.16 21.04
N SER J 90 -29.67 27.98 21.98
CA SER J 90 -28.97 28.04 23.27
C SER J 90 -29.69 27.33 24.36
N VAL J 91 -29.12 26.24 24.82
CA VAL J 91 -29.75 25.53 25.89
C VAL J 91 -29.43 26.27 27.17
N ALA J 92 -28.29 26.92 27.22
CA ALA J 92 -27.92 27.71 28.41
C ALA J 92 -28.89 28.89 28.66
N LEU J 93 -29.25 29.61 27.59
CA LEU J 93 -30.21 30.67 27.74
C LEU J 93 -31.56 30.14 28.32
N ARG J 94 -32.01 28.98 27.86
CA ARG J 94 -33.23 28.36 28.33
C ARG J 94 -33.15 27.97 29.78
N ASP J 95 -31.99 27.46 30.20
CA ASP J 95 -31.80 27.20 31.64
C ASP J 95 -31.83 28.45 32.59
N ALA J 96 -31.22 29.53 32.14
CA ALA J 96 -31.26 30.79 32.85
C ALA J 96 -32.72 31.32 32.98
N CYS J 97 -33.50 31.24 31.90
CA CYS J 97 -34.87 31.66 31.89
C CYS J 97 -35.79 30.79 32.74
N ALA J 98 -35.56 29.49 32.74
CA ALA J 98 -36.42 28.56 33.49
C ALA J 98 -36.43 28.93 34.96
N GLU J 99 -35.42 29.69 35.36
CA GLU J 99 -35.26 30.22 36.72
C GLU J 99 -36.17 31.41 37.06
N LEU J 100 -36.72 32.09 36.07
CA LEU J 100 -37.49 33.27 36.39
C LEU J 100 -38.79 32.86 37.06
N SER J 101 -39.23 33.66 38.01
CA SER J 101 -40.45 33.30 38.70
C SER J 101 -41.58 34.24 38.29
N ALA J 102 -41.21 35.46 37.86
CA ALA J 102 -42.11 36.42 37.22
C ALA J 102 -42.39 35.98 35.76
N PRO J 103 -43.43 36.53 35.12
CA PRO J 103 -43.77 36.09 33.76
C PRO J 103 -42.61 36.26 32.76
N LEU J 104 -42.44 35.30 31.85
CA LEU J 104 -41.47 35.45 30.73
C LEU J 104 -42.19 35.43 29.38
N ILE J 105 -42.06 36.52 28.62
CA ILE J 105 -42.70 36.57 27.31
C ILE J 105 -41.60 36.57 26.24
N GLU J 106 -41.68 35.63 25.33
CA GLU J 106 -40.76 35.59 24.23
C GLU J 106 -41.32 36.41 23.06
N VAL J 107 -40.47 37.12 22.33
CA VAL J 107 -40.99 37.97 21.27
C VAL J 107 -40.14 37.82 20.04
N HIS J 108 -40.78 37.61 18.89
CA HIS J 108 -40.16 37.76 17.58
C HIS J 108 -40.83 38.79 16.76
N ILE J 109 -40.05 39.62 16.07
CA ILE J 109 -40.59 40.65 15.21
C ILE J 109 -41.19 40.11 13.93
N SER J 110 -40.50 39.24 13.25
CA SER J 110 -41.06 38.62 12.07
C SER J 110 -41.84 37.38 12.49
N ASN J 111 -42.53 36.78 11.54
CA ASN J 111 -43.22 35.51 11.74
C ASN J 111 -42.27 34.37 11.44
N VAL J 112 -41.67 33.82 12.49
CA VAL J 112 -40.66 32.79 12.27
C VAL J 112 -41.24 31.56 11.55
N HIS J 113 -42.56 31.49 11.51
CA HIS J 113 -43.15 30.29 11.00
C HIS J 113 -43.27 30.35 9.54
N ALA J 114 -43.02 31.52 8.97
CA ALA J 114 -43.09 31.60 7.51
C ALA J 114 -41.71 31.73 6.84
N ARG J 115 -40.68 31.21 7.48
CA ARG J 115 -39.32 31.49 7.04
C ARG J 115 -38.68 30.12 7.01
N GLU J 116 -37.39 30.01 7.25
CA GLU J 116 -36.72 28.71 7.28
C GLU J 116 -37.27 27.75 8.36
N GLU J 117 -37.41 26.46 8.04
CA GLU J 117 -37.91 25.47 9.02
C GLU J 117 -37.15 25.53 10.33
N PHE J 118 -35.84 25.76 10.29
CA PHE J 118 -35.09 25.70 11.55
C PHE J 118 -35.56 26.81 12.50
N ARG J 119 -36.13 27.88 11.96
CA ARG J 119 -36.61 28.99 12.80
C ARG J 119 -37.91 28.66 13.48
N ARG J 120 -38.47 27.49 13.18
CA ARG J 120 -39.75 27.14 13.79
C ARG J 120 -39.58 26.43 15.15
N HIS J 121 -38.37 25.98 15.49
CA HIS J 121 -38.16 25.40 16.80
C HIS J 121 -37.47 26.38 17.69
N SER J 122 -37.92 26.42 18.94
CA SER J 122 -37.35 27.28 19.94
C SER J 122 -37.06 26.51 21.25
N TYR J 123 -35.88 26.74 21.80
CA TYR J 123 -35.55 26.23 23.09
C TYR J 123 -36.15 27.05 24.20
N LEU J 124 -36.54 28.30 23.88
CA LEU J 124 -37.14 29.15 24.89
C LEU J 124 -38.63 28.94 25.13
N SER J 125 -39.38 28.68 24.08
CA SER J 125 -40.85 28.77 24.14
C SER J 125 -41.42 27.89 25.23
N PRO J 126 -40.91 26.64 25.37
CA PRO J 126 -41.46 25.75 26.37
C PRO J 126 -41.34 26.32 27.78
N ILE J 127 -40.42 27.21 28.04
CA ILE J 127 -40.34 27.69 29.39
C ILE J 127 -40.87 29.12 29.55
N ALA J 128 -41.28 29.79 28.45
CA ALA J 128 -41.90 31.11 28.63
C ALA J 128 -43.36 31.00 29.13
N THR J 129 -43.88 32.09 29.66
CA THR J 129 -45.31 32.26 29.90
C THR J 129 -46.01 32.22 28.55
N GLY J 130 -45.49 32.99 27.58
CA GLY J 130 -45.95 32.87 26.21
C GLY J 130 -45.09 33.59 25.22
N VAL J 131 -45.51 33.59 23.98
CA VAL J 131 -44.66 33.93 22.86
C VAL J 131 -45.54 34.77 21.96
N ILE J 132 -45.00 35.89 21.44
CA ILE J 132 -45.63 36.67 20.37
C ILE J 132 -44.74 36.78 19.10
N VAL J 133 -45.29 36.37 17.96
CA VAL J 133 -44.57 36.32 16.73
C VAL J 133 -45.30 37.07 15.63
N GLY J 134 -44.54 37.79 14.83
CA GLY J 134 -45.04 38.33 13.57
C GLY J 134 -45.82 39.62 13.69
N LEU J 135 -45.85 40.21 14.86
CA LEU J 135 -46.62 41.43 15.02
C LEU J 135 -45.64 42.59 14.90
N GLY J 136 -44.41 42.29 14.52
CA GLY J 136 -43.45 43.36 14.26
C GLY J 136 -43.13 44.04 15.57
N ILE J 137 -42.77 45.32 15.50
CA ILE J 137 -42.36 46.02 16.71
C ILE J 137 -43.44 46.11 17.77
N GLN J 138 -44.69 46.09 17.35
CA GLN J 138 -45.79 46.20 18.30
C GLN J 138 -45.83 45.06 19.30
N GLY J 139 -45.26 43.92 18.87
CA GLY J 139 -45.09 42.79 19.75
C GLY J 139 -44.48 43.16 21.09
N TYR J 140 -43.49 44.05 21.12
CA TYR J 140 -42.97 44.40 22.47
C TYR J 140 -44.00 45.14 23.30
N LEU J 141 -44.77 46.02 22.64
CA LEU J 141 -45.75 46.86 23.32
C LEU J 141 -46.93 46.07 23.87
N LEU J 142 -47.29 44.97 23.17
CA LEU J 142 -48.41 44.16 23.57
C LEU J 142 -47.98 43.29 24.72
N ALA J 143 -46.69 42.93 24.73
CA ALA J 143 -46.12 42.20 25.90
C ALA J 143 -46.14 43.09 27.13
N LEU J 144 -45.79 44.37 26.98
CA LEU J 144 -45.92 45.28 28.11
C LEU J 144 -47.36 45.24 28.58
N ARG J 145 -48.31 45.22 27.62
CA ARG J 145 -49.67 45.36 28.03
C ARG J 145 -50.09 44.17 28.85
N TYR J 146 -49.60 42.99 28.49
CA TYR J 146 -49.95 41.80 29.21
C TYR J 146 -49.38 41.90 30.58
N LEU J 147 -48.18 42.49 30.69
CA LEU J 147 -47.53 42.57 31.98
C LEU J 147 -48.22 43.48 32.94
N ALA J 148 -48.57 44.67 32.46
CA ALA J 148 -49.46 45.58 33.16
C ALA J 148 -50.71 44.89 33.74
N GLU J 149 -51.05 43.69 33.29
CA GLU J 149 -52.28 43.10 33.73
C GLU J 149 -52.18 41.66 34.17
N HIS J 150 -51.08 40.99 33.78
CA HIS J 150 -50.78 39.53 34.02
C HIS J 150 -51.88 38.54 33.72
N LEU K 10 -77.78 3.20 35.51
CA LEU K 10 -76.45 3.77 35.18
C LEU K 10 -76.20 3.71 33.67
N ILE K 11 -75.93 4.90 33.13
CA ILE K 11 -76.01 5.21 31.72
C ILE K 11 -74.61 5.11 31.15
N VAL K 12 -74.46 4.42 30.03
CA VAL K 12 -73.18 4.33 29.31
C VAL K 12 -73.37 4.85 27.90
N ASN K 13 -72.54 5.79 27.46
CA ASN K 13 -72.64 6.27 26.10
C ASN K 13 -71.67 5.51 25.17
N VAL K 14 -72.20 4.72 24.25
CA VAL K 14 -71.39 4.07 23.22
C VAL K 14 -71.45 4.94 21.96
N ILE K 15 -70.27 5.36 21.46
CA ILE K 15 -70.15 6.26 20.32
C ILE K 15 -69.25 5.70 19.25
N ASN K 16 -69.79 5.71 18.03
CA ASN K 16 -69.22 5.13 16.81
C ASN K 16 -69.05 6.25 15.82
N GLY K 17 -67.85 6.34 15.23
CA GLY K 17 -67.49 7.44 14.36
C GLY K 17 -67.62 7.10 12.89
N PRO K 18 -67.01 7.92 12.01
CA PRO K 18 -67.27 7.88 10.57
C PRO K 18 -67.10 6.50 9.97
N ASN K 19 -68.04 6.13 9.08
CA ASN K 19 -68.09 4.87 8.34
C ASN K 19 -68.63 3.67 9.11
N LEU K 20 -68.81 3.79 10.43
CA LEU K 20 -69.34 2.64 11.18
C LEU K 20 -70.81 2.40 10.89
N GLY K 21 -71.44 3.35 10.17
CA GLY K 21 -72.84 3.24 9.74
C GLY K 21 -72.99 2.07 8.80
N ARG K 22 -71.89 1.70 8.15
CA ARG K 22 -71.96 0.76 7.05
C ARG K 22 -71.47 -0.62 7.40
N LEU K 23 -71.33 -0.84 8.70
CA LEU K 23 -70.83 -2.06 9.25
C LEU K 23 -71.67 -3.19 8.71
N GLY K 24 -71.01 -4.26 8.29
CA GLY K 24 -71.70 -5.42 7.78
C GLY K 24 -72.42 -5.15 6.48
N ARG K 25 -72.10 -4.04 5.82
CA ARG K 25 -72.54 -3.81 4.46
C ARG K 25 -71.29 -3.69 3.61
N ARG K 26 -70.15 -4.05 4.20
CA ARG K 26 -68.82 -3.77 3.66
C ARG K 26 -67.91 -4.97 3.48
N GLU K 27 -66.93 -5.11 4.38
CA GLU K 27 -65.85 -6.07 4.19
C GLU K 27 -65.99 -7.07 5.27
N PRO K 28 -66.65 -8.21 4.96
CA PRO K 28 -66.73 -9.28 5.93
C PRO K 28 -65.32 -9.67 6.31
N ALA K 29 -65.16 -10.31 7.47
CA ALA K 29 -63.85 -10.80 7.90
C ALA K 29 -62.72 -9.74 7.86
N VAL K 30 -63.12 -8.47 7.86
CA VAL K 30 -62.27 -7.42 8.44
C VAL K 30 -63.05 -6.87 9.62
N TYR K 31 -64.25 -6.37 9.34
CA TYR K 31 -65.16 -5.89 10.37
C TYR K 31 -66.31 -6.89 10.65
N GLY K 32 -66.48 -7.91 9.80
CA GLY K 32 -67.52 -8.97 9.96
C GLY K 32 -68.98 -8.59 9.70
N GLY K 33 -69.80 -9.59 9.37
CA GLY K 33 -71.16 -9.44 8.82
C GLY K 33 -72.36 -8.88 9.61
N THR K 34 -72.16 -8.57 10.90
CA THR K 34 -73.14 -7.85 11.73
C THR K 34 -73.35 -6.39 11.29
N THR K 35 -74.60 -5.98 11.19
CA THR K 35 -74.85 -4.60 10.77
C THR K 35 -74.83 -3.70 11.97
N HIS K 36 -74.93 -2.39 11.72
CA HIS K 36 -74.95 -1.44 12.80
C HIS K 36 -76.13 -1.61 13.70
N ASP K 37 -77.28 -1.93 13.13
CA ASP K 37 -78.49 -2.10 13.94
C ASP K 37 -78.49 -3.35 14.81
N GLU K 38 -77.99 -4.46 14.31
CA GLU K 38 -77.93 -5.61 15.20
C GLU K 38 -76.93 -5.32 16.29
N LEU K 39 -75.91 -4.54 15.98
CA LEU K 39 -74.89 -4.19 16.99
C LEU K 39 -75.49 -3.39 18.14
N VAL K 40 -76.23 -2.36 17.79
CA VAL K 40 -77.00 -1.56 18.74
C VAL K 40 -77.81 -2.49 19.66
N ALA K 41 -78.63 -3.37 19.04
CA ALA K 41 -79.42 -4.38 19.76
C ALA K 41 -78.58 -5.29 20.63
N LEU K 42 -77.53 -5.91 20.08
CA LEU K 42 -76.55 -6.66 20.90
C LEU K 42 -76.08 -5.83 22.08
N ILE K 43 -75.73 -4.56 21.86
CA ILE K 43 -75.15 -3.71 22.94
C ILE K 43 -76.18 -3.38 24.00
N GLU K 44 -77.43 -3.16 23.59
CA GLU K 44 -78.50 -2.81 24.53
C GLU K 44 -78.96 -3.98 25.37
N ARG K 45 -79.12 -5.15 24.76
CA ARG K 45 -79.40 -6.39 25.51
C ARG K 45 -78.31 -6.68 26.56
N GLU K 46 -77.07 -6.82 26.09
CA GLU K 46 -75.99 -7.26 26.93
C GLU K 46 -75.71 -6.24 28.04
N ALA K 47 -76.07 -4.98 27.81
CA ALA K 47 -75.94 -3.93 28.81
C ALA K 47 -76.92 -4.10 29.97
N ALA K 48 -78.13 -4.53 29.64
CA ALA K 48 -79.20 -4.72 30.64
C ALA K 48 -78.93 -5.95 31.50
N GLU K 49 -78.60 -7.05 30.86
CA GLU K 49 -78.04 -8.21 31.52
C GLU K 49 -77.03 -7.84 32.59
N LEU K 50 -76.39 -6.68 32.44
CA LEU K 50 -75.40 -6.15 33.40
C LEU K 50 -75.94 -5.02 34.28
N GLY K 51 -77.22 -4.71 34.15
CA GLY K 51 -77.86 -3.71 35.00
C GLY K 51 -77.32 -2.33 34.71
N LEU K 52 -77.16 -2.06 33.41
CA LEU K 52 -76.65 -0.78 32.85
C LEU K 52 -77.58 -0.39 31.70
N LYS K 53 -77.61 0.89 31.38
CA LYS K 53 -78.37 1.40 30.26
C LYS K 53 -77.36 1.92 29.22
N ALA K 54 -77.41 1.37 28.02
CA ALA K 54 -76.51 1.77 26.96
C ALA K 54 -77.23 2.62 25.94
N VAL K 55 -76.73 3.82 25.73
CA VAL K 55 -77.15 4.73 24.65
C VAL K 55 -76.07 4.67 23.56
N VAL K 56 -76.44 4.11 22.39
CA VAL K 56 -75.51 3.89 21.27
C VAL K 56 -75.76 4.85 20.11
N ARG K 57 -74.72 5.51 19.62
CA ARG K 57 -74.90 6.39 18.47
C ARG K 57 -73.73 6.40 17.50
N GLN K 58 -74.06 6.66 16.26
CA GLN K 58 -73.10 6.61 15.20
C GLN K 58 -73.31 7.89 14.45
N SER K 59 -72.20 8.55 14.13
CA SER K 59 -72.22 9.72 13.30
C SER K 59 -70.94 9.75 12.49
N ASP K 60 -71.06 10.22 11.25
CA ASP K 60 -69.92 10.46 10.37
C ASP K 60 -69.38 11.88 10.52
N SER K 61 -70.03 12.66 11.35
CA SER K 61 -69.65 14.04 11.58
C SER K 61 -68.79 14.17 12.85
N GLU K 62 -67.58 14.70 12.70
CA GLU K 62 -66.75 15.02 13.86
C GLU K 62 -67.51 15.92 14.86
N ALA K 63 -68.04 17.05 14.43
CA ALA K 63 -68.68 17.97 15.39
C ALA K 63 -69.80 17.26 16.15
N GLN K 64 -70.49 16.36 15.46
CA GLN K 64 -71.53 15.64 16.14
C GLN K 64 -70.94 14.72 17.23
N LEU K 65 -69.77 14.08 17.00
CA LEU K 65 -69.16 13.23 18.03
C LEU K 65 -68.72 14.03 19.21
N LEU K 66 -68.18 15.24 18.98
CA LEU K 66 -67.70 16.11 20.05
C LEU K 66 -68.86 16.53 20.95
N ASP K 67 -69.99 16.88 20.33
CA ASP K 67 -71.21 17.27 21.01
C ASP K 67 -71.58 16.16 22.00
N TRP K 68 -71.47 14.92 21.56
CA TRP K 68 -71.89 13.83 22.39
C TRP K 68 -70.92 13.70 23.51
N ILE K 69 -69.62 13.83 23.22
CA ILE K 69 -68.58 13.69 24.26
C ILE K 69 -68.83 14.75 25.30
N HIS K 70 -69.00 16.00 24.86
CA HIS K 70 -69.28 17.11 25.78
C HIS K 70 -70.37 16.77 26.73
N GLN K 71 -71.39 16.11 26.21
CA GLN K 71 -72.57 15.78 26.99
C GLN K 71 -72.21 14.73 28.02
N ALA K 72 -71.51 13.68 27.65
CA ALA K 72 -71.15 12.65 28.60
C ALA K 72 -70.21 13.18 29.69
N ALA K 73 -69.46 14.21 29.37
CA ALA K 73 -68.56 14.87 30.32
C ALA K 73 -69.36 15.64 31.34
N ASP K 74 -70.39 16.35 30.89
CA ASP K 74 -71.19 17.14 31.80
C ASP K 74 -72.04 16.26 32.69
N ALA K 75 -72.41 15.09 32.17
CA ALA K 75 -73.27 14.20 32.89
C ALA K 75 -72.44 13.26 33.70
N ALA K 76 -71.11 13.30 33.53
CA ALA K 76 -70.18 12.34 34.16
C ALA K 76 -70.53 10.87 33.88
N GLU K 77 -70.76 10.53 32.61
CA GLU K 77 -71.02 9.16 32.21
C GLU K 77 -69.88 8.54 31.43
N PRO K 78 -69.65 7.22 31.64
CA PRO K 78 -68.64 6.47 30.91
C PRO K 78 -68.93 6.47 29.41
N VAL K 79 -67.87 6.42 28.61
CA VAL K 79 -67.95 6.50 27.16
C VAL K 79 -67.16 5.34 26.59
N ILE K 80 -67.82 4.55 25.74
CA ILE K 80 -67.13 3.58 24.90
C ILE K 80 -67.10 4.15 23.49
N LEU K 81 -65.88 4.39 23.01
CA LEU K 81 -65.70 5.11 21.73
C LEU K 81 -64.91 4.34 20.69
N ASN K 82 -65.54 4.15 19.54
CA ASN K 82 -64.87 3.64 18.37
C ASN K 82 -64.91 4.72 17.31
N ALA K 83 -63.82 5.50 17.23
CA ALA K 83 -63.85 6.78 16.53
C ALA K 83 -63.56 6.66 15.04
N GLY K 84 -63.38 5.43 14.56
CA GLY K 84 -63.14 5.16 13.15
C GLY K 84 -61.84 5.76 12.70
N GLY K 85 -61.86 6.40 11.52
CA GLY K 85 -60.68 7.11 11.02
C GLY K 85 -60.17 8.18 11.96
N LEU K 86 -61.06 8.91 12.63
CA LEU K 86 -60.65 10.05 13.44
C LEU K 86 -59.69 9.68 14.54
N THR K 87 -59.74 8.39 14.92
CA THR K 87 -58.76 7.79 15.84
C THR K 87 -57.33 8.24 15.52
N HIS K 88 -56.98 8.25 14.24
CA HIS K 88 -55.60 8.52 13.80
C HIS K 88 -55.39 9.94 13.38
N THR K 89 -56.41 10.77 13.53
CA THR K 89 -56.25 12.06 12.91
C THR K 89 -56.66 13.25 13.75
N SER K 90 -57.47 13.04 14.79
CA SER K 90 -58.19 14.14 15.42
C SER K 90 -57.75 14.50 16.86
N VAL K 91 -57.00 15.58 16.94
CA VAL K 91 -56.59 16.15 18.19
C VAL K 91 -57.85 16.74 18.89
N ALA K 92 -58.79 17.29 18.10
CA ALA K 92 -60.04 17.87 18.67
C ALA K 92 -60.80 16.82 19.46
N LEU K 93 -60.98 15.65 18.85
CA LEU K 93 -61.64 14.52 19.51
C LEU K 93 -60.91 14.08 20.76
N ARG K 94 -59.58 13.94 20.66
CA ARG K 94 -58.77 13.71 21.85
C ARG K 94 -58.97 14.78 22.92
N ASP K 95 -58.99 16.04 22.50
CA ASP K 95 -59.22 17.14 23.47
C ASP K 95 -60.57 17.01 24.19
N ALA K 96 -61.60 16.64 23.45
CA ALA K 96 -62.91 16.40 23.98
C ALA K 96 -62.90 15.30 25.06
N CYS K 97 -62.40 14.11 24.73
CA CYS K 97 -62.34 12.97 25.65
C CYS K 97 -61.47 13.17 26.86
N ALA K 98 -60.46 14.04 26.76
CA ALA K 98 -59.61 14.31 27.91
C ALA K 98 -60.40 14.86 29.10
N GLU K 99 -61.53 15.47 28.81
CA GLU K 99 -62.35 16.13 29.83
C GLU K 99 -63.21 15.12 30.60
N LEU K 100 -63.42 13.92 30.01
CA LEU K 100 -64.22 12.87 30.67
C LEU K 100 -63.65 12.47 32.02
N SER K 101 -64.49 12.62 33.05
CA SER K 101 -64.17 12.24 34.42
C SER K 101 -64.60 10.79 34.75
N ALA K 102 -65.50 10.21 33.97
CA ALA K 102 -65.72 8.74 34.04
C ALA K 102 -64.88 8.01 32.99
N PRO K 103 -64.73 6.69 33.11
CA PRO K 103 -63.88 5.97 32.15
C PRO K 103 -64.17 6.14 30.63
N LEU K 104 -63.10 6.25 29.86
CA LEU K 104 -63.17 6.20 28.40
C LEU K 104 -62.44 4.93 27.91
N ILE K 105 -63.14 4.12 27.09
CA ILE K 105 -62.61 2.88 26.59
C ILE K 105 -62.71 2.93 25.07
N GLU K 106 -61.55 2.93 24.43
CA GLU K 106 -61.42 2.96 22.97
C GLU K 106 -61.59 1.52 22.48
N VAL K 107 -62.43 1.31 21.48
CA VAL K 107 -62.59 0.00 20.91
C VAL K 107 -62.39 0.03 19.38
N HIS K 108 -61.57 -0.86 18.82
CA HIS K 108 -61.52 -1.03 17.37
C HIS K 108 -61.90 -2.41 17.07
N ILE K 109 -62.76 -2.56 16.07
CA ILE K 109 -63.30 -3.88 15.71
C ILE K 109 -62.19 -4.72 15.14
N SER K 110 -61.42 -4.14 14.26
CA SER K 110 -60.29 -4.83 13.64
C SER K 110 -59.02 -4.75 14.48
N ASN K 111 -58.02 -5.53 14.11
CA ASN K 111 -56.75 -5.35 14.76
C ASN K 111 -55.95 -4.25 14.01
N VAL K 112 -56.02 -3.00 14.48
CA VAL K 112 -55.40 -1.90 13.78
C VAL K 112 -53.89 -2.12 13.57
N HIS K 113 -53.28 -3.00 14.36
CA HIS K 113 -51.85 -3.22 14.28
C HIS K 113 -51.39 -4.12 13.17
N ALA K 114 -52.34 -4.78 12.52
CA ALA K 114 -52.04 -5.70 11.46
C ALA K 114 -52.40 -5.12 10.11
N ARG K 115 -52.37 -3.79 10.01
CA ARG K 115 -52.88 -3.13 8.81
C ARG K 115 -51.87 -2.13 8.27
N GLU K 116 -52.31 -1.00 7.72
CA GLU K 116 -51.36 0.05 7.34
C GLU K 116 -50.63 0.67 8.54
N GLU K 117 -49.41 1.15 8.35
CA GLU K 117 -48.71 1.64 9.52
C GLU K 117 -49.43 2.79 10.24
N PHE K 118 -50.09 3.64 9.46
CA PHE K 118 -50.68 4.84 10.02
C PHE K 118 -51.80 4.52 10.97
N ARG K 119 -52.33 3.30 10.88
CA ARG K 119 -53.45 2.87 11.73
C ARG K 119 -52.98 2.51 13.10
N ARG K 120 -51.65 2.48 13.29
CA ARG K 120 -51.07 1.98 14.55
C ARG K 120 -50.85 3.11 15.50
N HIS K 121 -51.21 4.33 15.08
CA HIS K 121 -51.09 5.47 15.99
C HIS K 121 -52.46 5.97 16.36
N SER K 122 -52.70 6.21 17.63
CA SER K 122 -53.97 6.78 18.04
C SER K 122 -53.82 8.05 18.88
N TYR K 123 -54.52 9.09 18.48
CA TYR K 123 -54.58 10.28 19.31
C TYR K 123 -55.35 10.07 20.60
N LEU K 124 -56.24 9.07 20.62
CA LEU K 124 -57.08 8.82 21.77
C LEU K 124 -56.49 8.00 22.90
N SER K 125 -55.77 6.92 22.61
CA SER K 125 -55.27 6.01 23.64
C SER K 125 -54.54 6.69 24.82
N PRO K 126 -53.57 7.58 24.51
CA PRO K 126 -52.91 8.15 25.67
C PRO K 126 -53.87 8.71 26.69
N ILE K 127 -55.07 9.17 26.26
CA ILE K 127 -56.04 9.81 27.22
C ILE K 127 -57.20 8.95 27.69
N ALA K 128 -57.20 7.69 27.28
CA ALA K 128 -58.28 6.76 27.57
C ALA K 128 -57.94 5.86 28.77
N THR K 129 -58.93 5.44 29.55
CA THR K 129 -58.66 4.42 30.55
C THR K 129 -57.89 3.22 29.91
N GLY K 130 -58.48 2.61 28.88
CA GLY K 130 -57.98 1.36 28.34
C GLY K 130 -58.49 1.28 26.91
N VAL K 131 -57.98 0.32 26.12
CA VAL K 131 -58.20 0.20 24.65
C VAL K 131 -58.47 -1.28 24.42
N ILE K 132 -59.49 -1.60 23.62
CA ILE K 132 -59.65 -2.98 23.21
C ILE K 132 -59.56 -3.03 21.71
N VAL K 133 -58.63 -3.82 21.18
CA VAL K 133 -58.43 -3.85 19.74
C VAL K 133 -58.51 -5.24 19.12
N GLY K 134 -59.28 -5.38 18.06
CA GLY K 134 -59.25 -6.57 17.23
C GLY K 134 -60.03 -7.77 17.69
N LEU K 135 -60.96 -7.61 18.64
CA LEU K 135 -61.74 -8.76 19.08
C LEU K 135 -63.12 -8.80 18.45
N GLY K 136 -63.27 -8.12 17.31
CA GLY K 136 -64.57 -7.88 16.70
C GLY K 136 -65.57 -7.10 17.57
N ILE K 137 -66.83 -7.18 17.19
CA ILE K 137 -67.97 -6.58 17.90
C ILE K 137 -67.98 -6.95 19.40
N GLN K 138 -67.61 -8.18 19.70
CA GLN K 138 -67.40 -8.61 21.09
C GLN K 138 -66.76 -7.54 21.98
N GLY K 139 -65.79 -6.83 21.42
CA GLY K 139 -65.04 -5.85 22.18
C GLY K 139 -65.87 -4.73 22.78
N TYR K 140 -67.01 -4.45 22.17
CA TYR K 140 -67.95 -3.46 22.76
C TYR K 140 -68.55 -4.00 24.05
N LEU K 141 -68.98 -5.26 24.01
CA LEU K 141 -69.58 -5.93 25.19
C LEU K 141 -68.58 -6.11 26.30
N LEU K 142 -67.34 -6.45 25.93
CA LEU K 142 -66.26 -6.56 26.91
C LEU K 142 -66.03 -5.24 27.63
N ALA K 143 -66.21 -4.14 26.91
CA ALA K 143 -65.99 -2.80 27.43
C ALA K 143 -67.10 -2.50 28.45
N LEU K 144 -68.30 -2.99 28.15
CA LEU K 144 -69.46 -2.84 29.03
C LEU K 144 -69.19 -3.58 30.29
N ARG K 145 -68.55 -4.73 30.10
CA ARG K 145 -68.32 -5.62 31.19
C ARG K 145 -67.32 -5.02 32.18
N TYR K 146 -66.34 -4.30 31.67
CA TYR K 146 -65.37 -3.64 32.52
C TYR K 146 -66.07 -2.56 33.33
N LEU K 147 -66.92 -1.78 32.64
CA LEU K 147 -67.59 -0.63 33.27
C LEU K 147 -68.51 -1.05 34.43
N ALA K 148 -69.40 -2.02 34.16
CA ALA K 148 -70.26 -2.68 35.15
C ALA K 148 -69.51 -2.91 36.46
N GLU K 149 -68.27 -3.35 36.39
CA GLU K 149 -67.45 -3.42 37.59
C GLU K 149 -66.79 -2.10 37.99
N HIS K 150 -66.32 -1.33 37.01
CA HIS K 150 -65.52 -0.10 37.22
C HIS K 150 -64.02 -0.37 37.17
N LEU L 10 -64.27 49.72 11.16
CA LEU L 10 -63.65 48.37 11.00
C LEU L 10 -64.28 47.24 11.84
N ILE L 11 -64.54 46.12 11.17
CA ILE L 11 -65.11 44.93 11.76
C ILE L 11 -64.02 43.88 11.89
N VAL L 12 -63.87 43.23 13.03
CA VAL L 12 -62.89 42.14 13.12
C VAL L 12 -63.55 40.84 13.51
N ASN L 13 -63.26 39.77 12.80
CA ASN L 13 -63.89 38.53 13.15
C ASN L 13 -63.05 37.73 14.11
N VAL L 14 -63.65 37.34 15.23
CA VAL L 14 -63.01 36.45 16.18
C VAL L 14 -63.60 35.08 16.05
N ILE L 15 -62.80 34.15 15.53
CA ILE L 15 -63.30 32.83 15.28
C ILE L 15 -62.59 31.83 16.17
N ASN L 16 -63.40 31.15 17.00
CA ASN L 16 -62.94 30.05 17.83
C ASN L 16 -63.42 28.69 17.29
N GLY L 17 -62.51 27.76 17.05
CA GLY L 17 -62.86 26.39 16.65
C GLY L 17 -63.12 25.36 17.78
N PRO L 18 -63.04 24.05 17.47
CA PRO L 18 -63.57 23.01 18.32
C PRO L 18 -63.08 23.04 19.76
N ASN L 19 -63.98 22.74 20.70
CA ASN L 19 -63.72 22.70 22.14
C ASN L 19 -63.60 24.04 22.80
N LEU L 20 -63.46 25.12 22.03
CA LEU L 20 -63.43 26.43 22.71
C LEU L 20 -64.73 26.74 23.45
N GLY L 21 -65.85 26.14 22.99
CA GLY L 21 -67.07 26.14 23.77
C GLY L 21 -66.94 25.80 25.24
N ARG L 22 -66.10 24.82 25.56
CA ARG L 22 -65.83 24.32 26.89
C ARG L 22 -64.90 25.18 27.78
N LEU L 23 -64.43 26.30 27.24
CA LEU L 23 -63.51 27.19 27.97
C LEU L 23 -64.02 27.50 29.38
N GLY L 24 -63.11 27.46 30.35
CA GLY L 24 -63.43 27.86 31.72
C GLY L 24 -64.34 26.89 32.43
N ARG L 25 -64.30 25.63 32.02
CA ARG L 25 -65.18 24.62 32.58
C ARG L 25 -64.39 23.39 32.82
N ARG L 26 -63.07 23.50 32.67
CA ARG L 26 -62.22 22.33 32.67
C ARG L 26 -60.78 22.82 32.77
N GLU L 27 -59.91 21.99 33.37
CA GLU L 27 -58.46 22.24 33.45
C GLU L 27 -58.16 23.71 33.56
N PRO L 28 -58.39 24.30 34.74
CA PRO L 28 -58.35 25.72 34.48
C PRO L 28 -57.25 26.66 34.98
N ALA L 29 -55.94 26.40 35.09
CA ALA L 29 -55.14 25.16 35.07
C ALA L 29 -54.77 24.64 33.66
N VAL L 30 -54.08 25.49 32.89
CA VAL L 30 -53.86 25.42 31.41
C VAL L 30 -54.67 26.42 30.56
N TYR L 31 -56.00 26.38 30.61
CA TYR L 31 -56.79 27.30 29.77
C TYR L 31 -57.37 28.50 30.48
N GLY L 32 -57.37 28.48 31.82
CA GLY L 32 -57.93 29.59 32.60
C GLY L 32 -59.31 29.30 33.16
N GLY L 33 -59.78 30.21 34.02
CA GLY L 33 -61.12 30.13 34.57
C GLY L 33 -62.20 30.96 33.89
N THR L 34 -61.87 31.67 32.79
CA THR L 34 -62.85 32.51 32.07
C THR L 34 -63.71 31.68 31.13
N THR L 35 -65.01 31.93 31.09
CA THR L 35 -65.87 31.16 30.19
C THR L 35 -65.81 31.72 28.77
N HIS L 36 -66.37 30.99 27.82
CA HIS L 36 -66.44 31.52 26.48
C HIS L 36 -67.34 32.75 26.44
N ASP L 37 -68.45 32.71 27.16
CA ASP L 37 -69.34 33.87 27.30
C ASP L 37 -68.61 35.10 27.86
N GLU L 38 -67.84 34.91 28.94
CA GLU L 38 -67.09 36.02 29.58
C GLU L 38 -66.09 36.60 28.62
N LEU L 39 -65.45 35.73 27.86
CA LEU L 39 -64.46 36.16 26.87
C LEU L 39 -65.14 37.10 25.87
N VAL L 40 -66.17 36.60 25.18
CA VAL L 40 -67.00 37.42 24.28
C VAL L 40 -67.26 38.83 24.86
N ALA L 41 -67.82 38.88 26.07
CA ALA L 41 -68.00 40.14 26.78
C ALA L 41 -66.76 41.02 26.78
N LEU L 42 -65.61 40.52 27.24
CA LEU L 42 -64.46 41.42 27.30
C LEU L 42 -63.82 41.73 25.94
N ILE L 43 -63.85 40.77 25.02
CA ILE L 43 -63.60 41.03 23.63
C ILE L 43 -64.45 42.20 23.13
N GLU L 44 -65.74 42.17 23.39
CA GLU L 44 -66.65 43.26 22.95
C GLU L 44 -66.46 44.61 23.63
N ARG L 45 -66.05 44.64 24.89
CA ARG L 45 -65.71 45.93 25.54
C ARG L 45 -64.39 46.51 25.00
N GLU L 46 -63.42 45.63 24.79
CA GLU L 46 -62.13 46.04 24.27
C GLU L 46 -62.24 46.54 22.83
N ALA L 47 -63.05 45.85 22.03
CA ALA L 47 -63.45 46.35 20.72
C ALA L 47 -63.91 47.78 20.79
N ALA L 48 -64.92 48.01 21.63
CA ALA L 48 -65.49 49.34 21.83
C ALA L 48 -64.38 50.35 22.11
N GLU L 49 -63.56 50.11 23.13
CA GLU L 49 -62.49 51.07 23.51
C GLU L 49 -61.49 51.43 22.40
N LEU L 50 -61.49 50.69 21.29
CA LEU L 50 -60.55 50.96 20.21
C LEU L 50 -61.22 51.45 18.95
N GLY L 51 -62.55 51.52 18.97
CA GLY L 51 -63.27 51.86 17.76
C GLY L 51 -63.40 50.73 16.77
N LEU L 52 -63.55 49.51 17.24
CA LEU L 52 -63.73 48.36 16.35
C LEU L 52 -65.07 47.71 16.62
N LYS L 53 -65.58 46.96 15.64
CA LYS L 53 -66.69 46.05 15.92
C LYS L 53 -66.15 44.61 15.92
N ALA L 54 -66.35 43.92 17.02
CA ALA L 54 -65.93 42.52 17.17
C ALA L 54 -67.11 41.52 16.92
N VAL L 55 -66.97 40.65 15.94
CA VAL L 55 -67.99 39.63 15.72
C VAL L 55 -67.34 38.33 16.17
N VAL L 56 -67.79 37.81 17.32
CA VAL L 56 -67.17 36.65 17.91
C VAL L 56 -67.99 35.42 17.67
N ARG L 57 -67.35 34.40 17.12
CA ARG L 57 -68.02 33.23 16.63
C ARG L 57 -67.27 32.00 17.10
N GLN L 58 -68.00 30.94 17.41
CA GLN L 58 -67.45 29.63 17.82
C GLN L 58 -68.29 28.46 17.28
N SER L 59 -67.59 27.43 16.83
CA SER L 59 -68.18 26.20 16.39
C SER L 59 -67.19 25.04 16.51
N ASP L 60 -67.73 23.87 16.84
CA ASP L 60 -67.02 22.61 16.72
C ASP L 60 -66.88 22.07 15.29
N SER L 61 -67.43 22.74 14.28
CA SER L 61 -67.41 22.15 12.96
C SER L 61 -66.34 22.75 12.04
N GLU L 62 -65.51 21.94 11.39
CA GLU L 62 -64.56 22.47 10.40
C GLU L 62 -65.24 23.28 9.26
N ALA L 63 -66.33 22.76 8.71
CA ALA L 63 -67.04 23.42 7.63
C ALA L 63 -67.61 24.78 8.06
N GLN L 64 -68.05 24.89 9.30
CA GLN L 64 -68.59 26.16 9.72
C GLN L 64 -67.49 27.20 9.76
N LEU L 65 -66.31 26.76 10.21
CA LEU L 65 -65.20 27.67 10.36
C LEU L 65 -64.74 28.09 8.97
N LEU L 66 -64.70 27.16 8.03
CA LEU L 66 -64.31 27.50 6.64
C LEU L 66 -65.27 28.53 6.06
N ASP L 67 -66.54 28.38 6.40
CA ASP L 67 -67.57 29.24 5.93
C ASP L 67 -67.35 30.66 6.42
N TRP L 68 -67.09 30.79 7.72
CA TRP L 68 -66.86 32.10 8.33
C TRP L 68 -65.64 32.69 7.77
N ILE L 69 -64.67 31.81 7.47
CA ILE L 69 -63.42 32.27 6.88
C ILE L 69 -63.63 32.84 5.45
N HIS L 70 -64.43 32.15 4.63
CA HIS L 70 -64.78 32.61 3.31
C HIS L 70 -65.46 33.94 3.34
N GLN L 71 -66.34 34.12 4.31
CA GLN L 71 -67.10 35.36 4.30
C GLN L 71 -66.20 36.51 4.71
N ALA L 72 -65.23 36.23 5.55
CA ALA L 72 -64.26 37.26 5.89
C ALA L 72 -63.32 37.47 4.72
N ALA L 73 -63.11 36.45 3.91
CA ALA L 73 -62.24 36.69 2.75
C ALA L 73 -63.03 37.57 1.79
N ASP L 74 -64.31 37.30 1.63
CA ASP L 74 -65.13 38.07 0.72
C ASP L 74 -65.28 39.50 1.16
N ALA L 75 -65.38 39.71 2.46
CA ALA L 75 -65.59 41.04 3.00
C ALA L 75 -64.28 41.79 3.19
N ALA L 76 -63.13 41.09 3.07
CA ALA L 76 -61.83 41.69 3.37
C ALA L 76 -61.68 42.14 4.84
N GLU L 77 -62.27 41.43 5.79
CA GLU L 77 -62.16 41.79 7.20
C GLU L 77 -61.09 41.01 7.80
N PRO L 78 -60.39 41.58 8.78
CA PRO L 78 -59.36 40.92 9.56
C PRO L 78 -59.94 39.79 10.35
N VAL L 79 -59.12 38.80 10.70
CA VAL L 79 -59.57 37.62 11.47
C VAL L 79 -58.63 37.34 12.60
N ILE L 80 -59.19 37.09 13.76
CA ILE L 80 -58.45 36.55 14.85
C ILE L 80 -59.00 35.13 14.99
N LEU L 81 -58.16 34.11 14.81
CA LEU L 81 -58.60 32.70 14.78
C LEU L 81 -57.87 31.91 15.85
N ASN L 82 -58.59 31.08 16.59
CA ASN L 82 -58.00 30.04 17.45
C ASN L 82 -58.76 28.85 16.97
N ALA L 83 -58.09 28.03 16.19
CA ALA L 83 -58.75 26.92 15.52
C ALA L 83 -58.80 25.74 16.46
N GLY L 84 -58.32 25.92 17.68
CA GLY L 84 -58.28 24.81 18.62
C GLY L 84 -57.48 23.65 18.06
N GLY L 85 -58.09 22.47 18.06
CA GLY L 85 -57.43 21.24 17.67
C GLY L 85 -57.05 21.28 16.21
N LEU L 86 -57.88 21.92 15.39
CA LEU L 86 -57.73 21.89 13.94
C LEU L 86 -56.46 22.57 13.47
N THR L 87 -55.86 23.39 14.33
CA THR L 87 -54.64 24.10 14.06
C THR L 87 -53.55 23.11 13.67
N HIS L 88 -53.57 21.95 14.36
CA HIS L 88 -52.54 20.93 14.19
C HIS L 88 -52.81 19.95 13.12
N THR L 89 -53.99 20.01 12.52
CA THR L 89 -54.39 18.88 11.69
C THR L 89 -55.01 19.25 10.33
N SER L 90 -55.56 20.44 10.20
CA SER L 90 -56.37 20.77 9.03
C SER L 90 -55.70 21.61 7.94
N VAL L 91 -55.44 21.02 6.78
CA VAL L 91 -54.97 21.78 5.58
C VAL L 91 -56.05 22.65 4.95
N ALA L 92 -57.27 22.14 4.83
CA ALA L 92 -58.41 22.90 4.30
C ALA L 92 -58.57 24.22 5.03
N LEU L 93 -58.61 24.16 6.36
CA LEU L 93 -58.61 25.40 7.13
C LEU L 93 -57.44 26.29 6.65
N ARG L 94 -56.20 25.79 6.66
CA ARG L 94 -55.08 26.51 6.03
C ARG L 94 -55.38 27.06 4.62
N ASP L 95 -55.97 26.23 3.75
CA ASP L 95 -56.20 26.71 2.40
C ASP L 95 -57.29 27.79 2.40
N ALA L 96 -58.30 27.62 3.25
CA ALA L 96 -59.26 28.69 3.50
C ALA L 96 -58.65 30.03 3.90
N CYS L 97 -57.81 30.09 4.93
CA CYS L 97 -57.18 31.39 5.36
C CYS L 97 -56.14 31.95 4.37
N ALA L 98 -55.56 31.12 3.54
CA ALA L 98 -54.60 31.61 2.56
C ALA L 98 -55.23 32.73 1.70
N GLU L 99 -56.53 32.62 1.50
CA GLU L 99 -57.27 33.57 0.69
C GLU L 99 -57.57 34.92 1.34
N LEU L 100 -57.40 35.08 2.65
CA LEU L 100 -57.73 36.36 3.32
C LEU L 100 -56.76 37.45 2.91
N SER L 101 -57.25 38.59 2.47
CA SER L 101 -56.31 39.65 2.14
C SER L 101 -55.98 40.57 3.33
N ALA L 102 -56.83 40.60 4.38
CA ALA L 102 -56.58 41.41 5.59
C ALA L 102 -55.74 40.59 6.58
N PRO L 103 -55.21 41.21 7.66
CA PRO L 103 -54.38 40.38 8.56
C PRO L 103 -55.11 39.21 9.28
N LEU L 104 -54.36 38.12 9.51
CA LEU L 104 -54.81 36.96 10.24
C LEU L 104 -53.86 36.73 11.42
N ILE L 105 -54.46 36.68 12.63
CA ILE L 105 -53.68 36.45 13.84
C ILE L 105 -54.10 35.11 14.42
N GLU L 106 -53.14 34.23 14.59
CA GLU L 106 -53.37 33.02 15.28
C GLU L 106 -53.26 33.31 16.80
N VAL L 107 -54.24 32.84 17.56
CA VAL L 107 -54.23 32.95 19.02
C VAL L 107 -54.37 31.57 19.69
N HIS L 108 -53.50 31.27 20.64
CA HIS L 108 -53.76 30.13 21.54
C HIS L 108 -53.70 30.67 22.90
N ILE L 109 -54.59 30.13 23.71
CA ILE L 109 -54.76 30.52 25.10
C ILE L 109 -53.60 29.93 25.89
N SER L 110 -53.36 28.63 25.75
CA SER L 110 -52.29 28.00 26.49
C SER L 110 -51.00 28.09 25.69
N ASN L 111 -49.86 28.04 26.36
CA ASN L 111 -48.59 28.00 25.70
C ASN L 111 -48.37 26.61 25.11
N VAL L 112 -48.68 26.44 23.82
CA VAL L 112 -48.65 25.11 23.18
C VAL L 112 -47.23 24.47 23.04
N HIS L 113 -46.17 25.22 23.34
CA HIS L 113 -44.81 24.64 23.30
C HIS L 113 -44.39 24.01 24.56
N ALA L 114 -45.29 23.95 25.53
CA ALA L 114 -44.93 23.36 26.83
C ALA L 114 -45.77 22.14 27.08
N ARG L 115 -46.41 21.63 26.02
CA ARG L 115 -47.36 20.55 26.18
C ARG L 115 -46.84 19.37 25.32
N GLU L 116 -47.70 18.65 24.62
CA GLU L 116 -47.21 17.55 23.81
C GLU L 116 -46.58 18.09 22.53
N GLU L 117 -45.58 17.37 22.04
CA GLU L 117 -44.95 17.66 20.76
C GLU L 117 -45.91 18.01 19.64
N PHE L 118 -46.99 17.23 19.50
CA PHE L 118 -47.87 17.46 18.32
C PHE L 118 -48.56 18.81 18.38
N ARG L 119 -48.65 19.40 19.57
CA ARG L 119 -49.24 20.73 19.73
C ARG L 119 -48.30 21.82 19.27
N ARG L 120 -47.08 21.46 18.93
CA ARG L 120 -46.09 22.46 18.56
C ARG L 120 -46.08 22.78 17.08
N HIS L 121 -46.67 21.93 16.24
CA HIS L 121 -46.78 22.28 14.83
C HIS L 121 -48.11 22.89 14.55
N SER L 122 -48.09 23.94 13.74
CA SER L 122 -49.31 24.58 13.29
C SER L 122 -49.31 24.82 11.76
N TYR L 123 -50.35 24.33 11.10
CA TYR L 123 -50.55 24.58 9.69
C TYR L 123 -50.96 26.00 9.45
N LEU L 124 -51.38 26.71 10.48
CA LEU L 124 -51.88 28.06 10.21
C LEU L 124 -50.82 29.11 10.43
N SER L 125 -49.94 28.90 11.40
CA SER L 125 -48.87 29.87 11.62
C SER L 125 -48.18 30.36 10.36
N PRO L 126 -47.79 29.45 9.44
CA PRO L 126 -46.94 29.95 8.36
C PRO L 126 -47.72 30.95 7.50
N ILE L 127 -49.02 30.81 7.45
CA ILE L 127 -49.73 31.72 6.57
C ILE L 127 -50.37 32.88 7.31
N ALA L 128 -50.15 33.01 8.61
CA ALA L 128 -50.78 34.09 9.38
C ALA L 128 -49.89 35.33 9.46
N THR L 129 -50.44 36.52 9.61
CA THR L 129 -49.62 37.66 9.98
C THR L 129 -48.74 37.38 11.24
N GLY L 130 -49.36 36.86 12.31
CA GLY L 130 -48.68 36.76 13.60
C GLY L 130 -49.30 35.71 14.47
N VAL L 131 -48.65 35.38 15.56
CA VAL L 131 -49.17 34.34 16.41
C VAL L 131 -48.93 34.77 17.85
N ILE L 132 -49.95 34.53 18.67
CA ILE L 132 -49.89 34.86 20.08
C ILE L 132 -50.33 33.64 20.79
N VAL L 133 -49.50 33.27 21.74
CA VAL L 133 -49.56 31.99 22.35
C VAL L 133 -49.30 32.15 23.83
N GLY L 134 -50.15 31.51 24.63
CA GLY L 134 -49.86 31.33 26.06
C GLY L 134 -50.08 32.53 26.92
N LEU L 135 -50.61 33.61 26.35
CA LEU L 135 -51.02 34.76 27.18
C LEU L 135 -52.43 34.66 27.71
N GLY L 136 -53.06 33.49 27.62
CA GLY L 136 -54.42 33.33 28.05
C GLY L 136 -55.38 34.18 27.21
N ILE L 137 -56.53 34.43 27.83
CA ILE L 137 -57.62 35.18 27.26
C ILE L 137 -57.11 36.52 26.68
N GLN L 138 -56.11 37.09 27.33
CA GLN L 138 -55.66 38.39 26.92
C GLN L 138 -55.04 38.37 25.50
N GLY L 139 -54.52 37.21 25.09
CA GLY L 139 -54.08 36.98 23.72
C GLY L 139 -55.05 37.62 22.74
N TYR L 140 -56.35 37.44 22.98
CA TYR L 140 -57.42 37.97 22.09
C TYR L 140 -57.45 39.47 22.06
N LEU L 141 -57.28 40.06 23.23
CA LEU L 141 -57.33 41.49 23.39
C LEU L 141 -56.10 42.12 22.75
N LEU L 142 -54.93 41.56 23.00
CA LEU L 142 -53.77 42.03 22.28
C LEU L 142 -53.90 41.86 20.77
N ALA L 143 -54.58 40.81 20.31
CA ALA L 143 -54.77 40.65 18.87
C ALA L 143 -55.61 41.79 18.35
N LEU L 144 -56.68 42.14 19.06
CA LEU L 144 -57.50 43.31 18.65
C LEU L 144 -56.71 44.59 18.60
N ARG L 145 -55.85 44.79 19.60
CA ARG L 145 -55.11 46.03 19.75
C ARG L 145 -54.15 46.22 18.56
N TYR L 146 -53.54 45.11 18.11
CA TYR L 146 -52.67 45.11 16.94
C TYR L 146 -53.49 45.51 15.73
N LEU L 147 -54.67 44.92 15.58
CA LEU L 147 -55.50 45.28 14.41
C LEU L 147 -55.81 46.77 14.38
N ALA L 148 -56.16 47.33 15.53
CA ALA L 148 -56.47 48.74 15.62
C ALA L 148 -55.36 49.50 14.94
N GLU L 149 -54.12 49.13 15.22
CA GLU L 149 -52.97 49.95 14.88
C GLU L 149 -52.38 49.59 13.51
N HIS L 150 -52.62 48.35 13.05
CA HIS L 150 -52.12 47.74 11.76
C HIS L 150 -50.62 47.45 11.58
N LEU M 10 -3.11 -19.56 -34.86
CA LEU M 10 -4.14 -19.06 -33.95
C LEU M 10 -3.53 -18.39 -32.71
N ILE M 11 -3.42 -19.08 -31.58
CA ILE M 11 -3.27 -18.41 -30.26
C ILE M 11 -1.87 -17.95 -29.78
N VAL M 12 -1.80 -16.74 -29.23
CA VAL M 12 -0.54 -16.10 -28.80
C VAL M 12 -0.71 -15.36 -27.46
N ASN M 13 0.17 -15.67 -26.51
CA ASN M 13 0.13 -15.00 -25.21
C ASN M 13 1.12 -13.88 -25.10
N VAL M 14 0.65 -12.67 -24.78
CA VAL M 14 1.55 -11.58 -24.43
C VAL M 14 1.49 -11.42 -22.94
N ILE M 15 2.63 -11.63 -22.30
CA ILE M 15 2.72 -11.58 -20.85
C ILE M 15 3.68 -10.48 -20.42
N ASN M 16 3.15 -9.38 -19.86
CA ASN M 16 3.94 -8.33 -19.18
C ASN M 16 4.06 -8.57 -17.67
N GLY M 17 5.26 -8.39 -17.13
CA GLY M 17 5.52 -8.59 -15.72
C GLY M 17 5.46 -7.28 -14.97
N PRO M 18 6.01 -7.28 -13.74
CA PRO M 18 6.05 -6.15 -12.78
C PRO M 18 6.26 -4.72 -13.36
N ASN M 19 5.40 -3.79 -12.92
CA ASN M 19 5.41 -2.35 -13.23
C ASN M 19 5.02 -2.03 -14.63
N LEU M 20 4.85 -3.05 -15.46
CA LEU M 20 4.45 -2.81 -16.86
C LEU M 20 2.99 -2.37 -17.02
N GLY M 21 2.22 -2.64 -15.96
CA GLY M 21 0.90 -2.08 -15.76
C GLY M 21 0.82 -0.56 -15.86
N ARG M 22 1.94 0.11 -15.64
CA ARG M 22 1.94 1.58 -15.61
C ARG M 22 2.71 2.19 -16.77
N LEU M 23 2.38 1.82 -17.99
CA LEU M 23 2.95 2.47 -19.14
C LEU M 23 2.53 3.94 -19.17
N GLY M 24 3.49 4.84 -19.38
CA GLY M 24 3.35 6.30 -19.18
C GLY M 24 2.07 6.96 -19.66
N TYR M 31 10.27 4.86 -21.50
CA TYR M 31 9.32 3.80 -21.86
C TYR M 31 8.20 4.31 -22.77
N GLY M 32 8.47 4.38 -24.08
CA GLY M 32 7.40 4.52 -25.08
C GLY M 32 6.51 5.77 -25.07
N GLY M 33 5.29 5.64 -24.52
CA GLY M 33 4.32 6.76 -24.48
C GLY M 33 2.80 6.51 -24.58
N THR M 34 2.37 5.25 -24.51
CA THR M 34 0.94 4.90 -24.50
C THR M 34 0.61 4.23 -23.17
N THR M 35 -0.66 4.07 -22.86
CA THR M 35 -1.08 3.41 -21.61
C THR M 35 -1.15 1.93 -21.87
N HIS M 36 -1.31 1.14 -20.81
CA HIS M 36 -1.25 -0.29 -20.93
C HIS M 36 -2.43 -0.79 -21.69
N ASP M 37 -3.56 -0.10 -21.53
CA ASP M 37 -4.76 -0.54 -22.22
C ASP M 37 -4.82 -0.23 -23.69
N GLU M 38 -4.16 0.85 -24.12
CA GLU M 38 -4.03 1.12 -25.55
C GLU M 38 -3.12 0.07 -26.17
N LEU M 39 -2.18 -0.42 -25.38
CA LEU M 39 -1.36 -1.54 -25.77
C LEU M 39 -2.15 -2.84 -25.98
N VAL M 40 -2.99 -3.22 -25.01
CA VAL M 40 -3.86 -4.40 -25.12
C VAL M 40 -4.60 -4.44 -26.45
N ALA M 41 -5.31 -3.35 -26.74
CA ALA M 41 -6.22 -3.28 -27.87
C ALA M 41 -5.41 -3.21 -29.18
N LEU M 42 -4.39 -2.35 -29.18
CA LEU M 42 -3.36 -2.26 -30.23
C LEU M 42 -2.70 -3.60 -30.58
N ILE M 43 -2.59 -4.50 -29.60
CA ILE M 43 -1.95 -5.78 -29.88
C ILE M 43 -2.96 -6.76 -30.47
N GLU M 44 -4.18 -6.70 -29.98
CA GLU M 44 -5.23 -7.56 -30.52
C GLU M 44 -5.53 -7.10 -31.94
N ARG M 45 -5.52 -5.79 -32.14
CA ARG M 45 -5.75 -5.19 -33.45
C ARG M 45 -4.74 -5.75 -34.46
N GLU M 46 -3.45 -5.53 -34.23
CA GLU M 46 -2.41 -6.13 -35.06
C GLU M 46 -2.44 -7.66 -35.10
N ALA M 47 -2.90 -8.32 -34.04
CA ALA M 47 -2.86 -9.80 -34.00
C ALA M 47 -3.93 -10.41 -34.91
N ALA M 48 -5.13 -9.86 -34.82
CA ALA M 48 -6.26 -10.21 -35.66
C ALA M 48 -5.88 -10.10 -37.13
N GLU M 49 -5.26 -8.98 -37.47
CA GLU M 49 -4.87 -8.62 -38.83
C GLU M 49 -3.87 -9.59 -39.47
N LEU M 50 -3.24 -10.44 -38.65
CA LEU M 50 -2.35 -11.46 -39.17
C LEU M 50 -2.92 -12.84 -38.86
N GLY M 51 -4.21 -12.91 -38.51
CA GLY M 51 -4.87 -14.19 -38.24
C GLY M 51 -4.49 -14.81 -36.91
N LEU M 52 -4.08 -13.97 -35.95
CA LEU M 52 -3.78 -14.49 -34.64
C LEU M 52 -4.81 -13.99 -33.65
N LYS M 53 -4.99 -14.74 -32.58
CA LYS M 53 -5.73 -14.30 -31.41
C LYS M 53 -4.66 -14.11 -30.35
N ALA M 54 -4.32 -12.84 -30.09
CA ALA M 54 -3.44 -12.44 -29.00
C ALA M 54 -4.17 -12.43 -27.68
N VAL M 55 -3.64 -13.11 -26.66
CA VAL M 55 -4.19 -13.00 -25.31
C VAL M 55 -3.21 -12.27 -24.40
N VAL M 56 -3.60 -11.08 -23.94
CA VAL M 56 -2.65 -10.15 -23.35
C VAL M 56 -2.81 -9.85 -21.87
N ARG M 57 -2.01 -10.56 -21.07
CA ARG M 57 -2.08 -10.47 -19.62
C ARG M 57 -0.91 -9.73 -18.95
N GLN M 58 -1.18 -9.09 -17.82
CA GLN M 58 -0.14 -8.39 -17.07
C GLN M 58 -0.26 -8.67 -15.57
N SER M 59 0.87 -8.95 -14.91
CA SER M 59 0.86 -9.09 -13.47
C SER M 59 2.18 -8.66 -12.85
N ASP M 60 2.09 -8.24 -11.59
CA ASP M 60 3.23 -7.89 -10.77
C ASP M 60 3.55 -9.08 -9.89
N SER M 61 2.84 -10.18 -10.03
CA SER M 61 3.07 -11.31 -9.18
C SER M 61 3.91 -12.34 -9.92
N GLU M 62 5.07 -12.71 -9.36
CA GLU M 62 5.82 -13.78 -10.00
C GLU M 62 4.94 -15.07 -10.16
N ALA M 63 4.38 -15.59 -9.05
CA ALA M 63 3.62 -16.85 -9.11
C ALA M 63 2.58 -16.83 -10.22
N GLN M 64 1.99 -15.66 -10.43
CA GLN M 64 0.94 -15.48 -11.42
C GLN M 64 1.48 -15.57 -12.84
N LEU M 65 2.73 -15.10 -13.04
CA LEU M 65 3.37 -15.18 -14.35
C LEU M 65 3.75 -16.61 -14.61
N LEU M 66 4.25 -17.29 -13.59
CA LEU M 66 4.60 -18.69 -13.75
C LEU M 66 3.35 -19.49 -14.11
N ASP M 67 2.20 -19.10 -13.56
CA ASP M 67 0.94 -19.78 -13.90
C ASP M 67 0.67 -19.65 -15.40
N TRP M 68 0.67 -18.44 -15.91
CA TRP M 68 0.42 -18.25 -17.31
C TRP M 68 1.40 -19.01 -18.13
N ILE M 69 2.67 -18.98 -17.72
CA ILE M 69 3.69 -19.65 -18.50
C ILE M 69 3.39 -21.14 -18.55
N HIS M 70 3.12 -21.77 -17.41
CA HIS M 70 2.66 -23.16 -17.40
C HIS M 70 1.49 -23.43 -18.31
N GLN M 71 0.46 -22.57 -18.25
CA GLN M 71 -0.67 -22.67 -19.17
C GLN M 71 -0.28 -22.68 -20.64
N ALA M 72 0.60 -21.75 -21.03
CA ALA M 72 1.07 -21.73 -22.41
C ALA M 72 2.01 -22.91 -22.74
N ALA M 73 2.60 -23.54 -21.73
CA ALA M 73 3.44 -24.73 -21.99
C ALA M 73 2.55 -25.89 -22.45
N ASP M 74 1.62 -26.26 -21.57
CA ASP M 74 0.64 -27.29 -21.81
C ASP M 74 -0.16 -27.13 -23.10
N ALA M 75 -0.47 -25.89 -23.46
CA ALA M 75 -1.23 -25.59 -24.68
C ALA M 75 -0.36 -25.35 -25.93
N ALA M 76 0.92 -25.73 -25.86
CA ALA M 76 1.92 -25.46 -26.94
C ALA M 76 1.74 -24.12 -27.67
N GLU M 77 1.41 -23.07 -26.92
CA GLU M 77 1.19 -21.73 -27.47
C GLU M 77 2.48 -20.88 -27.35
N PRO M 78 2.77 -20.03 -28.38
CA PRO M 78 3.89 -19.09 -28.37
C PRO M 78 3.76 -18.07 -27.23
N VAL M 79 4.90 -17.53 -26.73
CA VAL M 79 4.88 -16.46 -25.70
C VAL M 79 5.74 -15.24 -26.07
N ILE M 80 5.16 -14.07 -25.88
CA ILE M 80 5.90 -12.82 -26.01
C ILE M 80 5.97 -12.33 -24.60
N LEU M 81 7.17 -12.12 -24.08
CA LEU M 81 7.32 -11.85 -22.65
C LEU M 81 8.12 -10.57 -22.36
N ASN M 82 7.55 -9.69 -21.55
CA ASN M 82 8.31 -8.56 -21.04
C ASN M 82 8.27 -8.70 -19.56
N ALA M 83 9.32 -9.24 -18.98
CA ALA M 83 9.17 -9.60 -17.57
C ALA M 83 9.68 -8.49 -16.66
N GLY M 84 10.03 -7.35 -17.28
CA GLY M 84 10.52 -6.15 -16.57
C GLY M 84 11.72 -6.58 -15.75
N GLY M 85 11.89 -5.95 -14.60
CA GLY M 85 12.95 -6.31 -13.63
C GLY M 85 13.10 -7.80 -13.30
N LEU M 86 12.07 -8.61 -13.55
CA LEU M 86 12.27 -10.05 -13.35
C LEU M 86 13.28 -10.73 -14.33
N THR M 87 13.54 -10.11 -15.50
CA THR M 87 14.44 -10.65 -16.53
C THR M 87 15.80 -10.94 -15.98
N HIS M 88 16.22 -10.07 -15.05
CA HIS M 88 17.57 -10.01 -14.52
C HIS M 88 17.71 -10.75 -13.25
N THR M 89 16.59 -11.20 -12.66
CA THR M 89 16.60 -11.77 -11.31
C THR M 89 16.01 -13.16 -11.12
N SER M 90 15.07 -13.57 -11.97
CA SER M 90 14.30 -14.77 -11.68
C SER M 90 14.73 -16.05 -12.41
N VAL M 91 15.19 -17.04 -11.64
CA VAL M 91 15.63 -18.28 -12.26
C VAL M 91 14.42 -19.14 -12.49
N ALA M 92 13.47 -19.00 -11.57
CA ALA M 92 12.19 -19.73 -11.61
C ALA M 92 11.44 -19.42 -12.90
N LEU M 93 11.54 -18.16 -13.32
CA LEU M 93 10.92 -17.74 -14.53
C LEU M 93 11.61 -18.39 -15.71
N ARG M 94 12.95 -18.39 -15.70
CA ARG M 94 13.71 -18.98 -16.82
C ARG M 94 13.35 -20.45 -16.97
N ASP M 95 13.32 -21.13 -15.82
CA ASP M 95 12.86 -22.48 -15.72
C ASP M 95 11.45 -22.68 -16.30
N ALA M 96 10.53 -21.76 -16.03
CA ALA M 96 9.16 -21.93 -16.51
C ALA M 96 9.08 -21.79 -18.02
N CYS M 97 9.86 -20.86 -18.59
CA CYS M 97 9.79 -20.60 -20.01
C CYS M 97 10.52 -21.66 -20.76
N ALA M 98 11.50 -22.29 -20.10
CA ALA M 98 12.31 -23.29 -20.76
C ALA M 98 11.43 -24.48 -21.11
N GLU M 99 10.29 -24.57 -20.44
CA GLU M 99 9.37 -25.69 -20.64
C GLU M 99 8.67 -25.61 -22.01
N LEU M 100 8.55 -24.39 -22.54
CA LEU M 100 7.88 -24.08 -23.79
C LEU M 100 8.53 -24.76 -24.95
N SER M 101 7.68 -25.25 -25.87
CA SER M 101 8.06 -25.85 -27.16
C SER M 101 7.77 -24.90 -28.33
N ALA M 102 6.89 -23.94 -28.10
CA ALA M 102 6.61 -22.88 -29.06
C ALA M 102 7.58 -21.69 -28.89
N PRO M 103 7.80 -20.89 -29.93
CA PRO M 103 8.76 -19.77 -29.81
C PRO M 103 8.54 -18.88 -28.60
N LEU M 104 9.61 -18.46 -27.94
CA LEU M 104 9.51 -17.48 -26.87
C LEU M 104 10.25 -16.25 -27.38
N ILE M 105 9.58 -15.12 -27.45
CA ILE M 105 10.28 -13.89 -27.77
C ILE M 105 10.28 -13.05 -26.50
N GLU M 106 11.46 -12.74 -26.00
CA GLU M 106 11.62 -11.81 -24.89
C GLU M 106 11.58 -10.40 -25.50
N VAL M 107 10.85 -9.48 -24.88
CA VAL M 107 10.73 -8.07 -25.33
C VAL M 107 11.00 -6.97 -24.26
N HIS M 108 11.79 -5.96 -24.58
CA HIS M 108 11.92 -4.81 -23.70
C HIS M 108 11.60 -3.57 -24.46
N ILE M 109 10.80 -2.71 -23.85
CA ILE M 109 10.39 -1.48 -24.52
C ILE M 109 11.56 -0.53 -24.71
N SER M 110 12.33 -0.32 -23.63
CA SER M 110 13.52 0.52 -23.67
C SER M 110 14.76 -0.31 -24.04
N ASN M 111 15.87 0.37 -24.35
CA ASN M 111 17.14 -0.30 -24.68
C ASN M 111 17.83 -0.74 -23.37
N VAL M 112 17.66 -1.99 -22.98
CA VAL M 112 18.28 -2.43 -21.73
C VAL M 112 19.81 -2.23 -21.65
N HIS M 113 20.48 -1.98 -22.78
CA HIS M 113 21.96 -1.86 -22.80
C HIS M 113 22.50 -0.50 -22.70
N ALA M 114 21.62 0.48 -22.53
CA ALA M 114 22.06 1.88 -22.55
C ALA M 114 21.63 2.48 -21.22
N ARG M 115 21.46 1.58 -20.26
CA ARG M 115 21.05 1.90 -18.90
C ARG M 115 22.09 1.33 -17.93
N GLU M 116 21.68 1.01 -16.70
CA GLU M 116 22.54 0.36 -15.68
C GLU M 116 23.12 -0.96 -16.17
N GLU M 117 24.35 -1.23 -15.77
CA GLU M 117 25.09 -2.40 -16.21
C GLU M 117 24.40 -3.74 -15.84
N PHE M 118 23.82 -3.82 -14.63
CA PHE M 118 23.05 -5.00 -14.20
C PHE M 118 21.90 -5.33 -15.17
N ARG M 119 21.37 -4.33 -15.87
CA ARG M 119 20.33 -4.60 -16.87
C ARG M 119 20.79 -5.31 -18.15
N ARG M 120 22.08 -5.61 -18.26
CA ARG M 120 22.67 -6.13 -19.50
C ARG M 120 22.88 -7.62 -19.34
N HIS M 121 22.37 -8.17 -18.26
CA HIS M 121 22.34 -9.61 -18.15
C HIS M 121 20.91 -9.97 -17.98
N SER M 122 20.47 -10.90 -18.81
CA SER M 122 19.13 -11.44 -18.74
C SER M 122 19.23 -12.92 -18.58
N TYR M 123 18.38 -13.45 -17.70
CA TYR M 123 18.30 -14.86 -17.46
C TYR M 123 17.48 -15.49 -18.53
N LEU M 124 16.71 -14.67 -19.24
CA LEU M 124 15.75 -15.17 -20.21
C LEU M 124 16.34 -15.32 -21.60
N SER M 125 17.13 -14.35 -22.04
CA SER M 125 17.64 -14.37 -23.42
C SER M 125 18.25 -15.73 -23.86
N PRO M 126 19.04 -16.38 -22.97
CA PRO M 126 19.67 -17.61 -23.48
C PRO M 126 18.65 -18.67 -23.86
N ILE M 127 17.44 -18.60 -23.30
CA ILE M 127 16.39 -19.59 -23.58
C ILE M 127 15.25 -19.05 -24.44
N ALA M 128 15.29 -17.80 -24.82
CA ALA M 128 14.33 -17.30 -25.78
C ALA M 128 14.79 -17.77 -27.14
N THR M 129 13.86 -17.81 -28.08
CA THR M 129 14.19 -17.97 -29.48
C THR M 129 14.90 -16.69 -29.84
N GLY M 130 14.40 -15.59 -29.29
CA GLY M 130 14.76 -14.26 -29.77
C GLY M 130 14.45 -13.17 -28.79
N VAL M 131 14.95 -11.97 -29.04
CA VAL M 131 14.88 -10.87 -28.10
C VAL M 131 14.82 -9.64 -28.92
N ILE M 132 13.88 -8.76 -28.59
CA ILE M 132 13.80 -7.43 -29.18
C ILE M 132 13.85 -6.42 -28.05
N VAL M 133 14.72 -5.45 -28.23
CA VAL M 133 15.07 -4.51 -27.17
C VAL M 133 15.01 -3.08 -27.70
N GLY M 134 14.27 -2.22 -27.03
CA GLY M 134 14.39 -0.78 -27.28
C GLY M 134 13.67 -0.26 -28.49
N LEU M 135 12.79 -1.06 -29.07
CA LEU M 135 11.98 -0.57 -30.16
C LEU M 135 10.58 -0.12 -29.72
N GLY M 136 10.43 0.22 -28.44
CA GLY M 136 9.20 0.82 -27.94
C GLY M 136 8.04 -0.16 -28.04
N ILE M 137 6.82 0.36 -27.94
CA ILE M 137 5.58 -0.41 -28.16
C ILE M 137 5.72 -1.32 -29.38
N GLN M 138 6.29 -0.76 -30.44
CA GLN M 138 6.35 -1.47 -31.71
C GLN M 138 6.95 -2.89 -31.55
N GLY M 139 7.78 -3.11 -30.53
CA GLY M 139 8.49 -4.36 -30.37
C GLY M 139 7.59 -5.56 -30.14
N TYR M 140 6.43 -5.38 -29.52
CA TYR M 140 5.46 -6.47 -29.46
C TYR M 140 4.84 -6.79 -30.81
N LEU M 141 4.69 -5.77 -31.65
CA LEU M 141 4.02 -5.95 -32.93
C LEU M 141 4.94 -6.72 -33.86
N LEU M 142 6.22 -6.33 -33.80
CA LEU M 142 7.26 -6.98 -34.56
C LEU M 142 7.43 -8.45 -34.14
N ALA M 143 7.32 -8.72 -32.85
CA ALA M 143 7.32 -10.11 -32.41
C ALA M 143 6.08 -10.85 -32.90
N LEU M 144 4.95 -10.17 -32.98
CA LEU M 144 3.75 -10.84 -33.46
C LEU M 144 4.03 -11.26 -34.88
N ARG M 145 4.42 -10.28 -35.70
CA ARG M 145 4.79 -10.56 -37.06
C ARG M 145 5.72 -11.80 -37.17
N TYR M 146 6.75 -11.89 -36.34
CA TYR M 146 7.66 -13.03 -36.44
C TYR M 146 6.93 -14.39 -36.30
N LEU M 147 6.09 -14.45 -35.26
CA LEU M 147 5.31 -15.62 -34.90
C LEU M 147 4.31 -15.97 -35.97
N ALA M 148 3.73 -14.94 -36.59
CA ALA M 148 2.76 -15.13 -37.65
C ALA M 148 3.39 -15.89 -38.80
N GLU M 149 4.69 -15.71 -38.99
CA GLU M 149 5.47 -16.40 -40.00
C GLU M 149 6.30 -17.59 -39.42
N HIS M 150 6.20 -17.81 -38.11
CA HIS M 150 6.99 -18.83 -37.37
C HIS M 150 8.46 -18.51 -37.06
N LEU N 10 72.30 -38.68 -26.20
CA LEU N 10 71.10 -38.41 -27.05
C LEU N 10 69.78 -38.86 -26.38
N ILE N 11 69.61 -38.52 -25.09
CA ILE N 11 68.55 -39.10 -24.24
C ILE N 11 67.36 -38.17 -24.04
N VAL N 12 66.15 -38.73 -24.16
CA VAL N 12 64.94 -37.93 -24.12
C VAL N 12 63.95 -38.55 -23.17
N ASN N 13 63.50 -37.75 -22.21
CA ASN N 13 62.56 -38.22 -21.20
C ASN N 13 61.14 -37.85 -21.56
N VAL N 14 60.34 -38.89 -21.84
CA VAL N 14 58.93 -38.72 -22.08
C VAL N 14 58.22 -39.18 -20.84
N ILE N 15 57.57 -38.24 -20.19
CA ILE N 15 57.02 -38.47 -18.86
C ILE N 15 55.53 -38.22 -18.89
N ASN N 16 54.76 -39.24 -18.56
CA ASN N 16 53.32 -39.20 -18.62
C ASN N 16 52.66 -39.06 -17.21
N GLY N 17 51.86 -38.00 -17.07
CA GLY N 17 51.17 -37.73 -15.81
C GLY N 17 50.03 -38.68 -15.52
N PRO N 18 49.21 -38.35 -14.49
CA PRO N 18 48.11 -39.19 -14.03
C PRO N 18 47.06 -39.48 -15.09
N ASN N 19 46.53 -40.69 -14.97
CA ASN N 19 45.54 -41.28 -15.87
C ASN N 19 46.06 -41.67 -17.26
N LEU N 20 47.25 -41.24 -17.61
CA LEU N 20 47.77 -41.59 -18.92
C LEU N 20 48.00 -43.11 -19.05
N GLY N 21 48.04 -43.84 -17.93
CA GLY N 21 48.14 -45.29 -17.96
C GLY N 21 46.84 -45.93 -18.41
N ARG N 22 45.86 -45.10 -18.72
CA ARG N 22 44.53 -45.56 -19.07
C ARG N 22 44.21 -45.12 -20.50
N LEU N 23 45.22 -44.55 -21.18
CA LEU N 23 45.12 -44.17 -22.58
C LEU N 23 44.73 -45.46 -23.24
N GLY N 24 43.65 -45.46 -23.98
CA GLY N 24 43.14 -46.69 -24.52
C GLY N 24 41.76 -46.48 -25.07
N ARG N 25 40.75 -47.23 -24.63
CA ARG N 25 40.63 -48.02 -23.39
C ARG N 25 39.62 -47.26 -22.56
N ARG N 26 39.39 -46.02 -22.97
CA ARG N 26 38.32 -45.15 -22.49
C ARG N 26 38.19 -44.00 -23.47
N GLU N 27 36.94 -43.59 -23.73
CA GLU N 27 36.61 -42.52 -24.68
C GLU N 27 37.74 -42.22 -25.67
N PRO N 28 37.89 -43.09 -26.69
CA PRO N 28 38.79 -42.83 -27.81
C PRO N 28 38.33 -41.58 -28.53
N ALA N 29 37.06 -41.24 -28.30
CA ALA N 29 36.43 -39.99 -28.72
C ALA N 29 37.40 -38.81 -28.68
N VAL N 30 37.95 -38.51 -27.50
CA VAL N 30 38.76 -37.30 -27.35
C VAL N 30 40.28 -37.56 -27.45
N TYR N 31 40.75 -38.76 -27.08
CA TYR N 31 42.21 -39.05 -27.04
C TYR N 31 42.79 -39.88 -28.20
N GLY N 32 42.26 -41.09 -28.39
CA GLY N 32 42.84 -42.00 -29.37
C GLY N 32 42.54 -43.43 -29.01
N GLY N 33 42.63 -44.31 -30.01
CA GLY N 33 42.40 -45.74 -29.85
C GLY N 33 43.64 -46.47 -29.35
N THR N 34 44.80 -45.88 -29.62
CA THR N 34 46.10 -46.44 -29.25
C THR N 34 46.30 -46.43 -27.71
N THR N 35 46.97 -47.46 -27.20
CA THR N 35 47.20 -47.64 -25.75
C THR N 35 48.58 -47.19 -25.26
N HIS N 36 48.80 -47.29 -23.95
CA HIS N 36 50.07 -46.78 -23.40
C HIS N 36 51.30 -47.58 -23.79
N ASP N 37 51.22 -48.91 -23.69
CA ASP N 37 52.27 -49.82 -24.20
C ASP N 37 52.56 -49.54 -25.67
N GLU N 38 51.51 -49.36 -26.46
CA GLU N 38 51.67 -48.98 -27.87
C GLU N 38 52.25 -47.57 -28.05
N LEU N 39 51.96 -46.65 -27.14
CA LEU N 39 52.55 -45.33 -27.22
C LEU N 39 54.05 -45.45 -27.01
N VAL N 40 54.45 -46.31 -26.06
CA VAL N 40 55.87 -46.46 -25.72
C VAL N 40 56.67 -46.88 -26.96
N ALA N 41 56.19 -47.92 -27.66
CA ALA N 41 56.92 -48.47 -28.82
C ALA N 41 56.98 -47.48 -29.99
N LEU N 42 55.87 -46.77 -30.24
CA LEU N 42 55.78 -45.72 -31.25
C LEU N 42 56.78 -44.59 -31.02
N ILE N 43 56.95 -44.20 -29.76
CA ILE N 43 57.88 -43.15 -29.43
C ILE N 43 59.29 -43.67 -29.57
N GLU N 44 59.52 -44.89 -29.07
CA GLU N 44 60.86 -45.51 -29.14
C GLU N 44 61.33 -45.67 -30.58
N ARG N 45 60.49 -46.27 -31.41
CA ARG N 45 60.79 -46.37 -32.84
C ARG N 45 61.14 -44.99 -33.38
N GLU N 46 60.20 -44.05 -33.31
CA GLU N 46 60.38 -42.72 -33.90
C GLU N 46 61.62 -41.99 -33.35
N ALA N 47 61.90 -42.18 -32.07
CA ALA N 47 63.14 -41.67 -31.47
C ALA N 47 64.34 -42.32 -32.17
N ALA N 48 64.32 -43.65 -32.22
CA ALA N 48 65.42 -44.44 -32.75
C ALA N 48 65.67 -44.19 -34.25
N GLU N 49 64.68 -43.61 -34.93
CA GLU N 49 64.78 -43.30 -36.35
C GLU N 49 65.38 -41.92 -36.50
N LEU N 50 65.17 -41.06 -35.51
CA LEU N 50 65.72 -39.71 -35.51
C LEU N 50 67.13 -39.64 -34.92
N GLY N 51 67.56 -40.73 -34.29
CA GLY N 51 68.90 -40.80 -33.70
C GLY N 51 68.93 -40.43 -32.23
N LEU N 52 67.84 -40.73 -31.51
CA LEU N 52 67.76 -40.47 -30.07
C LEU N 52 67.34 -41.72 -29.32
N LYS N 53 67.46 -41.66 -28.00
CA LYS N 53 66.98 -42.71 -27.13
C LYS N 53 65.81 -42.11 -26.34
N ALA N 54 64.65 -42.76 -26.32
CA ALA N 54 63.54 -42.20 -25.56
C ALA N 54 63.20 -43.09 -24.41
N VAL N 55 63.14 -42.50 -23.21
CA VAL N 55 62.80 -43.20 -21.97
C VAL N 55 61.39 -42.77 -21.58
N VAL N 56 60.42 -43.52 -22.07
CA VAL N 56 59.00 -43.19 -21.81
C VAL N 56 58.55 -43.69 -20.44
N ARG N 57 58.01 -42.81 -19.60
CA ARG N 57 57.53 -43.16 -18.25
C ARG N 57 56.16 -42.54 -17.91
N GLN N 58 55.30 -43.31 -17.25
CA GLN N 58 54.03 -42.81 -16.74
C GLN N 58 53.94 -43.13 -15.28
N SER N 59 53.45 -42.19 -14.48
CA SER N 59 52.96 -42.53 -13.15
C SER N 59 51.75 -41.73 -12.72
N ASP N 60 50.97 -42.29 -11.81
CA ASP N 60 49.87 -41.57 -11.24
C ASP N 60 50.30 -40.71 -10.01
N SER N 61 51.58 -40.77 -9.61
CA SER N 61 52.10 -40.07 -8.40
C SER N 61 52.89 -38.76 -8.66
N GLU N 62 52.33 -37.63 -8.23
CA GLU N 62 53.07 -36.35 -8.12
C GLU N 62 54.55 -36.50 -7.62
N ALA N 63 54.78 -37.33 -6.60
CA ALA N 63 56.15 -37.55 -6.11
C ALA N 63 57.04 -38.24 -7.16
N GLN N 64 56.48 -39.23 -7.82
CA GLN N 64 57.25 -39.99 -8.76
C GLN N 64 57.71 -39.17 -9.98
N LEU N 65 56.85 -38.27 -10.42
CA LEU N 65 57.12 -37.45 -11.57
C LEU N 65 58.15 -36.43 -11.16
N LEU N 66 57.93 -35.80 -10.00
CA LEU N 66 58.90 -34.84 -9.45
C LEU N 66 60.29 -35.46 -9.44
N ASP N 67 60.34 -36.72 -9.02
CA ASP N 67 61.56 -37.47 -8.97
C ASP N 67 62.24 -37.58 -10.34
N TRP N 68 61.55 -38.14 -11.34
CA TRP N 68 62.08 -38.20 -12.70
C TRP N 68 62.44 -36.86 -13.22
N ILE N 69 61.63 -35.83 -12.93
CA ILE N 69 62.05 -34.46 -13.29
C ILE N 69 63.40 -34.13 -12.66
N HIS N 70 63.56 -34.41 -11.39
CA HIS N 70 64.88 -34.17 -10.77
C HIS N 70 65.97 -34.88 -11.50
N GLN N 71 65.72 -36.13 -11.92
CA GLN N 71 66.78 -36.92 -12.53
C GLN N 71 67.18 -36.28 -13.83
N ALA N 72 66.20 -35.84 -14.61
CA ALA N 72 66.41 -35.17 -15.87
C ALA N 72 67.10 -33.83 -15.62
N ALA N 73 66.69 -33.16 -14.56
CA ALA N 73 67.29 -31.93 -14.22
C ALA N 73 68.76 -32.22 -13.90
N ASP N 74 69.04 -33.34 -13.24
CA ASP N 74 70.43 -33.65 -12.81
C ASP N 74 71.32 -34.09 -13.96
N ALA N 75 70.71 -34.63 -14.99
CA ALA N 75 71.43 -35.23 -16.11
C ALA N 75 71.50 -34.36 -17.37
N ALA N 76 70.89 -33.15 -17.31
CA ALA N 76 70.78 -32.21 -18.44
C ALA N 76 70.09 -32.75 -19.70
N GLU N 77 69.22 -33.73 -19.52
CA GLU N 77 68.43 -34.33 -20.59
C GLU N 77 67.05 -33.64 -20.84
N PRO N 78 66.68 -33.44 -22.13
CA PRO N 78 65.40 -32.78 -22.45
C PRO N 78 64.23 -33.60 -21.98
N VAL N 79 63.10 -32.93 -21.78
CA VAL N 79 61.88 -33.59 -21.29
C VAL N 79 60.66 -33.32 -22.16
N ILE N 80 59.83 -34.35 -22.29
CA ILE N 80 58.54 -34.26 -22.97
C ILE N 80 57.51 -34.66 -21.94
N LEU N 81 56.73 -33.67 -21.52
CA LEU N 81 55.90 -33.81 -20.34
C LEU N 81 54.43 -33.66 -20.65
N ASN N 82 53.66 -34.70 -20.29
CA ASN N 82 52.24 -34.60 -20.36
C ASN N 82 51.77 -34.84 -18.95
N ALA N 83 51.46 -33.73 -18.31
CA ALA N 83 51.27 -33.81 -16.90
C ALA N 83 49.92 -34.38 -16.56
N GLY N 84 49.03 -34.45 -17.54
CA GLY N 84 47.66 -34.84 -17.25
C GLY N 84 46.93 -33.78 -16.44
N GLY N 85 46.21 -34.19 -15.41
CA GLY N 85 45.46 -33.24 -14.60
C GLY N 85 46.33 -32.26 -13.82
N LEU N 86 47.63 -32.60 -13.66
CA LEU N 86 48.52 -31.85 -12.76
C LEU N 86 49.06 -30.63 -13.48
N THR N 87 48.86 -30.59 -14.80
CA THR N 87 49.17 -29.41 -15.61
C THR N 87 48.40 -28.18 -15.05
N HIS N 88 47.26 -28.44 -14.44
CA HIS N 88 46.33 -27.38 -14.08
C HIS N 88 46.34 -27.11 -12.63
N THR N 89 46.92 -28.01 -11.88
CA THR N 89 46.88 -27.92 -10.43
C THR N 89 48.23 -27.74 -9.71
N SER N 90 49.32 -28.20 -10.32
CA SER N 90 50.57 -28.42 -9.55
C SER N 90 51.67 -27.37 -9.69
N VAL N 91 51.74 -26.43 -8.74
CA VAL N 91 52.87 -25.53 -8.64
C VAL N 91 54.15 -26.31 -8.28
N ALA N 92 54.03 -27.32 -7.43
CA ALA N 92 55.15 -28.18 -7.08
C ALA N 92 55.85 -28.69 -8.34
N LEU N 93 55.04 -29.12 -9.31
CA LEU N 93 55.55 -29.70 -10.52
C LEU N 93 56.14 -28.67 -11.44
N ARG N 94 55.55 -27.48 -11.47
CA ARG N 94 56.07 -26.39 -12.27
C ARG N 94 57.45 -26.05 -11.76
N ASP N 95 57.57 -25.97 -10.44
CA ASP N 95 58.84 -25.72 -9.76
C ASP N 95 59.98 -26.73 -10.10
N ALA N 96 59.67 -28.03 -10.09
CA ALA N 96 60.66 -29.04 -10.45
C ALA N 96 61.21 -28.80 -11.84
N CYS N 97 60.29 -28.52 -12.78
CA CYS N 97 60.64 -28.29 -14.19
C CYS N 97 61.36 -26.98 -14.48
N ALA N 98 61.23 -26.03 -13.58
CA ALA N 98 61.81 -24.72 -13.79
C ALA N 98 63.33 -24.82 -13.84
N GLU N 99 63.92 -25.73 -13.06
CA GLU N 99 65.37 -25.96 -13.06
C GLU N 99 65.96 -26.76 -14.23
N LEU N 100 65.12 -27.45 -14.99
CA LEU N 100 65.58 -28.11 -16.19
C LEU N 100 66.32 -27.10 -17.03
N SER N 101 67.55 -27.43 -17.43
CA SER N 101 68.32 -26.59 -18.36
C SER N 101 68.12 -26.97 -19.85
N ALA N 102 67.84 -28.24 -20.13
CA ALA N 102 67.53 -28.66 -21.51
C ALA N 102 66.07 -28.36 -21.85
N PRO N 103 65.73 -28.29 -23.16
CA PRO N 103 64.35 -27.97 -23.55
C PRO N 103 63.29 -28.77 -22.78
N LEU N 104 62.22 -28.08 -22.36
CA LEU N 104 61.04 -28.76 -21.83
C LEU N 104 59.86 -28.53 -22.77
N ILE N 105 59.28 -29.59 -23.32
CA ILE N 105 58.05 -29.46 -24.16
C ILE N 105 56.85 -30.08 -23.45
N GLU N 106 55.82 -29.26 -23.28
CA GLU N 106 54.55 -29.70 -22.68
C GLU N 106 53.70 -30.30 -23.81
N VAL N 107 53.20 -31.52 -23.62
CA VAL N 107 52.31 -32.07 -24.65
C VAL N 107 50.93 -32.40 -24.09
N HIS N 108 49.87 -32.02 -24.83
CA HIS N 108 48.53 -32.53 -24.50
C HIS N 108 47.93 -33.26 -25.66
N ILE N 109 47.54 -34.50 -25.44
CA ILE N 109 46.85 -35.28 -26.47
C ILE N 109 45.60 -34.55 -27.02
N SER N 110 44.65 -34.22 -26.16
CA SER N 110 43.47 -33.51 -26.62
C SER N 110 43.70 -32.01 -26.75
N ASN N 111 42.78 -31.31 -27.39
CA ASN N 111 42.81 -29.86 -27.41
C ASN N 111 42.17 -29.32 -26.13
N VAL N 112 43.04 -28.89 -25.21
CA VAL N 112 42.65 -28.35 -23.91
C VAL N 112 41.82 -27.08 -24.05
N HIS N 113 41.93 -26.41 -25.18
CA HIS N 113 41.19 -25.18 -25.31
C HIS N 113 39.77 -25.36 -25.76
N ALA N 114 39.42 -26.58 -26.16
CA ALA N 114 38.06 -26.88 -26.64
C ALA N 114 37.24 -27.65 -25.62
N ARG N 115 37.70 -27.71 -24.37
CA ARG N 115 36.99 -28.42 -23.32
C ARG N 115 36.81 -27.38 -22.24
N GLU N 116 36.46 -27.80 -21.03
CA GLU N 116 36.22 -26.91 -19.88
C GLU N 116 37.22 -25.74 -19.69
N GLU N 117 36.74 -24.61 -19.20
CA GLU N 117 37.56 -23.45 -18.98
C GLU N 117 38.79 -23.74 -18.12
N PHE N 118 38.65 -24.62 -17.14
CA PHE N 118 39.77 -24.80 -16.25
C PHE N 118 40.94 -25.53 -16.93
N ARG N 119 40.66 -26.21 -18.02
CA ARG N 119 41.74 -26.88 -18.70
C ARG N 119 42.57 -25.87 -19.49
N ARG N 120 42.08 -24.65 -19.58
CA ARG N 120 42.73 -23.66 -20.40
C ARG N 120 43.84 -22.93 -19.64
N HIS N 121 43.98 -23.16 -18.34
CA HIS N 121 45.15 -22.67 -17.64
C HIS N 121 46.14 -23.77 -17.36
N SER N 122 47.39 -23.47 -17.69
CA SER N 122 48.51 -24.37 -17.45
C SER N 122 49.57 -23.70 -16.56
N TYR N 123 49.90 -24.33 -15.42
CA TYR N 123 51.06 -23.85 -14.65
C TYR N 123 52.39 -24.19 -15.27
N LEU N 124 52.42 -25.15 -16.20
CA LEU N 124 53.69 -25.57 -16.81
C LEU N 124 54.08 -24.71 -17.99
N SER N 125 53.09 -24.16 -18.68
CA SER N 125 53.33 -23.50 -19.94
C SER N 125 54.34 -22.36 -19.88
N PRO N 126 54.23 -21.48 -18.87
CA PRO N 126 55.21 -20.37 -18.81
C PRO N 126 56.68 -20.80 -18.65
N ILE N 127 56.93 -22.01 -18.16
CA ILE N 127 58.31 -22.40 -17.91
C ILE N 127 58.89 -23.34 -19.00
N ALA N 128 58.00 -23.91 -19.82
CA ALA N 128 58.37 -24.80 -20.92
C ALA N 128 59.00 -24.08 -22.08
N THR N 129 59.75 -24.80 -22.94
CA THR N 129 60.24 -24.21 -24.17
C THR N 129 59.05 -24.02 -25.08
N GLY N 130 58.22 -25.06 -25.13
CA GLY N 130 57.02 -25.04 -25.92
C GLY N 130 55.96 -26.04 -25.55
N VAL N 131 54.85 -25.95 -26.27
CA VAL N 131 53.64 -26.66 -25.90
C VAL N 131 52.92 -27.02 -27.19
N ILE N 132 52.60 -28.29 -27.34
CA ILE N 132 51.88 -28.77 -28.50
C ILE N 132 50.64 -29.36 -27.91
N VAL N 133 49.49 -28.91 -28.37
CA VAL N 133 48.27 -29.38 -27.80
C VAL N 133 47.40 -29.88 -28.91
N GLY N 134 46.64 -30.94 -28.61
CA GLY N 134 45.56 -31.42 -29.47
C GLY N 134 45.94 -32.10 -30.79
N LEU N 135 47.19 -32.45 -30.98
CA LEU N 135 47.52 -33.17 -32.19
C LEU N 135 47.51 -34.69 -31.95
N GLY N 136 46.85 -35.11 -30.88
CA GLY N 136 46.88 -36.49 -30.45
C GLY N 136 48.27 -37.02 -30.12
N ILE N 137 48.39 -38.34 -30.29
CA ILE N 137 49.59 -39.11 -29.98
C ILE N 137 50.81 -38.52 -30.66
N GLN N 138 50.58 -37.96 -31.82
CA GLN N 138 51.65 -37.52 -32.67
C GLN N 138 52.25 -36.20 -32.18
N GLY N 139 51.57 -35.49 -31.29
CA GLY N 139 52.21 -34.38 -30.57
C GLY N 139 53.54 -34.78 -29.94
N TYR N 140 53.61 -35.99 -29.37
CA TYR N 140 54.85 -36.54 -28.80
C TYR N 140 55.96 -36.67 -29.84
N LEU N 141 55.61 -37.27 -30.98
CA LEU N 141 56.58 -37.56 -32.03
C LEU N 141 57.12 -36.29 -32.70
N LEU N 142 56.23 -35.33 -32.92
CA LEU N 142 56.68 -34.00 -33.35
C LEU N 142 57.61 -33.32 -32.33
N ALA N 143 57.38 -33.58 -31.05
CA ALA N 143 58.21 -32.97 -30.01
C ALA N 143 59.63 -33.58 -30.04
N LEU N 144 59.75 -34.85 -30.39
CA LEU N 144 61.07 -35.44 -30.64
C LEU N 144 61.72 -34.75 -31.82
N ARG N 145 61.00 -34.73 -32.93
CA ARG N 145 61.57 -34.12 -34.12
C ARG N 145 62.12 -32.74 -33.78
N TYR N 146 61.48 -32.06 -32.84
CA TYR N 146 61.96 -30.72 -32.44
C TYR N 146 63.29 -30.82 -31.69
N LEU N 147 63.33 -31.67 -30.67
CA LEU N 147 64.53 -31.88 -29.86
C LEU N 147 65.68 -32.37 -30.74
N ALA N 148 65.35 -33.12 -31.78
CA ALA N 148 66.32 -33.63 -32.76
C ALA N 148 67.02 -32.55 -33.63
N GLU N 149 66.46 -31.35 -33.72
CA GLU N 149 67.18 -30.22 -34.30
C GLU N 149 67.75 -29.22 -33.27
N HIS N 150 67.78 -29.61 -32.00
CA HIS N 150 68.07 -28.66 -30.91
C HIS N 150 68.94 -29.26 -29.82
N LEU O 10 61.29 -30.17 24.83
CA LEU O 10 60.24 -30.86 24.03
C LEU O 10 60.55 -30.88 22.51
N ILE O 11 59.98 -31.87 21.80
CA ILE O 11 60.21 -32.07 20.35
C ILE O 11 59.45 -31.07 19.47
N VAL O 12 60.07 -30.74 18.34
CA VAL O 12 59.60 -29.77 17.39
C VAL O 12 59.80 -30.31 16.00
N ASN O 13 58.76 -30.35 15.19
CA ASN O 13 58.89 -30.96 13.91
C ASN O 13 59.15 -29.90 12.86
N VAL O 14 60.14 -30.13 12.03
CA VAL O 14 60.36 -29.29 10.92
C VAL O 14 60.12 -30.18 9.72
N ILE O 15 59.09 -29.82 8.95
CA ILE O 15 58.68 -30.52 7.76
C ILE O 15 58.85 -29.67 6.48
N ASN O 16 59.63 -30.21 5.56
CA ASN O 16 59.87 -29.60 4.25
C ASN O 16 59.19 -30.45 3.14
N GLY O 17 58.46 -29.77 2.27
CA GLY O 17 57.70 -30.45 1.22
C GLY O 17 58.44 -30.47 -0.10
N PRO O 18 57.71 -30.60 -1.21
CA PRO O 18 58.26 -30.91 -2.54
C PRO O 18 59.33 -29.93 -2.99
N ASN O 19 60.36 -30.45 -3.67
CA ASN O 19 61.49 -29.67 -4.19
C ASN O 19 62.47 -29.17 -3.13
N LEU O 20 62.09 -29.26 -1.85
CA LEU O 20 62.97 -28.77 -0.80
C LEU O 20 64.21 -29.64 -0.61
N GLY O 21 64.12 -30.88 -1.09
CA GLY O 21 65.24 -31.79 -1.05
C GLY O 21 66.35 -31.36 -1.99
N ARG O 22 66.05 -30.39 -2.87
CA ARG O 22 67.00 -29.84 -3.85
C ARG O 22 67.60 -28.51 -3.40
N LEU O 23 67.28 -28.08 -2.20
CA LEU O 23 67.94 -26.94 -1.60
C LEU O 23 69.37 -26.94 -2.11
N GLY O 24 69.68 -25.88 -2.83
CA GLY O 24 70.51 -26.03 -3.97
C GLY O 24 71.98 -25.83 -3.82
N ARG O 25 72.76 -26.63 -4.55
CA ARG O 25 72.33 -27.90 -5.18
C ARG O 25 71.19 -28.03 -6.25
N ARG O 26 70.86 -27.07 -7.13
CA ARG O 26 71.34 -25.70 -7.30
C ARG O 26 70.12 -24.74 -7.32
N GLU O 27 70.27 -23.53 -7.89
CA GLU O 27 69.27 -22.41 -7.93
C GLU O 27 69.60 -21.23 -6.96
N PRO O 28 70.91 -20.95 -6.75
CA PRO O 28 71.38 -20.28 -5.52
C PRO O 28 70.77 -18.91 -5.33
N ALA O 29 70.29 -18.36 -6.43
CA ALA O 29 69.82 -17.00 -6.53
C ALA O 29 68.77 -16.68 -5.46
N VAL O 30 67.78 -17.54 -5.32
CA VAL O 30 66.60 -17.20 -4.53
C VAL O 30 66.50 -18.00 -3.21
N TYR O 31 67.12 -19.18 -3.18
CA TYR O 31 67.05 -20.08 -2.04
C TYR O 31 68.37 -20.25 -1.26
N GLY O 32 69.47 -19.69 -1.79
CA GLY O 32 70.78 -19.76 -1.11
C GLY O 32 71.69 -20.93 -1.52
N GLY O 33 72.84 -21.06 -0.84
CA GLY O 33 73.85 -22.08 -1.20
C GLY O 33 73.90 -23.32 -0.31
N THR O 34 73.21 -23.28 0.82
CA THR O 34 73.18 -24.36 1.82
C THR O 34 72.34 -25.50 1.28
N THR O 35 72.81 -26.75 1.40
CA THR O 35 72.00 -27.91 0.98
C THR O 35 71.04 -28.30 2.08
N HIS O 36 70.23 -29.32 1.79
CA HIS O 36 69.21 -29.76 2.74
C HIS O 36 69.78 -30.50 3.92
N ASP O 37 70.84 -31.30 3.68
CA ASP O 37 71.58 -31.95 4.77
C ASP O 37 72.19 -30.89 5.64
N GLU O 38 72.72 -29.83 5.01
CA GLU O 38 73.34 -28.77 5.78
C GLU O 38 72.28 -28.11 6.59
N LEU O 39 71.07 -28.07 6.03
CA LEU O 39 69.94 -27.47 6.71
C LEU O 39 69.49 -28.24 7.96
N VAL O 40 69.40 -29.56 7.87
CA VAL O 40 69.17 -30.43 9.07
C VAL O 40 70.18 -30.20 10.23
N ALA O 41 71.46 -30.13 9.88
CA ALA O 41 72.48 -29.93 10.89
C ALA O 41 72.38 -28.53 11.52
N LEU O 42 72.22 -27.49 10.71
CA LEU O 42 71.97 -26.16 11.30
C LEU O 42 70.71 -26.10 12.21
N ILE O 43 69.58 -26.65 11.76
CA ILE O 43 68.37 -26.59 12.58
C ILE O 43 68.56 -27.43 13.84
N GLU O 44 69.03 -28.67 13.70
CA GLU O 44 69.32 -29.51 14.88
C GLU O 44 70.20 -28.84 15.95
N ARG O 45 71.29 -28.26 15.50
CA ARG O 45 72.18 -27.50 16.37
C ARG O 45 71.43 -26.34 17.07
N GLU O 46 70.76 -25.49 16.29
CA GLU O 46 70.10 -24.32 16.86
C GLU O 46 69.05 -24.67 17.91
N ALA O 47 68.23 -25.66 17.60
CA ALA O 47 67.25 -26.25 18.48
C ALA O 47 67.86 -26.77 19.78
N ALA O 48 68.96 -27.53 19.65
CA ALA O 48 69.68 -28.03 20.82
C ALA O 48 70.07 -26.85 21.70
N GLU O 49 70.64 -25.81 21.12
CA GLU O 49 71.06 -24.64 21.91
C GLU O 49 69.91 -23.94 22.63
N LEU O 50 68.68 -24.10 22.15
CA LEU O 50 67.47 -23.56 22.80
C LEU O 50 66.78 -24.55 23.69
N GLY O 51 67.41 -25.68 23.93
CA GLY O 51 66.85 -26.59 24.90
C GLY O 51 65.68 -27.31 24.28
N LEU O 52 65.67 -27.34 22.95
CA LEU O 52 64.69 -28.10 22.18
C LEU O 52 65.39 -29.20 21.46
N LYS O 53 64.63 -30.08 20.82
CA LYS O 53 65.18 -31.14 20.00
C LYS O 53 64.45 -31.14 18.66
N ALA O 54 65.17 -31.12 17.57
CA ALA O 54 64.54 -30.99 16.27
C ALA O 54 64.51 -32.27 15.44
N VAL O 55 63.32 -32.68 15.03
CA VAL O 55 63.19 -33.73 14.04
C VAL O 55 62.84 -33.12 12.65
N VAL O 56 63.80 -33.13 11.72
CA VAL O 56 63.71 -32.42 10.43
C VAL O 56 63.54 -33.44 9.31
N ARG O 57 62.45 -33.36 8.55
CA ARG O 57 62.19 -34.29 7.48
C ARG O 57 61.72 -33.59 6.24
N GLN O 58 61.91 -34.23 5.09
CA GLN O 58 61.45 -33.63 3.87
C GLN O 58 60.87 -34.69 3.00
N SER O 59 59.82 -34.35 2.25
CA SER O 59 59.30 -35.29 1.27
C SER O 59 58.72 -34.60 0.07
N ASP O 60 58.79 -35.23 -1.09
CA ASP O 60 58.04 -34.78 -2.26
C ASP O 60 56.60 -35.34 -2.31
N SER O 61 56.17 -36.07 -1.30
CA SER O 61 54.83 -36.64 -1.37
C SER O 61 53.85 -36.10 -0.33
N GLU O 62 52.70 -35.65 -0.82
CA GLU O 62 51.67 -35.08 0.02
C GLU O 62 51.28 -36.05 1.15
N ALA O 63 51.12 -37.32 0.80
CA ALA O 63 50.74 -38.36 1.78
C ALA O 63 51.75 -38.61 2.87
N GLN O 64 53.03 -38.45 2.54
CA GLN O 64 54.10 -38.55 3.52
C GLN O 64 54.01 -37.38 4.50
N LEU O 65 53.78 -36.18 3.95
CA LEU O 65 53.71 -34.98 4.78
C LEU O 65 52.49 -35.08 5.63
N LEU O 66 51.41 -35.67 5.15
CA LEU O 66 50.18 -35.74 5.97
C LEU O 66 50.40 -36.65 7.19
N ASP O 67 50.96 -37.82 6.92
CA ASP O 67 51.28 -38.78 7.96
C ASP O 67 52.12 -38.12 9.05
N TRP O 68 53.15 -37.39 8.62
CA TRP O 68 54.02 -36.68 9.56
C TRP O 68 53.22 -35.69 10.33
N ILE O 69 52.30 -34.96 9.67
CA ILE O 69 51.50 -33.95 10.39
C ILE O 69 50.57 -34.64 11.39
N HIS O 70 49.95 -35.75 11.00
CA HIS O 70 49.10 -36.50 11.91
C HIS O 70 49.93 -36.94 13.08
N GLN O 71 51.12 -37.52 12.84
CA GLN O 71 52.00 -37.91 13.97
C GLN O 71 52.23 -36.74 14.96
N ALA O 72 52.48 -35.54 14.45
CA ALA O 72 52.71 -34.42 15.34
C ALA O 72 51.46 -33.98 16.10
N ALA O 73 50.30 -34.09 15.45
CA ALA O 73 49.03 -33.77 16.11
C ALA O 73 48.74 -34.77 17.21
N ASP O 74 49.12 -36.01 16.98
CA ASP O 74 48.93 -37.04 18.00
C ASP O 74 49.79 -36.91 19.22
N ALA O 75 50.93 -36.24 19.09
CA ALA O 75 51.81 -36.00 20.24
C ALA O 75 51.69 -34.59 20.81
N ALA O 76 50.87 -33.73 20.19
CA ALA O 76 50.77 -32.33 20.62
C ALA O 76 52.12 -31.60 20.49
N GLU O 77 52.89 -32.00 19.49
CA GLU O 77 54.12 -31.29 19.10
C GLU O 77 53.89 -30.20 18.07
N PRO O 78 54.61 -29.08 18.26
CA PRO O 78 54.72 -27.95 17.34
C PRO O 78 55.29 -28.38 15.99
N VAL O 79 55.04 -27.60 14.96
CA VAL O 79 55.49 -27.88 13.63
C VAL O 79 55.96 -26.63 12.92
N ILE O 80 57.16 -26.70 12.37
CA ILE O 80 57.61 -25.65 11.51
C ILE O 80 57.46 -26.22 10.12
N LEU O 81 56.64 -25.58 9.29
CA LEU O 81 56.31 -26.14 7.95
C LEU O 81 56.66 -25.20 6.80
N ASN O 82 57.48 -25.74 5.89
CA ASN O 82 57.63 -25.18 4.57
C ASN O 82 57.02 -26.15 3.56
N ALA O 83 55.77 -25.94 3.16
CA ALA O 83 55.12 -26.97 2.33
C ALA O 83 55.54 -26.92 0.88
N GLY O 84 56.43 -25.98 0.54
CA GLY O 84 56.81 -25.82 -0.88
C GLY O 84 55.61 -25.40 -1.71
N GLY O 85 55.44 -26.04 -2.88
CA GLY O 85 54.32 -25.76 -3.80
C GLY O 85 52.93 -26.05 -3.21
N LEU O 86 52.85 -27.06 -2.36
CA LEU O 86 51.60 -27.42 -1.76
C LEU O 86 51.01 -26.24 -0.99
N THR O 87 51.86 -25.32 -0.54
CA THR O 87 51.38 -24.12 0.15
C THR O 87 50.26 -23.38 -0.57
N HIS O 88 50.37 -23.27 -1.89
CA HIS O 88 49.37 -22.60 -2.73
C HIS O 88 48.31 -23.47 -3.35
N THR O 89 48.27 -24.75 -2.99
CA THR O 89 47.49 -25.67 -3.79
C THR O 89 46.72 -26.62 -2.93
N SER O 90 47.22 -26.91 -1.73
CA SER O 90 46.68 -28.07 -0.98
C SER O 90 45.76 -27.81 0.19
N VAL O 91 44.50 -28.14 0.01
CA VAL O 91 43.55 -28.06 1.10
C VAL O 91 43.72 -29.26 2.03
N ALA O 92 44.15 -30.40 1.47
CA ALA O 92 44.37 -31.63 2.29
C ALA O 92 45.41 -31.31 3.32
N LEU O 93 46.51 -30.70 2.89
CA LEU O 93 47.55 -30.29 3.83
C LEU O 93 47.03 -29.34 4.92
N ARG O 94 46.25 -28.35 4.51
CA ARG O 94 45.61 -27.45 5.45
C ARG O 94 44.78 -28.17 6.52
N ASP O 95 43.94 -29.10 6.10
CA ASP O 95 43.00 -29.75 7.01
C ASP O 95 43.76 -30.55 8.07
N ALA O 96 44.89 -31.12 7.63
CA ALA O 96 45.77 -31.86 8.51
C ALA O 96 46.25 -30.91 9.61
N CYS O 97 46.79 -29.74 9.22
CA CYS O 97 47.39 -28.84 10.19
C CYS O 97 46.38 -28.22 11.09
N ALA O 98 45.13 -28.03 10.60
CA ALA O 98 44.02 -27.45 11.39
C ALA O 98 43.87 -28.15 12.70
N GLU O 99 44.15 -29.45 12.67
CA GLU O 99 44.07 -30.32 13.85
C GLU O 99 45.23 -30.16 14.89
N LEU O 100 46.37 -29.58 14.50
CA LEU O 100 47.48 -29.30 15.44
C LEU O 100 47.02 -28.51 16.65
N SER O 101 47.25 -29.07 17.82
CA SER O 101 47.03 -28.30 19.04
C SER O 101 48.25 -27.43 19.45
N ALA O 102 49.45 -27.81 19.06
CA ALA O 102 50.55 -26.96 19.41
C ALA O 102 50.75 -25.97 18.26
N PRO O 103 51.56 -24.92 18.50
CA PRO O 103 51.69 -23.94 17.41
C PRO O 103 52.14 -24.54 16.08
N LEU O 104 51.77 -23.86 14.99
CA LEU O 104 52.29 -24.19 13.70
C LEU O 104 52.89 -22.93 13.11
N ILE O 105 54.15 -23.00 12.71
CA ILE O 105 54.75 -21.84 12.06
C ILE O 105 55.02 -22.13 10.61
N GLU O 106 54.40 -21.36 9.69
CA GLU O 106 54.69 -21.56 8.25
C GLU O 106 55.93 -20.73 7.81
N VAL O 107 56.84 -21.34 7.07
CA VAL O 107 58.10 -20.66 6.71
C VAL O 107 58.35 -20.78 5.23
N HIS O 108 58.72 -19.70 4.58
CA HIS O 108 59.21 -19.77 3.22
C HIS O 108 60.55 -19.07 3.21
N ILE O 109 61.46 -19.58 2.39
CA ILE O 109 62.83 -19.10 2.34
C ILE O 109 62.91 -17.84 1.50
N SER O 110 62.28 -17.83 0.33
CA SER O 110 62.21 -16.63 -0.55
C SER O 110 61.08 -15.71 -0.13
N ASN O 111 61.10 -14.49 -0.62
CA ASN O 111 59.98 -13.59 -0.43
C ASN O 111 58.96 -13.94 -1.50
N VAL O 112 57.95 -14.69 -1.09
CA VAL O 112 56.96 -15.18 -2.01
C VAL O 112 56.07 -14.04 -2.52
N HIS O 113 56.17 -12.85 -1.91
CA HIS O 113 55.41 -11.68 -2.39
C HIS O 113 56.22 -10.86 -3.39
N ALA O 114 57.48 -11.22 -3.60
CA ALA O 114 58.28 -10.51 -4.61
C ALA O 114 58.25 -11.29 -5.93
N ARG O 115 57.47 -12.38 -5.95
CA ARG O 115 57.47 -13.37 -7.04
C ARG O 115 56.16 -13.36 -7.87
N GLU O 116 55.88 -14.42 -8.62
CA GLU O 116 54.61 -14.55 -9.36
C GLU O 116 53.41 -14.43 -8.43
N GLU O 117 52.42 -13.64 -8.84
CA GLU O 117 51.22 -13.42 -8.07
C GLU O 117 50.56 -14.67 -7.43
N PHE O 118 50.67 -15.82 -8.08
CA PHE O 118 50.02 -17.04 -7.57
C PHE O 118 50.66 -17.59 -6.29
N ARG O 119 51.85 -17.10 -5.93
CA ARG O 119 52.55 -17.56 -4.72
C ARG O 119 52.17 -16.70 -3.51
N ARG O 120 51.49 -15.60 -3.77
CA ARG O 120 51.04 -14.68 -2.74
C ARG O 120 49.84 -15.24 -1.98
N HIS O 121 49.34 -16.38 -2.37
CA HIS O 121 48.24 -17.01 -1.64
C HIS O 121 48.67 -18.31 -1.00
N SER O 122 48.14 -18.59 0.19
CA SER O 122 48.53 -19.75 0.98
C SER O 122 47.34 -20.28 1.73
N TYR O 123 47.04 -21.55 1.50
CA TYR O 123 45.98 -22.21 2.24
C TYR O 123 46.36 -22.41 3.67
N LEU O 124 47.66 -22.42 3.96
CA LEU O 124 48.16 -22.68 5.33
C LEU O 124 48.13 -21.47 6.24
N SER O 125 48.64 -20.35 5.72
CA SER O 125 48.76 -19.12 6.50
C SER O 125 47.64 -18.91 7.51
N PRO O 126 46.34 -18.95 7.10
CA PRO O 126 45.28 -18.61 8.07
C PRO O 126 45.03 -19.66 9.16
N ILE O 127 45.47 -20.88 8.99
CA ILE O 127 45.35 -21.78 10.11
C ILE O 127 46.66 -21.84 10.92
N ALA O 128 47.75 -21.28 10.38
CA ALA O 128 49.05 -21.21 11.10
C ALA O 128 49.02 -20.22 12.25
N THR O 129 49.97 -20.35 13.15
CA THR O 129 50.08 -19.41 14.25
C THR O 129 50.67 -18.12 13.71
N GLY O 130 51.63 -18.26 12.81
CA GLY O 130 52.38 -17.15 12.27
C GLY O 130 53.13 -17.64 11.08
N VAL O 131 53.72 -16.70 10.33
CA VAL O 131 54.40 -17.00 9.07
C VAL O 131 55.64 -16.19 8.95
N ILE O 132 56.73 -16.80 8.44
CA ILE O 132 57.99 -16.08 8.25
C ILE O 132 58.42 -16.26 6.80
N VAL O 133 58.62 -15.13 6.10
CA VAL O 133 58.84 -15.24 4.68
C VAL O 133 60.02 -14.41 4.27
N GLY O 134 60.84 -15.03 3.42
CA GLY O 134 61.94 -14.31 2.76
C GLY O 134 63.11 -13.96 3.67
N LEU O 135 63.17 -14.56 4.85
CA LEU O 135 64.34 -14.33 5.72
C LEU O 135 65.46 -15.35 5.44
N GLY O 136 65.34 -16.02 4.29
CA GLY O 136 66.23 -17.11 3.93
C GLY O 136 66.09 -18.24 4.93
N ILE O 137 67.09 -19.10 4.91
CA ILE O 137 67.16 -20.31 5.71
C ILE O 137 67.13 -19.98 7.22
N GLN O 138 67.54 -18.76 7.57
CA GLN O 138 67.40 -18.32 8.94
C GLN O 138 65.91 -18.32 9.48
N GLY O 139 64.96 -18.39 8.54
CA GLY O 139 63.58 -18.45 8.88
C GLY O 139 63.28 -19.59 9.85
N TYR O 140 63.91 -20.76 9.59
CA TYR O 140 63.69 -21.95 10.37
C TYR O 140 64.18 -21.73 11.79
N LEU O 141 65.31 -21.06 11.92
CA LEU O 141 65.94 -20.90 13.23
C LEU O 141 65.19 -19.86 14.05
N LEU O 142 64.69 -18.78 13.42
CA LEU O 142 63.82 -17.80 14.10
C LEU O 142 62.51 -18.43 14.57
N ALA O 143 61.97 -19.33 13.76
CA ALA O 143 60.74 -20.00 14.13
C ALA O 143 60.99 -20.86 15.35
N LEU O 144 62.16 -21.51 15.39
CA LEU O 144 62.48 -22.32 16.57
C LEU O 144 62.63 -21.43 17.82
N ARG O 145 62.98 -20.17 17.59
CA ARG O 145 63.23 -19.27 18.71
C ARG O 145 61.92 -18.83 19.29
N TYR O 146 60.97 -18.64 18.39
CA TYR O 146 59.60 -18.39 18.79
C TYR O 146 59.12 -19.60 19.61
N LEU O 147 59.08 -20.80 19.01
CA LEU O 147 58.65 -21.99 19.77
C LEU O 147 59.29 -22.14 21.16
N ALA O 148 60.59 -21.87 21.29
CA ALA O 148 61.31 -21.94 22.59
C ALA O 148 60.82 -20.93 23.63
N GLU O 149 60.23 -19.84 23.16
CA GLU O 149 59.81 -18.72 24.00
C GLU O 149 58.35 -18.85 24.39
N HIS O 150 57.74 -19.99 24.12
CA HIS O 150 56.32 -20.24 24.39
C HIS O 150 56.04 -21.65 24.91
N LEU P 10 65.07 15.90 -37.37
CA LEU P 10 64.27 16.45 -38.47
C LEU P 10 62.82 15.85 -38.49
N ILE P 11 62.67 14.54 -38.75
CA ILE P 11 61.35 13.99 -39.20
C ILE P 11 60.40 13.34 -38.15
N VAL P 12 59.20 13.89 -38.04
CA VAL P 12 58.17 13.34 -37.12
C VAL P 12 56.91 12.85 -37.85
N ASN P 13 56.56 11.59 -37.63
CA ASN P 13 55.29 11.05 -38.08
C ASN P 13 54.11 11.29 -37.13
N VAL P 14 53.09 12.00 -37.59
CA VAL P 14 51.86 12.06 -36.81
C VAL P 14 50.85 11.16 -37.52
N ILE P 15 50.38 10.16 -36.80
CA ILE P 15 49.49 9.14 -37.35
C ILE P 15 48.17 9.17 -36.57
N ASN P 16 47.07 9.43 -37.29
CA ASN P 16 45.70 9.36 -36.75
C ASN P 16 44.94 8.10 -37.21
N GLY P 17 44.30 7.40 -36.27
CA GLY P 17 43.58 6.18 -36.56
C GLY P 17 42.09 6.39 -36.86
N PRO P 18 41.27 5.32 -36.76
CA PRO P 18 39.84 5.33 -37.07
C PRO P 18 39.11 6.54 -36.55
N ASN P 19 38.21 7.00 -37.39
CA ASN P 19 37.26 8.05 -37.03
C ASN P 19 37.81 9.45 -36.96
N LEU P 20 39.14 9.59 -37.03
CA LEU P 20 39.73 10.91 -36.87
C LEU P 20 39.58 11.82 -38.10
N GLY P 21 39.32 11.23 -39.26
CA GLY P 21 38.96 12.02 -40.44
C GLY P 21 37.82 12.96 -40.10
N ARG P 22 36.94 12.50 -39.20
CA ARG P 22 35.68 13.17 -38.88
C ARG P 22 35.78 14.27 -37.84
N LEU P 23 37.01 14.60 -37.46
CA LEU P 23 37.31 15.78 -36.68
C LEU P 23 36.72 16.98 -37.40
N GLY P 24 35.98 17.82 -36.68
CA GLY P 24 35.47 18.99 -37.36
C GLY P 24 34.28 19.75 -36.81
N ARG P 25 33.04 19.42 -37.18
CA ARG P 25 32.57 18.27 -37.98
C ARG P 25 31.61 17.54 -37.06
N ARG P 26 32.16 16.80 -36.09
CA ARG P 26 31.39 16.32 -34.96
C ARG P 26 32.11 16.66 -33.67
N GLU P 27 31.40 17.24 -32.69
CA GLU P 27 29.96 17.54 -32.76
C GLU P 27 29.49 18.85 -32.06
N PRO P 28 30.42 19.70 -31.57
CA PRO P 28 31.86 19.59 -31.45
C PRO P 28 32.45 20.04 -30.10
N ALA P 29 32.72 19.09 -29.20
CA ALA P 29 33.47 19.36 -27.96
C ALA P 29 32.84 18.71 -26.74
N VAL P 30 33.41 17.63 -26.20
CA VAL P 30 34.49 16.76 -26.73
C VAL P 30 35.67 17.25 -27.62
N TYR P 31 35.52 17.31 -28.96
CA TYR P 31 36.70 17.17 -29.88
C TYR P 31 37.60 18.35 -30.41
N GLY P 32 37.18 19.62 -30.45
CA GLY P 32 35.82 20.06 -30.65
C GLY P 32 35.78 20.48 -32.11
N GLY P 33 36.06 21.75 -32.37
CA GLY P 33 35.70 22.41 -33.64
C GLY P 33 36.69 22.57 -34.77
N THR P 34 37.79 21.83 -34.76
CA THR P 34 38.84 21.92 -35.83
C THR P 34 38.81 20.71 -36.78
N THR P 35 38.89 20.97 -38.08
CA THR P 35 38.86 19.88 -39.04
C THR P 35 40.22 19.20 -39.06
N HIS P 36 40.27 18.03 -39.68
CA HIS P 36 41.50 17.33 -39.79
C HIS P 36 42.48 18.12 -40.60
N ASP P 37 42.08 18.42 -41.84
CA ASP P 37 42.90 19.25 -42.74
C ASP P 37 43.47 20.47 -42.00
N GLU P 38 42.60 21.20 -41.29
CA GLU P 38 43.06 22.35 -40.51
C GLU P 38 44.11 21.95 -39.45
N LEU P 39 43.88 20.83 -38.76
CA LEU P 39 44.90 20.27 -37.89
C LEU P 39 46.23 19.94 -38.63
N VAL P 40 46.17 19.35 -39.82
CA VAL P 40 47.41 19.14 -40.61
C VAL P 40 48.21 20.43 -40.84
N ALA P 41 47.52 21.49 -41.23
CA ALA P 41 48.18 22.76 -41.48
C ALA P 41 48.73 23.26 -40.15
N LEU P 42 47.90 23.12 -39.12
CA LEU P 42 48.24 23.53 -37.76
C LEU P 42 49.48 22.81 -37.22
N ILE P 43 49.54 21.49 -37.40
CA ILE P 43 50.72 20.75 -36.95
C ILE P 43 51.95 21.14 -37.77
N GLU P 44 51.77 21.33 -39.08
CA GLU P 44 52.90 21.60 -39.98
C GLU P 44 53.51 22.97 -39.78
N ARG P 45 52.67 24.00 -39.80
CA ARG P 45 53.01 25.34 -39.27
C ARG P 45 53.92 25.19 -38.03
N GLU P 46 53.35 24.65 -36.95
CA GLU P 46 54.05 24.51 -35.67
C GLU P 46 55.32 23.63 -35.68
N ALA P 47 55.32 22.57 -36.46
CA ALA P 47 56.49 21.69 -36.55
C ALA P 47 57.75 22.44 -37.05
N ALA P 48 57.63 23.09 -38.20
CA ALA P 48 58.70 23.88 -38.77
C ALA P 48 59.24 24.99 -37.87
N GLU P 49 58.34 25.72 -37.21
CA GLU P 49 58.80 26.74 -36.27
C GLU P 49 59.56 26.13 -35.10
N LEU P 50 59.39 24.83 -34.88
CA LEU P 50 60.23 24.12 -33.92
C LEU P 50 61.49 23.54 -34.56
N GLY P 51 61.69 23.79 -35.84
CA GLY P 51 62.80 23.18 -36.56
C GLY P 51 62.68 21.68 -36.84
N LEU P 52 61.49 21.20 -37.23
CA LEU P 52 61.34 19.81 -37.72
C LEU P 52 60.37 19.71 -38.87
N LYS P 53 60.31 18.52 -39.45
CA LYS P 53 59.36 18.23 -40.51
C LYS P 53 58.28 17.26 -40.00
N ALA P 54 57.02 17.71 -39.98
CA ALA P 54 55.90 16.83 -39.63
C ALA P 54 55.24 16.13 -40.83
N VAL P 55 55.18 14.80 -40.80
CA VAL P 55 54.43 14.04 -41.80
C VAL P 55 53.10 13.46 -41.25
N VAL P 56 52.00 14.17 -41.54
CA VAL P 56 50.69 13.92 -40.90
C VAL P 56 49.74 13.04 -41.74
N ARG P 57 49.43 11.85 -41.26
CA ARG P 57 48.54 10.99 -41.99
C ARG P 57 47.46 10.36 -41.13
N GLN P 58 46.38 9.93 -41.79
CA GLN P 58 45.18 9.45 -41.13
C GLN P 58 44.55 8.30 -41.93
N SER P 59 43.96 7.33 -41.22
CA SER P 59 43.38 6.20 -41.90
C SER P 59 42.43 5.48 -40.95
N ASP P 60 41.32 5.01 -41.51
CA ASP P 60 40.41 4.14 -40.77
C ASP P 60 40.86 2.67 -40.84
N SER P 61 41.99 2.42 -41.53
CA SER P 61 42.48 1.05 -41.75
C SER P 61 43.69 0.64 -40.88
N GLU P 62 43.50 -0.37 -40.03
CA GLU P 62 44.59 -0.93 -39.22
C GLU P 62 45.87 -1.30 -40.04
N ALA P 63 45.68 -1.94 -41.18
CA ALA P 63 46.76 -2.37 -42.06
C ALA P 63 47.60 -1.16 -42.52
N GLN P 64 46.92 -0.08 -42.82
CA GLN P 64 47.53 1.14 -43.28
C GLN P 64 48.31 1.81 -42.14
N LEU P 65 47.76 1.73 -40.93
CA LEU P 65 48.39 2.24 -39.75
C LEU P 65 49.62 1.40 -39.50
N LEU P 66 49.46 0.08 -39.43
CA LEU P 66 50.62 -0.79 -39.20
C LEU P 66 51.77 -0.44 -40.17
N ASP P 67 51.41 -0.34 -41.45
CA ASP P 67 52.35 -0.10 -42.52
C ASP P 67 53.18 1.19 -42.33
N TRP P 68 52.58 2.26 -41.84
CA TRP P 68 53.35 3.42 -41.50
C TRP P 68 54.26 3.28 -40.27
N ILE P 69 53.78 2.57 -39.24
CA ILE P 69 54.59 2.25 -38.07
C ILE P 69 55.83 1.49 -38.54
N HIS P 70 55.65 0.54 -39.46
CA HIS P 70 56.75 -0.24 -40.01
C HIS P 70 57.81 0.63 -40.63
N GLN P 71 57.38 1.59 -41.45
CA GLN P 71 58.30 2.49 -42.12
C GLN P 71 59.01 3.38 -41.10
N ALA P 72 58.28 3.76 -40.05
CA ALA P 72 58.85 4.57 -38.98
C ALA P 72 59.85 3.74 -38.20
N ALA P 73 59.62 2.43 -38.13
CA ALA P 73 60.56 1.56 -37.43
C ALA P 73 61.78 1.48 -38.29
N ASP P 74 61.60 1.71 -39.58
CA ASP P 74 62.65 1.42 -40.53
C ASP P 74 63.58 2.60 -40.63
N ALA P 75 62.99 3.78 -40.64
CA ALA P 75 63.76 5.03 -40.76
C ALA P 75 64.25 5.51 -39.42
N ALA P 76 64.11 4.67 -38.39
CA ALA P 76 64.38 5.09 -37.00
C ALA P 76 63.77 6.49 -36.70
N GLU P 77 62.45 6.61 -36.87
CA GLU P 77 61.75 7.92 -36.81
C GLU P 77 60.72 7.98 -35.68
N PRO P 78 60.73 9.09 -34.91
CA PRO P 78 59.78 9.23 -33.81
C PRO P 78 58.36 9.22 -34.34
N VAL P 79 57.43 8.65 -33.59
CA VAL P 79 56.02 8.66 -33.97
C VAL P 79 55.15 9.33 -32.91
N ILE P 80 54.23 10.17 -33.35
CA ILE P 80 53.20 10.67 -32.44
C ILE P 80 51.92 10.00 -32.91
N LEU P 81 51.27 9.22 -32.06
CA LEU P 81 50.18 8.39 -32.54
C LEU P 81 48.86 8.62 -31.79
N ASN P 82 47.76 8.71 -32.54
CA ASN P 82 46.41 8.83 -31.97
C ASN P 82 45.58 7.82 -32.67
N ALA P 83 45.63 6.61 -32.12
CA ALA P 83 45.04 5.42 -32.70
C ALA P 83 43.52 5.41 -32.54
N GLY P 84 42.96 6.53 -32.08
CA GLY P 84 41.51 6.61 -31.87
C GLY P 84 41.04 5.33 -31.20
N GLY P 85 40.10 4.62 -31.82
CA GLY P 85 39.44 3.53 -31.10
C GLY P 85 40.28 2.29 -30.92
N LEU P 86 41.33 2.15 -31.72
CA LEU P 86 42.14 0.92 -31.72
C LEU P 86 43.00 0.82 -30.47
N THR P 87 43.29 1.98 -29.85
CA THR P 87 44.05 2.07 -28.61
C THR P 87 43.58 1.08 -27.56
N HIS P 88 42.29 0.77 -27.59
CA HIS P 88 41.66 -0.07 -26.56
C HIS P 88 41.51 -1.53 -26.93
N THR P 89 41.96 -1.94 -28.10
CA THR P 89 41.58 -3.25 -28.64
C THR P 89 42.68 -3.93 -29.44
N SER P 90 43.62 -3.13 -29.97
CA SER P 90 44.55 -3.65 -30.97
C SER P 90 45.95 -4.09 -30.50
N VAL P 91 46.10 -5.39 -30.29
CA VAL P 91 47.39 -5.96 -29.94
C VAL P 91 48.34 -5.87 -31.13
N ALA P 92 47.79 -6.00 -32.32
CA ALA P 92 48.56 -5.96 -33.53
C ALA P 92 49.36 -4.68 -33.57
N LEU P 93 48.67 -3.54 -33.50
CA LEU P 93 49.24 -2.21 -33.48
C LEU P 93 50.30 -2.00 -32.40
N ARG P 94 49.98 -2.37 -31.17
CA ARG P 94 50.94 -2.37 -30.09
C ARG P 94 52.25 -3.08 -30.50
N ASP P 95 52.15 -4.27 -31.13
CA ASP P 95 53.35 -5.04 -31.45
C ASP P 95 54.08 -4.36 -32.56
N ALA P 96 53.32 -3.71 -33.44
CA ALA P 96 53.92 -2.90 -34.43
C ALA P 96 54.67 -1.77 -33.71
N CYS P 97 54.03 -1.04 -32.83
CA CYS P 97 54.72 0.06 -32.16
C CYS P 97 55.92 -0.40 -31.35
N ALA P 98 55.91 -1.64 -30.92
CA ALA P 98 56.94 -2.15 -30.03
C ALA P 98 58.34 -2.12 -30.65
N GLU P 99 58.44 -1.96 -31.96
CA GLU P 99 59.76 -1.98 -32.60
C GLU P 99 60.33 -0.60 -32.90
N LEU P 100 59.51 0.45 -32.75
CA LEU P 100 60.01 1.80 -32.81
C LEU P 100 61.13 2.04 -31.79
N SER P 101 62.30 2.40 -32.31
CA SER P 101 63.49 2.69 -31.53
C SER P 101 63.53 4.16 -31.10
N ALA P 102 62.93 5.02 -31.90
CA ALA P 102 62.84 6.43 -31.59
C ALA P 102 61.56 6.64 -30.77
N PRO P 103 61.42 7.80 -30.08
CA PRO P 103 60.28 8.03 -29.18
C PRO P 103 58.87 7.84 -29.79
N LEU P 104 57.96 7.28 -28.99
CA LEU P 104 56.59 7.16 -29.44
C LEU P 104 55.71 7.71 -28.38
N ILE P 105 54.91 8.71 -28.75
CA ILE P 105 53.99 9.43 -27.84
C ILE P 105 52.53 9.12 -28.19
N GLU P 106 51.76 8.56 -27.26
CA GLU P 106 50.34 8.33 -27.49
C GLU P 106 49.65 9.68 -27.21
N VAL P 107 48.67 10.05 -28.04
CA VAL P 107 47.95 11.34 -27.89
C VAL P 107 46.45 11.15 -28.03
N HIS P 108 45.68 11.84 -27.17
CA HIS P 108 44.23 11.78 -27.25
C HIS P 108 43.69 13.13 -27.10
N ILE P 109 42.78 13.51 -28.01
CA ILE P 109 42.15 14.80 -27.89
C ILE P 109 41.39 14.91 -26.56
N SER P 110 40.48 13.97 -26.31
CA SER P 110 39.65 14.03 -25.12
C SER P 110 40.28 13.35 -23.90
N ASN P 111 39.77 13.68 -22.71
CA ASN P 111 40.15 12.96 -21.49
C ASN P 111 39.39 11.66 -21.43
N VAL P 112 40.03 10.62 -21.97
CA VAL P 112 39.52 9.24 -21.96
C VAL P 112 39.07 8.75 -20.60
N HIS P 113 39.66 9.28 -19.54
CA HIS P 113 39.39 8.80 -18.21
C HIS P 113 38.13 9.37 -17.64
N ALA P 114 37.53 10.32 -18.35
CA ALA P 114 36.30 10.94 -17.89
C ALA P 114 35.14 10.39 -18.70
N ARG P 115 35.37 9.23 -19.31
CA ARG P 115 34.43 8.71 -20.30
C ARG P 115 34.11 7.28 -19.94
N GLU P 116 33.76 6.42 -20.88
CA GLU P 116 33.31 5.09 -20.48
C GLU P 116 34.47 4.32 -19.93
N GLU P 117 34.20 3.36 -19.05
CA GLU P 117 35.24 2.60 -18.43
C GLU P 117 36.19 1.99 -19.43
N PHE P 118 35.67 1.37 -20.48
CA PHE P 118 36.55 0.69 -21.45
C PHE P 118 37.64 1.60 -22.09
N ARG P 119 37.40 2.91 -22.15
CA ARG P 119 38.41 3.84 -22.69
C ARG P 119 39.63 4.06 -21.81
N ARG P 120 39.59 3.51 -20.59
CA ARG P 120 40.62 3.76 -19.59
C ARG P 120 41.77 2.76 -19.68
N HIS P 121 41.63 1.76 -20.55
CA HIS P 121 42.71 0.82 -20.83
C HIS P 121 43.22 1.05 -22.22
N SER P 122 44.54 1.23 -22.30
CA SER P 122 45.23 1.34 -23.57
C SER P 122 46.18 0.16 -23.63
N TYR P 123 46.22 -0.51 -24.78
CA TYR P 123 47.30 -1.45 -25.09
C TYR P 123 48.55 -0.69 -25.52
N LEU P 124 48.41 0.56 -25.96
CA LEU P 124 49.56 1.36 -26.43
C LEU P 124 50.42 2.01 -25.33
N SER P 125 49.77 2.74 -24.41
CA SER P 125 50.41 3.34 -23.23
C SER P 125 51.63 2.58 -22.69
N PRO P 126 51.46 1.30 -22.33
CA PRO P 126 52.60 0.59 -21.72
C PRO P 126 53.87 0.56 -22.56
N ILE P 127 53.77 0.46 -23.89
CA ILE P 127 55.01 0.34 -24.67
C ILE P 127 55.35 1.65 -25.36
N ALA P 128 54.72 2.74 -24.93
CA ALA P 128 54.96 4.08 -25.43
C ALA P 128 55.97 4.81 -24.56
N THR P 129 56.55 5.89 -25.05
CA THR P 129 57.39 6.78 -24.26
C THR P 129 56.55 7.46 -23.21
N GLY P 130 55.35 7.85 -23.58
CA GLY P 130 54.56 8.74 -22.76
C GLY P 130 53.21 8.97 -23.41
N VAL P 131 52.28 9.56 -22.65
CA VAL P 131 50.90 9.73 -23.12
C VAL P 131 50.41 11.14 -22.78
N ILE P 132 49.78 11.83 -23.73
CA ILE P 132 49.12 13.10 -23.40
C ILE P 132 47.70 12.88 -23.77
N VAL P 133 46.80 13.41 -22.95
CA VAL P 133 45.43 12.99 -22.93
C VAL P 133 44.59 14.16 -22.44
N GLY P 134 43.53 14.50 -23.15
CA GLY P 134 42.62 15.53 -22.68
C GLY P 134 43.04 16.97 -22.90
N LEU P 135 44.13 17.18 -23.62
CA LEU P 135 44.57 18.54 -23.75
C LEU P 135 44.19 19.14 -25.11
N GLY P 136 43.13 18.55 -25.69
CA GLY P 136 42.62 18.93 -27.00
C GLY P 136 43.65 18.78 -28.11
N ILE P 137 43.34 19.38 -29.26
CA ILE P 137 44.24 19.51 -30.43
C ILE P 137 45.68 19.84 -30.03
N GLN P 138 45.86 20.70 -29.03
CA GLN P 138 47.19 21.14 -28.62
C GLN P 138 48.04 19.97 -28.07
N GLY P 139 47.41 18.85 -27.71
CA GLY P 139 48.16 17.66 -27.32
C GLY P 139 49.17 17.28 -28.40
N TYR P 140 48.81 17.46 -29.67
CA TYR P 140 49.72 17.24 -30.75
C TYR P 140 50.95 18.16 -30.71
N LEU P 141 50.69 19.43 -30.38
CA LEU P 141 51.72 20.42 -30.46
C LEU P 141 52.68 20.17 -29.31
N LEU P 142 52.12 19.74 -28.16
CA LEU P 142 52.96 19.49 -26.99
C LEU P 142 53.97 18.37 -27.25
N ALA P 143 53.48 17.28 -27.86
CA ALA P 143 54.28 16.11 -28.27
C ALA P 143 55.47 16.50 -29.16
N LEU P 144 55.20 17.43 -30.07
CA LEU P 144 56.20 17.96 -30.97
C LEU P 144 57.30 18.67 -30.21
N ARG P 145 56.92 19.46 -29.22
CA ARG P 145 57.90 20.13 -28.41
C ARG P 145 58.78 19.15 -27.67
N TYR P 146 58.16 18.18 -27.03
CA TYR P 146 58.95 17.18 -26.36
C TYR P 146 59.92 16.57 -27.40
N LEU P 147 59.44 16.35 -28.61
CA LEU P 147 60.28 15.67 -29.59
C LEU P 147 61.49 16.56 -29.91
N ALA P 148 61.26 17.85 -30.08
CA ALA P 148 62.31 18.81 -30.41
C ALA P 148 63.29 19.02 -29.26
N GLU P 149 63.40 18.05 -28.37
CA GLU P 149 64.39 18.06 -27.29
C GLU P 149 64.85 16.63 -27.09
N HIS P 150 64.38 15.71 -27.95
CA HIS P 150 64.12 14.30 -27.59
C HIS P 150 64.26 13.88 -26.14
N LEU Q 10 27.41 -58.18 -6.06
CA LEU Q 10 27.07 -56.72 -6.13
C LEU Q 10 27.89 -55.90 -5.12
N ILE Q 11 28.90 -55.23 -5.66
CA ILE Q 11 29.99 -54.68 -4.87
C ILE Q 11 29.96 -53.14 -4.93
N VAL Q 12 30.01 -52.49 -3.78
CA VAL Q 12 30.00 -51.03 -3.73
C VAL Q 12 31.31 -50.55 -3.11
N ASN Q 13 32.04 -49.70 -3.84
CA ASN Q 13 33.32 -49.21 -3.36
C ASN Q 13 33.20 -47.85 -2.68
N VAL Q 14 33.49 -47.84 -1.39
CA VAL Q 14 33.50 -46.64 -0.59
C VAL Q 14 34.92 -46.15 -0.44
N ILE Q 15 35.23 -45.03 -1.09
CA ILE Q 15 36.57 -44.46 -0.99
C ILE Q 15 36.70 -43.17 -0.19
N ASN Q 16 37.57 -43.23 0.80
CA ASN Q 16 37.82 -42.13 1.71
C ASN Q 16 39.16 -41.53 1.46
N GLY Q 17 39.17 -40.22 1.23
CA GLY Q 17 40.38 -39.54 0.84
C GLY Q 17 41.20 -39.08 2.03
N PRO Q 18 42.18 -38.21 1.77
CA PRO Q 18 43.07 -37.62 2.74
C PRO Q 18 42.34 -37.20 4.00
N ASN Q 19 42.94 -37.48 5.16
CA ASN Q 19 42.49 -37.02 6.46
C ASN Q 19 41.34 -37.78 7.04
N LEU Q 20 40.83 -38.77 6.32
CA LEU Q 20 39.70 -39.54 6.83
C LEU Q 20 40.01 -40.80 7.72
N GLY Q 21 41.28 -41.19 7.81
CA GLY Q 21 41.71 -42.05 8.91
C GLY Q 21 41.68 -41.33 10.27
N ARG Q 22 41.77 -40.01 10.24
CA ARG Q 22 41.78 -39.25 11.48
C ARG Q 22 40.38 -39.11 12.08
N LEU Q 23 39.38 -39.75 11.46
CA LEU Q 23 37.96 -39.53 11.81
C LEU Q 23 37.67 -39.89 13.26
N GLY Q 24 36.80 -39.11 13.90
CA GLY Q 24 36.57 -39.27 15.32
C GLY Q 24 37.69 -38.63 16.10
N ARG Q 25 38.77 -39.39 16.30
CA ARG Q 25 40.00 -38.96 17.01
C ARG Q 25 39.97 -37.53 17.56
N ARG Q 26 40.05 -36.54 16.68
CA ARG Q 26 39.72 -35.12 16.98
C ARG Q 26 39.31 -34.46 15.65
N GLU Q 27 38.37 -33.51 15.63
CA GLU Q 27 37.72 -32.85 16.77
C GLU Q 27 36.27 -33.34 16.97
N PRO Q 28 35.87 -33.66 18.24
CA PRO Q 28 34.53 -34.23 18.55
C PRO Q 28 33.32 -33.59 17.83
N ALA Q 29 33.48 -32.32 17.43
CA ALA Q 29 32.37 -31.49 16.99
C ALA Q 29 31.73 -31.75 15.61
N VAL Q 30 32.50 -31.70 14.53
CA VAL Q 30 31.93 -31.23 13.24
C VAL Q 30 31.32 -32.11 12.11
N TYR Q 31 31.64 -33.41 11.84
CA TYR Q 31 32.78 -34.34 12.16
C TYR Q 31 32.52 -35.65 12.95
N GLY Q 32 31.51 -35.67 13.84
CA GLY Q 32 31.11 -36.89 14.53
C GLY Q 32 32.11 -37.54 15.50
N GLY Q 33 31.61 -38.48 16.29
CA GLY Q 33 32.43 -39.12 17.33
C GLY Q 33 32.94 -40.49 16.94
N THR Q 34 32.22 -41.14 16.02
CA THR Q 34 32.64 -42.38 15.37
C THR Q 34 34.05 -42.27 14.80
N THR Q 35 34.86 -43.32 14.98
CA THR Q 35 36.16 -43.41 14.29
C THR Q 35 36.01 -44.06 12.93
N HIS Q 36 37.07 -44.05 12.14
CA HIS Q 36 37.03 -44.63 10.78
C HIS Q 36 36.82 -46.11 10.82
N ASP Q 37 37.51 -46.80 11.75
CA ASP Q 37 37.37 -48.25 11.86
C ASP Q 37 35.93 -48.59 12.16
N GLU Q 38 35.32 -47.83 13.08
CA GLU Q 38 33.91 -48.03 13.42
C GLU Q 38 33.00 -47.77 12.21
N LEU Q 39 33.44 -46.87 11.33
CA LEU Q 39 32.72 -46.48 10.11
C LEU Q 39 32.70 -47.60 9.06
N VAL Q 40 33.85 -48.24 8.87
CA VAL Q 40 33.99 -49.37 7.93
C VAL Q 40 32.90 -50.36 8.31
N ALA Q 41 32.91 -50.74 9.60
CA ALA Q 41 31.91 -51.60 10.25
C ALA Q 41 30.47 -51.21 9.93
N LEU Q 42 30.07 -50.03 10.37
CA LEU Q 42 28.73 -49.51 10.12
C LEU Q 42 28.29 -49.70 8.68
N ILE Q 43 29.17 -49.32 7.75
CA ILE Q 43 28.88 -49.42 6.32
C ILE Q 43 28.63 -50.84 5.83
N GLU Q 44 29.53 -51.76 6.16
CA GLU Q 44 29.47 -53.11 5.56
C GLU Q 44 28.36 -53.97 6.17
N ARG Q 45 27.94 -53.59 7.38
CA ARG Q 45 26.85 -54.27 8.05
C ARG Q 45 25.52 -53.56 7.71
N GLU Q 46 25.59 -52.30 7.31
CA GLU Q 46 24.41 -51.61 6.77
C GLU Q 46 24.24 -51.97 5.28
N ALA Q 47 25.36 -52.27 4.60
CA ALA Q 47 25.31 -52.70 3.22
C ALA Q 47 24.82 -54.14 3.16
N ALA Q 48 25.14 -54.88 4.22
CA ALA Q 48 24.73 -56.27 4.41
C ALA Q 48 23.21 -56.35 4.26
N GLU Q 49 22.48 -55.59 5.09
CA GLU Q 49 21.01 -55.54 5.08
C GLU Q 49 20.50 -55.35 3.69
N LEU Q 50 21.13 -54.45 2.95
CA LEU Q 50 20.65 -54.07 1.63
C LEU Q 50 21.14 -55.03 0.56
N GLY Q 51 21.81 -56.09 0.99
CA GLY Q 51 22.32 -57.12 0.09
C GLY Q 51 23.39 -56.62 -0.86
N LEU Q 52 24.24 -55.71 -0.38
CA LEU Q 52 25.38 -55.26 -1.16
C LEU Q 52 26.61 -55.59 -0.34
N LYS Q 53 27.73 -55.97 -0.98
CA LYS Q 53 28.98 -56.09 -0.22
C LYS Q 53 29.78 -54.83 -0.43
N ALA Q 54 30.21 -54.20 0.67
CA ALA Q 54 30.98 -52.96 0.59
C ALA Q 54 32.46 -53.15 0.88
N VAL Q 55 33.29 -52.69 -0.07
CA VAL Q 55 34.74 -52.53 0.13
C VAL Q 55 35.03 -51.09 0.53
N VAL Q 56 35.37 -50.90 1.80
CA VAL Q 56 35.59 -49.57 2.33
C VAL Q 56 37.07 -49.39 2.55
N ARG Q 57 37.74 -48.69 1.61
CA ARG Q 57 39.17 -48.34 1.74
C ARG Q 57 39.41 -46.82 1.99
N GLN Q 58 40.44 -46.48 2.77
CA GLN Q 58 40.83 -45.05 3.00
C GLN Q 58 42.29 -44.87 2.70
N SER Q 59 42.65 -43.77 2.03
CA SER Q 59 44.04 -43.45 1.83
C SER Q 59 44.33 -41.94 1.72
N ASP Q 60 45.52 -41.52 2.12
CA ASP Q 60 45.93 -40.12 1.98
C ASP Q 60 46.69 -39.91 0.68
N SER Q 61 46.92 -40.97 -0.07
CA SER Q 61 47.69 -40.81 -1.29
C SER Q 61 46.77 -40.73 -2.51
N GLU Q 62 46.88 -39.65 -3.27
CA GLU Q 62 46.02 -39.55 -4.42
C GLU Q 62 46.29 -40.62 -5.47
N ALA Q 63 47.55 -41.02 -5.66
CA ALA Q 63 47.86 -42.06 -6.64
C ALA Q 63 47.23 -43.39 -6.20
N GLN Q 64 47.22 -43.64 -4.91
CA GLN Q 64 46.46 -44.73 -4.35
C GLN Q 64 44.99 -44.57 -4.75
N LEU Q 65 44.38 -43.45 -4.37
CA LEU Q 65 42.97 -43.22 -4.66
C LEU Q 65 42.64 -43.39 -6.14
N LEU Q 66 43.51 -42.92 -7.00
CA LEU Q 66 43.27 -43.07 -8.43
C LEU Q 66 43.25 -44.55 -8.79
N ASP Q 67 44.12 -45.34 -8.17
CA ASP Q 67 44.10 -46.77 -8.45
C ASP Q 67 42.74 -47.38 -8.13
N TRP Q 68 42.22 -47.12 -6.95
CA TRP Q 68 40.89 -47.65 -6.65
C TRP Q 68 39.83 -47.20 -7.65
N ILE Q 69 39.78 -45.90 -7.97
CA ILE Q 69 38.87 -45.45 -9.04
C ILE Q 69 39.11 -46.17 -10.38
N HIS Q 70 40.37 -46.47 -10.70
CA HIS Q 70 40.64 -47.27 -11.91
C HIS Q 70 40.12 -48.67 -11.87
N GLN Q 71 40.31 -49.37 -10.75
CA GLN Q 71 39.79 -50.71 -10.61
C GLN Q 71 38.27 -50.75 -10.70
N ALA Q 72 37.63 -49.70 -10.17
CA ALA Q 72 36.17 -49.57 -10.15
C ALA Q 72 35.55 -49.35 -11.51
N ALA Q 73 36.22 -48.54 -12.34
CA ALA Q 73 35.85 -48.35 -13.74
C ALA Q 73 35.89 -49.65 -14.52
N ASP Q 74 37.00 -50.38 -14.40
CA ASP Q 74 37.20 -51.67 -15.08
C ASP Q 74 36.19 -52.71 -14.67
N ALA Q 75 35.85 -52.75 -13.40
CA ALA Q 75 34.92 -53.71 -12.91
C ALA Q 75 33.50 -53.14 -12.97
N ALA Q 76 33.32 -51.96 -13.59
CA ALA Q 76 32.04 -51.24 -13.58
C ALA Q 76 31.26 -51.41 -12.28
N GLU Q 77 31.84 -50.95 -11.17
CA GLU Q 77 31.12 -50.92 -9.88
C GLU Q 77 30.86 -49.49 -9.45
N PRO Q 78 29.81 -49.28 -8.66
CA PRO Q 78 29.53 -47.98 -8.14
C PRO Q 78 30.61 -47.54 -7.17
N VAL Q 79 30.69 -46.22 -6.95
CA VAL Q 79 31.72 -45.62 -6.08
C VAL Q 79 31.08 -44.58 -5.20
N ILE Q 80 31.43 -44.66 -3.94
CA ILE Q 80 30.96 -43.64 -3.02
C ILE Q 80 32.25 -42.96 -2.62
N LEU Q 81 32.42 -41.72 -3.04
CA LEU Q 81 33.67 -41.02 -2.75
C LEU Q 81 33.50 -39.83 -1.82
N ASN Q 82 34.34 -39.79 -0.79
CA ASN Q 82 34.47 -38.62 0.06
C ASN Q 82 35.95 -38.28 0.04
N ALA Q 83 36.30 -37.37 -0.85
CA ALA Q 83 37.64 -37.25 -1.36
C ALA Q 83 38.53 -36.37 -0.49
N GLY Q 84 37.99 -35.94 0.66
CA GLY Q 84 38.65 -34.98 1.53
C GLY Q 84 38.90 -33.66 0.80
N GLY Q 85 40.05 -33.05 1.11
CA GLY Q 85 40.42 -31.74 0.57
C GLY Q 85 40.65 -31.79 -0.94
N LEU Q 86 40.78 -33.01 -1.47
CA LEU Q 86 41.02 -33.18 -2.89
C LEU Q 86 39.82 -32.77 -3.76
N THR Q 87 38.63 -32.76 -3.15
CA THR Q 87 37.41 -32.44 -3.88
C THR Q 87 37.56 -31.08 -4.55
N HIS Q 88 38.24 -30.19 -3.83
CA HIS Q 88 38.41 -28.81 -4.23
C HIS Q 88 39.61 -28.57 -5.07
N THR Q 89 40.51 -29.55 -5.20
CA THR Q 89 41.83 -29.30 -5.84
C THR Q 89 42.23 -30.24 -7.00
N SER Q 90 41.81 -31.51 -6.93
CA SER Q 90 42.36 -32.53 -7.86
C SER Q 90 41.57 -32.75 -9.16
N VAL Q 91 42.17 -32.34 -10.25
CA VAL Q 91 41.61 -32.61 -11.56
C VAL Q 91 41.82 -34.11 -11.93
N ALA Q 92 43.01 -34.62 -11.64
CA ALA Q 92 43.33 -36.05 -11.80
C ALA Q 92 42.25 -36.95 -11.16
N LEU Q 93 41.76 -36.55 -9.97
CA LEU Q 93 40.69 -37.30 -9.35
C LEU Q 93 39.42 -37.19 -10.18
N ARG Q 94 39.07 -35.97 -10.60
CA ARG Q 94 37.89 -35.77 -11.45
C ARG Q 94 37.97 -36.54 -12.76
N ASP Q 95 39.09 -36.42 -13.46
CA ASP Q 95 39.24 -37.15 -14.70
C ASP Q 95 39.19 -38.68 -14.54
N ALA Q 96 39.65 -39.16 -13.40
CA ALA Q 96 39.62 -40.57 -13.10
C ALA Q 96 38.19 -40.98 -12.81
N CYS Q 97 37.47 -40.12 -12.11
CA CYS Q 97 36.09 -40.40 -11.78
C CYS Q 97 35.13 -40.38 -12.95
N ALA Q 98 35.51 -39.68 -14.02
CA ALA Q 98 34.65 -39.45 -15.18
C ALA Q 98 34.42 -40.69 -16.02
N GLU Q 99 35.31 -41.68 -15.91
CA GLU Q 99 35.16 -42.89 -16.68
C GLU Q 99 34.34 -43.97 -15.98
N LEU Q 100 33.90 -43.71 -14.77
CA LEU Q 100 33.04 -44.65 -14.07
C LEU Q 100 31.68 -44.69 -14.75
N SER Q 101 31.39 -45.84 -15.37
CA SER Q 101 30.09 -46.11 -16.03
C SER Q 101 28.99 -46.24 -14.96
N ALA Q 102 29.30 -46.96 -13.89
CA ALA Q 102 28.40 -47.11 -12.76
C ALA Q 102 28.16 -45.78 -12.01
N PRO Q 103 27.05 -45.69 -11.24
CA PRO Q 103 26.86 -44.50 -10.41
C PRO Q 103 28.07 -44.19 -9.53
N LEU Q 104 28.25 -42.89 -9.27
CA LEU Q 104 29.29 -42.33 -8.39
C LEU Q 104 28.61 -41.31 -7.52
N ILE Q 105 28.56 -41.57 -6.21
CA ILE Q 105 28.03 -40.58 -5.31
C ILE Q 105 29.18 -39.96 -4.54
N GLU Q 106 29.15 -38.62 -4.40
CA GLU Q 106 30.16 -37.89 -3.65
C GLU Q 106 29.59 -37.60 -2.29
N VAL Q 107 30.36 -37.84 -1.23
CA VAL Q 107 29.84 -37.63 0.15
C VAL Q 107 30.79 -36.77 0.98
N HIS Q 108 30.23 -35.81 1.72
CA HIS Q 108 30.97 -35.05 2.71
C HIS Q 108 30.22 -35.12 3.97
N ILE Q 109 30.96 -35.36 5.05
CA ILE Q 109 30.37 -35.47 6.37
C ILE Q 109 29.89 -34.10 6.81
N SER Q 110 30.75 -33.09 6.74
CA SER Q 110 30.31 -31.74 7.14
C SER Q 110 29.53 -30.98 6.05
N ASN Q 111 28.78 -29.97 6.45
CA ASN Q 111 28.17 -29.07 5.49
C ASN Q 111 29.25 -28.18 4.91
N VAL Q 112 29.77 -28.51 3.73
CA VAL Q 112 30.88 -27.69 3.20
C VAL Q 112 30.48 -26.24 2.93
N HIS Q 113 29.20 -26.06 2.63
CA HIS Q 113 28.64 -24.76 2.34
C HIS Q 113 28.54 -23.83 3.52
N ALA Q 114 28.77 -24.33 4.72
CA ALA Q 114 28.74 -23.52 5.93
C ALA Q 114 30.13 -23.11 6.33
N ARG Q 115 31.12 -23.60 5.60
CA ARG Q 115 32.49 -23.38 6.02
C ARG Q 115 33.16 -22.31 5.15
N GLU Q 116 34.38 -22.52 4.69
CA GLU Q 116 35.07 -21.50 3.91
C GLU Q 116 34.48 -21.42 2.53
N GLU Q 117 34.69 -20.30 1.86
CA GLU Q 117 34.24 -20.15 0.48
C GLU Q 117 34.87 -21.18 -0.42
N PHE Q 118 36.17 -21.41 -0.29
CA PHE Q 118 36.85 -22.31 -1.20
C PHE Q 118 36.36 -23.78 -1.09
N ARG Q 119 35.67 -24.11 0.00
CA ARG Q 119 35.17 -25.46 0.14
C ARG Q 119 33.89 -25.65 -0.66
N ARG Q 120 33.35 -24.58 -1.22
CA ARG Q 120 32.07 -24.63 -1.91
C ARG Q 120 32.17 -25.08 -3.37
N HIS Q 121 33.35 -24.95 -3.99
CA HIS Q 121 33.57 -25.46 -5.33
C HIS Q 121 34.14 -26.85 -5.26
N SER Q 122 33.68 -27.71 -6.17
CA SER Q 122 34.08 -29.12 -6.21
C SER Q 122 34.30 -29.60 -7.63
N TYR Q 123 35.45 -30.22 -7.90
CA TYR Q 123 35.77 -30.73 -9.24
C TYR Q 123 34.98 -31.97 -9.51
N LEU Q 124 34.63 -32.61 -8.41
CA LEU Q 124 33.95 -33.85 -8.45
C LEU Q 124 32.47 -33.67 -8.73
N SER Q 125 31.84 -32.67 -8.11
CA SER Q 125 30.38 -32.59 -8.18
C SER Q 125 29.80 -32.72 -9.60
N PRO Q 126 30.36 -31.98 -10.59
CA PRO Q 126 29.82 -31.93 -11.98
C PRO Q 126 29.75 -33.29 -12.69
N ILE Q 127 30.42 -34.30 -12.15
CA ILE Q 127 30.59 -35.54 -12.91
C ILE Q 127 30.16 -36.71 -12.06
N ALA Q 128 29.82 -36.45 -10.80
CA ALA Q 128 29.10 -37.41 -9.95
C ALA Q 128 27.63 -37.51 -10.33
N THR Q 129 27.00 -38.63 -10.00
CA THR Q 129 25.56 -38.76 -10.17
C THR Q 129 24.83 -37.83 -9.20
N GLY Q 130 25.20 -37.89 -7.92
CA GLY Q 130 24.57 -37.09 -6.88
C GLY Q 130 25.59 -36.77 -5.82
N VAL Q 131 25.26 -35.80 -4.97
CA VAL Q 131 26.13 -35.41 -3.84
C VAL Q 131 25.32 -35.38 -2.52
N ILE Q 132 25.84 -36.02 -1.48
CA ILE Q 132 25.27 -35.86 -0.16
C ILE Q 132 26.25 -35.18 0.76
N VAL Q 133 25.81 -34.07 1.33
CA VAL Q 133 26.66 -33.19 2.08
C VAL Q 133 25.97 -32.88 3.40
N GLY Q 134 26.78 -32.78 4.45
CA GLY Q 134 26.33 -32.29 5.72
C GLY Q 134 25.45 -33.20 6.56
N LEU Q 135 25.39 -34.47 6.20
CA LEU Q 135 24.51 -35.38 6.91
C LEU Q 135 25.28 -36.34 7.79
N GLY Q 136 26.53 -35.97 8.09
CA GLY Q 136 27.41 -36.72 8.95
C GLY Q 136 27.69 -38.08 8.39
N ILE Q 137 28.02 -39.00 9.28
CA ILE Q 137 28.29 -40.37 8.90
C ILE Q 137 27.14 -41.03 8.15
N GLN Q 138 25.92 -40.73 8.54
CA GLN Q 138 24.78 -41.31 7.84
C GLN Q 138 24.66 -40.99 6.32
N GLY Q 139 25.47 -40.07 5.81
CA GLY Q 139 25.38 -39.76 4.40
C GLY Q 139 25.94 -40.90 3.58
N TYR Q 140 26.87 -41.60 4.18
CA TYR Q 140 27.39 -42.84 3.61
C TYR Q 140 26.31 -43.90 3.42
N LEU Q 141 25.57 -44.20 4.50
CA LEU Q 141 24.57 -45.27 4.47
C LEU Q 141 23.43 -44.92 3.50
N LEU Q 142 22.96 -43.69 3.60
CA LEU Q 142 22.06 -43.09 2.64
C LEU Q 142 22.55 -43.25 1.19
N ALA Q 143 23.85 -43.07 0.96
CA ALA Q 143 24.38 -43.26 -0.41
C ALA Q 143 24.21 -44.71 -0.85
N LEU Q 144 24.50 -45.64 0.08
CA LEU Q 144 24.26 -47.07 -0.11
C LEU Q 144 22.77 -47.37 -0.40
N ARG Q 145 21.88 -46.78 0.42
CA ARG Q 145 20.43 -46.95 0.25
C ARG Q 145 19.98 -46.51 -1.14
N TYR Q 146 20.57 -45.44 -1.66
CA TYR Q 146 20.33 -45.05 -3.05
C TYR Q 146 20.81 -46.10 -4.07
N LEU Q 147 21.97 -46.70 -3.83
CA LEU Q 147 22.48 -47.69 -4.80
C LEU Q 147 21.73 -49.05 -4.81
N ALA Q 148 21.07 -49.40 -3.71
CA ALA Q 148 20.22 -50.59 -3.71
C ALA Q 148 19.04 -50.47 -4.69
N GLU Q 149 18.62 -49.23 -4.96
CA GLU Q 149 17.53 -48.96 -5.90
C GLU Q 149 17.99 -48.54 -7.32
N HIS Q 150 19.17 -47.89 -7.41
CA HIS Q 150 19.74 -47.31 -8.66
C HIS Q 150 19.20 -45.93 -9.06
N LEU R 10 47.72 -32.09 -53.51
CA LEU R 10 47.32 -31.87 -52.07
C LEU R 10 47.94 -30.58 -51.45
N ILE R 11 47.08 -29.57 -51.26
CA ILE R 11 47.49 -28.20 -50.98
C ILE R 11 47.28 -27.85 -49.51
N VAL R 12 48.23 -27.10 -48.94
CA VAL R 12 48.11 -26.62 -47.55
C VAL R 12 48.33 -25.12 -47.50
N ASN R 13 47.47 -24.40 -46.77
CA ASN R 13 47.65 -22.95 -46.76
C ASN R 13 48.35 -22.52 -45.51
N VAL R 14 49.37 -21.69 -45.69
CA VAL R 14 50.08 -21.13 -44.54
C VAL R 14 49.85 -19.62 -44.43
N ILE R 15 49.12 -19.23 -43.39
CA ILE R 15 48.66 -17.86 -43.32
C ILE R 15 49.23 -17.19 -42.10
N ASN R 16 49.98 -16.12 -42.34
CA ASN R 16 50.56 -15.30 -41.28
C ASN R 16 49.88 -13.94 -41.19
N GLY R 17 49.56 -13.54 -39.95
CA GLY R 17 48.86 -12.31 -39.72
C GLY R 17 49.79 -11.13 -39.63
N PRO R 18 49.24 -10.00 -39.13
CA PRO R 18 49.98 -8.75 -38.87
C PRO R 18 51.33 -8.92 -38.14
N ASN R 19 52.31 -8.22 -38.71
CA ASN R 19 53.64 -8.02 -38.15
C ASN R 19 54.53 -9.20 -38.48
N LEU R 20 53.92 -10.28 -38.95
CA LEU R 20 54.71 -11.44 -39.34
C LEU R 20 55.49 -11.23 -40.63
N GLY R 21 55.14 -10.17 -41.37
CA GLY R 21 55.97 -9.76 -42.50
C GLY R 21 57.28 -9.15 -42.03
N ARG R 22 57.40 -8.86 -40.72
CA ARG R 22 58.62 -8.25 -40.16
C ARG R 22 59.62 -9.30 -39.65
N LEU R 23 59.19 -10.55 -39.77
CA LEU R 23 59.90 -11.71 -39.26
C LEU R 23 61.41 -11.64 -39.53
N GLY R 24 62.19 -11.81 -38.47
CA GLY R 24 63.62 -11.98 -38.62
C GLY R 24 64.29 -10.64 -38.56
N ARG R 25 63.96 -9.78 -39.53
CA ARG R 25 64.36 -8.38 -39.53
C ARG R 25 63.68 -7.60 -38.40
N ARG R 26 63.87 -8.08 -37.15
CA ARG R 26 63.28 -7.54 -35.89
C ARG R 26 63.87 -8.22 -34.61
N GLU R 27 63.03 -8.66 -33.67
CA GLU R 27 63.50 -9.11 -32.32
C GLU R 27 64.06 -10.55 -32.29
N PRO R 28 65.37 -10.73 -32.61
CA PRO R 28 65.93 -12.07 -32.87
C PRO R 28 65.99 -12.99 -31.64
N ALA R 29 65.97 -12.40 -30.45
CA ALA R 29 65.89 -13.15 -29.18
C ALA R 29 64.52 -13.85 -29.00
N VAL R 30 63.46 -13.23 -29.50
CA VAL R 30 62.08 -13.69 -29.28
C VAL R 30 61.56 -14.57 -30.43
N TYR R 31 61.99 -14.26 -31.65
CA TYR R 31 61.44 -14.89 -32.85
C TYR R 31 62.45 -15.61 -33.79
N GLY R 32 63.74 -15.59 -33.44
CA GLY R 32 64.78 -16.12 -34.33
C GLY R 32 65.20 -15.11 -35.40
N GLY R 33 66.09 -15.53 -36.32
CA GLY R 33 66.69 -14.61 -37.30
C GLY R 33 66.21 -14.70 -38.75
N THR R 34 65.72 -15.87 -39.15
CA THR R 34 65.21 -16.12 -40.50
C THR R 34 64.09 -15.15 -40.91
N THR R 35 64.17 -14.66 -42.14
CA THR R 35 63.23 -13.67 -42.57
C THR R 35 62.07 -14.36 -43.23
N HIS R 36 61.01 -13.60 -43.52
CA HIS R 36 59.76 -14.19 -43.99
C HIS R 36 59.94 -15.01 -45.24
N ASP R 37 60.70 -14.45 -46.19
CA ASP R 37 60.97 -15.09 -47.46
C ASP R 37 61.76 -16.40 -47.27
N GLU R 38 62.78 -16.38 -46.41
CA GLU R 38 63.46 -17.62 -46.04
C GLU R 38 62.50 -18.61 -45.34
N LEU R 39 61.41 -18.09 -44.78
CA LEU R 39 60.44 -18.97 -44.12
C LEU R 39 59.55 -19.63 -45.16
N VAL R 40 59.18 -18.84 -46.17
CA VAL R 40 58.41 -19.33 -47.29
C VAL R 40 59.09 -20.55 -47.92
N ALA R 41 60.29 -20.36 -48.47
CA ALA R 41 61.06 -21.48 -48.99
C ALA R 41 61.52 -22.13 -47.74
N LEU R 42 61.44 -23.45 -47.68
CA LEU R 42 61.73 -24.12 -46.41
C LEU R 42 60.46 -24.79 -45.98
N ILE R 43 59.42 -23.99 -45.72
CA ILE R 43 58.05 -24.46 -45.67
C ILE R 43 57.78 -25.11 -47.03
N GLU R 44 58.02 -24.35 -48.09
CA GLU R 44 57.90 -24.89 -49.44
C GLU R 44 58.80 -26.12 -49.61
N ARG R 45 60.08 -26.03 -49.31
CA ARG R 45 60.96 -27.19 -49.49
C ARG R 45 60.50 -28.39 -48.64
N GLU R 46 60.19 -28.12 -47.38
CA GLU R 46 59.70 -29.11 -46.44
C GLU R 46 58.39 -29.73 -46.89
N ALA R 47 57.53 -28.91 -47.50
CA ALA R 47 56.25 -29.35 -48.04
C ALA R 47 56.50 -30.44 -49.07
N ALA R 48 57.23 -30.06 -50.12
CA ALA R 48 57.75 -31.01 -51.10
C ALA R 48 58.16 -32.34 -50.47
N GLU R 49 59.23 -32.37 -49.69
CA GLU R 49 59.73 -33.62 -49.10
C GLU R 49 58.65 -34.49 -48.45
N LEU R 50 57.57 -33.88 -48.01
CA LEU R 50 56.46 -34.59 -47.40
C LEU R 50 55.37 -35.03 -48.40
N GLY R 51 55.51 -34.63 -49.65
CA GLY R 51 54.52 -34.92 -50.68
C GLY R 51 53.39 -33.91 -50.76
N LEU R 52 53.62 -32.69 -50.27
CA LEU R 52 52.57 -31.68 -50.18
C LEU R 52 52.91 -30.46 -51.03
N LYS R 53 51.95 -29.53 -51.15
CA LYS R 53 52.17 -28.20 -51.74
C LYS R 53 51.71 -27.15 -50.76
N ALA R 54 52.54 -26.12 -50.56
CA ALA R 54 52.28 -25.14 -49.54
C ALA R 54 52.25 -23.75 -50.09
N VAL R 55 51.11 -23.09 -49.92
CA VAL R 55 50.93 -21.69 -50.32
C VAL R 55 51.15 -20.88 -49.04
N VAL R 56 52.11 -19.95 -49.04
CA VAL R 56 52.44 -19.20 -47.84
C VAL R 56 52.11 -17.75 -48.05
N ARG R 57 51.25 -17.20 -47.19
CA ARG R 57 50.78 -15.85 -47.38
C ARG R 57 50.83 -15.08 -46.09
N GLN R 58 51.05 -13.76 -46.19
CA GLN R 58 51.17 -12.90 -45.05
C GLN R 58 50.45 -11.62 -45.31
N SER R 59 49.63 -11.20 -44.34
CA SER R 59 48.98 -9.90 -44.44
C SER R 59 48.81 -9.11 -43.09
N ASP R 60 48.83 -7.79 -43.14
CA ASP R 60 48.48 -6.98 -41.99
C ASP R 60 47.01 -6.59 -42.02
N SER R 61 46.20 -7.30 -42.80
CA SER R 61 44.82 -6.87 -43.00
C SER R 61 43.98 -8.06 -42.61
N GLU R 62 43.08 -7.85 -41.65
CA GLU R 62 42.19 -8.89 -41.12
C GLU R 62 41.21 -9.25 -42.22
N ALA R 63 40.79 -8.25 -43.00
CA ALA R 63 39.87 -8.47 -44.15
C ALA R 63 40.53 -9.49 -45.11
N GLN R 64 41.81 -9.24 -45.42
CA GLN R 64 42.61 -10.15 -46.25
C GLN R 64 42.75 -11.55 -45.69
N LEU R 65 43.12 -11.67 -44.43
CA LEU R 65 43.26 -12.99 -43.85
C LEU R 65 41.93 -13.71 -43.90
N LEU R 66 40.84 -12.95 -43.75
CA LEU R 66 39.50 -13.53 -43.75
C LEU R 66 39.22 -14.08 -45.14
N ASP R 67 39.56 -13.25 -46.15
CA ASP R 67 39.43 -13.66 -47.54
C ASP R 67 40.23 -14.97 -47.78
N TRP R 68 41.46 -15.06 -47.27
CA TRP R 68 42.25 -16.26 -47.51
C TRP R 68 41.62 -17.43 -46.84
N ILE R 69 41.11 -17.24 -45.63
CA ILE R 69 40.38 -18.29 -44.93
C ILE R 69 39.07 -18.74 -45.63
N HIS R 70 38.34 -17.82 -46.23
CA HIS R 70 37.13 -18.20 -46.96
C HIS R 70 37.48 -19.07 -48.14
N GLN R 71 38.63 -18.78 -48.72
CA GLN R 71 39.10 -19.51 -49.89
C GLN R 71 39.51 -20.93 -49.52
N ALA R 72 40.12 -21.07 -48.37
CA ALA R 72 40.52 -22.41 -47.95
C ALA R 72 39.25 -23.18 -47.53
N ALA R 73 38.28 -22.45 -46.98
CA ALA R 73 36.95 -23.02 -46.70
C ALA R 73 36.34 -23.57 -48.01
N ASP R 74 36.31 -22.73 -49.03
CA ASP R 74 35.80 -23.14 -50.35
C ASP R 74 36.50 -24.38 -50.92
N ALA R 75 37.82 -24.41 -50.85
CA ALA R 75 38.58 -25.50 -51.47
C ALA R 75 38.76 -26.70 -50.54
N ALA R 76 38.07 -26.71 -49.40
CA ALA R 76 38.25 -27.77 -48.41
C ALA R 76 39.77 -28.09 -48.19
N GLU R 77 40.57 -27.04 -47.97
CA GLU R 77 42.00 -27.19 -47.74
C GLU R 77 42.38 -26.97 -46.29
N PRO R 78 43.38 -27.74 -45.78
CA PRO R 78 43.92 -27.58 -44.41
C PRO R 78 44.55 -26.22 -44.22
N VAL R 79 44.61 -25.70 -43.00
CA VAL R 79 45.21 -24.35 -42.76
C VAL R 79 46.16 -24.31 -41.58
N ILE R 80 47.32 -23.73 -41.81
CA ILE R 80 48.22 -23.43 -40.74
C ILE R 80 48.24 -21.92 -40.65
N LEU R 81 47.88 -21.46 -39.46
CA LEU R 81 47.57 -20.08 -39.20
C LEU R 81 48.34 -19.62 -38.00
N ASN R 82 49.23 -18.66 -38.25
CA ASN R 82 49.77 -17.81 -37.24
C ASN R 82 49.12 -16.45 -37.42
N ALA R 83 48.14 -16.15 -36.58
CA ALA R 83 47.28 -14.99 -36.75
C ALA R 83 47.99 -13.77 -36.19
N GLY R 84 49.01 -14.04 -35.38
CA GLY R 84 49.77 -12.98 -34.76
C GLY R 84 48.93 -12.28 -33.73
N GLY R 85 49.01 -10.95 -33.71
CA GLY R 85 48.25 -10.15 -32.75
C GLY R 85 46.77 -10.47 -32.75
N LEU R 86 46.22 -10.71 -33.94
CA LEU R 86 44.80 -11.03 -34.11
C LEU R 86 44.29 -12.22 -33.33
N THR R 87 45.20 -13.14 -33.00
CA THR R 87 44.94 -14.33 -32.16
C THR R 87 44.10 -14.00 -30.91
N HIS R 88 44.50 -12.96 -30.19
CA HIS R 88 43.95 -12.65 -28.89
C HIS R 88 42.77 -11.70 -28.93
N THR R 89 42.55 -11.08 -30.09
CA THR R 89 41.61 -9.98 -30.19
C THR R 89 40.46 -10.25 -31.14
N SER R 90 40.60 -11.11 -32.14
CA SER R 90 39.59 -11.11 -33.22
C SER R 90 38.60 -12.28 -33.34
N VAL R 91 37.31 -11.95 -33.20
CA VAL R 91 36.26 -12.94 -33.20
C VAL R 91 35.92 -13.24 -34.66
N ALA R 92 35.90 -12.19 -35.46
CA ALA R 92 35.69 -12.35 -36.88
C ALA R 92 36.59 -13.47 -37.43
N LEU R 93 37.88 -13.38 -37.13
CA LEU R 93 38.80 -14.40 -37.56
C LEU R 93 38.43 -15.79 -37.03
N ARG R 94 38.17 -15.91 -35.73
CA ARG R 94 37.78 -17.20 -35.16
C ARG R 94 36.56 -17.80 -35.90
N ASP R 95 35.54 -16.98 -36.16
CA ASP R 95 34.35 -17.36 -36.89
C ASP R 95 34.65 -17.81 -38.32
N ALA R 96 35.54 -17.11 -39.01
CA ALA R 96 36.02 -17.55 -40.33
C ALA R 96 36.65 -18.96 -40.32
N CYS R 97 37.45 -19.25 -39.31
CA CYS R 97 38.16 -20.54 -39.20
C CYS R 97 37.25 -21.64 -38.74
N ALA R 98 36.25 -21.26 -37.94
CA ALA R 98 35.25 -22.19 -37.45
C ALA R 98 34.62 -22.95 -38.65
N GLU R 99 34.50 -22.23 -39.75
CA GLU R 99 33.87 -22.74 -40.95
C GLU R 99 34.72 -23.73 -41.78
N LEU R 100 35.96 -24.04 -41.34
CA LEU R 100 36.81 -24.97 -42.09
C LEU R 100 36.41 -26.42 -41.86
N SER R 101 36.48 -27.22 -42.93
CA SER R 101 36.14 -28.63 -42.86
C SER R 101 37.41 -29.45 -42.69
N ALA R 102 38.53 -28.94 -43.20
CA ALA R 102 39.81 -29.61 -43.02
C ALA R 102 40.48 -29.13 -41.73
N PRO R 103 41.53 -29.83 -41.26
CA PRO R 103 42.20 -29.45 -40.00
C PRO R 103 42.68 -27.99 -39.95
N LEU R 104 42.75 -27.47 -38.73
CA LEU R 104 43.27 -26.12 -38.50
C LEU R 104 44.34 -26.16 -37.45
N ILE R 105 45.51 -25.72 -37.84
CA ILE R 105 46.62 -25.67 -36.92
C ILE R 105 46.95 -24.21 -36.61
N GLU R 106 47.00 -23.89 -35.32
CA GLU R 106 47.37 -22.57 -34.83
C GLU R 106 48.83 -22.65 -34.42
N VAL R 107 49.63 -21.72 -34.93
CA VAL R 107 51.08 -21.71 -34.65
C VAL R 107 51.55 -20.35 -34.17
N HIS R 108 52.23 -20.34 -33.03
CA HIS R 108 52.93 -19.14 -32.60
C HIS R 108 54.35 -19.52 -32.49
N ILE R 109 55.22 -18.73 -33.12
CA ILE R 109 56.65 -18.86 -33.01
C ILE R 109 57.18 -18.76 -31.59
N SER R 110 56.78 -17.70 -30.89
CA SER R 110 57.21 -17.45 -29.51
C SER R 110 56.35 -18.29 -28.58
N ASN R 111 56.77 -18.44 -27.32
CA ASN R 111 55.90 -19.00 -26.30
C ASN R 111 55.13 -17.86 -25.69
N VAL R 112 53.85 -17.80 -26.03
CA VAL R 112 52.92 -16.75 -25.61
C VAL R 112 52.60 -16.84 -24.15
N HIS R 113 52.86 -18.01 -23.59
CA HIS R 113 52.53 -18.32 -22.21
C HIS R 113 53.55 -17.81 -21.23
N ALA R 114 54.65 -17.26 -21.73
CA ALA R 114 55.72 -16.79 -20.89
C ALA R 114 55.94 -15.32 -21.22
N ARG R 115 54.85 -14.62 -21.51
CA ARG R 115 54.93 -13.18 -21.84
C ARG R 115 53.71 -12.51 -21.18
N GLU R 116 53.22 -11.39 -21.73
CA GLU R 116 52.06 -10.73 -21.14
C GLU R 116 50.86 -11.62 -20.89
N GLU R 117 50.18 -11.33 -19.78
CA GLU R 117 48.89 -11.93 -19.44
C GLU R 117 47.93 -12.07 -20.62
N PHE R 118 47.70 -10.98 -21.33
CA PHE R 118 46.77 -10.98 -22.48
C PHE R 118 47.14 -11.95 -23.65
N ARG R 119 48.40 -12.36 -23.75
CA ARG R 119 48.83 -13.23 -24.86
C ARG R 119 48.48 -14.69 -24.56
N ARG R 120 47.96 -14.90 -23.36
CA ARG R 120 47.66 -16.26 -22.87
C ARG R 120 46.24 -16.69 -23.29
N HIS R 121 45.45 -15.73 -23.77
CA HIS R 121 44.14 -16.03 -24.29
C HIS R 121 44.14 -15.94 -25.80
N SER R 122 43.57 -16.95 -26.45
CA SER R 122 43.37 -16.96 -27.92
C SER R 122 41.92 -17.32 -28.28
N TYR R 123 41.32 -16.52 -29.18
CA TYR R 123 40.03 -16.89 -29.76
C TYR R 123 40.12 -17.99 -30.76
N LEU R 124 41.31 -18.18 -31.31
CA LEU R 124 41.54 -19.28 -32.25
C LEU R 124 41.64 -20.68 -31.59
N SER R 125 42.32 -20.77 -30.47
CA SER R 125 42.58 -22.10 -29.85
C SER R 125 41.41 -23.03 -29.72
N PRO R 126 40.29 -22.53 -29.13
CA PRO R 126 39.12 -23.38 -28.94
C PRO R 126 38.55 -24.00 -30.22
N ILE R 127 38.67 -23.35 -31.38
CA ILE R 127 38.11 -23.94 -32.62
C ILE R 127 39.16 -24.55 -33.61
N ALA R 128 40.44 -24.52 -33.26
CA ALA R 128 41.50 -25.18 -34.03
C ALA R 128 41.62 -26.68 -33.70
N THR R 129 42.15 -27.46 -34.66
CA THR R 129 42.42 -28.87 -34.39
C THR R 129 43.39 -28.97 -33.23
N GLY R 130 44.53 -28.31 -33.37
CA GLY R 130 45.43 -28.13 -32.24
C GLY R 130 46.29 -26.90 -32.41
N VAL R 131 47.27 -26.80 -31.52
CA VAL R 131 48.10 -25.61 -31.31
C VAL R 131 49.54 -26.05 -31.09
N ILE R 132 50.43 -25.35 -31.77
CA ILE R 132 51.86 -25.52 -31.59
C ILE R 132 52.41 -24.13 -31.27
N VAL R 133 52.96 -24.00 -30.06
CA VAL R 133 53.43 -22.74 -29.49
C VAL R 133 54.91 -22.84 -29.05
N GLY R 134 55.71 -21.90 -29.54
CA GLY R 134 57.06 -21.68 -29.04
C GLY R 134 58.18 -22.65 -29.38
N LEU R 135 58.00 -23.43 -30.44
CA LEU R 135 59.08 -24.22 -30.97
C LEU R 135 59.73 -23.47 -32.14
N GLY R 136 59.47 -22.17 -32.21
CA GLY R 136 60.08 -21.30 -33.18
C GLY R 136 59.47 -21.48 -34.56
N ILE R 137 60.27 -21.13 -35.56
CA ILE R 137 59.94 -21.31 -36.94
C ILE R 137 59.64 -22.79 -37.26
N GLN R 138 60.12 -23.71 -36.42
CA GLN R 138 59.89 -25.14 -36.67
C GLN R 138 58.48 -25.58 -36.40
N GLY R 139 57.71 -24.70 -35.76
CA GLY R 139 56.32 -24.98 -35.54
C GLY R 139 55.66 -25.26 -36.86
N TYR R 140 55.97 -24.41 -37.84
CA TYR R 140 55.34 -24.55 -39.15
C TYR R 140 55.61 -25.92 -39.70
N LEU R 141 56.90 -26.28 -39.75
CA LEU R 141 57.28 -27.56 -40.33
C LEU R 141 56.67 -28.71 -39.55
N LEU R 142 56.68 -28.63 -38.24
CA LEU R 142 55.99 -29.63 -37.43
C LEU R 142 54.50 -29.70 -37.77
N ALA R 143 53.88 -28.58 -38.10
CA ALA R 143 52.44 -28.57 -38.39
C ALA R 143 52.19 -29.29 -39.70
N LEU R 144 53.06 -29.03 -40.67
CA LEU R 144 53.03 -29.71 -41.96
C LEU R 144 53.11 -31.24 -41.83
N ARG R 145 54.07 -31.73 -41.03
CA ARG R 145 54.19 -33.16 -40.68
C ARG R 145 52.92 -33.81 -40.06
N TYR R 146 52.19 -33.08 -39.22
CA TYR R 146 50.92 -33.60 -38.71
C TYR R 146 49.82 -33.73 -39.80
N LEU R 147 49.86 -32.81 -40.77
CA LEU R 147 48.91 -32.79 -41.85
C LEU R 147 49.20 -33.87 -42.87
N ALA R 148 50.49 -34.05 -43.20
CA ALA R 148 50.94 -35.14 -44.07
C ALA R 148 50.44 -36.48 -43.59
N GLU R 149 49.96 -36.55 -42.35
CA GLU R 149 49.38 -37.80 -41.84
C GLU R 149 47.93 -37.75 -41.30
N HIS R 150 47.24 -36.63 -41.50
CA HIS R 150 45.81 -36.41 -41.14
C HIS R 150 45.38 -36.77 -39.72
N LEU S 10 12.71 7.38 -47.05
CA LEU S 10 13.31 6.95 -48.35
C LEU S 10 14.52 6.02 -48.11
N ILE S 11 15.75 6.55 -48.01
CA ILE S 11 16.92 5.62 -47.88
C ILE S 11 17.16 5.00 -46.48
N VAL S 12 17.27 3.68 -46.47
CA VAL S 12 17.78 2.95 -45.32
C VAL S 12 19.02 2.22 -45.78
N ASN S 13 20.14 2.36 -45.05
CA ASN S 13 21.33 1.53 -45.28
C ASN S 13 21.33 0.30 -44.42
N VAL S 14 21.62 -0.84 -45.03
CA VAL S 14 21.68 -2.11 -44.30
C VAL S 14 23.08 -2.63 -44.46
N ILE S 15 23.77 -2.81 -43.35
CA ILE S 15 25.18 -3.14 -43.44
C ILE S 15 25.49 -4.42 -42.73
N ASN S 16 26.17 -5.31 -43.43
CA ASN S 16 26.54 -6.59 -42.87
C ASN S 16 28.06 -6.69 -42.77
N GLY S 17 28.56 -6.91 -41.57
CA GLY S 17 29.99 -6.97 -41.31
C GLY S 17 30.56 -8.35 -41.59
N PRO S 18 31.79 -8.60 -41.12
CA PRO S 18 32.59 -9.73 -41.58
C PRO S 18 31.97 -11.12 -41.44
N ASN S 19 32.10 -11.90 -42.51
CA ASN S 19 31.59 -13.28 -42.60
C ASN S 19 30.10 -13.40 -43.07
N LEU S 20 29.37 -12.31 -43.09
CA LEU S 20 27.98 -12.37 -43.52
C LEU S 20 27.85 -12.68 -45.03
N GLY S 21 28.87 -12.27 -45.80
CA GLY S 21 29.08 -12.82 -47.15
C GLY S 21 29.01 -14.36 -47.23
N ARG S 22 29.23 -15.05 -46.10
CA ARG S 22 29.20 -16.50 -46.11
C ARG S 22 27.92 -17.23 -45.61
N LEU S 23 26.84 -16.47 -45.40
CA LEU S 23 25.54 -17.06 -45.05
C LEU S 23 25.09 -18.11 -46.05
N GLY S 24 24.59 -19.23 -45.52
CA GLY S 24 24.14 -20.35 -46.33
C GLY S 24 25.22 -21.32 -46.72
N ARG S 25 26.46 -20.87 -46.77
CA ARG S 25 27.54 -21.72 -47.28
C ARG S 25 28.08 -22.70 -46.24
N ARG S 26 27.98 -22.33 -44.96
CA ARG S 26 28.27 -23.23 -43.83
C ARG S 26 27.46 -22.86 -42.57
N GLU S 27 27.99 -23.32 -41.43
CA GLU S 27 27.33 -23.29 -40.12
C GLU S 27 25.86 -23.73 -40.29
N PRO S 28 25.65 -24.95 -40.85
CA PRO S 28 24.40 -25.40 -41.49
C PRO S 28 23.12 -24.67 -41.04
N ALA S 29 22.51 -25.10 -39.93
CA ALA S 29 21.34 -24.39 -39.39
C ALA S 29 21.77 -23.08 -38.72
N VAL S 30 22.71 -23.21 -37.77
CA VAL S 30 23.12 -22.15 -36.79
C VAL S 30 22.50 -20.79 -37.03
N TYR S 31 22.93 -20.11 -38.09
CA TYR S 31 22.28 -18.86 -38.45
C TYR S 31 21.81 -18.79 -39.90
N GLY S 32 20.70 -19.47 -40.18
CA GLY S 32 20.02 -19.33 -41.46
C GLY S 32 19.99 -20.53 -42.39
N GLY S 33 19.28 -20.36 -43.50
CA GLY S 33 19.23 -21.33 -44.59
C GLY S 33 19.50 -20.66 -45.93
N THR S 34 19.22 -19.35 -45.99
CA THR S 34 19.35 -18.54 -47.22
C THR S 34 20.74 -17.89 -47.44
N THR S 35 21.08 -17.61 -48.71
CA THR S 35 22.29 -16.89 -49.09
C THR S 35 22.21 -15.41 -48.74
N HIS S 36 23.38 -14.80 -48.69
CA HIS S 36 23.48 -13.36 -48.58
C HIS S 36 22.78 -12.63 -49.73
N ASP S 37 22.88 -13.17 -50.94
CA ASP S 37 22.26 -12.50 -52.08
C ASP S 37 20.73 -12.68 -52.09
N GLU S 38 20.23 -13.83 -51.65
CA GLU S 38 18.78 -13.99 -51.44
C GLU S 38 18.29 -13.12 -50.30
N LEU S 39 19.16 -12.89 -49.32
CA LEU S 39 18.84 -11.98 -48.24
C LEU S 39 18.80 -10.56 -48.79
N VAL S 40 19.66 -10.24 -49.75
CA VAL S 40 19.71 -8.89 -50.28
C VAL S 40 18.36 -8.48 -50.88
N ALA S 41 17.81 -9.32 -51.75
CA ALA S 41 16.64 -8.93 -52.54
C ALA S 41 15.38 -9.16 -51.72
N LEU S 42 15.47 -10.14 -50.82
CA LEU S 42 14.47 -10.36 -49.80
C LEU S 42 14.23 -9.04 -49.11
N ILE S 43 15.33 -8.48 -48.62
CA ILE S 43 15.32 -7.18 -47.99
C ILE S 43 14.81 -6.11 -48.95
N GLU S 44 15.30 -6.10 -50.19
CA GLU S 44 14.91 -5.10 -51.19
C GLU S 44 13.42 -5.22 -51.54
N ARG S 45 12.86 -6.41 -51.37
CA ARG S 45 11.42 -6.67 -51.54
C ARG S 45 10.66 -5.85 -50.50
N GLU S 46 10.84 -6.22 -49.23
CA GLU S 46 10.16 -5.51 -48.16
C GLU S 46 10.33 -4.01 -48.30
N ALA S 47 11.57 -3.53 -48.34
CA ALA S 47 11.81 -2.09 -48.38
C ALA S 47 10.83 -1.38 -49.30
N ALA S 48 10.74 -1.90 -50.53
CA ALA S 48 9.86 -1.42 -51.56
C ALA S 48 8.43 -1.32 -51.03
N GLU S 49 7.78 -2.45 -50.78
CA GLU S 49 6.38 -2.42 -50.29
C GLU S 49 6.20 -1.95 -48.85
N LEU S 50 7.01 -0.98 -48.45
CA LEU S 50 6.89 -0.25 -47.18
C LEU S 50 7.26 1.19 -47.48
N GLY S 51 7.49 1.47 -48.74
CA GLY S 51 7.87 2.82 -49.16
C GLY S 51 9.30 3.20 -48.80
N LEU S 52 10.20 2.21 -48.77
CA LEU S 52 11.60 2.49 -48.44
C LEU S 52 12.56 2.01 -49.54
N LYS S 53 13.70 2.70 -49.66
CA LYS S 53 14.78 2.31 -50.56
C LYS S 53 15.88 1.75 -49.67
N ALA S 54 16.24 0.48 -49.88
CA ALA S 54 17.27 -0.17 -49.07
C ALA S 54 18.64 -0.35 -49.78
N VAL S 55 19.67 0.18 -49.17
CA VAL S 55 21.05 0.00 -49.65
C VAL S 55 21.71 -1.05 -48.73
N VAL S 56 21.83 -2.28 -49.22
CA VAL S 56 22.40 -3.35 -48.41
C VAL S 56 23.80 -3.79 -48.87
N ARG S 57 24.79 -3.64 -47.99
CA ARG S 57 26.16 -3.96 -48.36
C ARG S 57 26.86 -4.71 -47.28
N GLN S 58 27.77 -5.59 -47.75
CA GLN S 58 28.48 -6.50 -46.90
C GLN S 58 29.93 -6.32 -47.16
N SER S 59 30.70 -6.30 -46.06
CA SER S 59 32.14 -6.25 -46.15
C SER S 59 32.81 -6.95 -44.99
N ASP S 60 34.06 -7.35 -45.21
CA ASP S 60 34.88 -7.91 -44.16
C ASP S 60 35.87 -6.89 -43.59
N SER S 61 35.84 -5.65 -44.12
CA SER S 61 36.82 -4.59 -43.80
C SER S 61 36.22 -3.54 -42.88
N GLU S 62 36.74 -3.46 -41.66
CA GLU S 62 36.29 -2.47 -40.69
C GLU S 62 36.37 -1.12 -41.35
N ALA S 63 37.46 -0.93 -42.06
CA ALA S 63 37.69 0.28 -42.80
C ALA S 63 36.53 0.62 -43.75
N GLN S 64 36.00 -0.39 -44.42
CA GLN S 64 34.91 -0.18 -45.35
C GLN S 64 33.60 0.10 -44.59
N LEU S 65 33.42 -0.58 -43.46
CA LEU S 65 32.22 -0.30 -42.67
C LEU S 65 32.25 1.08 -42.08
N LEU S 66 33.43 1.55 -41.71
CA LEU S 66 33.45 2.87 -41.11
C LEU S 66 33.07 3.86 -42.16
N ASP S 67 33.50 3.62 -43.39
CA ASP S 67 33.22 4.55 -44.46
C ASP S 67 31.72 4.67 -44.78
N TRP S 68 31.04 3.54 -44.75
CA TRP S 68 29.60 3.52 -44.96
C TRP S 68 28.87 4.17 -43.83
N ILE S 69 29.28 3.89 -42.60
CA ILE S 69 28.68 4.53 -41.43
C ILE S 69 28.92 6.05 -41.50
N HIS S 70 30.11 6.43 -41.93
CA HIS S 70 30.33 7.85 -42.13
C HIS S 70 29.34 8.43 -43.08
N GLN S 71 29.19 7.83 -44.23
CA GLN S 71 28.31 8.44 -45.22
C GLN S 71 26.84 8.51 -44.80
N ALA S 72 26.39 7.53 -44.03
CA ALA S 72 25.06 7.59 -43.38
C ALA S 72 24.96 8.72 -42.38
N ALA S 73 25.98 8.91 -41.55
CA ALA S 73 26.00 10.06 -40.68
C ALA S 73 25.73 11.36 -41.47
N ASP S 74 26.59 11.69 -42.43
CA ASP S 74 26.46 12.90 -43.25
C ASP S 74 25.12 13.02 -43.96
N ALA S 75 24.57 11.89 -44.40
CA ALA S 75 23.31 11.89 -45.14
C ALA S 75 22.10 11.76 -44.23
N ALA S 76 22.32 11.64 -42.92
CA ALA S 76 21.23 11.41 -41.97
C ALA S 76 20.30 10.21 -42.24
N GLU S 77 20.77 9.16 -42.92
CA GLU S 77 19.94 7.95 -43.14
C GLU S 77 19.95 6.95 -41.94
N PRO S 78 18.80 6.33 -41.62
CA PRO S 78 18.87 5.25 -40.62
C PRO S 78 19.84 4.09 -41.04
N VAL S 79 20.23 3.22 -40.10
CA VAL S 79 21.11 2.08 -40.42
C VAL S 79 20.68 0.79 -39.72
N ILE S 80 20.49 -0.29 -40.45
CA ILE S 80 20.43 -1.64 -39.87
C ILE S 80 21.82 -2.23 -39.95
N LEU S 81 22.39 -2.61 -38.81
CA LEU S 81 23.80 -3.01 -38.75
C LEU S 81 23.94 -4.36 -38.12
N ASN S 82 24.45 -5.31 -38.88
CA ASN S 82 24.87 -6.58 -38.34
C ASN S 82 26.37 -6.59 -38.51
N ALA S 83 27.08 -6.05 -37.51
CA ALA S 83 28.53 -5.93 -37.52
C ALA S 83 29.24 -7.28 -37.49
N GLY S 84 28.51 -8.36 -37.26
CA GLY S 84 29.17 -9.64 -37.20
C GLY S 84 30.05 -9.68 -35.97
N GLY S 85 31.24 -10.24 -36.11
CA GLY S 85 32.14 -10.42 -34.95
C GLY S 85 32.71 -9.13 -34.39
N LEU S 86 32.73 -8.10 -35.23
CA LEU S 86 33.11 -6.74 -34.82
C LEU S 86 32.17 -6.12 -33.75
N THR S 87 30.96 -6.66 -33.63
CA THR S 87 30.02 -6.31 -32.54
C THR S 87 30.70 -6.42 -31.18
N HIS S 88 31.41 -7.53 -30.98
CA HIS S 88 31.98 -7.85 -29.69
C HIS S 88 33.38 -7.34 -29.50
N THR S 89 33.96 -6.69 -30.51
CA THR S 89 35.35 -6.33 -30.37
C THR S 89 35.75 -4.91 -30.70
N SER S 90 35.01 -4.24 -31.59
CA SER S 90 35.49 -3.01 -32.14
C SER S 90 34.90 -1.74 -31.50
N VAL S 91 35.76 -0.89 -30.97
CA VAL S 91 35.34 0.38 -30.40
C VAL S 91 35.17 1.43 -31.50
N ALA S 92 36.06 1.38 -32.49
CA ALA S 92 35.98 2.23 -33.71
C ALA S 92 34.57 2.20 -34.33
N LEU S 93 34.03 1.01 -34.52
CA LEU S 93 32.75 0.92 -35.14
C LEU S 93 31.76 1.61 -34.24
N ARG S 94 31.91 1.42 -32.94
CA ARG S 94 30.98 1.99 -31.98
C ARG S 94 30.93 3.52 -32.06
N ASP S 95 32.12 4.13 -32.09
CA ASP S 95 32.27 5.58 -32.24
C ASP S 95 31.70 6.11 -33.52
N ALA S 96 31.94 5.40 -34.63
CA ALA S 96 31.39 5.78 -35.92
C ALA S 96 29.88 5.85 -35.78
N CYS S 97 29.30 4.81 -35.19
CA CYS S 97 27.87 4.72 -35.03
C CYS S 97 27.30 5.84 -34.19
N ALA S 98 28.09 6.34 -33.25
CA ALA S 98 27.58 7.26 -32.24
C ALA S 98 27.14 8.59 -32.85
N GLU S 99 27.74 8.97 -33.98
CA GLU S 99 27.37 10.23 -34.63
C GLU S 99 26.11 10.26 -35.50
N LEU S 100 25.55 9.09 -35.82
CA LEU S 100 24.27 8.99 -36.56
C LEU S 100 23.18 9.71 -35.79
N SER S 101 22.56 10.67 -36.47
CA SER S 101 21.45 11.43 -35.92
C SER S 101 20.16 10.68 -36.16
N ALA S 102 20.21 9.67 -37.02
CA ALA S 102 19.03 8.85 -37.29
C ALA S 102 19.16 7.45 -36.65
N PRO S 103 18.02 6.75 -36.39
CA PRO S 103 18.07 5.43 -35.77
C PRO S 103 19.11 4.45 -36.33
N LEU S 104 19.65 3.66 -35.41
CA LEU S 104 20.55 2.59 -35.73
C LEU S 104 19.99 1.32 -35.07
N ILE S 105 19.69 0.29 -35.85
CA ILE S 105 19.22 -0.95 -35.30
C ILE S 105 20.29 -2.01 -35.49
N GLU S 106 20.71 -2.60 -34.38
CA GLU S 106 21.64 -3.73 -34.43
C GLU S 106 20.81 -4.99 -34.68
N VAL S 107 21.25 -5.85 -35.59
CA VAL S 107 20.54 -7.12 -35.80
C VAL S 107 21.51 -8.27 -35.66
N HIS S 108 21.06 -9.39 -35.12
CA HIS S 108 21.86 -10.61 -35.17
C HIS S 108 20.97 -11.72 -35.59
N ILE S 109 21.38 -12.44 -36.63
CA ILE S 109 20.60 -13.56 -37.09
C ILE S 109 20.46 -14.60 -35.98
N SER S 110 21.57 -15.08 -35.44
CA SER S 110 21.56 -16.08 -34.36
C SER S 110 21.14 -15.43 -33.03
N ASN S 111 20.63 -16.23 -32.08
CA ASN S 111 20.49 -15.80 -30.67
C ASN S 111 21.82 -15.75 -29.89
N VAL S 112 22.47 -14.58 -29.84
CA VAL S 112 23.86 -14.51 -29.33
C VAL S 112 24.04 -14.81 -27.83
N HIS S 113 22.91 -14.92 -27.12
CA HIS S 113 22.94 -15.19 -25.70
C HIS S 113 22.87 -16.63 -25.37
N ALA S 114 22.71 -17.48 -26.38
CA ALA S 114 22.58 -18.92 -26.17
C ALA S 114 23.88 -19.63 -26.52
N ARG S 115 24.88 -18.83 -26.87
CA ARG S 115 26.15 -19.29 -27.42
C ARG S 115 27.29 -19.11 -26.40
N GLU S 116 28.51 -18.86 -26.85
CA GLU S 116 29.65 -18.59 -25.95
C GLU S 116 29.43 -17.24 -25.23
N GLU S 117 29.97 -17.11 -24.02
CA GLU S 117 29.68 -15.94 -23.19
C GLU S 117 30.15 -14.61 -23.82
N PHE S 118 31.23 -14.65 -24.59
CA PHE S 118 31.79 -13.37 -25.06
C PHE S 118 30.88 -12.67 -26.07
N ARG S 119 29.97 -13.47 -26.64
CA ARG S 119 29.03 -12.98 -27.61
C ARG S 119 27.88 -12.19 -26.99
N ARG S 120 27.67 -12.39 -25.69
CA ARG S 120 26.62 -11.70 -24.93
C ARG S 120 27.07 -10.32 -24.50
N HIS S 121 28.16 -9.83 -25.05
CA HIS S 121 28.45 -8.44 -24.87
C HIS S 121 28.59 -7.83 -26.21
N SER S 122 27.99 -6.66 -26.36
CA SER S 122 28.04 -5.91 -27.60
C SER S 122 28.51 -4.50 -27.30
N TYR S 123 29.53 -4.05 -28.01
CA TYR S 123 29.94 -2.65 -27.98
C TYR S 123 28.91 -1.70 -28.61
N LEU S 124 28.04 -2.24 -29.47
CA LEU S 124 27.07 -1.43 -30.22
C LEU S 124 25.73 -1.21 -29.49
N SER S 125 25.24 -2.25 -28.82
CA SER S 125 23.99 -2.14 -28.10
C SER S 125 23.78 -0.80 -27.36
N PRO S 126 24.77 -0.36 -26.54
CA PRO S 126 24.56 0.90 -25.83
C PRO S 126 24.27 2.11 -26.70
N ILE S 127 24.87 2.23 -27.86
CA ILE S 127 24.61 3.45 -28.63
C ILE S 127 23.59 3.26 -29.76
N ALA S 128 22.94 2.11 -29.78
CA ALA S 128 21.95 1.78 -30.81
C ALA S 128 20.55 2.22 -30.34
N THR S 129 19.59 2.30 -31.25
CA THR S 129 18.21 2.56 -30.89
C THR S 129 17.55 1.30 -30.34
N GLY S 130 17.96 0.17 -30.86
CA GLY S 130 17.48 -1.08 -30.33
C GLY S 130 18.27 -2.17 -30.96
N VAL S 131 18.08 -3.37 -30.42
CA VAL S 131 18.74 -4.56 -30.94
C VAL S 131 17.70 -5.64 -31.22
N ILE S 132 17.87 -6.38 -32.32
CA ILE S 132 17.00 -7.52 -32.61
C ILE S 132 17.90 -8.71 -32.71
N VAL S 133 17.55 -9.80 -32.04
CA VAL S 133 18.47 -10.91 -31.98
C VAL S 133 17.68 -12.18 -32.08
N GLY S 134 18.11 -13.11 -32.93
CA GLY S 134 17.62 -14.49 -32.87
C GLY S 134 16.42 -14.83 -33.74
N LEU S 135 15.97 -13.84 -34.51
CA LEU S 135 14.81 -13.99 -35.37
C LEU S 135 15.22 -14.28 -36.83
N GLY S 136 16.48 -14.65 -37.00
CA GLY S 136 17.02 -14.97 -38.29
C GLY S 136 17.02 -13.77 -39.23
N ILE S 137 16.82 -14.11 -40.50
CA ILE S 137 16.76 -13.15 -41.58
C ILE S 137 15.70 -12.12 -41.27
N GLN S 138 14.61 -12.59 -40.65
CA GLN S 138 13.41 -11.80 -40.53
C GLN S 138 13.69 -10.59 -39.69
N GLY S 139 14.60 -10.73 -38.73
CA GLY S 139 15.07 -9.59 -37.96
C GLY S 139 15.35 -8.35 -38.79
N TYR S 140 16.05 -8.50 -39.92
CA TYR S 140 16.21 -7.39 -40.88
C TYR S 140 14.86 -6.87 -41.30
N LEU S 141 13.94 -7.76 -41.63
CA LEU S 141 12.60 -7.27 -42.06
C LEU S 141 11.92 -6.54 -40.92
N LEU S 142 11.87 -7.12 -39.73
CA LEU S 142 11.27 -6.40 -38.59
C LEU S 142 11.92 -5.03 -38.38
N ALA S 143 13.24 -4.97 -38.53
CA ALA S 143 13.99 -3.73 -38.33
C ALA S 143 13.58 -2.73 -39.38
N LEU S 144 13.46 -3.20 -40.62
CA LEU S 144 12.91 -2.36 -41.70
C LEU S 144 11.53 -1.76 -41.38
N ARG S 145 10.67 -2.56 -40.72
CA ARG S 145 9.31 -2.15 -40.35
C ARG S 145 9.33 -1.08 -39.32
N TYR S 146 10.22 -1.20 -38.34
CA TYR S 146 10.24 -0.23 -37.27
C TYR S 146 10.59 1.13 -37.83
N LEU S 147 11.54 1.14 -38.77
CA LEU S 147 11.99 2.36 -39.43
C LEU S 147 10.87 2.99 -40.22
N ALA S 148 10.20 2.15 -41.01
CA ALA S 148 9.02 2.58 -41.75
C ALA S 148 8.16 3.42 -40.84
N GLU S 149 7.84 2.90 -39.64
CA GLU S 149 7.08 3.66 -38.64
C GLU S 149 7.86 4.75 -37.91
N HIS S 150 9.19 4.63 -37.85
CA HIS S 150 10.05 5.53 -37.03
C HIS S 150 9.86 5.36 -35.51
N LEU T 10 76.04 -1.25 14.05
CA LEU T 10 74.85 -0.99 13.22
C LEU T 10 73.69 -0.38 14.09
N ILE T 11 73.06 0.69 13.57
CA ILE T 11 71.79 1.27 14.05
C ILE T 11 70.60 0.66 13.28
N VAL T 12 69.59 0.18 13.97
CA VAL T 12 68.39 -0.30 13.30
C VAL T 12 67.19 0.59 13.57
N ASN T 13 66.45 0.90 12.53
CA ASN T 13 65.23 1.65 12.68
C ASN T 13 64.00 0.77 12.83
N VAL T 14 63.29 0.94 13.91
CA VAL T 14 62.07 0.21 14.06
C VAL T 14 60.99 1.24 13.95
N ILE T 15 60.24 1.16 12.87
CA ILE T 15 59.17 2.14 12.64
C ILE T 15 57.78 1.52 12.76
N ASN T 16 57.03 2.03 13.73
CA ASN T 16 55.65 1.60 14.01
C ASN T 16 54.67 2.64 13.50
N GLY T 17 53.68 2.19 12.74
CA GLY T 17 52.71 3.08 12.13
C GLY T 17 51.41 3.20 12.91
N PRO T 18 50.35 3.71 12.25
CA PRO T 18 49.07 4.08 12.86
C PRO T 18 48.48 3.09 13.85
N ASN T 19 48.01 3.62 14.97
CA ASN T 19 47.35 2.85 16.00
C ASN T 19 48.25 1.98 16.84
N LEU T 20 49.51 1.88 16.47
CA LEU T 20 50.37 1.01 17.19
C LEU T 20 50.69 1.54 18.58
N GLY T 21 50.48 2.84 18.76
CA GLY T 21 50.71 3.52 20.04
C GLY T 21 49.65 3.14 21.05
N ARG T 22 48.59 2.49 20.58
CA ARG T 22 47.49 2.03 21.40
C ARG T 22 47.72 0.60 21.85
N LEU T 23 48.87 0.04 21.48
CA LEU T 23 49.23 -1.33 21.87
C LEU T 23 48.93 -1.66 23.33
N GLY T 24 48.42 -2.86 23.57
CA GLY T 24 48.24 -3.32 24.95
C GLY T 24 47.15 -2.63 25.73
N ARG T 25 46.76 -1.44 25.31
CA ARG T 25 45.61 -0.74 25.90
C ARG T 25 44.31 -1.42 25.51
N ARG T 26 44.30 -2.15 24.39
CA ARG T 26 43.10 -2.84 23.95
C ARG T 26 43.38 -4.02 23.06
N GLU T 27 42.31 -4.80 22.87
CA GLU T 27 42.29 -6.06 22.13
C GLU T 27 43.49 -6.96 22.51
N PRO T 28 43.60 -7.32 23.81
CA PRO T 28 44.66 -8.24 24.27
C PRO T 28 44.51 -9.61 23.61
N ALA T 29 43.25 -10.00 23.42
CA ALA T 29 42.81 -11.09 22.54
C ALA T 29 43.73 -11.28 21.31
N VAL T 30 43.86 -10.23 20.50
CA VAL T 30 44.56 -10.28 19.21
C VAL T 30 45.98 -9.62 19.19
N TYR T 31 46.24 -8.61 20.03
CA TYR T 31 47.49 -7.80 19.98
C TYR T 31 48.46 -7.86 21.15
N GLY T 32 48.20 -8.71 22.14
CA GLY T 32 48.99 -8.74 23.39
C GLY T 32 48.53 -7.71 24.44
N GLY T 33 49.09 -7.83 25.64
CA GLY T 33 48.76 -6.92 26.76
C GLY T 33 49.96 -6.10 27.15
N THR T 34 51.03 -6.19 26.37
CA THR T 34 52.19 -5.33 26.51
C THR T 34 51.89 -3.97 25.86
N THR T 35 52.22 -2.88 26.57
CA THR T 35 52.07 -1.53 26.08
C THR T 35 53.15 -1.20 25.07
N HIS T 36 53.04 -0.06 24.39
CA HIS T 36 54.06 0.33 23.39
C HIS T 36 55.34 0.71 24.05
N ASP T 37 55.23 1.31 25.22
CA ASP T 37 56.36 1.71 26.02
C ASP T 37 57.12 0.48 26.39
N GLU T 38 56.42 -0.53 26.85
CA GLU T 38 57.11 -1.76 27.24
C GLU T 38 57.68 -2.35 25.97
N LEU T 39 56.90 -2.25 24.89
CA LEU T 39 57.41 -2.72 23.62
C LEU T 39 58.76 -2.09 23.33
N VAL T 40 58.85 -0.75 23.45
CA VAL T 40 60.13 -0.04 23.16
C VAL T 40 61.32 -0.58 23.98
N ALA T 41 61.08 -0.81 25.27
CA ALA T 41 62.12 -1.27 26.17
C ALA T 41 62.53 -2.69 25.80
N LEU T 42 61.59 -3.48 25.33
CA LEU T 42 61.88 -4.84 24.97
C LEU T 42 62.76 -4.84 23.75
N ILE T 43 62.43 -3.99 22.79
CA ILE T 43 63.19 -3.99 21.58
C ILE T 43 64.61 -3.54 21.88
N GLU T 44 64.77 -2.53 22.73
CA GLU T 44 66.08 -1.87 22.85
C GLU T 44 67.01 -2.81 23.56
N ARG T 45 66.44 -3.64 24.44
CA ARG T 45 67.24 -4.58 25.23
C ARG T 45 67.69 -5.77 24.41
N GLU T 46 66.76 -6.33 23.64
CA GLU T 46 67.11 -7.35 22.70
C GLU T 46 68.15 -6.78 21.71
N ALA T 47 67.97 -5.57 21.21
CA ALA T 47 68.97 -5.08 20.29
C ALA T 47 70.37 -5.02 20.93
N ALA T 48 70.46 -4.64 22.20
CA ALA T 48 71.77 -4.45 22.83
C ALA T 48 72.42 -5.81 23.10
N GLU T 49 71.57 -6.80 23.30
CA GLU T 49 71.99 -8.17 23.47
C GLU T 49 72.63 -8.70 22.18
N LEU T 50 72.22 -8.13 21.05
CA LEU T 50 72.77 -8.49 19.74
C LEU T 50 73.91 -7.61 19.26
N GLY T 51 74.33 -6.63 20.08
CA GLY T 51 75.34 -5.68 19.64
C GLY T 51 74.77 -4.73 18.62
N LEU T 52 73.46 -4.51 18.67
CA LEU T 52 72.83 -3.52 17.80
C LEU T 52 72.30 -2.40 18.65
N LYS T 53 72.08 -1.26 18.02
CA LYS T 53 71.33 -0.18 18.65
C LYS T 53 70.02 -0.02 17.89
N ALA T 54 68.91 0.01 18.61
CA ALA T 54 67.61 0.20 18.01
C ALA T 54 67.04 1.62 18.24
N VAL T 55 66.58 2.27 17.18
CA VAL T 55 65.74 3.46 17.35
C VAL T 55 64.29 3.04 17.07
N VAL T 56 63.44 3.12 18.07
CA VAL T 56 62.02 2.77 17.92
C VAL T 56 61.20 4.05 17.94
N ARG T 57 60.46 4.29 16.86
CA ARG T 57 59.55 5.42 16.84
C ARG T 57 58.24 5.00 16.28
N GLN T 58 57.21 5.71 16.71
CA GLN T 58 55.86 5.39 16.35
C GLN T 58 55.23 6.72 15.89
N SER T 59 54.40 6.65 14.84
CA SER T 59 53.64 7.80 14.35
C SER T 59 52.35 7.32 13.68
N ASP T 60 51.28 8.06 13.95
CA ASP T 60 50.02 7.88 13.25
C ASP T 60 50.05 8.64 11.91
N SER T 61 51.16 9.27 11.56
CA SER T 61 51.19 10.09 10.35
C SER T 61 51.96 9.43 9.19
N GLU T 62 51.25 9.18 8.11
CA GLU T 62 51.86 8.77 6.85
C GLU T 62 53.08 9.64 6.45
N ALA T 63 52.90 10.96 6.43
CA ALA T 63 54.01 11.87 6.12
C ALA T 63 55.21 11.59 7.06
N GLN T 64 54.95 11.36 8.34
CA GLN T 64 56.06 11.18 9.26
C GLN T 64 56.82 9.88 9.03
N LEU T 65 56.10 8.83 8.63
CA LEU T 65 56.75 7.56 8.37
C LEU T 65 57.65 7.70 7.13
N LEU T 66 57.14 8.44 6.14
CA LEU T 66 57.86 8.73 4.91
C LEU T 66 59.16 9.49 5.28
N ASP T 67 59.07 10.47 6.17
CA ASP T 67 60.25 11.18 6.67
C ASP T 67 61.27 10.21 7.24
N TRP T 68 60.85 9.43 8.23
CA TRP T 68 61.70 8.39 8.76
C TRP T 68 62.35 7.50 7.74
N ILE T 69 61.57 6.96 6.79
CA ILE T 69 62.14 6.16 5.70
C ILE T 69 63.22 6.91 4.93
N HIS T 70 62.97 8.16 4.55
CA HIS T 70 63.97 8.90 3.78
C HIS T 70 65.23 9.02 4.58
N GLN T 71 65.09 9.36 5.87
CA GLN T 71 66.29 9.48 6.70
C GLN T 71 67.03 8.16 6.68
N ALA T 72 66.32 7.06 6.76
CA ALA T 72 67.01 5.77 6.83
C ALA T 72 67.64 5.34 5.53
N ALA T 73 67.13 5.87 4.42
CA ALA T 73 67.63 5.48 3.11
C ALA T 73 68.91 6.26 2.89
N ASP T 74 68.87 7.54 3.30
CA ASP T 74 70.01 8.44 3.19
C ASP T 74 71.14 7.94 4.07
N ALA T 75 70.77 7.28 5.16
CA ALA T 75 71.73 6.75 6.12
C ALA T 75 72.14 5.31 5.83
N ALA T 76 71.57 4.71 4.81
CA ALA T 76 71.81 3.26 4.57
C ALA T 76 71.69 2.39 5.85
N GLU T 77 70.53 2.37 6.48
CA GLU T 77 70.32 1.58 7.71
C GLU T 77 69.15 0.65 7.53
N PRO T 78 69.18 -0.57 8.14
CA PRO T 78 67.99 -1.45 8.00
C PRO T 78 66.78 -0.82 8.67
N VAL T 79 65.59 -1.23 8.23
CA VAL T 79 64.32 -0.81 8.84
C VAL T 79 63.46 -2.05 9.14
N ILE T 80 63.00 -2.17 10.36
CA ILE T 80 61.94 -3.09 10.68
C ILE T 80 60.67 -2.24 10.72
N LEU T 81 59.67 -2.66 9.96
CA LEU T 81 58.54 -1.78 9.74
C LEU T 81 57.25 -2.52 10.03
N ASN T 82 56.52 -1.99 10.99
CA ASN T 82 55.11 -2.39 11.07
C ASN T 82 54.26 -1.16 10.80
N ALA T 83 53.71 -1.09 9.59
CA ALA T 83 52.97 0.10 9.13
C ALA T 83 51.49 0.10 9.52
N GLY T 84 51.06 -0.84 10.36
CA GLY T 84 49.65 -0.93 10.68
C GLY T 84 48.78 -0.91 9.43
N GLY T 85 47.79 -0.03 9.42
CA GLY T 85 46.78 -0.06 8.37
C GLY T 85 47.29 0.42 7.03
N LEU T 86 48.43 1.12 7.06
CA LEU T 86 49.02 1.73 5.88
C LEU T 86 49.61 0.69 4.94
N THR T 87 49.97 -0.48 5.48
CA THR T 87 50.47 -1.66 4.77
C THR T 87 49.54 -1.98 3.63
N HIS T 88 48.26 -1.88 3.94
CA HIS T 88 47.21 -2.31 3.05
C HIS T 88 46.80 -1.27 2.03
N THR T 89 47.26 -0.02 2.19
CA THR T 89 46.62 1.09 1.48
C THR T 89 47.62 2.13 0.95
N SER T 90 48.82 2.17 1.51
CA SER T 90 49.72 3.22 1.05
C SER T 90 50.77 2.80 -0.01
N VAL T 91 50.52 3.23 -1.25
CA VAL T 91 51.53 3.21 -2.33
C VAL T 91 52.64 4.22 -2.10
N ALA T 92 52.33 5.34 -1.47
CA ALA T 92 53.40 6.31 -1.13
C ALA T 92 54.46 5.72 -0.17
N LEU T 93 53.99 4.98 0.86
CA LEU T 93 54.88 4.31 1.79
C LEU T 93 55.74 3.26 1.08
N ARG T 94 55.12 2.48 0.20
CA ARG T 94 55.84 1.53 -0.62
C ARG T 94 56.94 2.23 -1.39
N ASP T 95 56.63 3.28 -2.11
CA ASP T 95 57.63 3.99 -2.94
C ASP T 95 58.87 4.44 -2.11
N ALA T 96 58.61 4.92 -0.90
CA ALA T 96 59.69 5.42 -0.08
C ALA T 96 60.55 4.24 0.30
N CYS T 97 59.91 3.17 0.70
CA CYS T 97 60.60 1.97 1.11
C CYS T 97 61.48 1.34 0.01
N ALA T 98 61.04 1.53 -1.23
CA ALA T 98 61.73 1.02 -2.41
C ALA T 98 63.16 1.50 -2.48
N GLU T 99 63.43 2.74 -2.10
CA GLU T 99 64.77 3.32 -2.27
C GLU T 99 65.79 2.85 -1.22
N LEU T 100 65.32 2.23 -0.15
CA LEU T 100 66.19 1.68 0.90
C LEU T 100 67.19 0.71 0.35
N SER T 101 68.43 0.81 0.79
CA SER T 101 69.48 -0.11 0.34
C SER T 101 69.71 -1.24 1.33
N ALA T 102 69.69 -0.96 2.64
CA ALA T 102 69.81 -2.02 3.63
C ALA T 102 68.48 -2.80 3.72
N PRO T 103 68.44 -3.94 4.45
CA PRO T 103 67.25 -4.78 4.49
C PRO T 103 66.05 -4.08 5.13
N LEU T 104 64.86 -4.42 4.65
CA LEU T 104 63.59 -3.91 5.14
C LEU T 104 62.76 -5.08 5.64
N ILE T 105 62.48 -5.14 6.92
CA ILE T 105 61.60 -6.22 7.39
C ILE T 105 60.24 -5.66 7.79
N GLU T 106 59.21 -6.14 7.10
CA GLU T 106 57.84 -5.89 7.49
C GLU T 106 57.44 -6.87 8.61
N VAL T 107 56.86 -6.33 9.69
CA VAL T 107 56.42 -7.12 10.86
C VAL T 107 54.97 -6.80 11.10
N HIS T 108 54.21 -7.79 11.58
CA HIS T 108 52.82 -7.63 12.04
C HIS T 108 52.60 -8.50 13.25
N ILE T 109 52.03 -7.94 14.33
CA ILE T 109 51.84 -8.71 15.56
C ILE T 109 50.83 -9.85 15.44
N SER T 110 49.69 -9.54 14.83
CA SER T 110 48.64 -10.52 14.58
C SER T 110 48.89 -11.24 13.24
N ASN T 111 48.20 -12.37 13.04
CA ASN T 111 48.25 -13.11 11.80
C ASN T 111 47.16 -12.56 10.94
N VAL T 112 47.54 -11.83 9.89
CA VAL T 112 46.59 -11.03 9.17
C VAL T 112 45.92 -11.94 8.14
N HIS T 113 46.43 -13.15 8.07
CA HIS T 113 45.89 -14.02 7.08
C HIS T 113 44.76 -14.66 7.73
N ALA T 114 44.57 -14.40 9.03
CA ALA T 114 43.58 -15.14 9.77
C ALA T 114 42.40 -14.23 10.11
N ARG T 115 42.33 -13.12 9.40
CA ARG T 115 41.40 -12.08 9.71
C ARG T 115 40.66 -11.77 8.43
N GLU T 116 40.13 -10.54 8.34
CA GLU T 116 39.43 -10.03 7.15
C GLU T 116 40.27 -10.23 5.92
N GLU T 117 39.60 -10.53 4.82
CA GLU T 117 40.25 -10.73 3.55
C GLU T 117 41.20 -9.58 3.17
N PHE T 118 40.79 -8.34 3.38
CA PHE T 118 41.55 -7.18 2.88
C PHE T 118 42.91 -7.02 3.59
N ARG T 119 43.10 -7.70 4.73
CA ARG T 119 44.39 -7.62 5.47
C ARG T 119 45.44 -8.57 4.87
N ARG T 120 45.03 -9.31 3.85
CA ARG T 120 45.86 -10.35 3.29
C ARG T 120 46.66 -9.82 2.14
N HIS T 121 46.42 -8.57 1.79
CA HIS T 121 47.19 -7.93 0.75
C HIS T 121 47.94 -6.79 1.34
N SER T 122 49.20 -6.66 0.95
CA SER T 122 50.10 -5.64 1.42
C SER T 122 50.89 -5.10 0.24
N TYR T 123 51.10 -3.79 0.25
CA TYR T 123 51.93 -3.08 -0.75
C TYR T 123 53.44 -3.14 -0.43
N LEU T 124 53.80 -3.35 0.83
CA LEU T 124 55.24 -3.40 1.20
C LEU T 124 55.85 -4.76 0.95
N SER T 125 55.12 -5.82 1.30
CA SER T 125 55.66 -7.16 1.13
C SER T 125 56.49 -7.37 -0.17
N PRO T 126 56.02 -6.89 -1.34
CA PRO T 126 56.82 -7.17 -2.56
C PRO T 126 58.22 -6.60 -2.57
N ILE T 127 58.41 -5.47 -1.89
CA ILE T 127 59.66 -4.71 -1.88
C ILE T 127 60.47 -4.93 -0.58
N ALA T 128 60.00 -5.79 0.32
CA ALA T 128 60.67 -6.03 1.58
C ALA T 128 61.62 -7.21 1.39
N THR T 129 62.65 -7.29 2.23
CA THR T 129 63.47 -8.47 2.24
C THR T 129 62.58 -9.66 2.67
N GLY T 130 61.86 -9.46 3.77
CA GLY T 130 61.04 -10.49 4.38
C GLY T 130 59.92 -9.91 5.22
N VAL T 131 58.99 -10.77 5.61
CA VAL T 131 57.84 -10.35 6.41
C VAL T 131 57.70 -11.38 7.51
N ILE T 132 57.53 -10.94 8.76
CA ILE T 132 57.19 -11.82 9.88
C ILE T 132 55.80 -11.42 10.32
N VAL T 133 54.89 -12.39 10.43
CA VAL T 133 53.49 -12.11 10.71
C VAL T 133 52.94 -13.08 11.75
N GLY T 134 52.27 -12.59 12.78
CA GLY T 134 51.57 -13.52 13.68
C GLY T 134 52.39 -14.14 14.80
N LEU T 135 53.49 -13.51 15.22
CA LEU T 135 54.39 -14.05 16.22
C LEU T 135 54.47 -13.07 17.40
N GLY T 136 53.38 -12.32 17.58
CA GLY T 136 53.28 -11.32 18.59
C GLY T 136 54.42 -10.36 18.50
N ILE T 137 54.73 -9.75 19.64
CA ILE T 137 55.78 -8.78 19.83
C ILE T 137 57.15 -9.33 19.47
N GLN T 138 57.31 -10.64 19.64
CA GLN T 138 58.60 -11.29 19.38
C GLN T 138 58.98 -11.15 17.90
N GLY T 139 57.99 -10.92 17.04
CA GLY T 139 58.24 -10.64 15.61
C GLY T 139 59.37 -9.63 15.46
N TYR T 140 59.27 -8.51 16.20
CA TYR T 140 60.33 -7.53 16.33
C TYR T 140 61.70 -8.13 16.78
N LEU T 141 61.71 -8.91 17.86
CA LEU T 141 62.97 -9.51 18.32
C LEU T 141 63.56 -10.51 17.34
N LEU T 142 62.73 -11.15 16.52
CA LEU T 142 63.23 -12.03 15.46
C LEU T 142 63.74 -11.25 14.25
N ALA T 143 63.05 -10.15 13.90
CA ALA T 143 63.56 -9.28 12.84
C ALA T 143 64.95 -8.76 13.20
N LEU T 144 65.13 -8.32 14.45
CA LEU T 144 66.42 -7.82 14.87
C LEU T 144 67.44 -8.96 14.79
N ARG T 145 67.03 -10.14 15.25
CA ARG T 145 67.92 -11.28 15.23
C ARG T 145 68.44 -11.50 13.81
N TYR T 146 67.51 -11.48 12.85
CA TYR T 146 67.89 -11.62 11.45
C TYR T 146 68.91 -10.60 10.98
N LEU T 147 68.71 -9.33 11.35
CA LEU T 147 69.64 -8.26 11.00
C LEU T 147 70.99 -8.41 11.68
N ALA T 148 71.01 -8.82 12.95
CA ALA T 148 72.27 -9.14 13.61
C ALA T 148 73.06 -10.15 12.75
N GLU T 149 72.35 -10.99 12.01
CA GLU T 149 72.98 -12.05 11.20
C GLU T 149 73.40 -11.66 9.77
N HIS T 150 72.73 -10.64 9.23
CA HIS T 150 72.69 -10.25 7.79
C HIS T 150 72.13 -11.28 6.80
N LEU U 10 48.52 35.69 -14.70
CA LEU U 10 47.88 34.91 -13.62
C LEU U 10 48.82 33.87 -12.99
N ILE U 11 48.45 33.42 -11.80
CA ILE U 11 49.26 32.50 -11.01
C ILE U 11 48.95 31.03 -11.34
N VAL U 12 49.98 30.24 -11.59
CA VAL U 12 49.79 28.81 -11.74
C VAL U 12 50.43 28.04 -10.59
N ASN U 13 49.70 27.08 -10.02
CA ASN U 13 50.30 26.26 -8.96
C ASN U 13 50.79 24.93 -9.50
N VAL U 14 52.07 24.63 -9.24
CA VAL U 14 52.57 23.28 -9.39
C VAL U 14 52.71 22.60 -8.02
N ILE U 15 51.94 21.55 -7.82
CA ILE U 15 51.83 20.91 -6.51
C ILE U 15 52.34 19.48 -6.70
N ASN U 16 53.36 19.13 -5.91
CA ASN U 16 54.02 17.84 -5.98
C ASN U 16 53.77 17.11 -4.69
N GLY U 17 53.40 15.84 -4.80
CA GLY U 17 53.07 15.07 -3.64
C GLY U 17 54.19 14.17 -3.17
N PRO U 18 53.84 13.16 -2.36
CA PRO U 18 54.79 12.27 -1.69
C PRO U 18 55.95 11.80 -2.54
N ASN U 19 57.12 11.85 -1.91
CA ASN U 19 58.33 11.23 -2.43
C ASN U 19 58.98 12.06 -3.52
N LEU U 20 58.31 13.12 -3.98
CA LEU U 20 58.90 13.99 -5.01
C LEU U 20 59.99 14.95 -4.51
N GLY U 21 60.15 15.10 -3.20
CA GLY U 21 61.37 15.70 -2.65
C GLY U 21 62.63 14.88 -2.98
N ARG U 22 62.50 13.56 -2.99
CA ARG U 22 63.64 12.70 -3.24
C ARG U 22 64.00 12.68 -4.72
N LEU U 23 63.43 13.62 -5.48
CA LEU U 23 63.61 13.65 -6.93
C LEU U 23 65.07 13.85 -7.21
N GLY U 24 65.57 13.19 -8.25
CA GLY U 24 66.93 13.38 -8.70
C GLY U 24 67.98 12.61 -7.89
N ARG U 25 68.37 13.20 -6.76
CA ARG U 25 69.41 12.65 -5.88
C ARG U 25 68.85 11.38 -5.25
N ARG U 26 69.46 10.24 -5.63
CA ARG U 26 68.90 8.89 -5.45
C ARG U 26 67.52 8.79 -6.14
N GLU U 27 66.97 7.58 -6.24
CA GLU U 27 65.78 7.32 -7.08
C GLU U 27 66.08 7.82 -8.52
N PRO U 28 66.95 7.08 -9.26
CA PRO U 28 67.66 7.62 -10.45
C PRO U 28 66.87 7.43 -11.73
N ALA U 29 67.58 7.52 -12.86
CA ALA U 29 66.94 7.65 -14.19
C ALA U 29 65.88 6.60 -14.63
N VAL U 30 64.88 6.41 -13.78
CA VAL U 30 63.51 6.17 -14.24
C VAL U 30 62.75 7.48 -13.90
N TYR U 31 63.49 8.52 -13.49
CA TYR U 31 62.89 9.77 -12.97
C TYR U 31 63.40 11.17 -13.45
N GLY U 32 64.68 11.42 -13.73
CA GLY U 32 65.82 10.57 -13.45
C GLY U 32 67.04 11.30 -12.85
N GLY U 33 67.26 12.56 -13.23
CA GLY U 33 68.52 13.23 -12.89
C GLY U 33 68.40 14.53 -12.12
N THR U 34 67.51 15.40 -12.59
CA THR U 34 67.26 16.72 -12.01
C THR U 34 66.71 16.66 -10.60
N THR U 35 67.25 17.47 -9.68
CA THR U 35 66.69 17.59 -8.32
C THR U 35 65.43 18.48 -8.27
N HIS U 36 64.71 18.42 -7.14
CA HIS U 36 63.43 19.10 -7.01
C HIS U 36 63.57 20.60 -6.92
N ASP U 37 64.64 21.02 -6.22
CA ASP U 37 65.10 22.43 -6.22
C ASP U 37 65.39 22.90 -7.64
N GLU U 38 66.15 22.09 -8.36
CA GLU U 38 66.49 22.40 -9.73
C GLU U 38 65.20 22.46 -10.55
N LEU U 39 64.25 21.57 -10.24
CA LEU U 39 63.00 21.49 -10.98
C LEU U 39 62.17 22.74 -10.77
N VAL U 40 62.14 23.20 -9.53
CA VAL U 40 61.45 24.44 -9.20
C VAL U 40 61.99 25.63 -9.99
N ALA U 41 63.29 25.60 -10.34
CA ALA U 41 63.89 26.68 -11.15
C ALA U 41 63.54 26.55 -12.63
N LEU U 42 63.58 25.31 -13.16
CA LEU U 42 63.10 25.06 -14.51
C LEU U 42 61.66 25.53 -14.71
N ILE U 43 60.78 25.26 -13.75
CA ILE U 43 59.38 25.61 -13.89
C ILE U 43 59.19 27.12 -13.83
N GLU U 44 59.81 27.76 -12.85
CA GLU U 44 59.60 29.18 -12.59
C GLU U 44 60.10 30.03 -13.73
N ARG U 45 61.24 29.65 -14.29
CA ARG U 45 61.86 30.32 -15.43
C ARG U 45 61.01 30.20 -16.69
N GLU U 46 60.62 28.96 -17.03
CA GLU U 46 59.77 28.68 -18.20
C GLU U 46 58.38 29.32 -18.06
N ALA U 47 57.89 29.43 -16.82
CA ALA U 47 56.65 30.17 -16.59
C ALA U 47 56.81 31.64 -16.98
N ALA U 48 57.92 32.24 -16.58
CA ALA U 48 58.17 33.64 -16.87
C ALA U 48 58.25 33.89 -18.37
N GLU U 49 58.81 32.92 -19.08
CA GLU U 49 58.99 33.04 -20.53
C GLU U 49 57.69 32.87 -21.27
N LEU U 50 56.62 32.62 -20.54
CA LEU U 50 55.29 32.43 -21.12
C LEU U 50 54.32 33.52 -20.60
N GLY U 51 54.80 34.41 -19.73
CA GLY U 51 53.93 35.38 -19.08
C GLY U 51 52.99 34.83 -18.01
N LEU U 52 53.51 33.87 -17.24
CA LEU U 52 52.88 33.36 -16.03
C LEU U 52 53.86 33.41 -14.86
N LYS U 53 53.30 33.24 -13.67
CA LYS U 53 54.04 33.17 -12.45
C LYS U 53 53.65 31.82 -11.88
N ALA U 54 54.62 30.91 -11.81
CA ALA U 54 54.43 29.58 -11.24
C ALA U 54 54.86 29.55 -9.77
N VAL U 55 53.97 29.04 -8.92
CA VAL U 55 54.21 28.82 -7.51
C VAL U 55 54.31 27.27 -7.30
N VAL U 56 55.52 26.77 -7.16
CA VAL U 56 55.82 25.34 -7.10
C VAL U 56 56.05 24.90 -5.67
N ARG U 57 55.39 23.82 -5.26
CA ARG U 57 55.32 23.41 -3.86
C ARG U 57 55.34 21.90 -3.76
N GLN U 58 55.96 21.34 -2.73
CA GLN U 58 56.03 19.89 -2.55
C GLN U 58 55.70 19.54 -1.14
N SER U 59 55.02 18.44 -0.94
CA SER U 59 54.84 17.98 0.43
C SER U 59 54.59 16.51 0.40
N ASP U 60 55.02 15.81 1.46
CA ASP U 60 54.66 14.41 1.64
C ASP U 60 53.41 14.29 2.49
N SER U 61 52.71 15.39 2.77
CA SER U 61 51.52 15.33 3.61
C SER U 61 50.23 15.57 2.83
N GLU U 62 49.34 14.60 2.86
CA GLU U 62 48.04 14.71 2.21
C GLU U 62 47.26 15.96 2.67
N ALA U 63 47.05 16.10 3.97
CA ALA U 63 46.42 17.31 4.52
C ALA U 63 46.99 18.60 3.92
N GLN U 64 48.31 18.64 3.83
CA GLN U 64 49.02 19.80 3.29
C GLN U 64 48.70 20.04 1.83
N LEU U 65 48.66 18.96 1.06
CA LEU U 65 48.26 19.04 -0.35
C LEU U 65 46.81 19.51 -0.46
N LEU U 66 45.91 19.04 0.44
CA LEU U 66 44.52 19.47 0.42
C LEU U 66 44.41 20.93 0.84
N ASP U 67 45.33 21.44 1.63
CA ASP U 67 45.25 22.83 1.98
C ASP U 67 45.60 23.74 0.78
N TRP U 68 46.60 23.37 0.01
CA TRP U 68 47.00 24.14 -1.15
C TRP U 68 45.97 24.08 -2.28
N ILE U 69 45.27 22.95 -2.40
CA ILE U 69 44.28 22.80 -3.46
C ILE U 69 43.02 23.56 -3.07
N HIS U 70 42.69 23.57 -1.78
CA HIS U 70 41.61 24.44 -1.30
C HIS U 70 41.88 25.88 -1.64
N GLN U 71 43.14 26.30 -1.54
CA GLN U 71 43.50 27.70 -1.74
C GLN U 71 43.49 28.05 -3.21
N ALA U 72 43.87 27.09 -4.04
CA ALA U 72 43.88 27.30 -5.47
C ALA U 72 42.41 27.38 -5.94
N ALA U 73 41.52 26.74 -5.19
CA ALA U 73 40.11 26.77 -5.58
C ALA U 73 39.44 28.07 -5.18
N ASP U 74 39.95 28.71 -4.12
CA ASP U 74 39.47 30.02 -3.68
C ASP U 74 39.98 31.10 -4.61
N ALA U 75 41.20 30.94 -5.13
CA ALA U 75 41.78 31.96 -5.98
C ALA U 75 41.46 31.67 -7.44
N ALA U 76 40.72 30.59 -7.69
CA ALA U 76 40.44 30.14 -9.04
C ALA U 76 41.71 30.16 -9.91
N GLU U 77 42.77 29.47 -9.47
CA GLU U 77 43.99 29.43 -10.25
C GLU U 77 44.25 27.99 -10.78
N PRO U 78 44.86 27.86 -11.97
CA PRO U 78 45.16 26.54 -12.52
C PRO U 78 46.09 25.79 -11.59
N VAL U 79 46.07 24.46 -11.70
CA VAL U 79 46.86 23.54 -10.85
C VAL U 79 47.49 22.43 -11.68
N ILE U 80 48.80 22.33 -11.63
CA ILE U 80 49.54 21.22 -12.21
C ILE U 80 49.88 20.29 -11.03
N LEU U 81 49.30 19.09 -11.04
CA LEU U 81 49.36 18.22 -9.85
C LEU U 81 50.08 16.95 -10.16
N ASN U 82 51.19 16.69 -9.48
CA ASN U 82 51.83 15.37 -9.56
C ASN U 82 51.71 14.80 -8.16
N ALA U 83 50.79 13.88 -7.99
CA ALA U 83 50.50 13.56 -6.62
C ALA U 83 51.21 12.30 -6.21
N GLY U 84 52.12 11.82 -7.04
CA GLY U 84 52.89 10.66 -6.73
C GLY U 84 52.00 9.55 -6.20
N GLY U 85 52.45 8.86 -5.15
CA GLY U 85 51.74 7.70 -4.59
C GLY U 85 50.26 7.92 -4.34
N LEU U 86 49.86 9.12 -3.93
CA LEU U 86 48.42 9.46 -3.72
C LEU U 86 47.44 9.29 -4.90
N THR U 87 47.98 9.33 -6.11
CA THR U 87 47.17 9.29 -7.33
C THR U 87 46.25 8.07 -7.35
N HIS U 88 46.81 6.95 -6.88
CA HIS U 88 46.15 5.66 -7.00
C HIS U 88 45.41 5.31 -5.77
N THR U 89 45.50 6.14 -4.73
CA THR U 89 44.84 5.82 -3.46
C THR U 89 43.97 6.89 -2.83
N SER U 90 44.02 8.13 -3.27
CA SER U 90 43.37 9.13 -2.45
C SER U 90 42.07 9.71 -2.98
N VAL U 91 40.96 9.37 -2.31
CA VAL U 91 39.66 9.90 -2.71
C VAL U 91 39.51 11.32 -2.20
N ALA U 92 40.01 11.51 -1.00
CA ALA U 92 40.09 12.84 -0.41
C ALA U 92 40.65 13.86 -1.42
N LEU U 93 41.87 13.63 -1.91
CA LEU U 93 42.56 14.48 -2.89
C LEU U 93 41.75 14.72 -4.15
N ARG U 94 40.96 13.72 -4.56
CA ARG U 94 40.14 13.83 -5.76
C ARG U 94 38.99 14.78 -5.52
N ASP U 95 38.39 14.65 -4.32
CA ASP U 95 37.30 15.54 -3.95
C ASP U 95 37.75 16.99 -3.92
N ALA U 96 38.88 17.22 -3.27
CA ALA U 96 39.44 18.53 -3.15
C ALA U 96 39.61 19.14 -4.55
N CYS U 97 40.21 18.36 -5.46
CA CYS U 97 40.44 18.75 -6.83
C CYS U 97 39.19 19.03 -7.65
N ALA U 98 38.09 18.38 -7.30
CA ALA U 98 36.90 18.43 -8.14
C ALA U 98 36.28 19.82 -8.09
N GLU U 99 36.71 20.63 -7.13
CA GLU U 99 36.20 21.99 -6.99
C GLU U 99 37.01 23.06 -7.70
N LEU U 100 38.18 22.71 -8.23
CA LEU U 100 38.93 23.68 -9.03
C LEU U 100 38.09 24.18 -10.23
N SER U 101 37.73 25.45 -10.23
CA SER U 101 37.13 26.07 -11.43
C SER U 101 38.14 26.35 -12.52
N ALA U 102 39.41 26.58 -12.20
CA ALA U 102 40.36 26.68 -13.28
C ALA U 102 40.80 25.26 -13.72
N PRO U 103 41.53 25.15 -14.84
CA PRO U 103 41.99 23.82 -15.33
C PRO U 103 42.93 23.11 -14.37
N LEU U 104 42.96 21.79 -14.45
CA LEU U 104 43.85 20.93 -13.67
C LEU U 104 44.53 19.94 -14.59
N ILE U 105 45.87 19.93 -14.61
CA ILE U 105 46.59 18.91 -15.37
C ILE U 105 47.33 17.95 -14.45
N GLU U 106 46.98 16.68 -14.51
CA GLU U 106 47.69 15.64 -13.76
C GLU U 106 48.98 15.35 -14.53
N VAL U 107 50.11 15.31 -13.82
CA VAL U 107 51.38 15.06 -14.48
C VAL U 107 52.15 13.97 -13.76
N HIS U 108 52.71 13.04 -14.52
CA HIS U 108 53.60 12.04 -13.95
C HIS U 108 54.83 12.01 -14.74
N ILE U 109 55.95 12.11 -14.05
CA ILE U 109 57.27 12.09 -14.64
C ILE U 109 57.48 10.78 -15.39
N SER U 110 57.36 9.65 -14.71
CA SER U 110 57.50 8.34 -15.36
C SER U 110 56.21 7.93 -16.16
N ASN U 111 56.33 6.93 -17.03
CA ASN U 111 55.17 6.37 -17.75
C ASN U 111 54.48 5.34 -16.87
N VAL U 112 53.44 5.77 -16.14
CA VAL U 112 52.75 4.89 -15.18
C VAL U 112 52.20 3.58 -15.79
N HIS U 113 51.96 3.55 -17.09
CA HIS U 113 51.40 2.38 -17.73
C HIS U 113 52.47 1.38 -18.07
N ALA U 114 53.74 1.77 -17.90
CA ALA U 114 54.83 0.84 -18.15
C ALA U 114 55.19 -0.03 -16.94
N ARG U 115 54.68 0.33 -15.75
CA ARG U 115 55.13 -0.25 -14.46
C ARG U 115 54.13 -1.23 -13.83
N GLU U 116 54.13 -1.42 -12.51
CA GLU U 116 53.09 -2.22 -11.80
C GLU U 116 51.63 -1.90 -12.17
N GLU U 117 50.81 -2.92 -12.36
CA GLU U 117 49.38 -2.75 -12.63
C GLU U 117 48.64 -1.70 -11.78
N PHE U 118 48.93 -1.66 -10.49
CA PHE U 118 48.14 -0.81 -9.61
C PHE U 118 48.41 0.64 -9.95
N ARG U 119 49.48 0.87 -10.71
CA ARG U 119 49.88 2.23 -10.99
C ARG U 119 49.06 2.81 -12.12
N ARG U 120 48.21 1.96 -12.70
CA ARG U 120 47.50 2.33 -13.91
C ARG U 120 46.14 2.92 -13.60
N HIS U 121 45.59 2.65 -12.42
CA HIS U 121 44.42 3.38 -12.00
C HIS U 121 44.75 4.68 -11.32
N SER U 122 43.95 5.70 -11.62
CA SER U 122 44.10 7.02 -11.06
C SER U 122 42.75 7.65 -10.76
N TYR U 123 42.64 8.21 -9.57
CA TYR U 123 41.42 8.80 -9.09
C TYR U 123 41.36 10.23 -9.48
N LEU U 124 42.48 10.82 -9.85
CA LEU U 124 42.48 12.20 -10.33
C LEU U 124 42.10 12.29 -11.79
N SER U 125 42.66 11.40 -12.60
CA SER U 125 42.50 11.43 -14.05
C SER U 125 41.08 11.81 -14.50
N PRO U 126 40.04 11.18 -13.90
CA PRO U 126 38.69 11.46 -14.31
C PRO U 126 38.16 12.85 -14.05
N ILE U 127 38.77 13.57 -13.14
CA ILE U 127 38.35 14.96 -12.90
C ILE U 127 39.37 16.01 -13.42
N ALA U 128 40.55 15.59 -13.84
CA ALA U 128 41.55 16.51 -14.43
C ALA U 128 41.09 16.97 -15.80
N THR U 129 41.56 18.13 -16.24
CA THR U 129 41.30 18.58 -17.57
C THR U 129 42.09 17.62 -18.43
N GLY U 130 43.36 17.44 -18.11
CA GLY U 130 44.19 16.58 -18.92
C GLY U 130 45.24 15.82 -18.15
N VAL U 131 45.92 14.92 -18.85
CA VAL U 131 46.97 14.11 -18.25
C VAL U 131 48.15 13.95 -19.20
N ILE U 132 49.35 14.12 -18.65
CA ILE U 132 50.64 14.01 -19.34
C ILE U 132 51.45 13.07 -18.46
N VAL U 133 51.94 12.02 -19.05
CA VAL U 133 52.55 10.93 -18.31
C VAL U 133 53.79 10.57 -19.11
N GLY U 134 54.90 10.29 -18.43
CA GLY U 134 56.09 9.65 -19.06
C GLY U 134 56.95 10.53 -19.93
N LEU U 135 56.68 11.83 -19.90
CA LEU U 135 57.47 12.78 -20.68
C LEU U 135 58.55 13.45 -19.81
N GLY U 136 58.79 12.86 -18.65
CA GLY U 136 59.82 13.36 -17.77
C GLY U 136 59.49 14.71 -17.16
N ILE U 137 60.52 15.40 -16.73
CA ILE U 137 60.42 16.73 -16.20
C ILE U 137 59.67 17.66 -17.15
N GLN U 138 59.91 17.47 -18.44
CA GLN U 138 59.31 18.29 -19.48
C GLN U 138 57.80 18.28 -19.43
N GLY U 139 57.23 17.21 -18.90
CA GLY U 139 55.80 17.13 -18.62
C GLY U 139 55.27 18.37 -17.94
N TYR U 140 55.93 18.81 -16.89
CA TYR U 140 55.53 20.03 -16.22
C TYR U 140 55.58 21.24 -17.18
N LEU U 141 56.62 21.34 -18.00
CA LEU U 141 56.76 22.51 -18.86
C LEU U 141 55.70 22.51 -19.95
N LEU U 142 55.33 21.32 -20.41
CA LEU U 142 54.28 21.23 -21.42
C LEU U 142 52.94 21.63 -20.80
N ALA U 143 52.70 21.16 -19.58
CA ALA U 143 51.51 21.52 -18.84
C ALA U 143 51.40 23.05 -18.77
N LEU U 144 52.53 23.72 -18.64
CA LEU U 144 52.47 25.15 -18.59
C LEU U 144 52.01 25.78 -19.91
N ARG U 145 52.57 25.26 -21.01
CA ARG U 145 52.21 25.66 -22.37
C ARG U 145 50.70 25.62 -22.57
N TYR U 146 50.10 24.51 -22.18
CA TYR U 146 48.69 24.37 -22.36
C TYR U 146 48.01 25.56 -21.67
N LEU U 147 48.38 25.81 -20.40
CA LEU U 147 47.73 26.83 -19.59
C LEU U 147 47.84 28.22 -20.19
N ALA U 148 49.03 28.59 -20.63
CA ALA U 148 49.18 29.84 -21.35
C ALA U 148 48.21 30.02 -22.53
N GLU U 149 47.55 28.94 -22.98
CA GLU U 149 46.43 29.04 -23.98
C GLU U 149 45.02 28.79 -23.43
N HIS U 150 44.88 27.75 -22.59
CA HIS U 150 43.61 27.15 -22.19
C HIS U 150 43.12 26.26 -23.32
N LEU V 10 26.43 12.89 29.30
CA LEU V 10 26.88 14.07 28.52
C LEU V 10 28.21 13.77 27.79
N ILE V 11 28.48 14.48 26.69
CA ILE V 11 29.74 14.42 25.83
C ILE V 11 29.76 13.48 24.58
N VAL V 12 29.66 14.09 23.40
CA VAL V 12 29.68 13.34 22.14
C VAL V 12 30.62 14.07 21.24
N ASN V 13 31.55 13.34 20.63
CA ASN V 13 32.47 13.92 19.67
C ASN V 13 31.89 13.79 18.27
N VAL V 14 31.82 14.90 17.54
CA VAL V 14 31.47 14.82 16.16
C VAL V 14 32.69 15.20 15.37
N ILE V 15 33.35 14.19 14.81
CA ILE V 15 34.54 14.41 14.01
C ILE V 15 34.20 14.45 12.53
N ASN V 16 34.74 15.42 11.82
CA ASN V 16 34.63 15.48 10.38
C ASN V 16 35.98 15.44 9.61
N GLY V 17 36.11 14.54 8.65
CA GLY V 17 37.36 14.36 7.91
C GLY V 17 37.66 15.35 6.77
N PRO V 18 38.49 14.93 5.82
CA PRO V 18 38.92 15.78 4.71
C PRO V 18 37.79 16.48 3.96
N ASN V 19 38.08 17.72 3.57
CA ASN V 19 37.20 18.54 2.75
C ASN V 19 35.92 19.06 3.40
N LEU V 20 35.52 18.46 4.54
CA LEU V 20 34.33 18.91 5.28
C LEU V 20 34.54 20.30 5.78
N GLY V 21 35.80 20.72 5.89
CA GLY V 21 36.10 22.11 6.21
C GLY V 21 35.51 23.05 5.16
N ARG V 22 34.83 22.51 4.16
CA ARG V 22 34.49 23.29 2.97
C ARG V 22 33.03 23.31 2.58
N LEU V 23 32.19 22.72 3.42
CA LEU V 23 30.77 23.02 3.41
C LEU V 23 30.45 24.50 3.18
N GLY V 24 29.40 24.75 2.39
CA GLY V 24 29.06 26.11 1.97
C GLY V 24 29.51 26.27 0.54
N ARG V 25 30.79 26.61 0.39
CA ARG V 25 31.45 26.89 -0.89
C ARG V 25 31.34 25.82 -1.99
N ARG V 26 31.56 24.56 -1.61
CA ARG V 26 31.25 23.45 -2.51
C ARG V 26 30.12 22.63 -1.85
N GLU V 27 29.22 22.09 -2.66
CA GLU V 27 28.86 22.58 -3.97
C GLU V 27 27.37 22.43 -3.73
N PRO V 28 26.69 23.56 -3.53
CA PRO V 28 25.36 23.62 -2.92
C PRO V 28 24.49 22.39 -3.22
N ALA V 29 24.36 22.05 -4.51
CA ALA V 29 23.47 20.98 -5.01
C ALA V 29 23.69 19.55 -4.45
N VAL V 30 24.74 19.35 -3.65
CA VAL V 30 25.11 18.01 -3.16
C VAL V 30 25.32 18.04 -1.63
N TYR V 31 25.91 19.12 -1.14
CA TYR V 31 26.44 19.18 0.22
C TYR V 31 25.75 20.20 1.12
N GLY V 32 25.18 21.24 0.51
CA GLY V 32 24.40 22.26 1.22
C GLY V 32 25.00 23.66 1.26
N GLY V 33 24.14 24.63 1.60
CA GLY V 33 24.52 26.03 1.70
C GLY V 33 24.99 26.40 3.10
N THR V 34 25.05 25.39 3.98
CA THR V 34 25.55 25.53 5.35
C THR V 34 27.09 25.48 5.40
N THR V 35 27.71 26.44 6.07
CA THR V 35 29.16 26.46 6.29
C THR V 35 29.58 25.48 7.42
N HIS V 36 30.88 25.26 7.59
CA HIS V 36 31.34 24.50 8.76
C HIS V 36 31.06 25.17 10.09
N ASP V 37 31.31 26.48 10.18
CA ASP V 37 30.93 27.26 11.37
C ASP V 37 29.45 27.07 11.67
N GLU V 38 28.60 27.25 10.65
CA GLU V 38 27.17 27.08 10.85
C GLU V 38 26.81 25.69 11.36
N LEU V 39 27.46 24.64 10.85
CA LEU V 39 27.11 23.27 11.24
C LEU V 39 27.52 22.97 12.68
N VAL V 40 28.63 23.54 13.09
CA VAL V 40 29.02 23.49 14.49
C VAL V 40 27.95 24.20 15.33
N ALA V 41 27.49 25.37 14.88
CA ALA V 41 26.43 26.11 15.62
C ALA V 41 25.19 25.24 15.78
N LEU V 42 24.63 24.79 14.65
CA LEU V 42 23.52 23.85 14.69
C LEU V 42 23.68 22.63 15.61
N ILE V 43 24.79 21.91 15.52
CA ILE V 43 24.94 20.63 16.23
C ILE V 43 25.03 20.88 17.73
N GLU V 44 25.80 21.88 18.11
CA GLU V 44 25.88 22.27 19.51
C GLU V 44 24.51 22.64 20.06
N ARG V 45 23.86 23.62 19.42
CA ARG V 45 22.51 24.02 19.80
C ARG V 45 21.65 22.75 20.02
N GLU V 46 21.39 22.01 18.95
CA GLU V 46 20.61 20.79 19.00
C GLU V 46 21.03 19.82 20.10
N ALA V 47 22.34 19.68 20.34
CA ALA V 47 22.84 18.77 21.37
C ALA V 47 22.35 19.16 22.76
N ALA V 48 22.50 20.45 23.10
CA ALA V 48 22.13 20.94 24.42
C ALA V 48 20.66 20.68 24.69
N GLU V 49 19.84 20.82 23.65
CA GLU V 49 18.42 20.54 23.71
C GLU V 49 18.16 19.07 24.05
N LEU V 50 19.17 18.23 23.94
CA LEU V 50 19.09 16.84 24.36
C LEU V 50 19.85 16.61 25.66
N GLY V 51 20.57 17.62 26.13
CA GLY V 51 21.35 17.47 27.36
C GLY V 51 22.55 16.59 27.08
N LEU V 52 23.15 16.82 25.91
CA LEU V 52 24.41 16.24 25.56
C LEU V 52 25.31 17.41 25.32
N LYS V 53 26.60 17.19 25.47
CA LYS V 53 27.55 18.23 25.16
C LYS V 53 28.28 17.74 23.93
N ALA V 54 28.15 18.47 22.81
CA ALA V 54 28.79 18.06 21.56
C ALA V 54 30.07 18.80 21.28
N VAL V 55 31.13 18.02 21.15
CA VAL V 55 32.42 18.54 20.75
C VAL V 55 32.68 18.23 19.27
N VAL V 56 32.65 19.27 18.46
CA VAL V 56 32.59 19.13 17.03
C VAL V 56 33.93 19.59 16.49
N ARG V 57 34.61 18.72 15.76
CA ARG V 57 35.97 18.99 15.34
C ARG V 57 36.20 18.56 13.89
N GLN V 58 36.91 19.35 13.11
CA GLN V 58 37.16 18.95 11.70
C GLN V 58 38.63 18.95 11.35
N SER V 59 39.07 18.02 10.52
CA SER V 59 40.47 18.03 10.03
C SER V 59 40.68 17.27 8.69
N ASP V 60 41.55 17.81 7.81
CA ASP V 60 42.00 17.12 6.61
C ASP V 60 43.17 16.16 6.86
N SER V 61 43.59 16.05 8.10
CA SER V 61 44.73 15.24 8.47
C SER V 61 44.22 14.00 9.17
N GLU V 62 44.39 12.86 8.52
CA GLU V 62 44.14 11.55 9.13
C GLU V 62 44.78 11.38 10.54
N ALA V 63 46.01 11.85 10.73
CA ALA V 63 46.71 11.73 12.04
C ALA V 63 45.89 12.37 13.13
N GLN V 64 45.47 13.61 12.89
CA GLN V 64 44.58 14.32 13.78
C GLN V 64 43.28 13.57 14.05
N LEU V 65 42.58 13.19 12.98
CA LEU V 65 41.38 12.44 13.16
C LEU V 65 41.69 11.23 14.05
N LEU V 66 42.71 10.46 13.74
CA LEU V 66 43.05 9.27 14.50
C LEU V 66 43.32 9.61 15.96
N ASP V 67 43.92 10.78 16.21
CA ASP V 67 44.21 11.18 17.56
C ASP V 67 42.96 11.59 18.36
N TRP V 68 41.98 12.21 17.70
CA TRP V 68 40.68 12.43 18.34
C TRP V 68 39.94 11.14 18.57
N ILE V 69 40.04 10.16 17.67
CA ILE V 69 39.45 8.82 17.95
C ILE V 69 40.03 8.13 19.21
N HIS V 70 41.35 8.03 19.28
CA HIS V 70 42.02 7.50 20.47
C HIS V 70 41.50 8.15 21.73
N GLN V 71 41.38 9.47 21.73
CA GLN V 71 40.91 10.17 22.90
C GLN V 71 39.48 9.79 23.26
N ALA V 72 38.62 9.69 22.26
CA ALA V 72 37.26 9.29 22.52
C ALA V 72 37.20 7.87 23.07
N ALA V 73 38.12 7.01 22.63
CA ALA V 73 38.22 5.61 23.11
C ALA V 73 38.63 5.59 24.59
N ASP V 74 39.60 6.41 24.94
CA ASP V 74 40.03 6.55 26.33
C ASP V 74 38.96 7.12 27.25
N ALA V 75 38.23 8.16 26.81
CA ALA V 75 37.16 8.69 27.66
C ALA V 75 35.82 7.91 27.65
N ALA V 76 35.72 6.85 26.83
CA ALA V 76 34.48 6.10 26.61
C ALA V 76 33.34 6.97 26.10
N GLU V 77 33.69 7.91 25.23
CA GLU V 77 32.75 8.84 24.61
C GLU V 77 32.20 8.33 23.27
N PRO V 78 30.91 8.50 23.04
CA PRO V 78 30.42 8.10 21.69
C PRO V 78 30.94 9.04 20.63
N VAL V 79 30.92 8.60 19.37
CA VAL V 79 31.52 9.37 18.26
C VAL V 79 30.67 9.33 16.98
N ILE V 80 30.35 10.50 16.45
CA ILE V 80 29.68 10.61 15.19
C ILE V 80 30.76 11.00 14.18
N LEU V 81 30.95 10.12 13.22
CA LEU V 81 32.04 10.25 12.30
C LEU V 81 31.59 10.40 10.85
N ASN V 82 32.04 11.47 10.20
CA ASN V 82 31.92 11.64 8.75
C ASN V 82 33.35 11.83 8.24
N ALA V 83 34.00 10.75 7.84
CA ALA V 83 35.42 10.80 7.48
C ALA V 83 35.70 11.28 6.05
N GLY V 84 34.64 11.67 5.34
CA GLY V 84 34.78 12.07 3.97
C GLY V 84 35.52 11.02 3.17
N GLY V 85 36.45 11.46 2.34
CA GLY V 85 37.15 10.54 1.45
C GLY V 85 37.78 9.35 2.12
N LEU V 86 38.31 9.53 3.32
CA LEU V 86 39.02 8.49 4.06
C LEU V 86 38.17 7.26 4.36
N THR V 87 36.85 7.43 4.36
CA THR V 87 35.89 6.36 4.48
C THR V 87 36.13 5.17 3.57
N HIS V 88 36.43 5.46 2.31
CA HIS V 88 36.55 4.40 1.31
C HIS V 88 37.95 3.82 1.29
N THR V 89 38.91 4.53 1.87
CA THR V 89 40.29 4.23 1.61
C THR V 89 41.09 3.86 2.86
N SER V 90 40.60 4.21 4.03
CA SER V 90 41.50 4.14 5.21
C SER V 90 41.25 2.96 6.16
N VAL V 91 42.13 1.96 6.11
CA VAL V 91 42.14 0.92 7.13
C VAL V 91 42.65 1.47 8.47
N ALA V 92 43.55 2.46 8.44
CA ALA V 92 44.00 3.09 9.68
C ALA V 92 42.79 3.61 10.48
N LEU V 93 41.98 4.43 9.83
CA LEU V 93 40.85 5.05 10.48
C LEU V 93 39.96 4.03 11.07
N ARG V 94 39.75 2.93 10.34
CA ARG V 94 38.83 1.86 10.77
C ARG V 94 39.39 1.18 11.99
N ASP V 95 40.68 0.87 11.98
CA ASP V 95 41.21 0.21 13.15
C ASP V 95 41.08 1.00 14.42
N ALA V 96 41.31 2.31 14.29
CA ALA V 96 41.20 3.20 15.41
C ALA V 96 39.79 3.22 15.95
N CYS V 97 38.79 3.12 15.08
CA CYS V 97 37.37 3.14 15.53
C CYS V 97 36.91 1.82 16.12
N ALA V 98 37.48 0.72 15.66
CA ALA V 98 37.17 -0.59 16.27
C ALA V 98 37.35 -0.62 17.79
N GLU V 99 38.25 0.23 18.30
CA GLU V 99 38.55 0.35 19.75
C GLU V 99 37.38 0.90 20.59
N LEU V 100 36.59 1.78 19.98
CA LEU V 100 35.51 2.50 20.66
C LEU V 100 34.55 1.55 21.39
N SER V 101 34.31 1.83 22.67
CA SER V 101 33.34 1.06 23.46
C SER V 101 31.99 1.79 23.43
N ALA V 102 31.98 3.10 23.27
CA ALA V 102 30.73 3.79 23.12
C ALA V 102 30.20 3.58 21.67
N PRO V 103 29.03 4.18 21.36
CA PRO V 103 28.61 3.93 19.97
C PRO V 103 29.36 4.82 18.99
N LEU V 104 29.38 4.38 17.74
CA LEU V 104 29.94 5.18 16.71
C LEU V 104 28.99 5.20 15.52
N ILE V 105 28.63 6.41 15.10
CA ILE V 105 27.73 6.59 14.00
C ILE V 105 28.47 7.16 12.82
N GLU V 106 28.39 6.47 11.69
CA GLU V 106 28.99 6.96 10.47
C GLU V 106 27.91 7.82 9.82
N VAL V 107 28.28 9.05 9.47
CA VAL V 107 27.36 9.96 8.79
C VAL V 107 27.92 10.40 7.42
N HIS V 108 27.10 10.28 6.38
CA HIS V 108 27.41 10.98 5.13
C HIS V 108 26.28 11.89 4.78
N ILE V 109 26.61 13.13 4.47
CA ILE V 109 25.62 14.14 4.05
C ILE V 109 24.89 13.76 2.76
N SER V 110 25.67 13.47 1.72
CA SER V 110 25.13 13.04 0.43
C SER V 110 24.84 11.55 0.45
N ASN V 111 24.03 11.10 -0.50
CA ASN V 111 23.80 9.67 -0.72
C ASN V 111 24.97 9.04 -1.51
N VAL V 112 25.79 8.23 -0.82
CA VAL V 112 27.01 7.71 -1.46
C VAL V 112 26.67 6.62 -2.44
N HIS V 113 25.47 6.08 -2.33
CA HIS V 113 25.11 4.99 -3.16
C HIS V 113 24.60 5.42 -4.47
N ALA V 114 24.56 6.74 -4.67
CA ALA V 114 24.04 7.35 -5.89
C ALA V 114 25.10 8.13 -6.61
N ARG V 115 26.35 7.78 -6.35
CA ARG V 115 27.50 8.39 -7.04
C ARG V 115 28.40 7.25 -7.47
N GLU V 116 29.58 7.58 -7.97
CA GLU V 116 30.60 6.60 -8.38
C GLU V 116 30.66 5.34 -7.53
N GLU V 117 30.77 4.23 -8.23
CA GLU V 117 30.72 2.94 -7.61
C GLU V 117 31.74 2.87 -6.49
N PHE V 118 32.85 3.60 -6.62
CA PHE V 118 33.86 3.54 -5.54
C PHE V 118 33.38 4.04 -4.13
N ARG V 119 32.46 5.03 -4.09
CA ARG V 119 31.96 5.57 -2.82
C ARG V 119 31.08 4.59 -2.05
N ARG V 120 30.62 3.56 -2.77
CA ARG V 120 29.71 2.56 -2.23
C ARG V 120 30.37 1.57 -1.28
N HIS V 121 31.70 1.48 -1.28
CA HIS V 121 32.35 0.66 -0.29
C HIS V 121 32.93 1.49 0.81
N SER V 122 32.65 1.11 2.05
CA SER V 122 33.17 1.82 3.22
C SER V 122 33.88 0.90 4.20
N TYR V 123 35.05 1.33 4.67
CA TYR V 123 35.77 0.57 5.68
C TYR V 123 35.20 0.70 7.07
N LEU V 124 34.51 1.83 7.29
CA LEU V 124 33.97 2.14 8.60
C LEU V 124 32.70 1.42 8.92
N SER V 125 31.84 1.20 7.92
CA SER V 125 30.50 0.66 8.20
C SER V 125 30.51 -0.67 8.95
N PRO V 126 31.43 -1.60 8.59
CA PRO V 126 31.34 -2.89 9.26
C PRO V 126 31.56 -2.85 10.77
N ILE V 127 32.16 -1.76 11.28
CA ILE V 127 32.49 -1.62 12.72
C ILE V 127 31.74 -0.48 13.42
N ALA V 128 30.95 0.29 12.64
CA ALA V 128 30.12 1.40 13.16
C ALA V 128 28.90 0.77 13.77
N THR V 129 28.30 1.41 14.76
CA THR V 129 27.08 0.84 15.31
C THR V 129 25.97 0.82 14.22
N GLY V 130 25.81 1.98 13.58
CA GLY V 130 25.00 2.16 12.38
C GLY V 130 25.50 3.37 11.56
N VAL V 131 24.94 3.53 10.36
CA VAL V 131 25.41 4.44 9.30
C VAL V 131 24.21 5.24 8.87
N ILE V 132 24.40 6.53 8.67
CA ILE V 132 23.34 7.38 8.11
C ILE V 132 23.81 8.12 6.89
N VAL V 133 23.13 7.83 5.80
CA VAL V 133 23.49 8.36 4.52
C VAL V 133 22.37 9.15 3.80
N GLY V 134 22.70 10.36 3.38
CA GLY V 134 21.87 11.08 2.39
C GLY V 134 20.78 11.95 2.98
N LEU V 135 20.71 11.97 4.29
CA LEU V 135 19.69 12.74 4.94
C LEU V 135 20.19 14.11 5.22
N GLY V 136 21.12 14.59 4.39
CA GLY V 136 21.74 15.91 4.58
C GLY V 136 22.49 16.18 5.88
N ILE V 137 22.69 17.47 6.16
CA ILE V 137 23.26 17.99 7.39
C ILE V 137 22.49 17.43 8.62
N GLN V 138 21.19 17.23 8.45
CA GLN V 138 20.38 16.71 9.51
C GLN V 138 20.81 15.31 9.96
N GLY V 139 21.62 14.67 9.10
CA GLY V 139 22.30 13.41 9.48
C GLY V 139 22.87 13.44 10.90
N TYR V 140 23.65 14.48 11.17
CA TYR V 140 24.26 14.68 12.48
C TYR V 140 23.26 14.80 13.58
N LEU V 141 22.22 15.62 13.37
CA LEU V 141 21.20 15.83 14.40
C LEU V 141 20.43 14.56 14.70
N LEU V 142 20.15 13.77 13.66
CA LEU V 142 19.53 12.45 13.82
C LEU V 142 20.41 11.46 14.56
N ALA V 143 21.72 11.48 14.28
CA ALA V 143 22.68 10.74 15.07
C ALA V 143 22.70 11.17 16.54
N LEU V 144 22.57 12.49 16.79
CA LEU V 144 22.59 12.94 18.18
C LEU V 144 21.44 12.35 18.93
N ARG V 145 20.31 12.29 18.23
CA ARG V 145 19.07 11.84 18.81
C ARG V 145 19.08 10.34 19.05
N TYR V 146 19.85 9.59 18.27
CA TYR V 146 20.00 8.19 18.56
C TYR V 146 20.73 8.03 19.87
N LEU V 147 21.96 8.50 19.97
CA LEU V 147 22.75 8.41 21.22
C LEU V 147 21.97 8.81 22.44
N ALA V 148 21.36 10.00 22.39
CA ALA V 148 20.50 10.47 23.47
C ALA V 148 19.50 9.41 24.04
N GLU V 149 18.94 8.56 23.19
CA GLU V 149 18.13 7.42 23.65
C GLU V 149 18.82 6.06 23.47
N HIS V 150 19.87 5.99 22.63
CA HIS V 150 20.50 4.74 22.09
C HIS V 150 19.50 3.89 21.36
N LEU W 10 5.49 -36.84 15.53
CA LEU W 10 6.41 -35.76 15.05
C LEU W 10 6.36 -35.57 13.54
N ILE W 11 6.09 -34.32 13.16
CA ILE W 11 5.72 -33.94 11.78
C ILE W 11 6.96 -33.52 10.98
N VAL W 12 6.96 -33.83 9.68
CA VAL W 12 8.00 -33.32 8.81
C VAL W 12 7.35 -32.49 7.75
N ASN W 13 7.81 -31.26 7.60
CA ASN W 13 7.31 -30.43 6.50
C ASN W 13 8.23 -30.63 5.32
N VAL W 14 7.63 -31.11 4.23
CA VAL W 14 8.29 -31.16 2.95
C VAL W 14 7.68 -30.05 2.11
N ILE W 15 8.53 -29.17 1.58
CA ILE W 15 8.07 -27.97 0.90
C ILE W 15 8.71 -27.82 -0.50
N ASN W 16 7.90 -27.50 -1.49
CA ASN W 16 8.38 -27.37 -2.89
C ASN W 16 8.14 -26.02 -3.57
N GLY W 17 9.20 -25.46 -4.10
CA GLY W 17 9.14 -24.12 -4.65
C GLY W 17 8.68 -24.15 -6.10
N PRO W 18 8.83 -23.01 -6.79
CA PRO W 18 8.31 -22.88 -8.15
C PRO W 18 8.72 -23.99 -9.14
N ASN W 19 7.78 -24.30 -10.02
CA ASN W 19 7.95 -25.25 -11.11
C ASN W 19 7.98 -26.73 -10.68
N LEU W 20 7.78 -27.01 -9.38
CA LEU W 20 7.84 -28.37 -8.90
C LEU W 20 6.50 -29.14 -9.00
N GLY W 21 5.40 -28.44 -9.26
CA GLY W 21 4.13 -29.10 -9.64
C GLY W 21 4.16 -29.55 -11.09
N ARG W 22 5.15 -29.09 -11.82
CA ARG W 22 5.27 -29.46 -13.22
C ARG W 22 6.20 -30.65 -13.44
N LEU W 23 6.38 -31.45 -12.39
CA LEU W 23 7.17 -32.68 -12.46
C LEU W 23 6.39 -33.74 -13.19
N GLY W 24 7.12 -34.68 -13.78
CA GLY W 24 6.47 -35.77 -14.51
C GLY W 24 5.97 -35.31 -15.87
N ARG W 25 6.02 -34.01 -16.13
CA ARG W 25 5.61 -33.42 -17.43
C ARG W 25 6.58 -32.36 -17.99
N ARG W 26 7.86 -32.48 -17.65
CA ARG W 26 8.89 -31.61 -18.22
C ARG W 26 10.23 -32.35 -18.31
N GLU W 27 10.80 -32.38 -19.52
CA GLU W 27 12.12 -32.96 -19.81
C GLU W 27 12.31 -34.51 -19.75
N PRO W 28 11.49 -35.24 -18.96
CA PRO W 28 11.80 -36.49 -18.27
C PRO W 28 13.26 -36.81 -17.92
N ALA W 29 14.17 -36.65 -18.88
CA ALA W 29 15.58 -37.06 -18.74
C ALA W 29 16.26 -36.57 -17.48
N VAL W 30 15.85 -35.40 -17.01
CA VAL W 30 16.58 -34.66 -15.98
C VAL W 30 15.88 -34.76 -14.63
N TYR W 31 14.56 -34.58 -14.63
CA TYR W 31 13.78 -34.50 -13.40
C TYR W 31 12.98 -35.77 -13.05
N GLY W 32 13.02 -36.77 -13.92
CA GLY W 32 12.21 -37.98 -13.75
C GLY W 32 10.79 -37.86 -14.33
N GLY W 33 10.01 -38.93 -14.13
CA GLY W 33 8.66 -39.02 -14.68
C GLY W 33 7.64 -39.43 -13.64
N THR W 34 7.82 -38.95 -12.41
CA THR W 34 6.82 -39.08 -11.35
C THR W 34 6.20 -37.70 -11.09
N THR W 35 4.89 -37.55 -11.32
CA THR W 35 4.24 -36.25 -11.13
C THR W 35 4.27 -35.89 -9.65
N HIS W 36 3.84 -34.66 -9.33
CA HIS W 36 3.91 -34.21 -7.95
C HIS W 36 3.10 -35.06 -7.02
N ASP W 37 1.88 -35.37 -7.47
CA ASP W 37 0.87 -36.09 -6.67
C ASP W 37 1.42 -37.44 -6.20
N GLU W 38 1.99 -38.18 -7.16
CA GLU W 38 2.61 -39.46 -6.86
C GLU W 38 3.80 -39.28 -5.93
N LEU W 39 4.53 -38.16 -6.08
CA LEU W 39 5.70 -37.86 -5.23
C LEU W 39 5.30 -37.61 -3.80
N VAL W 40 4.16 -36.92 -3.64
CA VAL W 40 3.57 -36.67 -2.34
C VAL W 40 3.14 -37.97 -1.70
N ALA W 41 2.62 -38.87 -2.56
CA ALA W 41 2.26 -40.23 -2.14
C ALA W 41 3.48 -41.06 -1.78
N LEU W 42 4.45 -41.13 -2.70
CA LEU W 42 5.67 -41.90 -2.50
C LEU W 42 6.41 -41.49 -1.24
N ILE W 43 6.30 -40.20 -0.88
CA ILE W 43 6.82 -39.67 0.40
C ILE W 43 5.87 -40.27 1.44
N GLU W 44 5.54 -39.58 2.54
CA GLU W 44 4.34 -39.92 3.33
C GLU W 44 4.20 -41.40 3.67
N ARG W 45 3.98 -42.21 2.63
CA ARG W 45 4.04 -43.67 2.70
C ARG W 45 5.42 -44.16 3.17
N GLU W 46 6.50 -43.55 2.68
CA GLU W 46 7.83 -43.83 3.22
C GLU W 46 7.95 -43.25 4.64
N ALA W 47 7.42 -42.04 4.81
CA ALA W 47 7.35 -41.35 6.10
C ALA W 47 6.63 -42.18 7.17
N ALA W 48 5.54 -42.81 6.76
CA ALA W 48 4.76 -43.66 7.64
C ALA W 48 5.60 -44.87 8.04
N GLU W 49 6.26 -45.50 7.07
CA GLU W 49 7.12 -46.66 7.35
C GLU W 49 8.28 -46.37 8.29
N LEU W 50 8.51 -45.08 8.57
CA LEU W 50 9.59 -44.66 9.45
C LEU W 50 9.02 -44.14 10.75
N GLY W 51 7.70 -43.99 10.79
CA GLY W 51 7.02 -43.56 12.00
C GLY W 51 7.11 -42.06 12.20
N LEU W 52 6.89 -41.30 11.12
CA LEU W 52 6.72 -39.85 11.23
C LEU W 52 5.61 -39.33 10.29
N LYS W 53 5.15 -38.10 10.50
CA LYS W 53 4.10 -37.54 9.65
C LYS W 53 4.67 -36.48 8.72
N ALA W 54 4.53 -36.69 7.41
CA ALA W 54 5.08 -35.80 6.39
C ALA W 54 4.01 -34.98 5.73
N VAL W 55 4.19 -33.67 5.76
CA VAL W 55 3.23 -32.70 5.20
C VAL W 55 3.81 -32.04 3.96
N VAL W 56 3.56 -32.66 2.83
CA VAL W 56 4.03 -32.13 1.56
C VAL W 56 3.15 -30.99 1.04
N ARG W 57 3.80 -30.00 0.42
CA ARG W 57 3.20 -28.76 -0.05
C ARG W 57 4.03 -28.18 -1.19
N GLN W 58 3.34 -27.69 -2.22
CA GLN W 58 3.97 -27.01 -3.35
C GLN W 58 3.31 -25.65 -3.51
N SER W 59 4.05 -24.74 -4.08
CA SER W 59 3.59 -23.39 -4.30
C SER W 59 4.65 -22.69 -5.10
N ASP W 60 4.23 -21.97 -6.14
CA ASP W 60 5.17 -21.14 -6.88
C ASP W 60 5.29 -19.78 -6.24
N SER W 61 4.57 -19.53 -5.14
CA SER W 61 4.63 -18.22 -4.51
C SER W 61 5.60 -18.14 -3.33
N GLU W 62 6.66 -17.37 -3.53
CA GLU W 62 7.63 -17.09 -2.49
C GLU W 62 6.91 -16.75 -1.15
N ALA W 63 6.02 -15.76 -1.15
CA ALA W 63 5.28 -15.37 0.08
C ALA W 63 4.57 -16.53 0.80
N GLN W 64 4.10 -17.50 0.01
CA GLN W 64 3.44 -18.67 0.56
C GLN W 64 4.46 -19.61 1.15
N LEU W 65 5.52 -19.86 0.39
CA LEU W 65 6.66 -20.62 0.88
C LEU W 65 7.13 -20.04 2.19
N LEU W 66 7.34 -18.73 2.24
CA LEU W 66 7.79 -18.09 3.48
C LEU W 66 6.79 -18.30 4.60
N ASP W 67 5.50 -18.34 4.26
CA ASP W 67 4.45 -18.57 5.29
C ASP W 67 4.61 -19.95 5.93
N TRP W 68 4.73 -20.97 5.08
CA TRP W 68 5.00 -22.31 5.55
C TRP W 68 6.31 -22.39 6.29
N ILE W 69 7.26 -21.50 6.05
CA ILE W 69 8.53 -21.66 6.78
C ILE W 69 8.35 -21.15 8.19
N HIS W 70 7.67 -20.00 8.32
CA HIS W 70 7.32 -19.44 9.63
C HIS W 70 6.63 -20.48 10.47
N GLN W 71 5.58 -21.08 9.89
CA GLN W 71 4.87 -22.23 10.41
C GLN W 71 5.77 -23.20 11.15
N ALA W 72 6.74 -23.76 10.42
CA ALA W 72 7.67 -24.79 10.98
C ALA W 72 8.55 -24.26 12.10
N ALA W 73 8.90 -22.99 12.04
CA ALA W 73 9.83 -22.45 13.01
C ALA W 73 9.05 -22.29 14.32
N ASP W 74 7.90 -21.62 14.22
CA ASP W 74 6.88 -21.52 15.26
C ASP W 74 6.62 -22.82 16.03
N ALA W 75 6.70 -23.95 15.31
CA ALA W 75 6.33 -25.23 15.88
C ALA W 75 7.55 -26.18 16.01
N ALA W 76 8.75 -25.66 15.73
CA ALA W 76 10.02 -26.39 15.87
C ALA W 76 10.04 -27.75 15.15
N GLU W 77 9.83 -27.74 13.84
CA GLU W 77 9.66 -28.96 13.09
C GLU W 77 10.62 -29.04 11.94
N PRO W 78 11.19 -30.22 11.72
CA PRO W 78 12.00 -30.50 10.55
C PRO W 78 11.43 -29.93 9.25
N VAL W 79 12.32 -29.44 8.38
CA VAL W 79 11.98 -29.01 7.01
C VAL W 79 12.87 -29.68 5.98
N ILE W 80 12.23 -30.22 4.96
CA ILE W 80 12.93 -30.61 3.77
C ILE W 80 12.45 -29.63 2.70
N LEU W 81 13.29 -28.63 2.38
CA LEU W 81 12.92 -27.67 1.36
C LEU W 81 13.63 -27.99 0.05
N ASN W 82 12.87 -28.12 -1.04
CA ASN W 82 13.48 -28.05 -2.38
C ASN W 82 12.93 -26.81 -3.03
N ALA W 83 13.69 -25.73 -2.92
CA ALA W 83 13.14 -24.43 -3.21
C ALA W 83 13.03 -24.17 -4.70
N GLY W 84 13.37 -25.15 -5.52
CA GLY W 84 13.44 -24.86 -6.95
C GLY W 84 14.32 -23.64 -7.18
N GLY W 85 13.98 -22.86 -8.20
CA GLY W 85 14.81 -21.74 -8.67
C GLY W 85 15.11 -20.68 -7.64
N LEU W 86 14.23 -20.57 -6.65
CA LEU W 86 14.41 -19.63 -5.55
C LEU W 86 15.69 -19.85 -4.75
N THR W 87 16.17 -21.10 -4.79
CA THR W 87 17.42 -21.55 -4.20
C THR W 87 18.57 -20.60 -4.54
N HIS W 88 18.55 -20.03 -5.74
CA HIS W 88 19.69 -19.28 -6.19
C HIS W 88 19.60 -17.79 -6.07
N THR W 89 18.50 -17.27 -5.54
CA THR W 89 18.16 -15.85 -5.76
C THR W 89 17.51 -15.23 -4.55
N SER W 90 16.85 -16.07 -3.74
CA SER W 90 16.05 -15.53 -2.68
C SER W 90 16.77 -15.38 -1.34
N VAL W 91 17.01 -14.14 -0.97
CA VAL W 91 17.57 -13.85 0.32
C VAL W 91 16.45 -13.90 1.36
N ALA W 92 15.26 -13.42 1.00
CA ALA W 92 14.09 -13.56 1.90
C ALA W 92 13.90 -14.99 2.36
N LEU W 93 14.01 -15.93 1.44
CA LEU W 93 13.70 -17.31 1.78
C LEU W 93 14.71 -17.83 2.81
N ARG W 94 15.98 -17.57 2.53
CA ARG W 94 17.09 -17.91 3.40
C ARG W 94 16.91 -17.40 4.83
N ASP W 95 16.58 -16.13 4.96
CA ASP W 95 16.38 -15.50 6.25
C ASP W 95 15.27 -16.19 7.01
N ALA W 96 14.26 -16.70 6.30
CA ALA W 96 13.19 -17.44 6.97
C ALA W 96 13.66 -18.82 7.45
N CYS W 97 14.37 -19.56 6.60
CA CYS W 97 14.94 -20.86 7.01
C CYS W 97 15.95 -20.71 8.13
N ALA W 98 16.60 -19.55 8.20
CA ALA W 98 17.54 -19.30 9.26
C ALA W 98 16.85 -19.29 10.64
N GLU W 99 15.54 -19.09 10.67
CA GLU W 99 14.82 -19.09 11.92
C GLU W 99 14.60 -20.50 12.47
N LEU W 100 14.56 -21.53 11.60
CA LEU W 100 14.26 -22.94 12.03
C LEU W 100 15.17 -23.52 13.10
N SER W 101 14.60 -23.91 14.25
CA SER W 101 15.32 -24.61 15.35
C SER W 101 15.55 -26.12 15.11
N ALA W 102 14.57 -26.83 14.53
CA ALA W 102 14.79 -28.23 14.14
C ALA W 102 15.68 -28.22 12.90
N PRO W 103 16.17 -29.40 12.42
CA PRO W 103 17.00 -29.46 11.18
C PRO W 103 16.31 -28.94 9.94
N LEU W 104 17.11 -28.77 8.89
CA LEU W 104 16.66 -28.29 7.59
C LEU W 104 17.50 -29.01 6.54
N ILE W 105 16.84 -29.78 5.68
CA ILE W 105 17.56 -30.45 4.62
C ILE W 105 17.12 -29.83 3.29
N GLU W 106 18.08 -29.30 2.54
CA GLU W 106 17.88 -28.85 1.16
C GLU W 106 17.97 -30.09 0.25
N VAL W 107 17.01 -30.23 -0.66
CA VAL W 107 17.02 -31.30 -1.65
C VAL W 107 16.87 -30.69 -3.04
N HIS W 108 17.54 -31.28 -4.02
CA HIS W 108 17.31 -30.99 -5.42
C HIS W 108 17.33 -32.26 -6.15
N ILE W 109 16.33 -32.44 -7.02
CA ILE W 109 16.26 -33.63 -7.84
C ILE W 109 17.44 -33.70 -8.82
N SER W 110 17.67 -32.70 -9.65
CA SER W 110 18.82 -32.82 -10.56
C SER W 110 20.18 -32.57 -9.83
N ASN W 111 21.28 -32.98 -10.46
CA ASN W 111 22.57 -32.55 -10.00
C ASN W 111 22.78 -31.14 -10.55
N VAL W 112 22.69 -30.15 -9.67
CA VAL W 112 22.88 -28.74 -10.08
C VAL W 112 24.31 -28.47 -10.63
N HIS W 113 25.24 -29.30 -10.22
CA HIS W 113 26.62 -29.06 -10.55
C HIS W 113 26.96 -29.49 -11.91
N ALA W 114 26.16 -30.39 -12.47
CA ALA W 114 26.39 -30.86 -13.82
C ALA W 114 25.80 -29.93 -14.88
N ARG W 115 25.25 -28.79 -14.45
CA ARG W 115 24.47 -27.90 -15.31
C ARG W 115 25.08 -26.51 -15.34
N GLU W 116 24.28 -25.51 -15.68
CA GLU W 116 24.72 -24.10 -15.72
C GLU W 116 25.41 -23.58 -14.45
N GLU W 117 26.53 -22.90 -14.66
CA GLU W 117 27.28 -22.30 -13.59
C GLU W 117 26.41 -21.62 -12.50
N PHE W 118 25.46 -20.75 -12.87
CA PHE W 118 24.72 -20.02 -11.82
C PHE W 118 23.96 -20.92 -10.84
N ARG W 119 23.54 -22.10 -11.28
CA ARG W 119 22.85 -23.04 -10.40
C ARG W 119 23.76 -23.64 -9.34
N ARG W 120 25.07 -23.43 -9.45
CA ARG W 120 25.98 -24.05 -8.51
C ARG W 120 26.03 -23.33 -7.15
N HIS W 121 25.51 -22.11 -7.10
CA HIS W 121 25.43 -21.36 -5.85
C HIS W 121 24.04 -21.46 -5.25
N SER W 122 23.99 -21.60 -3.93
CA SER W 122 22.72 -21.59 -3.23
C SER W 122 22.76 -20.72 -1.94
N TYR W 123 21.76 -19.89 -1.76
CA TYR W 123 21.66 -19.12 -0.53
C TYR W 123 21.21 -19.95 0.67
N LEU W 124 20.58 -21.09 0.40
CA LEU W 124 20.08 -21.98 1.45
C LEU W 124 21.16 -22.92 1.99
N SER W 125 22.04 -23.35 1.09
CA SER W 125 23.12 -24.28 1.42
C SER W 125 23.82 -23.97 2.74
N PRO W 126 24.36 -22.73 2.92
CA PRO W 126 25.08 -22.36 4.14
C PRO W 126 24.25 -22.39 5.42
N ILE W 127 22.94 -22.19 5.34
CA ILE W 127 22.15 -22.26 6.58
C ILE W 127 21.33 -23.54 6.74
N ALA W 128 21.47 -24.48 5.82
CA ALA W 128 20.83 -25.80 5.91
C ALA W 128 21.67 -26.77 6.78
N THR W 129 21.04 -27.81 7.30
CA THR W 129 21.76 -28.79 8.11
C THR W 129 22.69 -29.61 7.22
N GLY W 130 22.16 -29.96 6.03
CA GLY W 130 22.84 -30.77 5.02
C GLY W 130 22.15 -30.59 3.69
N VAL W 131 22.64 -31.23 2.64
CA VAL W 131 22.10 -31.01 1.31
C VAL W 131 22.23 -32.31 0.52
N ILE W 132 21.23 -32.64 -0.28
CA ILE W 132 21.27 -33.77 -1.19
C ILE W 132 20.97 -33.28 -2.60
N VAL W 133 21.71 -33.78 -3.57
CA VAL W 133 21.61 -33.25 -4.89
C VAL W 133 21.81 -34.37 -5.90
N GLY W 134 21.03 -34.36 -6.96
CA GLY W 134 21.24 -35.30 -8.05
C GLY W 134 20.84 -36.74 -7.84
N LEU W 135 19.98 -37.00 -6.86
CA LEU W 135 19.60 -38.36 -6.53
C LEU W 135 18.14 -38.69 -6.89
N GLY W 136 17.43 -37.69 -7.43
CA GLY W 136 16.07 -37.86 -7.93
C GLY W 136 14.98 -37.80 -6.86
N ILE W 137 13.79 -38.26 -7.23
CA ILE W 137 12.67 -38.39 -6.33
C ILE W 137 13.20 -38.85 -4.98
N GLN W 138 14.23 -39.69 -5.01
CA GLN W 138 14.65 -40.45 -3.85
C GLN W 138 15.36 -39.59 -2.76
N GLY W 139 15.90 -38.46 -3.18
CA GLY W 139 16.53 -37.55 -2.27
C GLY W 139 15.65 -37.28 -1.07
N TYR W 140 14.34 -37.07 -1.37
CA TYR W 140 13.31 -36.73 -0.35
C TYR W 140 13.20 -37.78 0.68
N LEU W 141 13.11 -39.01 0.20
CA LEU W 141 12.96 -40.16 1.06
C LEU W 141 14.19 -40.26 1.93
N LEU W 142 15.36 -40.19 1.30
CA LEU W 142 16.65 -40.23 2.00
C LEU W 142 16.85 -39.20 3.13
N ALA W 143 16.22 -38.03 2.99
CA ALA W 143 16.24 -36.99 3.99
C ALA W 143 15.33 -37.38 5.14
N LEU W 144 14.09 -37.77 4.83
CA LEU W 144 13.24 -38.43 5.83
C LEU W 144 14.08 -39.40 6.70
N ARG W 145 14.80 -40.33 6.05
CA ARG W 145 15.65 -41.30 6.76
C ARG W 145 16.60 -40.63 7.75
N TYR W 146 17.23 -39.55 7.32
CA TYR W 146 18.11 -38.81 8.19
C TYR W 146 17.36 -38.29 9.39
N LEU W 147 16.23 -37.63 9.13
CA LEU W 147 15.48 -36.95 10.18
C LEU W 147 14.88 -37.90 11.20
N ALA W 148 14.80 -39.19 10.86
CA ALA W 148 14.20 -40.17 11.77
C ALA W 148 15.07 -40.38 12.99
N GLU W 149 16.38 -40.40 12.81
CA GLU W 149 17.30 -40.50 13.97
C GLU W 149 17.48 -39.19 14.73
N HIS W 150 17.62 -38.11 13.98
CA HIS W 150 17.95 -36.81 14.58
C HIS W 150 16.74 -35.99 14.97
N LEU X 1 8.64 17.12 -12.73
CA LEU X 1 7.55 17.68 -11.94
C LEU X 1 6.39 16.71 -11.69
N TYR X 2 5.66 16.94 -10.61
CA TYR X 2 4.59 16.02 -10.21
C TYR X 2 3.59 16.74 -9.32
N PHE X 3 2.38 16.17 -9.25
CA PHE X 3 1.29 16.71 -8.45
C PHE X 3 1.35 16.11 -7.07
N GLN X 4 1.16 16.95 -6.08
CA GLN X 4 1.08 16.55 -4.68
C GLN X 4 -0.13 17.29 -4.11
N SER X 5 -0.87 16.68 -3.18
CA SER X 5 -1.92 17.42 -2.47
C SER X 5 -1.24 18.13 -1.30
N HIS X 6 -1.84 19.23 -0.82
CA HIS X 6 -1.36 19.97 0.37
C HIS X 6 -1.16 19.09 1.57
N MET X 7 -1.76 17.92 1.53
CA MET X 7 -1.80 16.99 2.62
C MET X 7 -0.84 15.81 2.48
N SER X 8 -0.45 15.51 1.24
CA SER X 8 0.31 14.30 0.95
C SER X 8 1.69 14.32 1.55
N GLU X 9 2.27 15.51 1.67
CA GLU X 9 3.55 15.65 2.33
C GLU X 9 3.55 15.18 3.78
N LEU X 10 2.37 15.07 4.44
CA LEU X 10 2.24 14.65 5.85
C LEU X 10 1.87 13.17 6.06
N ILE X 11 1.66 12.48 4.95
CA ILE X 11 1.28 11.08 4.96
C ILE X 11 2.47 10.21 4.55
N VAL X 12 2.91 9.41 5.51
CA VAL X 12 4.17 8.73 5.41
C VAL X 12 3.84 7.27 5.39
N ASN X 13 4.25 6.58 4.34
CA ASN X 13 4.01 5.15 4.26
C ASN X 13 5.27 4.39 4.71
N VAL X 14 5.17 3.68 5.83
CA VAL X 14 6.22 2.84 6.32
C VAL X 14 5.88 1.45 5.84
N ILE X 15 6.71 0.93 4.94
CA ILE X 15 6.52 -0.40 4.36
C ILE X 15 7.63 -1.37 4.81
N ASN X 16 7.23 -2.51 5.38
CA ASN X 16 8.13 -3.53 5.84
C ASN X 16 7.88 -4.77 4.98
N GLY X 17 8.95 -5.37 4.46
CA GLY X 17 8.84 -6.55 3.60
C GLY X 17 9.14 -7.90 4.27
N PRO X 18 9.50 -8.91 3.47
CA PRO X 18 9.65 -10.26 3.92
C PRO X 18 10.35 -10.47 5.25
N ASN X 19 9.67 -11.21 6.11
CA ASN X 19 10.21 -11.65 7.39
C ASN X 19 9.99 -10.65 8.57
N LEU X 20 9.68 -9.38 8.28
CA LEU X 20 9.51 -8.39 9.35
C LEU X 20 8.25 -8.57 10.17
N GLY X 21 7.33 -9.38 9.66
CA GLY X 21 6.21 -9.89 10.41
C GLY X 21 6.71 -10.58 11.66
N ARG X 22 7.91 -11.14 11.60
CA ARG X 22 8.39 -11.97 12.69
C ARG X 22 9.35 -11.32 13.72
N LEU X 23 9.37 -9.99 13.75
CA LEU X 23 10.11 -9.19 14.73
C LEU X 23 9.78 -9.57 16.16
N GLY X 24 10.68 -9.31 17.11
CA GLY X 24 10.42 -9.65 18.49
C GLY X 24 10.34 -11.14 18.72
N ARG X 25 10.57 -11.91 17.66
CA ARG X 25 10.65 -13.36 17.76
C ARG X 25 12.04 -13.95 17.37
N ARG X 26 13.03 -13.13 16.98
CA ARG X 26 14.30 -13.66 16.35
C ARG X 26 15.75 -13.20 16.77
N GLU X 27 15.89 -12.32 17.78
CA GLU X 27 17.19 -11.72 18.15
C GLU X 27 17.13 -10.90 19.44
N TYR X 31 18.31 -7.82 15.70
CA TYR X 31 17.00 -7.27 15.32
C TYR X 31 16.23 -6.55 16.44
N GLY X 32 16.35 -7.03 17.67
CA GLY X 32 15.61 -6.41 18.76
C GLY X 32 14.57 -7.29 19.41
N GLY X 33 13.88 -6.70 20.37
CA GLY X 33 12.97 -7.40 21.26
C GLY X 33 11.52 -7.03 21.04
N THR X 34 11.29 -5.96 20.29
CA THR X 34 9.94 -5.48 19.97
C THR X 34 9.28 -6.27 18.84
N THR X 35 8.01 -6.65 19.03
CA THR X 35 7.23 -7.30 17.98
C THR X 35 6.77 -6.28 16.94
N HIS X 36 6.36 -6.77 15.78
CA HIS X 36 5.87 -5.89 14.73
C HIS X 36 4.68 -5.07 15.13
N ASP X 37 3.88 -5.58 16.05
CA ASP X 37 2.72 -4.82 16.48
C ASP X 37 2.97 -3.53 17.26
N GLU X 38 3.95 -3.50 18.16
CA GLU X 38 4.14 -2.25 18.91
C GLU X 38 5.06 -1.34 18.15
N LEU X 39 5.78 -1.91 17.18
CA LEU X 39 6.53 -1.07 16.25
C LEU X 39 5.57 -0.09 15.59
N VAL X 40 4.41 -0.64 15.18
CA VAL X 40 3.32 0.15 14.59
C VAL X 40 2.81 1.21 15.56
N ALA X 41 2.36 0.77 16.74
CA ALA X 41 1.97 1.67 17.83
C ALA X 41 3.00 2.75 18.01
N LEU X 42 4.27 2.36 18.11
CA LEU X 42 5.39 3.27 18.27
C LEU X 42 5.51 4.32 17.18
N ILE X 43 5.60 3.85 15.94
CA ILE X 43 5.73 4.75 14.80
C ILE X 43 4.51 5.69 14.69
N GLU X 44 3.29 5.11 14.75
CA GLU X 44 2.08 5.91 14.75
C GLU X 44 2.15 7.04 15.74
N ARG X 45 2.46 6.70 16.99
CA ARG X 45 2.69 7.67 18.07
C ARG X 45 3.74 8.74 17.76
N GLU X 46 4.90 8.31 17.32
CA GLU X 46 6.01 9.21 17.02
C GLU X 46 5.64 10.16 15.90
N ALA X 47 5.03 9.60 14.84
CA ALA X 47 4.58 10.37 13.68
C ALA X 47 3.62 11.45 14.14
N ALA X 48 2.75 11.08 15.08
CA ALA X 48 1.80 11.99 15.68
C ALA X 48 2.52 13.15 16.35
N GLU X 49 3.32 12.87 17.37
CA GLU X 49 4.06 13.95 18.00
C GLU X 49 4.77 14.83 16.99
N LEU X 50 5.00 14.33 15.80
CA LEU X 50 5.84 15.06 14.87
C LEU X 50 5.10 15.95 13.89
N GLY X 51 3.80 15.72 13.79
CA GLY X 51 3.00 16.48 12.84
C GLY X 51 2.72 15.66 11.59
N LEU X 52 2.65 14.34 11.75
CA LEU X 52 2.60 13.47 10.59
C LEU X 52 1.59 12.41 10.91
N LYS X 53 1.19 11.68 9.88
CA LYS X 53 0.39 10.49 10.00
C LYS X 53 1.21 9.40 9.33
N ALA X 54 1.32 8.25 9.97
CA ALA X 54 2.00 7.15 9.38
C ALA X 54 0.99 6.08 9.13
N VAL X 55 1.10 5.42 8.00
CA VAL X 55 0.37 4.17 7.75
C VAL X 55 1.48 3.12 7.72
N VAL X 56 1.39 2.10 8.57
CA VAL X 56 2.44 1.10 8.65
C VAL X 56 1.95 -0.24 8.14
N ARG X 57 2.65 -0.81 7.16
CA ARG X 57 2.23 -2.10 6.60
C ARG X 57 3.37 -3.08 6.34
N GLN X 58 3.08 -4.37 6.52
CA GLN X 58 4.05 -5.42 6.32
C GLN X 58 3.50 -6.48 5.37
N SER X 59 4.34 -6.99 4.47
CA SER X 59 3.95 -8.07 3.59
C SER X 59 5.16 -8.87 3.22
N ASP X 60 4.98 -10.19 3.15
CA ASP X 60 6.02 -11.10 2.69
C ASP X 60 6.02 -11.28 1.16
N SER X 61 5.09 -10.57 0.49
CA SER X 61 4.86 -10.72 -0.96
C SER X 61 5.34 -9.53 -1.78
N GLU X 62 6.31 -9.77 -2.66
CA GLU X 62 6.79 -8.71 -3.54
C GLU X 62 5.64 -7.96 -4.21
N ALA X 63 4.67 -8.69 -4.77
CA ALA X 63 3.56 -8.05 -5.51
C ALA X 63 2.76 -7.03 -4.66
N GLN X 64 2.51 -7.39 -3.39
CA GLN X 64 1.89 -6.49 -2.42
C GLN X 64 2.72 -5.23 -2.15
N LEU X 65 4.01 -5.44 -1.91
CA LEU X 65 4.93 -4.34 -1.71
C LEU X 65 4.96 -3.43 -2.92
N LEU X 66 4.92 -3.98 -4.12
CA LEU X 66 4.93 -3.12 -5.31
C LEU X 66 3.69 -2.23 -5.42
N ASP X 67 2.54 -2.85 -5.30
CA ASP X 67 1.28 -2.15 -5.19
C ASP X 67 1.38 -0.94 -4.22
N TRP X 68 1.64 -1.16 -2.93
CA TRP X 68 1.92 -0.05 -1.96
C TRP X 68 2.84 1.03 -2.44
N ILE X 69 3.98 0.66 -3.01
CA ILE X 69 4.83 1.66 -3.70
C ILE X 69 4.11 2.46 -4.81
N HIS X 70 3.34 1.76 -5.65
CA HIS X 70 2.68 2.41 -6.80
C HIS X 70 1.74 3.45 -6.32
N GLN X 71 0.94 3.07 -5.32
CA GLN X 71 0.04 3.99 -4.66
C GLN X 71 0.75 5.19 -4.05
N ALA X 72 1.81 4.93 -3.26
CA ALA X 72 2.60 6.03 -2.73
C ALA X 72 3.12 6.87 -3.84
N ALA X 73 3.43 6.25 -4.98
CA ALA X 73 4.01 7.03 -6.09
C ALA X 73 2.96 7.97 -6.69
N ASP X 74 1.80 7.43 -7.07
CA ASP X 74 0.74 8.26 -7.60
C ASP X 74 0.23 9.31 -6.59
N ALA X 75 0.19 8.97 -5.30
CA ALA X 75 -0.33 9.89 -4.32
C ALA X 75 0.70 10.92 -3.88
N ALA X 76 1.93 10.77 -4.36
CA ALA X 76 3.02 11.67 -3.95
C ALA X 76 3.27 11.66 -2.45
N GLU X 77 3.15 10.51 -1.82
CA GLU X 77 3.40 10.39 -0.39
C GLU X 77 4.83 9.90 -0.12
N PRO X 78 5.48 10.47 0.88
CA PRO X 78 6.79 9.96 1.29
C PRO X 78 6.72 8.50 1.75
N VAL X 79 7.79 7.75 1.55
CA VAL X 79 7.85 6.36 1.97
C VAL X 79 9.06 6.12 2.85
N ILE X 80 8.94 5.15 3.75
CA ILE X 80 10.01 4.65 4.57
C ILE X 80 9.95 3.16 4.32
N LEU X 81 10.98 2.66 3.67
CA LEU X 81 10.94 1.33 3.15
C LEU X 81 11.99 0.47 3.79
N ASN X 82 11.56 -0.64 4.38
CA ASN X 82 12.52 -1.60 4.85
C ASN X 82 12.14 -2.88 4.21
N ALA X 83 12.74 -3.12 3.03
CA ALA X 83 12.37 -4.20 2.15
C ALA X 83 12.89 -5.57 2.60
N GLY X 84 13.71 -5.59 3.64
CA GLY X 84 14.17 -6.88 4.12
C GLY X 84 15.02 -7.58 3.09
N GLY X 85 14.79 -8.87 2.89
CA GLY X 85 15.61 -9.68 2.02
C GLY X 85 15.58 -9.20 0.58
N LEU X 86 14.45 -8.65 0.17
CA LEU X 86 14.29 -8.15 -1.20
C LEU X 86 15.29 -7.02 -1.58
N THR X 87 15.97 -6.46 -0.60
CA THR X 87 16.81 -5.27 -0.76
C THR X 87 18.01 -5.54 -1.63
N HIS X 88 18.50 -6.77 -1.51
CA HIS X 88 19.68 -7.28 -2.15
C HIS X 88 19.44 -8.09 -3.41
N THR X 89 18.19 -8.13 -3.89
CA THR X 89 17.80 -9.07 -4.96
C THR X 89 16.77 -8.51 -5.94
N SER X 90 15.89 -7.62 -5.49
CA SER X 90 14.75 -7.21 -6.31
C SER X 90 14.90 -6.00 -7.24
N VAL X 91 14.85 -6.30 -8.53
CA VAL X 91 14.94 -5.24 -9.54
C VAL X 91 13.59 -4.57 -9.77
N ALA X 92 12.52 -5.34 -9.63
CA ALA X 92 11.18 -4.78 -9.78
C ALA X 92 10.93 -3.80 -8.65
N LEU X 93 11.30 -4.19 -7.44
CA LEU X 93 11.06 -3.33 -6.33
C LEU X 93 11.81 -2.01 -6.54
N ARG X 94 13.03 -2.08 -7.02
CA ARG X 94 13.77 -0.86 -7.29
C ARG X 94 13.13 -0.04 -8.39
N ASP X 95 12.72 -0.70 -9.45
CA ASP X 95 12.07 0.04 -10.51
C ASP X 95 10.79 0.74 -10.03
N ALA X 96 9.98 0.03 -9.24
CA ALA X 96 8.81 0.67 -8.58
C ALA X 96 9.23 1.84 -7.72
N CYS X 97 10.23 1.69 -6.85
CA CYS X 97 10.66 2.82 -6.01
C CYS X 97 11.29 3.95 -6.77
N ALA X 98 11.90 3.68 -7.92
CA ALA X 98 12.52 4.76 -8.68
C ALA X 98 11.47 5.75 -9.19
N GLU X 99 10.23 5.27 -9.39
CA GLU X 99 9.03 6.09 -9.78
C GLU X 99 8.55 7.17 -8.81
N LEU X 100 8.98 7.08 -7.55
CA LEU X 100 8.48 7.91 -6.43
C LEU X 100 9.01 9.33 -6.52
N SER X 101 8.12 10.29 -6.33
CA SER X 101 8.56 11.66 -6.45
C SER X 101 8.86 12.29 -5.09
N ALA X 102 8.14 11.87 -4.07
CA ALA X 102 8.41 12.35 -2.72
C ALA X 102 9.65 11.59 -2.12
N PRO X 103 10.13 11.97 -0.92
CA PRO X 103 11.32 11.26 -0.47
C PRO X 103 11.10 9.75 -0.22
N LEU X 104 12.12 8.94 -0.43
CA LEU X 104 12.16 7.54 0.03
C LEU X 104 13.33 7.38 1.01
N ILE X 105 13.05 6.90 2.22
CA ILE X 105 14.12 6.49 3.15
C ILE X 105 14.19 4.96 3.28
N GLU X 106 15.30 4.35 2.88
CA GLU X 106 15.49 2.94 3.13
C GLU X 106 15.97 2.84 4.55
N VAL X 107 15.54 1.79 5.26
CA VAL X 107 15.86 1.60 6.67
C VAL X 107 16.21 0.12 6.95
N HIS X 108 17.27 -0.13 7.72
CA HIS X 108 17.58 -1.49 8.14
C HIS X 108 17.82 -1.47 9.61
N ILE X 109 17.19 -2.40 10.32
CA ILE X 109 17.25 -2.46 11.78
C ILE X 109 18.67 -2.76 12.29
N SER X 110 19.28 -3.77 11.68
CA SER X 110 20.67 -4.21 11.88
C SER X 110 21.65 -3.52 10.93
N ASN X 111 22.95 -3.77 11.11
CA ASN X 111 24.01 -3.12 10.34
C ASN X 111 24.41 -4.09 9.24
N VAL X 112 23.86 -3.88 8.05
CA VAL X 112 24.04 -4.83 6.95
C VAL X 112 25.53 -5.06 6.70
N HIS X 113 26.31 -4.01 6.91
CA HIS X 113 27.73 -4.01 6.63
C HIS X 113 28.57 -4.82 7.57
N ALA X 114 27.95 -5.27 8.64
CA ALA X 114 28.63 -6.03 9.69
C ALA X 114 28.29 -7.51 9.61
N ARG X 115 27.73 -7.96 8.50
CA ARG X 115 27.23 -9.32 8.43
C ARG X 115 27.67 -9.87 7.08
N GLU X 116 27.00 -10.91 6.58
CA GLU X 116 27.35 -11.53 5.30
C GLU X 116 27.66 -10.49 4.22
N GLU X 117 28.74 -10.72 3.50
CA GLU X 117 29.09 -9.94 2.31
C GLU X 117 27.92 -9.54 1.42
N PHE X 118 27.06 -10.48 1.05
CA PHE X 118 25.98 -10.19 0.09
C PHE X 118 24.99 -9.11 0.53
N ARG X 119 24.85 -8.91 1.85
CA ARG X 119 23.96 -7.88 2.41
C ARG X 119 24.47 -6.45 2.24
N ARG X 120 25.61 -6.29 1.58
CA ARG X 120 26.24 -4.98 1.50
C ARG X 120 26.03 -4.33 0.17
N HIS X 121 25.34 -5.06 -0.72
CA HIS X 121 24.79 -4.40 -1.87
C HIS X 121 23.31 -4.27 -1.68
N SER X 122 22.80 -3.07 -2.01
CA SER X 122 21.36 -2.77 -2.08
C SER X 122 21.01 -2.22 -3.46
N TYR X 123 19.95 -2.74 -4.09
CA TYR X 123 19.43 -2.13 -5.30
C TYR X 123 18.61 -0.89 -5.02
N LEU X 124 18.22 -0.72 -3.75
CA LEU X 124 17.37 0.41 -3.38
C LEU X 124 18.14 1.70 -3.09
N SER X 125 19.30 1.60 -2.46
CA SER X 125 19.94 2.80 -1.96
C SER X 125 20.24 3.81 -3.06
N PRO X 126 20.69 3.35 -4.24
CA PRO X 126 21.02 4.36 -5.27
C PRO X 126 19.82 5.19 -5.66
N ILE X 127 18.61 4.65 -5.52
CA ILE X 127 17.39 5.42 -5.87
C ILE X 127 16.72 6.07 -4.63
N ALA X 128 17.02 5.59 -3.42
CA ALA X 128 16.53 6.24 -2.19
C ALA X 128 17.09 7.67 -1.99
N THR X 129 16.40 8.51 -1.20
CA THR X 129 16.89 9.84 -0.82
C THR X 129 17.97 9.60 0.20
N GLY X 130 17.70 8.71 1.13
CA GLY X 130 18.77 8.19 1.94
C GLY X 130 18.47 6.90 2.65
N VAL X 131 19.47 6.43 3.39
CA VAL X 131 19.50 5.11 4.00
C VAL X 131 19.97 5.30 5.46
N ILE X 132 19.37 4.53 6.36
CA ILE X 132 19.71 4.48 7.78
C ILE X 132 19.85 3.00 8.17
N VAL X 133 21.05 2.61 8.56
CA VAL X 133 21.32 1.23 8.79
C VAL X 133 21.72 1.00 10.26
N GLY X 134 21.19 -0.05 10.86
CA GLY X 134 21.74 -0.56 12.12
C GLY X 134 21.51 0.25 13.40
N LEU X 135 20.64 1.25 13.33
CA LEU X 135 20.30 2.06 14.48
C LEU X 135 19.10 1.47 15.24
N GLY X 136 18.79 0.22 14.93
CA GLY X 136 17.64 -0.45 15.51
C GLY X 136 16.34 0.08 14.90
N ILE X 137 15.33 -0.01 15.73
CA ILE X 137 13.95 0.38 15.49
C ILE X 137 13.81 1.92 15.46
N GLN X 138 14.65 2.60 16.23
CA GLN X 138 14.66 4.04 16.19
C GLN X 138 15.00 4.57 14.79
N GLY X 139 15.68 3.74 14.00
CA GLY X 139 15.90 4.05 12.61
C GLY X 139 14.66 4.60 11.95
N TYR X 140 13.50 4.02 12.27
CA TYR X 140 12.22 4.41 11.66
C TYR X 140 11.87 5.77 12.14
N LEU X 141 12.01 5.97 13.44
CA LEU X 141 11.65 7.23 14.10
C LEU X 141 12.47 8.38 13.57
N LEU X 142 13.76 8.13 13.35
CA LEU X 142 14.67 9.14 12.82
C LEU X 142 14.36 9.47 11.35
N ALA X 143 13.99 8.44 10.61
CA ALA X 143 13.46 8.61 9.28
C ALA X 143 12.20 9.51 9.33
N LEU X 144 11.21 9.21 10.19
CA LEU X 144 10.09 10.17 10.43
C LEU X 144 10.59 11.57 10.74
N ARG X 145 11.57 11.67 11.64
CA ARG X 145 11.97 12.99 12.05
C ARG X 145 12.61 13.73 10.88
N TYR X 146 13.19 12.98 9.93
CA TYR X 146 13.78 13.62 8.74
C TYR X 146 12.67 14.17 7.84
N LEU X 147 11.60 13.39 7.69
CA LEU X 147 10.43 13.79 6.90
C LEU X 147 9.74 15.04 7.44
N ALA X 148 9.79 15.21 8.77
CA ALA X 148 9.18 16.35 9.39
C ALA X 148 9.61 17.70 8.82
N GLU X 149 10.45 17.71 7.76
CA GLU X 149 10.77 18.93 6.98
C GLU X 149 10.60 18.73 5.50
N HIS X 150 11.76 18.39 4.94
CA HIS X 150 12.22 18.65 3.59
C HIS X 150 13.56 17.92 3.53
OAA KIU Y . -52.97 20.08 -2.52
CAP KIU Y . -53.93 20.64 -1.92
OAC KIU Y . -53.89 20.81 -0.68
CAT KIU Y . -55.04 21.04 -2.64
CAJ KIU Y . -56.08 21.59 -1.92
CAM KIU Y . -55.08 20.87 -4.02
CAU KIU Y . -56.23 21.25 -4.70
CAQ KIU Y . -56.31 21.13 -6.09
OAD KIU Y . -55.26 21.31 -6.75
OAB KIU Y . -57.42 20.90 -6.67
CAK KIU Y . -57.28 21.81 -3.99
CAS KIU Y . -57.22 21.98 -2.60
OAO KIU Y . -58.27 22.51 -1.89
CAN KIU Y . -59.18 23.18 -2.77
CAR KIU Y . -58.84 24.53 -2.93
CAL KIU Y . -59.52 25.27 -3.88
CAH KIU Y . -57.85 25.14 -2.13
CAG KIU Y . -57.55 26.49 -2.29
CAI KIU Y . -58.23 27.22 -3.24
CAV KIU Y . -59.20 26.61 -4.04
NAW KIU Y . -59.87 27.32 -4.93
OAF KIU Y . -59.56 27.29 -6.24
OAE KIU Y . -60.89 28.07 -4.52
OAA KIU Z . -35.64 -13.10 10.46
CAP KIU Z . -35.63 -13.70 11.55
OAC KIU Z . -35.76 -13.05 12.60
CAT KIU Z . -35.52 -15.09 11.55
CAJ KIU Z . -36.01 -15.90 12.61
CAM KIU Z . -34.90 -15.63 10.43
CAU KIU Z . -34.75 -17.01 10.33
CAQ KIU Z . -34.15 -17.56 9.19
OAD KIU Z . -33.58 -18.66 9.24
OAB KIU Z . -34.25 -16.98 8.10
CAK KIU Z . -35.25 -17.83 11.38
CAS KIU Z . -35.88 -17.30 12.53
OAO KIU Z . -36.40 -18.16 13.47
CAN KIU Z . -37.83 -18.31 13.13
CAR KIU Z . -38.38 -19.61 12.86
CAL KIU Z . -39.76 -19.80 13.06
CAH KIU Z . -37.62 -20.68 12.39
CAG KIU Z . -38.24 -21.91 12.13
CAI KIU Z . -39.62 -22.08 12.35
CAV KIU Z . -40.45 -21.03 12.84
NAW KIU Z . -41.83 -21.19 13.05
OAF KIU Z . -42.60 -22.57 12.70
OAE KIU Z . -42.80 -19.98 13.69
OAA KIU AA . -18.79 -1.94 30.38
CAP KIU AA . -18.86 -1.43 29.23
OAC KIU AA . -18.13 -0.46 28.89
CAT KIU AA . -19.71 -2.01 28.27
CAJ KIU AA . -19.92 -3.38 28.29
CAM KIU AA . -20.31 -1.26 27.27
CAU KIU AA . -21.12 -1.89 26.34
CAQ KIU AA . -21.70 -1.12 25.36
OAD KIU AA . -21.01 -0.57 24.48
OAB KIU AA . -22.93 -0.97 25.36
CAK KIU AA . -21.35 -3.27 26.35
CAS KIU AA . -20.73 -4.02 27.35
OAO KIU AA . -20.91 -5.36 27.43
CAN KIU AA . -19.83 -5.93 28.21
CAR KIU AA . -18.77 -6.41 27.42
CAL KIU AA . -17.64 -6.92 28.04
CAH KIU AA . -18.86 -6.39 26.03
CAG KIU AA . -17.80 -6.91 25.27
CAI KIU AA . -16.67 -7.42 25.89
CAV KIU AA . -16.59 -7.42 27.28
NAW KIU AA . -15.50 -7.91 27.88
OAF KIU AA . -14.23 -8.60 26.96
OAE KIU AA . -15.43 -7.91 29.29
OAA KIU BA . -22.36 23.00 -11.01
CAP KIU BA . -23.41 22.98 -10.33
OAC KIU BA . -23.63 23.81 -9.43
CAT KIU BA . -24.36 22.00 -10.55
CAJ KIU BA . -24.56 21.36 -11.78
CAM KIU BA . -25.15 21.66 -9.46
CAU KIU BA . -26.12 20.71 -9.62
CAQ KIU BA . -26.90 20.38 -8.54
OAD KIU BA . -27.80 21.17 -8.15
OAB KIU BA . -26.70 19.28 -8.00
CAK KIU BA . -26.35 20.06 -10.82
CAS KIU BA . -25.55 20.39 -11.91
OAO KIU BA . -25.81 19.71 -13.05
CAN KIU BA . -25.47 20.46 -14.19
CAR KIU BA . -26.48 21.34 -14.57
CAL KIU BA . -26.13 22.22 -15.57
CAH KIU BA . -27.80 21.36 -14.05
CAG KIU BA . -28.72 22.29 -14.53
CAI KIU BA . -28.34 23.18 -15.54
CAV KIU BA . -27.04 23.12 -16.05
NAW KIU BA . -26.55 23.89 -16.99
OAF KIU BA . -27.28 25.06 -17.58
OAE KIU BA . -25.20 23.62 -17.40
OAA KIU CA . -49.15 -3.44 31.59
CAP KIU CA . -48.53 -4.51 31.66
OAC KIU CA . -49.12 -5.60 31.87
CAT KIU CA . -47.16 -4.45 31.52
CAJ KIU CA . -46.26 -5.15 32.33
CAM KIU CA . -46.67 -3.58 30.57
CAU KIU CA . -45.29 -3.44 30.40
CAQ KIU CA . -44.88 -2.58 29.41
OAD KIU CA . -43.66 -2.30 29.26
OAB KIU CA . -45.73 -2.05 28.69
CAK KIU CA . -44.38 -4.15 31.19
CAS KIU CA . -44.87 -5.00 32.16
OAO KIU CA . -43.97 -5.68 32.93
CAN KIU CA . -44.61 -6.15 34.12
CAR KIU CA . -44.33 -5.33 35.17
CAL KIU CA . -44.95 -5.61 36.38
CAH KIU CA . -43.42 -4.27 35.04
CAG KIU CA . -43.13 -3.46 36.13
CAI KIU CA . -43.75 -3.73 37.35
CAV KIU CA . -44.65 -4.79 37.47
NAW KIU CA . -45.25 -5.03 38.62
OAF KIU CA . -44.62 -4.53 39.94
OAE KIU CA . -46.53 -5.71 38.62
OAA KIU DA . -20.85 0.00 -2.76
CAP KIU DA . -20.99 -1.24 -2.65
OAC KIU DA . -21.72 -1.71 -1.77
CAT KIU DA . -20.33 -2.08 -3.50
CAJ KIU DA . -20.00 -1.55 -4.72
CAM KIU DA . -19.99 -3.39 -3.14
CAU KIU DA . -19.30 -4.19 -4.05
CAQ KIU DA . -18.98 -5.51 -3.63
OAD KIU DA . -19.02 -5.80 -2.41
OAB KIU DA . -18.66 -6.40 -4.48
CAK KIU DA . -18.96 -3.65 -5.30
CAS KIU DA . -19.32 -2.33 -5.63
OAO KIU DA . -19.08 -1.67 -6.80
CAN KIU DA . -18.05 -2.24 -7.53
CAR KIU DA . -16.81 -1.84 -7.06
CAL KIU DA . -15.78 -2.68 -7.39
CAH KIU DA . -16.57 -0.67 -6.32
CAG KIU DA . -15.26 -0.37 -5.91
CAI KIU DA . -14.21 -1.24 -6.25
CAV KIU DA . -14.48 -2.40 -7.00
NAW KIU DA . -13.57 -3.28 -7.39
OAF KIU DA . -13.89 -4.59 -7.36
OAE KIU DA . -12.27 -2.84 -8.04
OAA KIU EA . -46.17 2.90 -13.91
CAP KIU EA . -45.20 2.92 -14.72
OAC KIU EA . -45.33 3.31 -15.89
CAT KIU EA . -43.94 2.51 -14.32
CAJ KIU EA . -43.05 1.83 -15.15
CAM KIU EA . -43.55 2.84 -13.03
CAU KIU EA . -42.30 2.46 -12.62
CAQ KIU EA . -41.95 2.77 -11.34
OAD KIU EA . -42.83 3.05 -10.52
OAB KIU EA . -40.76 2.67 -11.01
CAK KIU EA . -41.39 1.77 -13.42
CAS KIU EA . -41.76 1.45 -14.72
OAO KIU EA . -40.90 0.73 -15.52
CAN KIU EA . -41.00 -0.71 -15.10
CAR KIU EA . -41.60 -1.58 -16.06
CAL KIU EA . -41.39 -2.96 -16.00
CAH KIU EA . -42.41 -1.07 -17.06
CAG KIU EA . -43.00 -1.91 -18.01
CAI KIU EA . -42.78 -3.26 -17.97
CAV KIU EA . -41.97 -3.80 -16.97
NAW KIU EA . -41.80 -5.15 -16.97
OAF KIU EA . -42.88 -6.12 -17.88
OAE KIU EA . -40.48 -5.91 -16.03
OAA KIU FA . -28.72 20.76 30.26
CAP KIU FA . -27.89 20.19 31.00
OAC KIU FA . -27.51 19.04 30.70
CAT KIU FA . -27.36 20.81 32.13
CAJ KIU FA . -27.39 22.19 32.30
CAM KIU FA . -26.80 19.98 33.08
CAU KIU FA . -26.23 20.48 34.23
CAQ KIU FA . -25.72 19.57 35.18
OAD KIU FA . -24.70 19.82 35.86
OAB KIU FA . -26.36 18.52 35.40
CAK KIU FA . -26.28 21.87 34.42
CAS KIU FA . -26.85 22.74 33.47
OAO KIU FA . -26.89 24.09 33.66
CAN KIU FA . -26.20 24.46 34.85
CAR KIU FA . -26.97 24.97 35.92
CAL KIU FA . -28.26 25.52 35.82
CAH KIU FA . -26.34 24.97 37.17
CAG KIU FA . -26.92 25.47 38.34
CAI KIU FA . -28.21 26.00 38.22
CAV KIU FA . -28.86 26.03 36.98
NAW KIU FA . -30.11 26.57 36.96
OAF KIU FA . -30.66 27.48 38.32
OAE KIU FA . -31.14 26.41 35.58
OAA KIU GA . -11.34 24.81 8.94
CAP KIU GA . -12.06 23.83 9.16
OAC KIU GA . -12.21 22.95 8.29
CAT KIU GA . -12.73 23.69 10.36
CAJ KIU GA . -12.30 24.38 11.51
CAM KIU GA . -13.85 22.85 10.46
CAU KIU GA . -14.50 22.74 11.69
CAQ KIU GA . -15.59 21.93 11.84
OAD KIU GA . -15.57 21.00 12.65
OAB KIU GA . -16.63 22.19 11.24
CAK KIU GA . -14.07 23.41 12.83
CAS KIU GA . -12.99 24.25 12.76
OAO KIU GA . -12.63 24.92 13.91
CAN KIU GA . -11.27 25.39 13.81
CAR KIU GA . -10.45 24.48 14.44
CAL KIU GA . -9.09 24.66 14.34
CAH KIU GA . -10.98 23.41 15.19
CAG KIU GA . -10.15 22.48 15.83
CAI KIU GA . -8.78 22.67 15.73
CAV KIU GA . -8.25 23.75 14.99
NAW KIU GA . -6.95 23.94 14.90
OAF KIU GA . -6.39 25.04 13.94
OAE KIU GA . -5.94 23.08 15.79
OAA KIU HA . -33.32 33.61 13.93
CAP KIU HA . -34.44 34.18 14.10
OAC KIU HA . -35.47 33.50 13.96
CAT KIU HA . -34.52 35.56 14.40
CAJ KIU HA . -33.36 36.35 14.53
CAM KIU HA . -35.79 36.14 14.58
CAU KIU HA . -35.89 37.50 14.87
CAQ KIU HA . -37.15 38.09 15.03
OAD KIU HA . -38.13 37.66 14.35
OAB KIU HA . -37.27 39.07 15.82
CAK KIU HA . -34.73 38.27 14.99
CAS KIU HA . -33.46 37.71 14.83
OAO KIU HA . -32.35 38.51 14.90
CAN KIU HA . -32.06 38.75 13.45
CAR KIU HA . -32.13 40.10 13.02
CAL KIU HA . -31.47 40.54 11.84
CAH KIU HA . -32.84 41.04 13.76
CAG KIU HA . -32.90 42.37 13.38
CAI KIU HA . -32.26 42.81 12.22
CAV KIU HA . -31.53 41.90 11.44
NAW KIU HA . -30.92 42.42 10.32
OAF KIU HA . -31.35 43.90 9.85
OAE KIU HA . -29.60 41.60 9.42
OAA KIU IA . -61.32 -1.38 13.59
CAP KIU IA . -62.09 -0.40 13.53
OAC KIU IA . -63.10 -0.34 14.28
CAT KIU IA . -61.78 0.64 12.65
CAJ KIU IA . -62.72 1.35 11.90
CAM KIU IA . -60.43 0.99 12.54
CAU KIU IA . -60.07 2.04 11.68
CAQ KIU IA . -58.77 2.40 11.51
OAD KIU IA . -58.21 3.06 12.40
OAB KIU IA . -58.16 2.06 10.46
CAK KIU IA . -61.00 2.74 10.92
CAS KIU IA . -62.33 2.40 11.04
OAO KIU IA . -63.17 3.16 10.26
CAN KIU IA . -64.54 2.75 10.40
CAR KIU IA . -64.88 1.88 9.40
CAL KIU IA . -65.95 1.02 9.56
CAH KIU IA . -64.09 1.87 8.23
CAG KIU IA . -64.37 1.01 7.19
CAI KIU IA . -65.46 0.15 7.35
CAV KIU IA . -66.22 0.14 8.50
NAW KIU IA . -67.24 -0.70 8.55
OAF KIU IA . -67.04 -2.04 8.73
OAE KIU IA . -68.45 -0.26 8.28
OAA KIU JA . -56.04 27.71 22.83
CAP KIU JA . -55.24 26.78 23.05
OAC KIU JA . -54.19 26.96 23.74
CAT KIU JA . -55.48 25.54 22.48
CAJ KIU JA . -56.79 25.08 22.31
CAM KIU JA . -54.41 24.77 22.07
CAU KIU JA . -54.69 23.56 21.50
CAQ KIU JA . -53.71 22.73 21.02
OAD KIU JA . -54.05 21.78 20.30
OAB KIU JA . -52.51 22.95 21.23
CAK KIU JA . -55.95 23.09 21.32
CAS KIU JA . -57.03 23.83 21.72
OAO KIU JA . -58.26 23.27 21.49
CAN KIU JA . -59.21 23.96 22.25
CAR KIU JA . -59.39 23.35 23.51
CAL KIU JA . -60.06 24.11 24.45
CAH KIU JA . -58.93 22.08 23.84
CAG KIU JA . -59.19 21.56 25.10
CAI KIU JA . -59.89 22.32 26.05
CAV KIU JA . -60.32 23.60 25.71
NAW KIU JA . -60.97 24.42 26.51
OAF KIU JA . -61.24 25.83 26.02
OAE KIU JA . -61.24 24.09 27.79
OAA KIU KA . 45.28 -33.80 -23.45
CAP KIU KA . 45.77 -34.53 -22.56
OAC KIU KA . 46.68 -35.33 -22.85
CAT KIU KA . 45.27 -34.46 -21.25
CAJ KIU KA . 45.28 -35.52 -20.32
CAM KIU KA . 44.70 -33.26 -20.86
CAU KIU KA . 44.18 -33.13 -19.58
CAQ KIU KA . 43.62 -31.96 -19.21
OAD KIU KA . 43.91 -30.92 -19.84
OAB KIU KA . 42.78 -31.95 -18.27
CAK KIU KA . 44.18 -34.16 -18.67
CAS KIU KA . 44.72 -35.38 -19.01
OAO KIU KA . 44.70 -36.37 -18.04
CAN KIU KA . 43.49 -37.17 -17.98
CAR KIU KA . 43.69 -38.23 -18.85
CAL KIU KA . 42.66 -39.03 -19.36
CAH KIU KA . 45.02 -38.49 -19.23
CAG KIU KA . 45.35 -39.50 -20.10
CAI KIU KA . 44.34 -40.31 -20.61
CAV KIU KA . 43.02 -40.07 -20.25
NAW KIU KA . 42.14 -40.91 -20.79
OAF KIU KA . 42.57 -42.29 -21.18
OAE KIU KA . 40.77 -40.48 -21.06
OAA KIU LA . 55.62 -20.36 -2.51
CAP KIU LA . 56.63 -20.58 -3.20
OAC KIU LA . 56.70 -20.18 -4.38
CAT KIU LA . 57.65 -21.31 -2.68
CAJ KIU LA . 57.76 -22.61 -3.11
CAM KIU LA . 58.53 -20.77 -1.75
CAU KIU LA . 59.55 -21.56 -1.26
CAQ KIU LA . 60.40 -21.00 -0.33
OAD KIU LA . 61.01 -21.75 0.46
OAB KIU LA . 60.52 -19.76 -0.28
CAK KIU LA . 59.69 -22.90 -1.68
CAS KIU LA . 58.78 -23.40 -2.62
OAO KIU LA . 58.78 -24.65 -3.14
CAN KIU LA . 60.02 -25.20 -2.84
CAR KIU LA . 60.91 -25.02 -3.88
CAL KIU LA . 62.23 -25.17 -3.50
CAH KIU LA . 60.53 -24.74 -5.20
CAG KIU LA . 61.54 -24.61 -6.16
CAI KIU LA . 62.89 -24.75 -5.78
CAV KIU LA . 63.22 -25.04 -4.45
NAW KIU LA . 64.46 -25.16 -4.02
OAF KIU LA . 65.23 -24.37 -4.34
OAE KIU LA . 64.84 -26.10 -3.05
OAA KIU MA . 40.39 11.33 -27.73
CAP KIU MA . 40.55 10.93 -28.91
OAC KIU MA . 41.35 11.52 -29.69
CAT KIU MA . 39.79 9.84 -29.31
CAJ KIU MA . 39.06 9.75 -30.51
CAM KIU MA . 39.74 8.79 -28.41
CAU KIU MA . 38.98 7.67 -28.71
CAQ KIU MA . 38.96 6.66 -27.77
OAD KIU MA . 38.47 6.87 -26.63
OAB KIU MA . 39.41 5.55 -28.05
CAK KIU MA . 38.26 7.57 -29.90
CAS KIU MA . 38.29 8.60 -30.83
OAO KIU MA . 37.52 8.45 -31.98
CAN KIU MA . 37.81 9.35 -33.05
CAR KIU MA . 36.99 10.49 -33.38
CAL KIU MA . 35.58 10.70 -33.33
CAH KIU MA . 37.78 11.53 -33.88
CAG KIU MA . 37.32 12.76 -34.32
CAI KIU MA . 35.95 12.95 -34.27
CAV KIU MA . 35.08 11.96 -33.80
NAW KIU MA . 33.80 12.41 -33.86
OAF KIU MA . 33.41 13.73 -33.05
OAE KIU MA . 32.72 11.88 -34.92
OAA KIU NA . 35.87 -29.98 2.70
CAP KIU NA . 36.79 -30.80 2.74
OAC KIU NA . 37.84 -30.63 2.11
CAT KIU NA . 36.67 -31.90 3.54
CAJ KIU NA . 37.79 -32.58 4.03
CAM KIU NA . 35.39 -32.26 3.85
CAU KIU NA . 35.20 -33.35 4.66
CAQ KIU NA . 33.92 -33.73 4.97
OAD KIU NA . 33.67 -34.89 5.34
OAB KIU NA . 33.02 -32.88 4.91
CAK KIU NA . 36.30 -34.04 5.15
CAS KIU NA . 37.60 -33.68 4.84
OAO KIU NA . 38.63 -34.37 5.37
CAN KIU NA . 39.10 -33.58 6.49
CAR KIU NA . 39.06 -34.23 7.73
CAL KIU NA . 39.84 -33.76 8.79
CAH KIU NA . 38.25 -35.32 7.94
CAG KIU NA . 38.22 -35.94 9.18
CAI KIU NA . 39.00 -35.49 10.22
CAV KIU NA . 39.83 -34.38 10.04
NAW KIU NA . 40.59 -33.95 11.07
OAF KIU NA . 40.27 -34.36 12.48
OAE KIU NA . 41.88 -32.98 10.83
OAA KIU OA . 55.15 -15.29 -33.79
CAP KIU OA . 54.31 -15.41 -32.86
OAC KIU OA . 54.24 -16.44 -32.17
CAT KIU OA . 53.53 -14.33 -32.53
CAJ KIU OA . 53.40 -13.22 -33.37
CAM KIU OA . 52.88 -14.35 -31.30
CAU KIU OA . 52.11 -13.27 -30.93
CAQ KIU OA . 51.49 -13.36 -29.71
OAD KIU OA . 50.69 -12.48 -29.34
OAB KIU OA . 51.74 -14.33 -28.96
CAK KIU OA . 51.96 -12.16 -31.74
CAS KIU OA . 52.62 -12.14 -32.96
OAO KIU OA . 52.48 -11.06 -33.76
CAN KIU OA . 53.35 -11.16 -34.89
CAR KIU OA . 54.54 -10.46 -34.65
CAL KIU OA . 55.68 -10.84 -35.35
CAH KIU OA . 54.60 -9.41 -33.73
CAG KIU OA . 55.78 -8.71 -33.51
CAI KIU OA . 56.91 -9.09 -34.21
CAV KIU OA . 56.87 -10.15 -35.12
NAW KIU OA . 57.95 -10.51 -35.80
OAF KIU OA . 58.30 -11.84 -35.84
OAE KIU OA . 58.78 -9.51 -36.49
OAA KIU PA . 46.39 -6.07 9.69
CAP KIU PA . 46.38 -4.84 9.90
OAC KIU PA . 45.86 -4.12 9.05
CAT KIU PA . 46.96 -4.33 11.06
CAJ KIU PA . 46.59 -3.13 11.71
CAM KIU PA . 47.98 -5.10 11.58
CAU KIU PA . 48.64 -4.71 12.73
CAQ KIU PA . 49.63 -5.58 13.17
OAD KIU PA . 50.58 -5.18 13.89
OAB KIU PA . 49.55 -6.78 12.86
CAK KIU PA . 48.26 -3.52 13.39
CAS KIU PA . 47.24 -2.70 12.89
OAO KIU PA . 46.84 -1.54 13.54
CAN KIU PA . 47.40 -1.23 14.86
CAR KIU PA . 46.76 -1.46 16.15
CAL KIU PA . 45.43 -1.24 16.64
CAH KIU PA . 47.69 -1.93 17.08
CAG KIU PA . 47.39 -2.23 18.42
CAI KIU PA . 46.11 -2.03 18.86
CAV KIU PA . 45.10 -1.54 18.02
NAW KIU PA . 43.89 -1.41 18.71
OAF KIU PA . 42.41 -0.82 18.08
OAE KIU PA . 43.87 -1.67 20.30
OAA KIU QA . 55.95 11.38 -11.11
CAP KIU QA . 55.73 10.17 -11.26
OAC KIU QA . 55.84 9.60 -12.37
CAT KIU QA . 55.31 9.41 -10.17
CAJ KIU QA . 55.74 9.70 -8.86
CAM KIU QA . 54.47 8.32 -10.40
CAU KIU QA . 54.04 7.56 -9.32
CAQ KIU QA . 53.20 6.48 -9.55
OAD KIU QA . 52.45 6.07 -8.62
OAB KIU QA . 53.21 5.91 -10.66
CAK KIU QA . 54.45 7.85 -8.03
CAS KIU QA . 55.31 8.92 -7.78
OAO KIU QA . 55.66 9.14 -6.49
CAN KIU QA . 56.69 10.13 -6.41
CAR KIU QA . 57.93 9.51 -6.39
CAL KIU QA . 59.05 10.28 -6.69
CAH KIU QA . 58.07 8.15 -6.06
CAG KIU QA . 59.33 7.54 -6.03
CAI KIU QA . 60.46 8.33 -6.34
CAV KIU QA . 60.31 9.69 -6.67
NAW KIU QA . 61.37 10.43 -6.95
OAF KIU QA . 61.44 11.69 -6.37
OAE KIU QA . 62.49 9.94 -7.89
OAA KIU RA . 31.53 10.19 -0.97
CAP KIU RA . 32.40 10.40 -0.13
OAC KIU RA . 33.26 9.55 0.12
CAT KIU RA . 32.35 11.55 0.59
CAJ KIU RA . 33.46 12.38 0.73
CAM KIU RA . 31.13 11.82 1.20
CAU KIU RA . 30.96 12.95 1.97
CAQ KIU RA . 29.69 13.12 2.50
OAD KIU RA . 28.70 12.81 1.77
OAB KIU RA . 29.52 13.54 3.66
CAK KIU RA . 32.06 13.81 2.14
CAS KIU RA . 33.31 13.52 1.52
OAO KIU RA . 34.43 14.30 1.65
CAN KIU RA . 34.08 15.53 2.21
CAR KIU RA . 33.67 16.36 1.19
CAL KIU RA . 33.16 17.60 1.53
CAH KIU RA . 33.78 15.95 -0.14
CAG KIU RA . 33.38 16.77 -1.18
CAI KIU RA . 32.86 18.02 -0.83
CAV KIU RA . 32.75 18.44 0.50
NAW KIU RA . 32.28 19.63 0.81
OAF KIU RA . 31.40 19.78 1.74
OAE KIU RA . 32.80 20.65 0.31
OAA KIU SA . 16.79 -30.22 -9.10
CAP KIU SA . 15.84 -29.53 -8.67
OAC KIU SA . 15.07 -29.99 -7.80
CAT KIU SA . 15.66 -28.24 -9.13
CAJ KIU SA . 14.40 -27.71 -9.42
CAM KIU SA . 16.79 -27.44 -9.28
CAU KIU SA . 16.64 -26.15 -9.75
CAQ KIU SA . 17.75 -25.34 -9.88
OAD KIU SA . 18.49 -25.18 -8.90
OAB KIU SA . 17.98 -24.75 -10.95
CAK KIU SA . 15.40 -25.61 -10.04
CAS KIU SA . 14.28 -26.39 -9.89
OAO KIU SA . 13.09 -25.82 -10.19
CAN KIU SA . 12.15 -26.86 -10.35
CAR KIU SA . 11.95 -27.15 -11.69
CAL KIU SA . 11.09 -28.19 -11.99
CAH KIU SA . 12.59 -26.45 -12.71
CAG KIU SA . 12.34 -26.81 -14.04
CAI KIU SA . 11.46 -27.85 -14.35
CAV KIU SA . 10.85 -28.54 -13.30
NAW KIU SA . 10.00 -29.54 -13.49
OAF KIU SA . 9.40 -29.87 -14.85
OAE KIU SA . 9.60 -30.25 -12.38
OAA KIU TA . 18.21 -5.12 9.44
CAP KIU TA . 17.13 -5.30 8.83
OAC KIU TA . 16.15 -4.55 9.08
CAT KIU TA . 17.06 -6.31 7.88
CAJ KIU TA . 15.91 -7.09 7.70
CAM KIU TA . 18.17 -6.52 7.08
CAU KIU TA . 18.15 -7.53 6.13
CAQ KIU TA . 19.21 -7.80 5.32
OAD KIU TA . 20.35 -7.39 5.61
OAB KIU TA . 19.01 -8.50 4.32
CAK KIU TA . 17.03 -8.33 5.94
CAS KIU TA . 15.90 -8.12 6.71
OAO KIU TA . 14.85 -8.95 6.46
CAN KIU TA . 13.84 -8.89 7.46
CAR KIU TA . 14.11 -9.85 8.43
CAL KIU TA . 13.50 -9.68 9.65
CAH KIU TA . 14.95 -10.94 8.18
CAG KIU TA . 15.18 -11.87 9.19
CAI KIU TA . 14.55 -11.70 10.42
CAV KIU TA . 13.71 -10.61 10.66
NAW KIU TA . 13.08 -10.43 11.83
OAF KIU TA . 12.21 -9.40 11.96
OAE KIU TA . 13.20 -11.39 12.95
#